data_3ZPM
#
_entry.id   3ZPM
#
_cell.length_a   1.000
_cell.length_b   1.000
_cell.length_c   1.000
_cell.angle_alpha   90.00
_cell.angle_beta   90.00
_cell.angle_gamma   90.00
#
_symmetry.space_group_name_H-M   'P 1'
#
_entity_poly.entity_id   1
_entity_poly.type   'polypeptide(L)'
_entity_poly.pdbx_seq_one_letter_code
;AMAQQIPPEVSSQITDALTQGLLDGNFLSLLNAINLEGLLNTILDQVTGLLNILVGPLLGPSDAEIKLQDTRLLQLSLEF
SPDSKGIDIWIPLELSVYLKLLILEPLTLYVRTDIRVQLRLESDEDGKYRLAFGHCSLLPRAIELQSGNPLSLPVNAVLG
TIENALGNFITEDLGAGLCPTLNSLVSNLDLQLVNNLINLILDRANVDLSV
;
_entity_poly.pdbx_strand_id   A
#
# COMPACT_ATOMS: atom_id res chain seq x y z
N ALA A 1 16.63 7.80 1.33
CA ALA A 1 17.50 7.97 2.53
C ALA A 1 18.98 7.95 2.14
N MET A 2 19.50 9.08 1.72
CA MET A 2 20.89 9.17 1.29
C MET A 2 21.75 9.87 2.33
N ALA A 3 21.12 10.68 3.17
CA ALA A 3 21.83 11.37 4.23
C ALA A 3 22.15 10.41 5.36
N GLN A 4 21.10 9.83 5.92
CA GLN A 4 21.24 8.91 7.05
C GLN A 4 20.30 7.73 6.86
N GLN A 5 20.74 6.56 7.26
CA GLN A 5 19.93 5.35 7.16
C GLN A 5 19.66 4.77 8.55
N ILE A 6 18.61 3.97 8.64
CA ILE A 6 18.20 3.39 9.90
C ILE A 6 18.98 2.12 10.20
N PRO A 7 19.44 1.96 11.46
CA PRO A 7 20.15 0.75 11.89
C PRO A 7 19.26 -0.49 11.72
N PRO A 8 19.79 -1.49 11.00
CA PRO A 8 19.08 -2.75 10.75
C PRO A 8 18.53 -3.37 12.03
N GLU A 9 19.25 -3.19 13.13
CA GLU A 9 18.82 -3.68 14.42
C GLU A 9 17.47 -3.08 14.82
N VAL A 10 17.38 -1.75 14.85
CA VAL A 10 16.19 -1.11 15.35
C VAL A 10 15.05 -1.30 14.36
N SER A 11 15.35 -1.15 13.08
CA SER A 11 14.35 -1.31 12.04
C SER A 11 13.78 -2.72 12.06
N SER A 12 14.58 -3.67 12.52
CA SER A 12 14.21 -5.08 12.47
C SER A 12 13.09 -5.37 13.47
N GLN A 13 13.11 -4.68 14.59
CA GLN A 13 12.12 -4.93 15.63
C GLN A 13 10.84 -4.13 15.41
N ILE A 14 10.93 -2.96 14.76
CA ILE A 14 9.74 -2.21 14.45
C ILE A 14 8.98 -2.90 13.33
N THR A 15 9.72 -3.41 12.35
CA THR A 15 9.12 -4.13 11.25
C THR A 15 8.53 -5.44 11.75
N ASP A 16 9.18 -5.99 12.76
CA ASP A 16 8.72 -7.20 13.42
C ASP A 16 7.35 -6.99 13.98
N ALA A 17 7.28 -5.99 14.83
CA ALA A 17 6.09 -5.64 15.53
C ALA A 17 5.02 -5.10 14.62
N LEU A 18 5.41 -4.26 13.68
CA LEU A 18 4.48 -3.68 12.74
C LEU A 18 3.90 -4.77 11.87
N THR A 19 4.72 -5.73 11.50
CA THR A 19 4.27 -6.83 10.68
C THR A 19 3.45 -7.75 11.55
N GLN A 20 3.87 -7.87 12.80
CA GLN A 20 3.19 -8.68 13.77
C GLN A 20 1.77 -8.20 13.95
N GLY A 21 1.60 -6.89 14.02
CA GLY A 21 0.27 -6.30 14.04
C GLY A 21 -0.52 -6.66 12.79
N LEU A 22 0.17 -6.72 11.66
CA LEU A 22 -0.45 -7.12 10.41
C LEU A 22 -0.88 -8.59 10.49
N LEU A 23 0.02 -9.42 11.03
CA LEU A 23 -0.23 -10.86 11.18
C LEU A 23 -1.32 -11.09 12.20
N ASP A 24 -1.07 -10.61 13.42
CA ASP A 24 -1.96 -10.82 14.56
C ASP A 24 -3.30 -10.17 14.34
N GLY A 25 -3.28 -9.02 13.67
CA GLY A 25 -4.51 -8.32 13.37
C GLY A 25 -5.26 -8.98 12.24
N ASN A 26 -5.42 -8.26 11.14
CA ASN A 26 -6.16 -8.77 9.99
C ASN A 26 -5.94 -7.86 8.79
N PHE A 27 -4.69 -7.45 8.58
CA PHE A 27 -4.38 -6.47 7.56
C PHE A 27 -4.81 -6.93 6.17
N LEU A 28 -4.35 -8.12 5.75
CA LEU A 28 -4.72 -8.66 4.44
C LEU A 28 -6.22 -8.92 4.34
N SER A 29 -6.84 -9.18 5.49
CA SER A 29 -8.27 -9.44 5.54
C SER A 29 -9.05 -8.18 5.20
N LEU A 30 -8.51 -7.02 5.61
CA LEU A 30 -9.08 -5.73 5.25
C LEU A 30 -9.18 -5.62 3.74
N LEU A 31 -8.05 -5.86 3.07
CA LEU A 31 -7.97 -5.87 1.61
C LEU A 31 -9.05 -6.75 1.01
N ASN A 32 -9.05 -8.00 1.47
CA ASN A 32 -10.05 -8.98 1.03
C ASN A 32 -11.47 -8.45 1.19
N ALA A 33 -11.67 -7.56 2.15
CA ALA A 33 -12.97 -7.02 2.45
C ALA A 33 -13.16 -5.64 1.86
N ILE A 34 -12.06 -5.08 1.36
CA ILE A 34 -12.05 -3.75 0.77
C ILE A 34 -13.08 -3.66 -0.36
N ASN A 35 -13.79 -2.54 -0.43
CA ASN A 35 -14.80 -2.32 -1.46
C ASN A 35 -14.16 -2.33 -2.84
N LEU A 36 -14.13 -3.52 -3.44
CA LEU A 36 -13.47 -3.73 -4.73
C LEU A 36 -14.35 -3.23 -5.86
N GLU A 37 -15.55 -2.80 -5.52
CA GLU A 37 -16.47 -2.25 -6.50
C GLU A 37 -15.84 -1.06 -7.19
N GLY A 38 -15.09 -0.25 -6.45
CA GLY A 38 -14.47 0.93 -7.02
C GLY A 38 -13.56 0.59 -8.17
N LEU A 39 -12.71 -0.41 -7.97
CA LEU A 39 -11.84 -0.89 -9.02
C LEU A 39 -12.63 -1.39 -10.20
N LEU A 40 -13.42 -2.42 -9.94
CA LEU A 40 -14.29 -3.01 -10.96
C LEU A 40 -14.99 -1.93 -11.76
N ASN A 41 -15.71 -1.07 -11.05
CA ASN A 41 -16.44 0.01 -11.67
C ASN A 41 -15.51 0.94 -12.44
N THR A 42 -14.38 1.31 -11.85
CA THR A 42 -13.39 2.15 -12.53
C THR A 42 -12.87 1.50 -13.82
N ILE A 43 -12.42 0.27 -13.70
CA ILE A 43 -11.91 -0.48 -14.83
C ILE A 43 -12.93 -0.57 -15.95
N LEU A 44 -14.18 -0.89 -15.60
CA LEU A 44 -15.26 -0.93 -16.58
C LEU A 44 -15.47 0.44 -17.22
N ASP A 45 -15.45 1.47 -16.40
CA ASP A 45 -15.63 2.84 -16.87
C ASP A 45 -14.54 3.20 -17.89
N GLN A 46 -13.30 2.89 -17.56
CA GLN A 46 -12.18 3.18 -18.44
C GLN A 46 -12.17 2.31 -19.68
N VAL A 47 -12.30 0.98 -19.52
CA VAL A 47 -12.18 0.06 -20.65
C VAL A 47 -13.28 0.30 -21.68
N THR A 48 -14.43 0.77 -21.22
CA THR A 48 -15.48 1.17 -22.13
C THR A 48 -15.22 2.61 -22.54
N GLY A 49 -15.26 2.87 -23.84
CA GLY A 49 -14.90 4.18 -24.32
C GLY A 49 -13.39 4.37 -24.39
N LEU A 50 -12.67 3.28 -24.68
CA LEU A 50 -11.26 3.32 -24.77
C LEU A 50 -10.78 2.53 -25.99
N LEU A 51 -11.10 1.24 -26.03
CA LEU A 51 -10.69 0.39 -27.15
C LEU A 51 -11.90 -0.08 -27.98
N ASN A 52 -12.43 -1.23 -27.62
CA ASN A 52 -13.43 -1.93 -28.44
C ASN A 52 -14.78 -1.22 -28.40
N ILE A 53 -15.03 -0.48 -27.33
CA ILE A 53 -16.26 0.30 -27.22
C ILE A 53 -16.11 1.64 -27.93
N LEU A 54 -14.87 2.13 -27.99
CA LEU A 54 -14.60 3.43 -28.59
C LEU A 54 -14.45 3.28 -30.10
N VAL A 55 -13.52 2.41 -30.52
CA VAL A 55 -13.34 2.10 -31.92
C VAL A 55 -13.44 0.60 -32.13
N GLY A 56 -14.66 0.10 -32.07
CA GLY A 56 -14.89 -1.32 -32.23
C GLY A 56 -16.29 -1.60 -32.71
N PRO A 57 -16.44 -2.18 -33.90
CA PRO A 57 -17.75 -2.51 -34.47
C PRO A 57 -18.53 -3.48 -33.60
N LEU A 58 -19.85 -3.27 -33.55
CA LEU A 58 -20.75 -4.10 -32.77
C LEU A 58 -20.33 -4.18 -31.31
N LEU A 59 -20.75 -3.21 -30.53
CA LEU A 59 -20.40 -3.15 -29.11
C LEU A 59 -21.03 -4.29 -28.33
N GLY A 60 -20.23 -4.91 -27.47
CA GLY A 60 -20.73 -6.01 -26.67
C GLY A 60 -21.19 -5.56 -25.30
N PRO A 61 -21.78 -6.46 -24.51
CA PRO A 61 -22.22 -6.15 -23.15
C PRO A 61 -21.04 -6.01 -22.19
N SER A 62 -20.98 -4.88 -21.50
CA SER A 62 -19.87 -4.62 -20.59
C SER A 62 -20.14 -5.22 -19.21
N ASP A 63 -20.30 -6.53 -19.16
CA ASP A 63 -20.49 -7.25 -17.91
C ASP A 63 -19.15 -7.69 -17.37
N ALA A 64 -19.05 -7.76 -16.04
CA ALA A 64 -17.80 -8.08 -15.39
C ALA A 64 -17.92 -8.08 -13.88
N GLU A 65 -16.95 -8.69 -13.23
CA GLU A 65 -16.86 -8.73 -11.78
C GLU A 65 -15.39 -8.67 -11.38
N ILE A 66 -15.11 -8.34 -10.14
CA ILE A 66 -13.73 -8.24 -9.69
C ILE A 66 -13.53 -9.05 -8.42
N LYS A 67 -12.35 -9.63 -8.28
CA LYS A 67 -12.04 -10.48 -7.14
C LYS A 67 -10.60 -10.25 -6.71
N LEU A 68 -10.34 -10.42 -5.42
CA LEU A 68 -8.98 -10.50 -4.94
C LEU A 68 -8.54 -11.95 -4.93
N GLN A 69 -7.30 -12.15 -5.34
CA GLN A 69 -6.81 -13.50 -5.57
C GLN A 69 -5.76 -13.88 -4.56
N ASP A 70 -4.62 -13.22 -4.64
CA ASP A 70 -3.47 -13.56 -3.82
C ASP A 70 -2.99 -12.35 -3.05
N THR A 71 -3.50 -12.18 -1.84
CA THR A 71 -3.07 -11.10 -0.99
C THR A 71 -2.10 -11.61 0.04
N ARG A 72 -0.95 -10.98 0.09
CA ARG A 72 0.06 -11.31 1.06
C ARG A 72 0.90 -10.09 1.37
N LEU A 73 1.74 -10.26 2.35
CA LEU A 73 2.53 -9.19 2.90
C LEU A 73 3.99 -9.62 3.01
N LEU A 74 4.92 -8.71 2.71
CA LEU A 74 6.33 -9.04 2.70
C LEU A 74 7.01 -8.54 3.97
N GLN A 75 8.31 -8.30 3.91
CA GLN A 75 9.07 -7.85 5.05
C GLN A 75 9.17 -6.34 5.01
N LEU A 76 8.74 -5.76 6.10
CA LEU A 76 8.66 -4.32 6.28
C LEU A 76 10.03 -3.66 6.34
N SER A 77 10.03 -2.34 6.31
CA SER A 77 11.25 -1.55 6.41
C SER A 77 10.91 -0.16 6.91
N LEU A 78 11.93 0.60 7.24
CA LEU A 78 11.78 1.98 7.66
C LEU A 78 12.87 2.85 7.08
N GLU A 79 12.58 4.13 6.99
CA GLU A 79 13.54 5.14 6.56
C GLU A 79 13.33 6.40 7.37
N PHE A 80 14.31 7.28 7.37
CA PHE A 80 14.12 8.59 7.98
C PHE A 80 13.36 9.48 7.03
N SER A 81 12.39 10.19 7.57
CA SER A 81 11.57 11.09 6.77
C SER A 81 12.43 12.25 6.29
N PRO A 82 12.16 12.77 5.09
CA PRO A 82 12.96 13.84 4.48
C PRO A 82 12.89 15.16 5.28
N ASP A 83 13.62 15.19 6.39
CA ASP A 83 13.72 16.36 7.27
C ASP A 83 12.40 16.68 7.98
N SER A 84 11.36 15.90 7.71
CA SER A 84 10.05 16.12 8.33
C SER A 84 10.00 15.73 9.81
N LYS A 85 11.16 15.41 10.38
CA LYS A 85 11.27 15.07 11.81
C LYS A 85 10.45 13.83 12.15
N GLY A 86 10.61 12.80 11.34
CA GLY A 86 9.94 11.55 11.58
C GLY A 86 10.60 10.39 10.85
N ILE A 87 9.93 9.27 10.81
CA ILE A 87 10.42 8.09 10.12
C ILE A 87 9.32 7.50 9.22
N ASP A 88 9.71 7.02 8.04
CA ASP A 88 8.77 6.43 7.10
C ASP A 88 8.74 4.93 7.30
N ILE A 89 7.57 4.39 7.61
CA ILE A 89 7.43 2.95 7.72
C ILE A 89 6.88 2.40 6.42
N TRP A 90 7.64 1.52 5.81
CA TRP A 90 7.28 0.95 4.53
C TRP A 90 6.73 -0.45 4.69
N ILE A 91 5.41 -0.57 4.59
CA ILE A 91 4.78 -1.86 4.61
C ILE A 91 4.50 -2.35 3.19
N PRO A 92 5.30 -3.31 2.74
CA PRO A 92 5.18 -3.87 1.40
C PRO A 92 4.13 -4.97 1.30
N LEU A 93 3.26 -4.85 0.31
CA LEU A 93 2.23 -5.84 0.08
C LEU A 93 2.35 -6.44 -1.32
N GLU A 94 1.93 -7.68 -1.43
CA GLU A 94 1.87 -8.35 -2.72
C GLU A 94 0.48 -8.91 -2.93
N LEU A 95 -0.31 -8.22 -3.72
CA LEU A 95 -1.68 -8.60 -3.91
C LEU A 95 -1.88 -9.00 -5.37
N SER A 96 -2.87 -9.83 -5.63
CA SER A 96 -3.18 -10.24 -6.97
C SER A 96 -4.66 -10.10 -7.18
N VAL A 97 -5.04 -9.40 -8.24
CA VAL A 97 -6.43 -9.09 -8.48
C VAL A 97 -6.92 -9.81 -9.72
N TYR A 98 -8.06 -10.45 -9.61
CA TYR A 98 -8.64 -11.19 -10.72
C TYR A 98 -9.92 -10.48 -11.20
N LEU A 99 -9.94 -10.07 -12.46
CA LEU A 99 -11.14 -9.52 -13.04
C LEU A 99 -11.84 -10.55 -13.93
N LYS A 100 -13.15 -10.60 -13.80
CA LYS A 100 -13.98 -11.59 -14.49
C LYS A 100 -14.87 -10.90 -15.53
N LEU A 101 -14.56 -11.09 -16.80
CA LEU A 101 -15.41 -10.56 -17.87
C LEU A 101 -16.36 -11.63 -18.36
N LEU A 102 -17.49 -11.23 -18.92
CA LEU A 102 -18.51 -12.18 -19.36
C LEU A 102 -17.97 -13.16 -20.41
N ILE A 103 -17.57 -12.64 -21.57
CA ILE A 103 -17.13 -13.49 -22.67
C ILE A 103 -15.67 -13.27 -22.98
N LEU A 104 -15.09 -12.22 -22.41
CA LEU A 104 -13.70 -11.89 -22.62
C LEU A 104 -12.84 -12.69 -21.65
N GLU A 105 -11.62 -12.99 -22.08
CA GLU A 105 -10.69 -13.76 -21.26
C GLU A 105 -10.41 -13.01 -19.96
N PRO A 106 -10.60 -13.67 -18.81
CA PRO A 106 -10.34 -13.08 -17.50
C PRO A 106 -8.86 -12.98 -17.21
N LEU A 107 -8.41 -11.81 -16.79
CA LEU A 107 -6.99 -11.59 -16.57
C LEU A 107 -6.72 -11.47 -15.09
N THR A 108 -5.47 -11.66 -14.72
CA THR A 108 -5.06 -11.54 -13.36
C THR A 108 -3.93 -10.53 -13.26
N LEU A 109 -4.03 -9.64 -12.30
CA LEU A 109 -3.06 -8.58 -12.12
C LEU A 109 -2.30 -8.79 -10.83
N TYR A 110 -1.06 -8.36 -10.81
CA TYR A 110 -0.23 -8.43 -9.64
C TYR A 110 0.10 -7.02 -9.21
N VAL A 111 -0.09 -6.71 -7.95
CA VAL A 111 0.25 -5.40 -7.46
C VAL A 111 1.10 -5.51 -6.20
N ARG A 112 2.21 -4.81 -6.22
CA ARG A 112 3.11 -4.76 -5.10
C ARG A 112 3.24 -3.32 -4.65
N THR A 113 2.55 -3.00 -3.57
CA THR A 113 2.54 -1.66 -3.05
C THR A 113 3.33 -1.60 -1.76
N ASP A 114 4.05 -0.51 -1.55
CA ASP A 114 4.81 -0.32 -0.34
C ASP A 114 4.24 0.86 0.42
N ILE A 115 3.43 0.56 1.43
CA ILE A 115 2.81 1.59 2.24
C ILE A 115 3.86 2.47 2.90
N ARG A 116 3.54 3.74 3.07
CA ARG A 116 4.46 4.67 3.68
C ARG A 116 3.73 5.54 4.68
N VAL A 117 3.82 5.17 5.95
CA VAL A 117 3.23 5.98 7.00
C VAL A 117 4.35 6.63 7.80
N GLN A 118 4.14 7.87 8.18
CA GLN A 118 5.15 8.60 8.91
C GLN A 118 4.78 8.74 10.37
N LEU A 119 5.70 8.31 11.21
CA LEU A 119 5.59 8.54 12.64
C LEU A 119 6.48 9.72 13.00
N ARG A 120 5.83 10.86 13.18
CA ARG A 120 6.49 12.12 13.46
C ARG A 120 6.95 12.18 14.91
N LEU A 121 7.76 13.17 15.24
CA LEU A 121 8.16 13.36 16.61
C LEU A 121 7.35 14.48 17.25
N GLU A 122 6.76 14.18 18.39
CA GLU A 122 6.01 15.14 19.16
C GLU A 122 6.21 14.88 20.65
N SER A 123 5.79 15.83 21.47
CA SER A 123 5.90 15.70 22.90
C SER A 123 4.52 15.64 23.53
N ASP A 124 4.36 14.72 24.47
CA ASP A 124 3.06 14.45 25.06
C ASP A 124 2.92 15.19 26.41
N GLU A 125 1.98 14.74 27.24
CA GLU A 125 1.66 15.43 28.49
C GLU A 125 2.88 15.65 29.38
N ASP A 126 3.67 14.60 29.56
CA ASP A 126 4.84 14.66 30.45
C ASP A 126 6.00 15.44 29.83
N GLY A 127 5.74 16.08 28.69
CA GLY A 127 6.81 16.76 27.97
C GLY A 127 7.74 15.76 27.30
N LYS A 128 7.35 14.50 27.36
CA LYS A 128 8.11 13.42 26.80
C LYS A 128 7.85 13.28 25.34
N TYR A 129 8.71 12.55 24.70
CA TYR A 129 8.64 12.38 23.27
C TYR A 129 7.93 11.10 22.92
N ARG A 130 7.14 11.18 21.87
CA ARG A 130 6.33 10.07 21.42
C ARG A 130 6.32 10.04 19.90
N LEU A 131 5.70 9.00 19.36
CA LEU A 131 5.56 8.87 17.93
C LEU A 131 4.21 9.41 17.51
N ALA A 132 4.26 10.40 16.64
CA ALA A 132 3.08 11.10 16.18
C ALA A 132 2.67 10.63 14.78
N PHE A 133 1.65 9.80 14.72
CA PHE A 133 1.14 9.30 13.45
C PHE A 133 0.56 10.46 12.65
N GLY A 134 1.30 10.90 11.64
CA GLY A 134 0.91 12.07 10.90
C GLY A 134 0.56 11.80 9.45
N HIS A 135 1.16 10.76 8.88
CA HIS A 135 0.98 10.52 7.46
C HIS A 135 0.80 9.02 7.23
N CYS A 136 -0.14 8.66 6.38
CA CYS A 136 -0.36 7.25 6.08
C CYS A 136 -0.78 7.07 4.62
N SER A 137 0.17 7.15 3.72
CA SER A 137 -0.11 6.99 2.32
C SER A 137 0.43 5.67 1.81
N LEU A 138 -0.39 4.93 1.10
CA LEU A 138 0.04 3.70 0.48
C LEU A 138 0.60 3.99 -0.89
N LEU A 139 1.73 3.40 -1.20
CA LEU A 139 2.43 3.71 -2.43
C LEU A 139 2.54 2.50 -3.33
N PRO A 140 1.79 2.49 -4.42
CA PRO A 140 1.76 1.38 -5.35
C PRO A 140 3.03 1.34 -6.19
N ARG A 141 3.97 0.50 -5.78
CA ARG A 141 5.29 0.46 -6.38
C ARG A 141 5.29 -0.39 -7.64
N ALA A 142 4.49 -1.45 -7.62
CA ALA A 142 4.48 -2.42 -8.70
C ALA A 142 3.08 -2.84 -9.06
N ILE A 143 2.82 -2.89 -10.36
CA ILE A 143 1.61 -3.45 -10.92
C ILE A 143 1.97 -4.22 -12.18
N GLU A 144 2.07 -5.53 -12.06
CA GLU A 144 2.49 -6.37 -13.18
C GLU A 144 1.37 -7.28 -13.62
N LEU A 145 1.37 -7.58 -14.91
CA LEU A 145 0.36 -8.44 -15.49
C LEU A 145 0.71 -9.91 -15.26
N GLN A 146 -0.20 -10.63 -14.62
CA GLN A 146 -0.02 -12.06 -14.37
C GLN A 146 -0.43 -12.87 -15.59
N SER A 147 -1.60 -12.56 -16.13
CA SER A 147 -2.12 -13.26 -17.27
C SER A 147 -2.74 -12.29 -18.27
N GLY A 148 -2.45 -12.51 -19.54
CA GLY A 148 -2.93 -11.62 -20.58
C GLY A 148 -2.00 -11.63 -21.77
N ASN A 149 -2.53 -11.85 -22.95
CA ASN A 149 -1.71 -11.93 -24.15
C ASN A 149 -1.56 -10.57 -24.82
N PRO A 150 -0.30 -10.16 -25.04
CA PRO A 150 0.01 -8.88 -25.68
C PRO A 150 -0.03 -8.99 -27.20
N LEU A 151 -0.16 -10.22 -27.68
CA LEU A 151 -0.20 -10.48 -29.12
C LEU A 151 -1.64 -10.45 -29.63
N SER A 152 -2.34 -9.39 -29.31
CA SER A 152 -3.72 -9.22 -29.72
C SER A 152 -4.03 -7.73 -29.87
N LEU A 153 -5.31 -7.37 -29.78
CA LEU A 153 -5.69 -5.96 -29.79
C LEU A 153 -5.00 -5.23 -28.64
N PRO A 154 -4.64 -3.94 -28.85
CA PRO A 154 -3.87 -3.11 -27.91
C PRO A 154 -4.10 -3.44 -26.44
N VAL A 155 -3.28 -4.37 -25.92
CA VAL A 155 -3.35 -4.85 -24.52
C VAL A 155 -4.78 -5.10 -24.05
N ASN A 156 -5.67 -5.38 -25.01
CA ASN A 156 -7.08 -5.67 -24.74
C ASN A 156 -7.72 -4.63 -23.83
N ALA A 157 -7.11 -3.43 -23.78
CA ALA A 157 -7.56 -2.34 -22.90
C ALA A 157 -7.30 -2.65 -21.44
N VAL A 158 -6.57 -3.72 -21.17
CA VAL A 158 -6.47 -4.25 -19.82
C VAL A 158 -5.06 -4.10 -19.27
N LEU A 159 -4.36 -3.08 -19.68
CA LEU A 159 -3.05 -2.83 -19.10
C LEU A 159 -2.97 -1.45 -18.44
N GLY A 160 -2.80 -0.41 -19.25
CA GLY A 160 -2.76 0.94 -18.73
C GLY A 160 -3.93 1.25 -17.81
N THR A 161 -5.08 0.68 -18.15
CA THR A 161 -6.27 0.83 -17.34
C THR A 161 -6.10 0.18 -15.97
N ILE A 162 -5.58 -1.05 -15.97
CA ILE A 162 -5.36 -1.79 -14.74
C ILE A 162 -4.42 -1.04 -13.80
N GLU A 163 -3.31 -0.56 -14.34
CA GLU A 163 -2.33 0.14 -13.54
C GLU A 163 -2.93 1.46 -13.05
N ASN A 164 -3.67 2.12 -13.94
CA ASN A 164 -4.38 3.35 -13.60
C ASN A 164 -5.27 3.13 -12.38
N ALA A 165 -6.04 2.06 -12.47
CA ALA A 165 -7.01 1.73 -11.44
C ALA A 165 -6.34 1.25 -10.17
N LEU A 166 -5.40 0.34 -10.30
CA LEU A 166 -4.71 -0.21 -9.15
C LEU A 166 -3.93 0.87 -8.43
N GLY A 167 -3.19 1.68 -9.19
CA GLY A 167 -2.45 2.78 -8.60
C GLY A 167 -3.35 3.73 -7.84
N ASN A 168 -4.63 3.71 -8.15
CA ASN A 168 -5.60 4.49 -7.42
C ASN A 168 -6.08 3.73 -6.19
N PHE A 169 -6.37 2.46 -6.39
CA PHE A 169 -7.02 1.63 -5.38
C PHE A 169 -6.12 1.43 -4.16
N ILE A 170 -4.83 1.32 -4.37
CA ILE A 170 -3.90 1.24 -3.25
C ILE A 170 -4.00 2.49 -2.39
N THR A 171 -3.91 3.63 -3.04
CA THR A 171 -3.75 4.88 -2.34
C THR A 171 -5.08 5.35 -1.77
N GLU A 172 -6.07 5.36 -2.64
CA GLU A 172 -7.42 5.80 -2.29
C GLU A 172 -8.16 4.78 -1.44
N ASP A 173 -8.32 3.58 -1.97
CA ASP A 173 -9.18 2.58 -1.35
C ASP A 173 -8.49 1.87 -0.21
N LEU A 174 -7.28 1.38 -0.46
CA LEU A 174 -6.55 0.64 0.54
C LEU A 174 -6.14 1.56 1.68
N GLY A 175 -5.63 2.75 1.34
CA GLY A 175 -5.31 3.74 2.35
C GLY A 175 -6.53 4.23 3.12
N ALA A 176 -7.68 3.74 2.74
CA ALA A 176 -8.91 4.06 3.45
C ALA A 176 -9.23 2.95 4.44
N GLY A 177 -9.16 1.72 3.95
CA GLY A 177 -9.53 0.58 4.76
C GLY A 177 -8.42 0.11 5.67
N LEU A 178 -7.19 0.44 5.29
CA LEU A 178 -6.01 -0.07 5.99
C LEU A 178 -5.42 0.97 6.95
N CYS A 179 -5.71 2.25 6.69
CA CYS A 179 -5.10 3.35 7.45
C CYS A 179 -5.36 3.22 8.96
N PRO A 180 -6.63 3.06 9.41
CA PRO A 180 -6.94 2.90 10.84
C PRO A 180 -6.18 1.74 11.47
N THR A 181 -6.05 0.65 10.73
CA THR A 181 -5.32 -0.53 11.20
C THR A 181 -3.86 -0.20 11.46
N LEU A 182 -3.23 0.52 10.54
CA LEU A 182 -1.84 0.89 10.69
C LEU A 182 -1.65 1.83 11.85
N ASN A 183 -2.54 2.80 11.97
CA ASN A 183 -2.52 3.75 13.07
C ASN A 183 -2.87 3.04 14.39
N SER A 184 -3.20 1.77 14.29
CA SER A 184 -3.48 0.97 15.46
C SER A 184 -2.21 0.23 15.85
N LEU A 185 -1.64 -0.50 14.89
CA LEU A 185 -0.46 -1.32 15.13
C LEU A 185 0.72 -0.48 15.61
N VAL A 186 1.02 0.57 14.86
CA VAL A 186 2.12 1.49 15.23
C VAL A 186 1.90 2.11 16.61
N SER A 187 0.65 2.26 16.97
CA SER A 187 0.28 2.84 18.26
C SER A 187 0.08 1.76 19.32
N ASN A 188 0.33 0.51 18.93
CA ASN A 188 0.11 -0.61 19.82
C ASN A 188 1.37 -1.43 20.03
N LEU A 189 2.46 -1.09 19.35
CA LEU A 189 3.67 -1.84 19.48
C LEU A 189 4.47 -1.47 20.72
N ASP A 190 5.74 -1.84 20.69
CA ASP A 190 6.65 -1.65 21.79
C ASP A 190 6.96 -0.18 22.05
N LEU A 191 6.97 0.18 23.33
CA LEU A 191 7.42 1.50 23.75
C LEU A 191 8.89 1.70 23.44
N GLN A 192 9.65 0.61 23.48
CA GLN A 192 11.07 0.68 23.19
C GLN A 192 11.26 0.99 21.72
N LEU A 193 10.44 0.36 20.89
CA LEU A 193 10.42 0.59 19.47
C LEU A 193 10.07 2.04 19.16
N VAL A 194 8.97 2.50 19.78
CA VAL A 194 8.62 3.91 19.78
C VAL A 194 9.83 4.80 20.06
N ASN A 195 10.44 4.58 21.22
CA ASN A 195 11.58 5.38 21.65
C ASN A 195 12.78 5.21 20.71
N ASN A 196 13.01 3.98 20.26
CA ASN A 196 14.11 3.71 19.31
C ASN A 196 13.99 4.60 18.07
N LEU A 197 12.78 4.75 17.56
CA LEU A 197 12.52 5.63 16.43
C LEU A 197 12.72 7.08 16.84
N ILE A 198 12.21 7.42 18.01
CA ILE A 198 12.32 8.77 18.54
C ILE A 198 13.78 9.19 18.72
N ASN A 199 14.50 8.43 19.54
CA ASN A 199 15.92 8.67 19.76
C ASN A 199 16.66 8.76 18.44
N LEU A 200 16.26 7.93 17.49
CA LEU A 200 16.81 7.95 16.15
C LEU A 200 16.62 9.30 15.50
N ILE A 201 15.37 9.74 15.44
CA ILE A 201 15.03 11.01 14.83
C ILE A 201 15.74 12.17 15.54
N LEU A 202 15.79 12.12 16.86
CA LEU A 202 16.49 13.13 17.64
C LEU A 202 17.97 13.11 17.32
N ASP A 203 18.48 11.92 17.07
CA ASP A 203 19.89 11.73 16.73
C ASP A 203 20.17 12.26 15.33
N ARG A 204 19.28 11.94 14.41
CA ARG A 204 19.40 12.37 13.03
C ARG A 204 19.05 13.85 12.92
N ALA A 205 18.42 14.37 13.96
CA ALA A 205 18.17 15.79 14.09
C ALA A 205 19.44 16.50 14.51
N ASN A 206 20.01 16.04 15.63
CA ASN A 206 21.30 16.51 16.12
C ASN A 206 21.63 15.81 17.43
N VAL A 207 21.96 14.52 17.34
CA VAL A 207 22.24 13.61 18.47
C VAL A 207 21.10 13.54 19.51
N ASP A 208 20.70 14.67 20.06
CA ASP A 208 19.62 14.73 21.03
C ASP A 208 18.79 15.99 20.81
N LEU A 209 19.42 16.97 20.15
CA LEU A 209 18.81 18.26 19.82
C LEU A 209 18.66 19.12 21.07
N SER A 210 19.49 20.16 21.16
CA SER A 210 19.49 21.07 22.29
C SER A 210 19.82 20.32 23.58
N VAL A 211 21.05 19.82 23.66
CA VAL A 211 21.51 19.09 24.85
C VAL A 211 21.71 20.05 26.01
N ALA A 1 25.27 7.26 8.72
CA ALA A 1 25.40 5.99 7.95
C ALA A 1 25.45 4.79 8.88
N MET A 2 24.64 3.78 8.58
CA MET A 2 24.58 2.56 9.38
C MET A 2 24.47 1.35 8.47
N ALA A 3 23.39 1.31 7.70
CA ALA A 3 23.13 0.22 6.77
C ALA A 3 22.10 0.66 5.74
N GLN A 4 20.93 1.04 6.23
CA GLN A 4 19.86 1.54 5.39
C GLN A 4 19.30 2.80 6.03
N GLN A 5 20.22 3.74 6.32
CA GLN A 5 19.91 4.94 7.09
C GLN A 5 19.64 4.61 8.54
N ILE A 6 18.60 3.83 8.76
CA ILE A 6 18.22 3.38 10.09
C ILE A 6 19.06 2.17 10.49
N PRO A 7 19.50 2.09 11.75
CA PRO A 7 20.30 0.97 12.25
C PRO A 7 19.58 -0.36 12.08
N PRO A 8 20.28 -1.37 11.54
CA PRO A 8 19.72 -2.72 11.35
C PRO A 8 19.55 -3.46 12.67
N GLU A 9 19.66 -2.71 13.76
CA GLU A 9 19.46 -3.25 15.09
C GLU A 9 18.13 -2.77 15.66
N VAL A 10 17.57 -1.73 15.07
CA VAL A 10 16.35 -1.18 15.58
C VAL A 10 15.23 -1.39 14.56
N SER A 11 15.55 -1.23 13.28
CA SER A 11 14.57 -1.47 12.23
C SER A 11 14.27 -2.97 12.12
N SER A 12 14.99 -3.74 12.91
CA SER A 12 14.82 -5.19 12.92
C SER A 12 13.77 -5.61 13.94
N GLN A 13 13.33 -4.67 14.77
CA GLN A 13 12.32 -4.99 15.78
C GLN A 13 11.05 -4.18 15.58
N ILE A 14 11.14 -2.99 14.98
CA ILE A 14 9.96 -2.21 14.68
C ILE A 14 9.17 -2.89 13.59
N THR A 15 9.89 -3.38 12.58
CA THR A 15 9.27 -4.09 11.47
C THR A 15 8.68 -5.40 11.94
N ASP A 16 9.33 -6.00 12.93
CA ASP A 16 8.88 -7.24 13.54
C ASP A 16 7.50 -7.03 14.10
N ALA A 17 7.40 -5.98 14.89
CA ALA A 17 6.19 -5.61 15.55
C ALA A 17 5.15 -5.06 14.59
N LEU A 18 5.62 -4.23 13.66
CA LEU A 18 4.74 -3.65 12.67
C LEU A 18 4.13 -4.75 11.84
N THR A 19 4.94 -5.74 11.49
CA THR A 19 4.46 -6.85 10.71
C THR A 19 3.62 -7.73 11.60
N GLN A 20 4.00 -7.84 12.87
CA GLN A 20 3.26 -8.60 13.83
C GLN A 20 1.84 -8.10 13.93
N GLY A 21 1.67 -6.79 13.96
CA GLY A 21 0.35 -6.21 13.94
C GLY A 21 -0.38 -6.59 12.66
N LEU A 22 0.35 -6.64 11.55
CA LEU A 22 -0.23 -7.08 10.28
C LEU A 22 -0.67 -8.53 10.38
N LEU A 23 0.19 -9.35 10.99
CA LEU A 23 -0.10 -10.77 11.21
C LEU A 23 -1.28 -10.91 12.16
N ASP A 24 -1.14 -10.31 13.34
CA ASP A 24 -2.13 -10.40 14.41
C ASP A 24 -3.44 -9.77 14.01
N GLY A 25 -3.36 -8.60 13.41
CA GLY A 25 -4.57 -7.84 13.10
C GLY A 25 -5.16 -8.25 11.77
N ASN A 26 -4.45 -9.13 11.07
CA ASN A 26 -4.87 -9.62 9.76
C ASN A 26 -5.01 -8.47 8.77
N PHE A 27 -3.88 -7.93 8.34
CA PHE A 27 -3.87 -6.79 7.43
C PHE A 27 -4.48 -7.16 6.07
N LEU A 28 -4.06 -8.30 5.52
CA LEU A 28 -4.61 -8.78 4.26
C LEU A 28 -6.14 -8.98 4.35
N SER A 29 -6.66 -9.14 5.56
CA SER A 29 -8.09 -9.33 5.77
C SER A 29 -8.89 -8.07 5.41
N LEU A 30 -8.39 -6.89 5.79
CA LEU A 30 -9.03 -5.65 5.43
C LEU A 30 -9.08 -5.54 3.92
N LEU A 31 -7.93 -5.74 3.29
CA LEU A 31 -7.82 -5.81 1.84
C LEU A 31 -8.93 -6.65 1.22
N ASN A 32 -9.02 -7.89 1.69
CA ASN A 32 -10.08 -8.81 1.28
C ASN A 32 -11.44 -8.14 1.32
N ALA A 33 -11.61 -7.30 2.32
CA ALA A 33 -12.88 -6.71 2.65
C ALA A 33 -13.04 -5.33 2.03
N ILE A 34 -11.96 -4.84 1.46
CA ILE A 34 -11.93 -3.54 0.81
C ILE A 34 -12.91 -3.50 -0.36
N ASN A 35 -13.64 -2.40 -0.48
CA ASN A 35 -14.59 -2.24 -1.57
C ASN A 35 -13.87 -2.23 -2.92
N LEU A 36 -13.97 -3.34 -3.62
CA LEU A 36 -13.31 -3.50 -4.91
C LEU A 36 -14.15 -2.91 -6.02
N GLU A 37 -15.36 -2.47 -5.68
CA GLU A 37 -16.25 -1.93 -6.69
C GLU A 37 -15.65 -0.68 -7.31
N GLY A 38 -14.85 0.08 -6.55
CA GLY A 38 -14.19 1.23 -7.13
C GLY A 38 -13.29 0.83 -8.28
N LEU A 39 -12.51 -0.22 -8.06
CA LEU A 39 -11.68 -0.80 -9.10
C LEU A 39 -12.54 -1.30 -10.25
N LEU A 40 -13.39 -2.25 -9.93
CA LEU A 40 -14.33 -2.83 -10.90
C LEU A 40 -14.96 -1.74 -11.76
N ASN A 41 -15.59 -0.77 -11.11
CA ASN A 41 -16.20 0.34 -11.82
C ASN A 41 -15.17 1.09 -12.66
N THR A 42 -14.04 1.49 -12.05
CA THR A 42 -13.01 2.24 -12.74
C THR A 42 -12.50 1.51 -14.00
N ILE A 43 -12.09 0.27 -13.81
CA ILE A 43 -11.58 -0.54 -14.89
C ILE A 43 -12.59 -0.66 -16.02
N LEU A 44 -13.81 -1.09 -15.68
CA LEU A 44 -14.85 -1.25 -16.70
C LEU A 44 -15.17 0.08 -17.37
N ASP A 45 -15.16 1.14 -16.57
CA ASP A 45 -15.47 2.48 -17.08
C ASP A 45 -14.49 2.92 -18.16
N GLN A 46 -13.20 2.74 -17.89
CA GLN A 46 -12.17 3.22 -18.80
C GLN A 46 -11.87 2.23 -19.94
N VAL A 47 -11.73 0.94 -19.62
CA VAL A 47 -11.27 -0.03 -20.62
C VAL A 47 -12.28 -0.18 -21.76
N THR A 48 -13.51 0.23 -21.51
CA THR A 48 -14.56 0.16 -22.52
C THR A 48 -14.35 1.25 -23.57
N GLY A 49 -13.84 2.40 -23.12
CA GLY A 49 -13.63 3.51 -24.02
C GLY A 49 -12.41 3.30 -24.90
N LEU A 50 -11.32 2.86 -24.29
CA LEU A 50 -10.09 2.60 -25.02
C LEU A 50 -10.26 1.45 -26.03
N LEU A 51 -11.07 0.47 -25.68
CA LEU A 51 -11.20 -0.73 -26.50
C LEU A 51 -12.07 -0.49 -27.73
N ASN A 52 -13.33 -0.11 -27.51
CA ASN A 52 -14.30 0.06 -28.62
C ASN A 52 -15.71 0.34 -28.12
N ILE A 53 -16.01 -0.11 -26.90
CA ILE A 53 -17.34 0.09 -26.29
C ILE A 53 -17.66 1.60 -26.16
N LEU A 54 -16.65 2.44 -26.41
CA LEU A 54 -16.83 3.90 -26.45
C LEU A 54 -18.07 4.27 -27.27
N VAL A 55 -18.34 3.49 -28.32
CA VAL A 55 -19.52 3.70 -29.14
C VAL A 55 -20.78 3.26 -28.38
N GLY A 56 -20.92 1.97 -28.19
CA GLY A 56 -22.11 1.43 -27.54
C GLY A 56 -22.15 1.72 -26.05
N PRO A 57 -23.12 2.51 -25.59
CA PRO A 57 -23.21 2.94 -24.19
C PRO A 57 -23.32 1.77 -23.20
N LEU A 58 -23.89 0.67 -23.66
CA LEU A 58 -24.10 -0.49 -22.80
C LEU A 58 -24.11 -1.77 -23.63
N LEU A 59 -23.17 -2.66 -23.34
CA LEU A 59 -23.11 -3.97 -24.01
C LEU A 59 -23.25 -5.09 -22.99
N GLY A 60 -23.91 -6.17 -23.41
CA GLY A 60 -24.03 -7.34 -22.56
C GLY A 60 -25.27 -7.30 -21.68
N PRO A 61 -25.64 -8.45 -21.10
CA PRO A 61 -26.78 -8.53 -20.17
C PRO A 61 -26.39 -8.12 -18.75
N SER A 62 -25.10 -8.02 -18.51
CA SER A 62 -24.58 -7.66 -17.20
C SER A 62 -23.19 -7.06 -17.35
N ASP A 63 -22.54 -6.76 -16.24
CA ASP A 63 -21.19 -6.22 -16.27
C ASP A 63 -20.22 -7.28 -15.78
N ALA A 64 -18.96 -6.92 -15.65
CA ALA A 64 -17.97 -7.79 -15.08
C ALA A 64 -18.02 -7.75 -13.57
N GLU A 65 -17.16 -8.52 -12.94
CA GLU A 65 -17.06 -8.56 -11.49
C GLU A 65 -15.59 -8.54 -11.13
N ILE A 66 -15.28 -8.15 -9.91
CA ILE A 66 -13.89 -8.07 -9.50
C ILE A 66 -13.68 -8.82 -8.18
N LYS A 67 -12.54 -9.46 -8.06
CA LYS A 67 -12.22 -10.30 -6.92
C LYS A 67 -10.76 -10.14 -6.55
N LEU A 68 -10.41 -10.51 -5.32
CA LEU A 68 -9.02 -10.65 -4.95
C LEU A 68 -8.54 -12.08 -5.14
N GLN A 69 -7.29 -12.21 -5.54
CA GLN A 69 -6.71 -13.51 -5.85
C GLN A 69 -5.73 -13.95 -4.77
N ASP A 70 -4.69 -13.16 -4.60
CA ASP A 70 -3.63 -13.51 -3.68
C ASP A 70 -3.12 -12.28 -2.98
N THR A 71 -3.55 -12.13 -1.76
CA THR A 71 -3.10 -11.05 -0.94
C THR A 71 -2.13 -11.53 0.10
N ARG A 72 -0.97 -10.93 0.10
CA ARG A 72 0.07 -11.27 1.04
C ARG A 72 0.91 -10.05 1.36
N LEU A 73 1.71 -10.23 2.37
CA LEU A 73 2.55 -9.20 2.90
C LEU A 73 4.01 -9.66 2.88
N LEU A 74 4.94 -8.76 2.57
CA LEU A 74 6.36 -9.12 2.52
C LEU A 74 7.06 -8.71 3.82
N GLN A 75 8.36 -8.44 3.72
CA GLN A 75 9.15 -8.04 4.85
C GLN A 75 9.28 -6.52 4.86
N LEU A 76 8.91 -5.98 5.98
CA LEU A 76 8.84 -4.54 6.19
C LEU A 76 10.21 -3.89 6.24
N SER A 77 10.22 -2.57 6.17
CA SER A 77 11.43 -1.79 6.30
C SER A 77 11.08 -0.38 6.74
N LEU A 78 12.09 0.35 7.15
CA LEU A 78 11.94 1.70 7.65
C LEU A 78 12.96 2.63 7.03
N GLU A 79 12.70 3.92 7.08
CA GLU A 79 13.70 4.94 6.75
C GLU A 79 13.34 6.24 7.43
N PHE A 80 14.29 7.16 7.50
CA PHE A 80 14.05 8.46 8.08
C PHE A 80 13.27 9.33 7.11
N SER A 81 12.34 10.10 7.63
CA SER A 81 11.57 11.02 6.81
C SER A 81 12.43 12.20 6.41
N PRO A 82 12.58 12.44 5.09
CA PRO A 82 13.47 13.48 4.58
C PRO A 82 13.09 14.88 5.04
N ASP A 83 13.92 15.42 5.94
CA ASP A 83 13.76 16.79 6.48
C ASP A 83 12.63 16.84 7.52
N SER A 84 11.65 15.96 7.37
CA SER A 84 10.51 15.93 8.25
C SER A 84 10.88 15.25 9.56
N LYS A 85 10.33 15.75 10.66
CA LYS A 85 10.59 15.18 11.97
C LYS A 85 9.80 13.89 12.14
N GLY A 86 10.30 12.81 11.54
CA GLY A 86 9.59 11.55 11.59
C GLY A 86 10.34 10.44 10.88
N ILE A 87 9.70 9.28 10.83
CA ILE A 87 10.23 8.11 10.15
C ILE A 87 9.15 7.47 9.28
N ASP A 88 9.55 7.03 8.09
CA ASP A 88 8.64 6.39 7.16
C ASP A 88 8.71 4.88 7.30
N ILE A 89 7.57 4.24 7.43
CA ILE A 89 7.52 2.79 7.50
C ILE A 89 6.99 2.24 6.19
N TRP A 90 7.75 1.34 5.60
CA TRP A 90 7.41 0.77 4.31
C TRP A 90 6.86 -0.63 4.48
N ILE A 91 5.55 -0.75 4.41
CA ILE A 91 4.90 -2.04 4.44
C ILE A 91 4.62 -2.54 3.03
N PRO A 92 5.40 -3.52 2.58
CA PRO A 92 5.26 -4.07 1.23
C PRO A 92 4.18 -5.14 1.11
N LEU A 93 3.29 -4.96 0.16
CA LEU A 93 2.23 -5.92 -0.09
C LEU A 93 2.35 -6.51 -1.50
N GLU A 94 1.91 -7.75 -1.62
CA GLU A 94 1.80 -8.42 -2.92
C GLU A 94 0.40 -8.94 -3.08
N LEU A 95 -0.42 -8.22 -3.83
CA LEU A 95 -1.81 -8.57 -3.97
C LEU A 95 -2.08 -8.89 -5.42
N SER A 96 -3.04 -9.76 -5.66
CA SER A 96 -3.45 -10.07 -7.00
C SER A 96 -4.95 -9.85 -7.13
N VAL A 97 -5.36 -9.21 -8.20
CA VAL A 97 -6.77 -8.89 -8.41
C VAL A 97 -7.30 -9.62 -9.64
N TYR A 98 -8.52 -10.12 -9.56
CA TYR A 98 -9.10 -10.93 -10.60
C TYR A 98 -10.36 -10.30 -11.17
N LEU A 99 -10.41 -10.14 -12.48
CA LEU A 99 -11.61 -9.67 -13.14
C LEU A 99 -12.41 -10.83 -13.70
N LYS A 100 -13.72 -10.76 -13.51
CA LYS A 100 -14.64 -11.80 -13.95
C LYS A 100 -15.56 -11.24 -15.03
N LEU A 101 -15.24 -11.49 -16.29
CA LEU A 101 -16.11 -11.08 -17.38
C LEU A 101 -17.13 -12.17 -17.65
N LEU A 102 -18.14 -11.87 -18.46
CA LEU A 102 -19.17 -12.84 -18.76
C LEU A 102 -18.70 -13.83 -19.83
N ILE A 103 -18.50 -13.32 -21.04
CA ILE A 103 -18.13 -14.17 -22.16
C ILE A 103 -16.63 -14.09 -22.44
N LEU A 104 -16.00 -13.05 -21.95
CA LEU A 104 -14.57 -12.85 -22.17
C LEU A 104 -13.77 -13.64 -21.15
N GLU A 105 -12.55 -14.00 -21.52
CA GLU A 105 -11.67 -14.72 -20.62
C GLU A 105 -11.28 -13.84 -19.43
N PRO A 106 -11.55 -14.30 -18.20
CA PRO A 106 -11.19 -13.57 -16.99
C PRO A 106 -9.69 -13.47 -16.80
N LEU A 107 -9.23 -12.30 -16.36
CA LEU A 107 -7.80 -12.04 -16.25
C LEU A 107 -7.40 -11.80 -14.82
N THR A 108 -6.10 -11.79 -14.57
CA THR A 108 -5.57 -11.59 -13.24
C THR A 108 -4.47 -10.54 -13.26
N LEU A 109 -4.56 -9.61 -12.33
CA LEU A 109 -3.59 -8.54 -12.20
C LEU A 109 -2.74 -8.75 -10.95
N TYR A 110 -1.52 -8.26 -10.97
CA TYR A 110 -0.61 -8.40 -9.85
C TYR A 110 -0.17 -7.02 -9.41
N VAL A 111 -0.30 -6.73 -8.13
CA VAL A 111 0.08 -5.43 -7.64
C VAL A 111 1.00 -5.55 -6.45
N ARG A 112 1.95 -4.65 -6.39
CA ARG A 112 2.98 -4.67 -5.39
C ARG A 112 3.19 -3.25 -4.88
N THR A 113 2.59 -2.95 -3.75
CA THR A 113 2.64 -1.63 -3.19
C THR A 113 3.46 -1.60 -1.91
N ASP A 114 4.17 -0.50 -1.69
CA ASP A 114 4.86 -0.26 -0.42
C ASP A 114 4.13 0.84 0.32
N ILE A 115 3.43 0.49 1.38
CA ILE A 115 2.80 1.48 2.21
C ILE A 115 3.83 2.41 2.82
N ARG A 116 3.48 3.67 2.98
CA ARG A 116 4.39 4.66 3.54
C ARG A 116 3.65 5.52 4.55
N VAL A 117 3.74 5.13 5.81
CA VAL A 117 3.16 5.93 6.86
C VAL A 117 4.28 6.63 7.62
N GLN A 118 4.03 7.85 8.03
CA GLN A 118 5.01 8.63 8.75
C GLN A 118 4.67 8.69 10.23
N LEU A 119 5.59 8.19 11.03
CA LEU A 119 5.50 8.35 12.46
C LEU A 119 6.35 9.54 12.86
N ARG A 120 5.68 10.67 13.01
CA ARG A 120 6.35 11.92 13.34
C ARG A 120 6.82 11.90 14.78
N LEU A 121 7.61 12.87 15.14
CA LEU A 121 8.14 12.96 16.47
C LEU A 121 7.67 14.27 17.11
N GLU A 122 6.99 14.14 18.23
CA GLU A 122 6.41 15.28 18.92
C GLU A 122 6.64 15.18 20.42
N SER A 123 6.36 16.27 21.12
CA SER A 123 6.49 16.31 22.57
C SER A 123 5.17 16.71 23.20
N ASP A 124 4.90 16.17 24.39
CA ASP A 124 3.65 16.46 25.09
C ASP A 124 3.86 17.45 26.23
N GLU A 125 2.89 17.53 27.14
CA GLU A 125 2.91 18.48 28.24
C GLU A 125 4.17 18.34 29.10
N ASP A 126 4.52 17.11 29.47
CA ASP A 126 5.71 16.86 30.28
C ASP A 126 6.98 17.18 29.51
N GLY A 127 6.81 17.47 28.23
CA GLY A 127 7.96 17.69 27.36
C GLY A 127 8.51 16.39 26.84
N LYS A 128 7.82 15.30 27.14
CA LYS A 128 8.24 13.99 26.72
C LYS A 128 7.89 13.76 25.28
N TYR A 129 8.68 12.92 24.68
CA TYR A 129 8.54 12.66 23.26
C TYR A 129 7.78 11.39 23.01
N ARG A 130 6.94 11.46 22.00
CA ARG A 130 6.11 10.34 21.59
C ARG A 130 6.11 10.22 20.08
N LEU A 131 5.51 9.15 19.59
CA LEU A 131 5.41 8.96 18.16
C LEU A 131 4.07 9.49 17.66
N ALA A 132 4.15 10.43 16.75
CA ALA A 132 2.99 11.14 16.25
C ALA A 132 2.62 10.65 14.86
N PHE A 133 1.65 9.74 14.79
CA PHE A 133 1.17 9.23 13.51
C PHE A 133 0.58 10.37 12.69
N GLY A 134 1.33 10.80 11.68
CA GLY A 134 0.95 12.01 10.96
C GLY A 134 0.50 11.75 9.54
N HIS A 135 0.99 10.70 8.91
CA HIS A 135 0.70 10.46 7.51
C HIS A 135 0.62 8.96 7.25
N CYS A 136 -0.32 8.54 6.43
CA CYS A 136 -0.46 7.13 6.12
C CYS A 136 -0.98 6.93 4.70
N SER A 137 -0.05 6.90 3.76
CA SER A 137 -0.41 6.68 2.37
C SER A 137 0.19 5.38 1.88
N LEU A 138 -0.41 4.79 0.87
CA LEU A 138 0.13 3.59 0.28
C LEU A 138 0.71 3.91 -1.08
N LEU A 139 1.85 3.32 -1.38
CA LEU A 139 2.57 3.65 -2.61
C LEU A 139 2.71 2.44 -3.51
N PRO A 140 1.90 2.41 -4.56
CA PRO A 140 1.89 1.30 -5.52
C PRO A 140 3.12 1.30 -6.41
N ARG A 141 4.01 0.36 -6.17
CA ARG A 141 5.24 0.26 -6.92
C ARG A 141 5.04 -0.55 -8.20
N ALA A 142 4.35 -1.67 -8.07
CA ALA A 142 4.22 -2.60 -9.18
C ALA A 142 2.78 -2.96 -9.45
N ILE A 143 2.43 -2.96 -10.72
CA ILE A 143 1.14 -3.44 -11.19
C ILE A 143 1.31 -4.14 -12.54
N GLU A 144 1.46 -5.45 -12.49
CA GLU A 144 1.72 -6.23 -13.71
C GLU A 144 0.55 -7.15 -14.02
N LEU A 145 0.48 -7.56 -15.28
CA LEU A 145 -0.53 -8.48 -15.74
C LEU A 145 -0.07 -9.92 -15.56
N GLN A 146 -0.89 -10.72 -14.89
CA GLN A 146 -0.59 -12.14 -14.71
C GLN A 146 -1.79 -13.00 -15.06
N SER A 147 -2.05 -13.13 -16.36
CA SER A 147 -3.19 -13.90 -16.83
C SER A 147 -2.73 -15.02 -17.74
N GLY A 148 -1.57 -15.58 -17.44
CA GLY A 148 -1.03 -16.66 -18.25
C GLY A 148 -0.30 -16.13 -19.47
N ASN A 149 -0.99 -15.31 -20.25
CA ASN A 149 -0.41 -14.71 -21.44
C ASN A 149 -1.18 -13.44 -21.81
N PRO A 150 -0.47 -12.43 -22.31
CA PRO A 150 -1.06 -11.14 -22.66
C PRO A 150 -1.71 -11.12 -24.04
N LEU A 151 -1.83 -12.31 -24.64
CA LEU A 151 -2.46 -12.44 -25.95
C LEU A 151 -3.88 -12.95 -25.80
N SER A 152 -4.36 -12.97 -24.55
CA SER A 152 -5.70 -13.42 -24.25
C SER A 152 -6.74 -12.41 -24.72
N LEU A 153 -6.78 -11.27 -24.06
CA LEU A 153 -7.67 -10.18 -24.45
C LEU A 153 -6.84 -9.02 -25.00
N PRO A 154 -7.51 -8.06 -25.68
CA PRO A 154 -6.86 -6.84 -26.17
C PRO A 154 -6.44 -5.93 -25.02
N VAL A 155 -5.41 -6.34 -24.30
CA VAL A 155 -4.98 -5.64 -23.10
C VAL A 155 -4.00 -4.50 -23.44
N ASN A 156 -3.68 -4.38 -24.71
CA ASN A 156 -2.73 -3.37 -25.17
C ASN A 156 -3.24 -1.96 -24.88
N ALA A 157 -4.56 -1.83 -24.74
CA ALA A 157 -5.18 -0.53 -24.49
C ALA A 157 -5.61 -0.37 -23.05
N VAL A 158 -5.61 -1.46 -22.31
CA VAL A 158 -6.21 -1.48 -20.99
C VAL A 158 -5.16 -1.68 -19.92
N LEU A 159 -3.94 -2.00 -20.33
CA LEU A 159 -2.88 -2.32 -19.38
C LEU A 159 -2.60 -1.12 -18.49
N GLY A 160 -2.33 0.01 -19.12
CA GLY A 160 -2.11 1.23 -18.38
C GLY A 160 -3.33 1.65 -17.58
N THR A 161 -4.50 1.17 -18.00
CA THR A 161 -5.74 1.45 -17.30
C THR A 161 -5.82 0.62 -16.02
N ILE A 162 -5.38 -0.62 -16.09
CA ILE A 162 -5.25 -1.47 -14.92
C ILE A 162 -4.26 -0.86 -13.95
N GLU A 163 -3.14 -0.38 -14.48
CA GLU A 163 -2.13 0.30 -13.67
C GLU A 163 -2.71 1.58 -13.10
N ASN A 164 -3.52 2.25 -13.92
CA ASN A 164 -4.26 3.43 -13.48
C ASN A 164 -5.14 3.08 -12.29
N ALA A 165 -5.97 2.06 -12.49
CA ALA A 165 -6.95 1.65 -11.51
C ALA A 165 -6.30 1.14 -10.23
N LEU A 166 -5.41 0.18 -10.36
CA LEU A 166 -4.74 -0.40 -9.21
C LEU A 166 -3.95 0.69 -8.49
N GLY A 167 -3.19 1.47 -9.24
CA GLY A 167 -2.42 2.56 -8.66
C GLY A 167 -3.29 3.54 -7.92
N ASN A 168 -4.58 3.56 -8.25
CA ASN A 168 -5.53 4.39 -7.53
C ASN A 168 -6.06 3.69 -6.30
N PHE A 169 -6.36 2.41 -6.45
CA PHE A 169 -7.02 1.63 -5.39
C PHE A 169 -6.12 1.43 -4.19
N ILE A 170 -4.82 1.27 -4.42
CA ILE A 170 -3.88 1.17 -3.31
C ILE A 170 -3.94 2.43 -2.46
N THR A 171 -3.90 3.56 -3.13
CA THR A 171 -3.75 4.83 -2.43
C THR A 171 -5.09 5.29 -1.86
N GLU A 172 -6.06 5.36 -2.73
CA GLU A 172 -7.41 5.82 -2.38
C GLU A 172 -8.14 4.83 -1.49
N ASP A 173 -8.29 3.60 -1.98
CA ASP A 173 -9.14 2.62 -1.30
C ASP A 173 -8.40 1.96 -0.14
N LEU A 174 -7.19 1.49 -0.41
CA LEU A 174 -6.42 0.79 0.61
C LEU A 174 -6.00 1.75 1.71
N GLY A 175 -5.49 2.92 1.33
CA GLY A 175 -5.17 3.94 2.33
C GLY A 175 -6.37 4.39 3.15
N ALA A 176 -7.55 3.99 2.73
CA ALA A 176 -8.76 4.30 3.45
C ALA A 176 -9.12 3.19 4.44
N GLY A 177 -9.07 1.96 3.95
CA GLY A 177 -9.48 0.83 4.75
C GLY A 177 -8.37 0.31 5.65
N LEU A 178 -7.13 0.45 5.20
CA LEU A 178 -6.00 -0.13 5.90
C LEU A 178 -5.34 0.86 6.85
N CYS A 179 -5.60 2.15 6.65
CA CYS A 179 -4.99 3.20 7.48
C CYS A 179 -5.30 3.00 8.97
N PRO A 180 -6.58 2.74 9.35
CA PRO A 180 -6.93 2.48 10.75
C PRO A 180 -6.12 1.33 11.34
N THR A 181 -5.97 0.27 10.55
CA THR A 181 -5.21 -0.89 10.98
C THR A 181 -3.78 -0.52 11.33
N LEU A 182 -3.12 0.20 10.42
CA LEU A 182 -1.74 0.57 10.60
C LEU A 182 -1.56 1.46 11.80
N ASN A 183 -2.45 2.42 11.94
CA ASN A 183 -2.40 3.35 13.07
C ASN A 183 -2.73 2.61 14.37
N SER A 184 -3.13 1.37 14.25
CA SER A 184 -3.41 0.57 15.43
C SER A 184 -2.16 -0.22 15.78
N LEU A 185 -1.56 -0.82 14.77
CA LEU A 185 -0.33 -1.60 14.97
C LEU A 185 0.79 -0.71 15.50
N VAL A 186 1.10 0.33 14.74
CA VAL A 186 2.19 1.26 15.09
C VAL A 186 1.96 1.93 16.45
N SER A 187 0.72 2.21 16.76
CA SER A 187 0.40 2.89 18.00
C SER A 187 0.24 1.92 19.15
N ASN A 188 0.34 0.63 18.86
CA ASN A 188 0.19 -0.39 19.89
C ASN A 188 1.43 -1.26 20.02
N LEU A 189 2.51 -0.94 19.32
CA LEU A 189 3.71 -1.73 19.45
C LEU A 189 4.50 -1.37 20.71
N ASP A 190 5.75 -1.79 20.70
CA ASP A 190 6.65 -1.63 21.83
C ASP A 190 6.94 -0.17 22.13
N LEU A 191 6.97 0.15 23.43
CA LEU A 191 7.38 1.48 23.88
C LEU A 191 8.87 1.71 23.58
N GLN A 192 9.64 0.64 23.59
CA GLN A 192 11.06 0.74 23.31
C GLN A 192 11.27 1.06 21.84
N LEU A 193 10.45 0.44 21.00
CA LEU A 193 10.44 0.69 19.57
C LEU A 193 10.04 2.13 19.30
N VAL A 194 8.92 2.55 19.91
CA VAL A 194 8.50 3.94 19.89
C VAL A 194 9.68 4.87 20.21
N ASN A 195 10.28 4.66 21.36
CA ASN A 195 11.37 5.51 21.84
C ASN A 195 12.59 5.41 20.94
N ASN A 196 12.87 4.22 20.43
CA ASN A 196 13.99 4.02 19.51
C ASN A 196 13.83 4.87 18.25
N LEU A 197 12.62 4.92 17.71
CA LEU A 197 12.32 5.77 16.57
C LEU A 197 12.48 7.24 16.94
N ILE A 198 11.95 7.59 18.10
CA ILE A 198 12.08 8.93 18.66
C ILE A 198 13.56 9.32 18.80
N ASN A 199 14.29 8.54 19.58
CA ASN A 199 15.73 8.75 19.78
C ASN A 199 16.47 8.80 18.45
N LEU A 200 16.01 8.01 17.49
CA LEU A 200 16.59 8.01 16.16
C LEU A 200 16.41 9.35 15.47
N ILE A 201 15.18 9.84 15.47
CA ILE A 201 14.88 11.12 14.87
C ILE A 201 15.63 12.25 15.58
N LEU A 202 15.65 12.21 16.91
CA LEU A 202 16.38 13.19 17.70
C LEU A 202 17.87 13.14 17.37
N ASP A 203 18.33 11.94 17.07
CA ASP A 203 19.72 11.73 16.69
C ASP A 203 20.00 12.36 15.35
N ARG A 204 19.18 12.03 14.36
CA ARG A 204 19.38 12.52 13.01
C ARG A 204 19.08 14.00 12.93
N ALA A 205 18.24 14.47 13.85
CA ALA A 205 17.91 15.87 13.96
C ALA A 205 19.10 16.65 14.51
N ASN A 206 19.88 15.98 15.35
CA ASN A 206 21.04 16.59 15.97
C ASN A 206 22.24 16.55 15.02
N VAL A 207 22.52 15.37 14.48
CA VAL A 207 23.66 15.19 13.59
C VAL A 207 23.24 15.36 12.12
N ASP A 208 22.43 16.38 11.87
CA ASP A 208 21.93 16.66 10.53
C ASP A 208 22.79 17.73 9.87
N LEU A 209 23.88 18.08 10.54
CA LEU A 209 24.76 19.13 10.06
C LEU A 209 25.89 18.57 9.20
N SER A 210 25.79 17.27 8.89
CA SER A 210 26.77 16.61 8.05
C SER A 210 26.44 16.84 6.58
N VAL A 211 26.50 18.08 6.15
CA VAL A 211 26.22 18.44 4.77
C VAL A 211 27.45 19.05 4.13
N ALA A 1 26.32 1.34 12.48
CA ALA A 1 24.87 1.12 12.26
C ALA A 1 24.17 2.39 11.81
N MET A 2 24.11 3.37 12.70
CA MET A 2 23.46 4.64 12.41
C MET A 2 24.39 5.57 11.64
N ALA A 3 24.62 5.24 10.38
CA ALA A 3 25.50 6.03 9.54
C ALA A 3 24.69 7.06 8.74
N GLN A 4 24.02 6.59 7.71
CA GLN A 4 23.24 7.48 6.85
C GLN A 4 21.80 7.00 6.74
N GLN A 5 21.56 5.82 7.29
CA GLN A 5 20.24 5.22 7.27
C GLN A 5 19.90 4.68 8.66
N ILE A 6 18.71 4.13 8.80
CA ILE A 6 18.27 3.55 10.06
C ILE A 6 19.07 2.28 10.36
N PRO A 7 19.47 2.09 11.64
CA PRO A 7 20.17 0.88 12.06
C PRO A 7 19.31 -0.35 11.81
N PRO A 8 19.85 -1.33 11.06
CA PRO A 8 19.13 -2.56 10.73
C PRO A 8 18.65 -3.29 11.99
N GLU A 9 19.37 -3.07 13.09
CA GLU A 9 18.96 -3.63 14.38
C GLU A 9 17.59 -3.13 14.79
N VAL A 10 17.40 -1.82 14.79
CA VAL A 10 16.15 -1.26 15.25
C VAL A 10 15.07 -1.48 14.20
N SER A 11 15.42 -1.35 12.93
CA SER A 11 14.45 -1.55 11.86
C SER A 11 14.21 -3.04 11.61
N SER A 12 14.61 -3.87 12.56
CA SER A 12 14.27 -5.28 12.53
C SER A 12 13.21 -5.60 13.58
N GLN A 13 13.17 -4.80 14.65
CA GLN A 13 12.23 -5.04 15.73
C GLN A 13 10.95 -4.21 15.56
N ILE A 14 11.06 -3.01 14.98
CA ILE A 14 9.88 -2.21 14.71
C ILE A 14 9.06 -2.89 13.62
N THR A 15 9.75 -3.40 12.62
CA THR A 15 9.11 -4.07 11.50
C THR A 15 8.51 -5.39 11.95
N ASP A 16 9.17 -6.02 12.91
CA ASP A 16 8.68 -7.24 13.52
C ASP A 16 7.30 -7.00 14.06
N ALA A 17 7.24 -5.98 14.87
CA ALA A 17 6.04 -5.59 15.55
C ALA A 17 5.01 -4.99 14.60
N LEU A 18 5.50 -4.20 13.65
CA LEU A 18 4.63 -3.57 12.68
C LEU A 18 3.97 -4.63 11.82
N THR A 19 4.73 -5.66 11.49
CA THR A 19 4.21 -6.74 10.70
C THR A 19 3.39 -7.63 11.61
N GLN A 20 3.81 -7.75 12.87
CA GLN A 20 3.11 -8.50 13.85
C GLN A 20 1.69 -8.01 14.00
N GLY A 21 1.53 -6.69 14.07
CA GLY A 21 0.21 -6.11 14.10
C GLY A 21 -0.59 -6.48 12.86
N LEU A 22 0.09 -6.58 11.72
CA LEU A 22 -0.55 -7.01 10.49
C LEU A 22 -1.03 -8.45 10.65
N LEU A 23 -0.15 -9.28 11.21
CA LEU A 23 -0.42 -10.70 11.40
C LEU A 23 -1.50 -10.89 12.46
N ASP A 24 -1.21 -10.35 13.65
CA ASP A 24 -2.09 -10.45 14.82
C ASP A 24 -3.43 -9.83 14.55
N GLY A 25 -3.42 -8.73 13.83
CA GLY A 25 -4.65 -8.05 13.48
C GLY A 25 -5.40 -8.80 12.41
N ASN A 26 -5.45 -8.22 11.21
CA ASN A 26 -6.14 -8.84 10.08
C ASN A 26 -5.95 -7.98 8.84
N PHE A 27 -4.73 -7.48 8.67
CA PHE A 27 -4.44 -6.51 7.63
C PHE A 27 -4.82 -7.01 6.24
N LEU A 28 -4.37 -8.22 5.88
CA LEU A 28 -4.66 -8.78 4.55
C LEU A 28 -6.15 -9.06 4.38
N SER A 29 -6.84 -9.29 5.50
CA SER A 29 -8.26 -9.58 5.46
C SER A 29 -9.04 -8.31 5.10
N LEU A 30 -8.53 -7.18 5.55
CA LEU A 30 -9.08 -5.87 5.22
C LEU A 30 -9.06 -5.65 3.73
N LEU A 31 -7.90 -5.87 3.11
CA LEU A 31 -7.76 -5.85 1.65
C LEU A 31 -8.87 -6.64 0.99
N ASN A 32 -8.98 -7.90 1.37
CA ASN A 32 -10.03 -8.79 0.87
C ASN A 32 -11.42 -8.18 1.01
N ALA A 33 -11.60 -7.34 2.03
CA ALA A 33 -12.89 -6.77 2.34
C ALA A 33 -13.02 -5.36 1.77
N ILE A 34 -11.90 -4.85 1.25
CA ILE A 34 -11.82 -3.53 0.67
C ILE A 34 -12.82 -3.35 -0.47
N ASN A 35 -13.33 -2.12 -0.62
CA ASN A 35 -14.26 -1.78 -1.69
C ASN A 35 -13.62 -1.98 -3.06
N LEU A 36 -13.75 -3.19 -3.57
CA LEU A 36 -13.16 -3.55 -4.84
C LEU A 36 -14.03 -3.10 -6.00
N GLU A 37 -15.22 -2.62 -5.66
CA GLU A 37 -16.12 -2.05 -6.63
C GLU A 37 -15.47 -0.89 -7.35
N GLY A 38 -14.72 -0.08 -6.62
CA GLY A 38 -14.04 1.04 -7.24
C GLY A 38 -13.18 0.59 -8.40
N LEU A 39 -12.44 -0.49 -8.20
CA LEU A 39 -11.62 -1.07 -9.25
C LEU A 39 -12.48 -1.60 -10.37
N LEU A 40 -13.27 -2.61 -10.04
CA LEU A 40 -14.18 -3.24 -10.99
C LEU A 40 -14.89 -2.19 -11.85
N ASN A 41 -15.57 -1.29 -11.19
CA ASN A 41 -16.32 -0.24 -11.85
C ASN A 41 -15.42 0.67 -12.67
N THR A 42 -14.25 1.04 -12.13
CA THR A 42 -13.28 1.87 -12.86
C THR A 42 -12.76 1.17 -14.12
N ILE A 43 -12.22 -0.02 -13.94
CA ILE A 43 -11.65 -0.79 -15.03
C ILE A 43 -12.66 -0.99 -16.15
N LEU A 44 -13.83 -1.49 -15.80
CA LEU A 44 -14.89 -1.71 -16.77
C LEU A 44 -15.27 -0.41 -17.48
N ASP A 45 -15.38 0.66 -16.71
CA ASP A 45 -15.78 1.96 -17.23
C ASP A 45 -14.85 2.42 -18.36
N GLN A 46 -13.56 2.23 -18.17
CA GLN A 46 -12.57 2.72 -19.12
C GLN A 46 -12.29 1.71 -20.24
N VAL A 47 -12.16 0.42 -19.91
CA VAL A 47 -11.71 -0.56 -20.90
C VAL A 47 -12.79 -0.86 -21.94
N THR A 48 -14.05 -0.66 -21.58
CA THR A 48 -15.17 -0.97 -22.46
C THR A 48 -15.10 -0.15 -23.75
N GLY A 49 -14.84 1.15 -23.60
CA GLY A 49 -14.79 2.02 -24.76
C GLY A 49 -13.58 1.75 -25.63
N LEU A 50 -12.49 1.39 -25.00
CA LEU A 50 -11.24 1.11 -25.69
C LEU A 50 -11.31 -0.13 -26.56
N LEU A 51 -12.04 -1.14 -26.09
CA LEU A 51 -12.04 -2.43 -26.75
C LEU A 51 -13.11 -2.56 -27.84
N ASN A 52 -14.38 -2.48 -27.46
CA ASN A 52 -15.45 -2.82 -28.42
C ASN A 52 -16.83 -2.29 -28.00
N ILE A 53 -17.09 -2.19 -26.71
CA ILE A 53 -18.40 -1.77 -26.21
C ILE A 53 -18.82 -0.40 -26.79
N LEU A 54 -17.84 0.45 -27.08
CA LEU A 54 -18.12 1.77 -27.64
C LEU A 54 -18.71 1.66 -29.05
N VAL A 55 -18.07 0.87 -29.89
CA VAL A 55 -18.51 0.69 -31.26
C VAL A 55 -19.73 -0.23 -31.34
N GLY A 56 -19.88 -1.08 -30.33
CA GLY A 56 -21.00 -2.00 -30.28
C GLY A 56 -22.33 -1.30 -30.17
N PRO A 57 -23.23 -1.49 -31.15
CA PRO A 57 -24.52 -0.80 -31.21
C PRO A 57 -25.42 -1.15 -30.03
N LEU A 58 -25.52 -2.43 -29.73
CA LEU A 58 -26.35 -2.90 -28.63
C LEU A 58 -25.48 -3.30 -27.46
N LEU A 59 -25.16 -4.59 -27.38
CA LEU A 59 -24.27 -5.14 -26.35
C LEU A 59 -24.83 -4.85 -24.95
N GLY A 60 -25.62 -5.79 -24.44
CA GLY A 60 -26.22 -5.63 -23.14
C GLY A 60 -25.19 -5.49 -22.03
N PRO A 61 -25.58 -4.92 -20.88
CA PRO A 61 -24.68 -4.70 -19.75
C PRO A 61 -24.32 -5.99 -19.01
N SER A 62 -23.64 -6.89 -19.70
CA SER A 62 -23.10 -8.09 -19.10
C SER A 62 -21.68 -7.81 -18.63
N ASP A 63 -21.57 -7.30 -17.41
CA ASP A 63 -20.32 -6.79 -16.89
C ASP A 63 -19.47 -7.91 -16.32
N ALA A 64 -18.42 -7.51 -15.64
CA ALA A 64 -17.51 -8.42 -15.01
C ALA A 64 -17.68 -8.36 -13.50
N GLU A 65 -16.90 -9.17 -12.80
CA GLU A 65 -16.92 -9.20 -11.35
C GLU A 65 -15.49 -9.20 -10.86
N ILE A 66 -15.26 -8.61 -9.72
CA ILE A 66 -13.88 -8.43 -9.26
C ILE A 66 -13.67 -9.12 -7.93
N LYS A 67 -12.48 -9.70 -7.77
CA LYS A 67 -12.15 -10.45 -6.58
C LYS A 67 -10.66 -10.31 -6.31
N LEU A 68 -10.27 -10.39 -5.06
CA LEU A 68 -8.86 -10.46 -4.73
C LEU A 68 -8.38 -11.89 -4.82
N GLN A 69 -7.19 -12.05 -5.35
CA GLN A 69 -6.66 -13.34 -5.71
C GLN A 69 -5.67 -13.85 -4.68
N ASP A 70 -4.59 -13.10 -4.50
CA ASP A 70 -3.54 -13.48 -3.57
C ASP A 70 -3.05 -12.26 -2.84
N THR A 71 -3.42 -12.15 -1.60
CA THR A 71 -2.97 -11.07 -0.76
C THR A 71 -1.97 -11.58 0.25
N ARG A 72 -0.82 -10.92 0.26
CA ARG A 72 0.26 -11.30 1.13
C ARG A 72 1.10 -10.10 1.50
N LEU A 73 1.98 -10.32 2.45
CA LEU A 73 2.87 -9.29 2.97
C LEU A 73 4.32 -9.69 2.81
N LEU A 74 5.18 -8.73 2.50
CA LEU A 74 6.60 -8.98 2.38
C LEU A 74 7.31 -8.46 3.63
N GLN A 75 8.59 -8.18 3.52
CA GLN A 75 9.37 -7.73 4.66
C GLN A 75 9.36 -6.22 4.75
N LEU A 76 8.93 -5.77 5.89
CA LEU A 76 8.78 -4.35 6.19
C LEU A 76 10.12 -3.66 6.38
N SER A 77 10.10 -2.34 6.36
CA SER A 77 11.30 -1.53 6.55
C SER A 77 10.92 -0.13 6.98
N LEU A 78 11.92 0.62 7.36
CA LEU A 78 11.75 1.99 7.85
C LEU A 78 12.82 2.88 7.23
N GLU A 79 12.48 4.14 7.01
CA GLU A 79 13.43 5.12 6.46
C GLU A 79 13.32 6.44 7.21
N PHE A 80 14.40 7.18 7.28
CA PHE A 80 14.34 8.53 7.83
C PHE A 80 13.62 9.42 6.84
N SER A 81 12.62 10.14 7.32
CA SER A 81 11.77 10.94 6.45
C SER A 81 12.53 12.15 5.92
N PRO A 82 12.41 12.42 4.61
CA PRO A 82 13.10 13.55 3.96
C PRO A 82 12.60 14.90 4.46
N ASP A 83 11.41 14.91 5.05
CA ASP A 83 10.87 16.13 5.66
C ASP A 83 11.40 16.27 7.08
N SER A 84 11.96 15.15 7.56
CA SER A 84 12.64 15.07 8.85
C SER A 84 11.66 15.09 10.01
N LYS A 85 12.20 14.97 11.23
CA LYS A 85 11.42 14.90 12.45
C LYS A 85 10.39 13.76 12.37
N GLY A 86 10.79 12.69 11.71
CA GLY A 86 9.92 11.55 11.55
C GLY A 86 10.55 10.47 10.71
N ILE A 87 9.91 9.32 10.69
CA ILE A 87 10.39 8.17 9.94
C ILE A 87 9.29 7.62 9.05
N ASP A 88 9.65 7.20 7.84
CA ASP A 88 8.70 6.66 6.89
C ASP A 88 8.69 5.15 6.99
N ILE A 89 7.58 4.58 7.41
CA ILE A 89 7.47 3.14 7.53
C ILE A 89 6.88 2.57 6.26
N TRP A 90 7.64 1.69 5.63
CA TRP A 90 7.23 1.10 4.37
C TRP A 90 6.75 -0.32 4.58
N ILE A 91 5.44 -0.48 4.54
CA ILE A 91 4.84 -1.79 4.63
C ILE A 91 4.56 -2.33 3.23
N PRO A 92 5.42 -3.22 2.76
CA PRO A 92 5.31 -3.80 1.43
C PRO A 92 4.19 -4.83 1.35
N LEU A 93 3.32 -4.66 0.37
CA LEU A 93 2.23 -5.59 0.12
C LEU A 93 2.37 -6.22 -1.26
N GLU A 94 1.87 -7.43 -1.35
CA GLU A 94 1.75 -8.14 -2.61
C GLU A 94 0.34 -8.67 -2.73
N LEU A 95 -0.45 -8.08 -3.57
CA LEU A 95 -1.81 -8.54 -3.76
C LEU A 95 -2.12 -8.68 -5.23
N SER A 96 -2.97 -9.63 -5.54
CA SER A 96 -3.35 -9.88 -6.90
C SER A 96 -4.85 -9.71 -7.04
N VAL A 97 -5.28 -9.10 -8.12
CA VAL A 97 -6.70 -8.88 -8.33
C VAL A 97 -7.18 -9.70 -9.51
N TYR A 98 -8.24 -10.46 -9.30
CA TYR A 98 -8.77 -11.34 -10.31
C TYR A 98 -10.09 -10.79 -10.85
N LEU A 99 -10.13 -10.54 -12.15
CA LEU A 99 -11.37 -10.10 -12.81
C LEU A 99 -12.09 -11.29 -13.43
N LYS A 100 -13.40 -11.35 -13.22
CA LYS A 100 -14.24 -12.40 -13.80
C LYS A 100 -15.11 -11.79 -14.90
N LEU A 101 -14.67 -11.91 -16.14
CA LEU A 101 -15.37 -11.29 -17.26
C LEU A 101 -16.55 -12.13 -17.72
N LEU A 102 -17.43 -11.52 -18.50
CA LEU A 102 -18.64 -12.19 -18.97
C LEU A 102 -18.31 -13.49 -19.71
N ILE A 103 -17.54 -13.40 -20.79
CA ILE A 103 -17.14 -14.58 -21.54
C ILE A 103 -15.64 -14.60 -21.76
N LEU A 104 -15.08 -13.42 -22.04
CA LEU A 104 -13.63 -13.23 -22.10
C LEU A 104 -12.94 -13.88 -20.92
N GLU A 105 -11.79 -14.49 -21.18
CA GLU A 105 -11.01 -15.17 -20.16
C GLU A 105 -10.71 -14.21 -18.99
N PRO A 106 -10.87 -14.70 -17.75
CA PRO A 106 -10.59 -13.90 -16.56
C PRO A 106 -9.13 -13.49 -16.46
N LEU A 107 -8.88 -12.22 -16.23
CA LEU A 107 -7.53 -11.71 -16.15
C LEU A 107 -7.16 -11.45 -14.71
N THR A 108 -5.89 -11.53 -14.41
CA THR A 108 -5.42 -11.29 -13.07
C THR A 108 -4.38 -10.17 -13.08
N LEU A 109 -4.45 -9.30 -12.10
CA LEU A 109 -3.49 -8.22 -11.96
C LEU A 109 -2.63 -8.46 -10.74
N TYR A 110 -1.41 -7.96 -10.78
CA TYR A 110 -0.49 -8.10 -9.66
C TYR A 110 -0.02 -6.73 -9.24
N VAL A 111 -0.08 -6.43 -7.96
CA VAL A 111 0.43 -5.17 -7.49
C VAL A 111 1.40 -5.37 -6.35
N ARG A 112 2.52 -4.71 -6.45
CA ARG A 112 3.52 -4.69 -5.41
C ARG A 112 3.58 -3.28 -4.87
N THR A 113 2.85 -3.04 -3.81
CA THR A 113 2.70 -1.70 -3.28
C THR A 113 3.39 -1.61 -1.92
N ASP A 114 3.99 -0.47 -1.63
CA ASP A 114 4.61 -0.26 -0.34
C ASP A 114 3.88 0.84 0.40
N ILE A 115 3.17 0.49 1.47
CA ILE A 115 2.55 1.49 2.31
C ILE A 115 3.60 2.42 2.89
N ARG A 116 3.26 3.68 3.02
CA ARG A 116 4.17 4.65 3.56
C ARG A 116 3.46 5.49 4.60
N VAL A 117 3.55 5.07 5.84
CA VAL A 117 2.98 5.84 6.93
C VAL A 117 4.11 6.51 7.68
N GLN A 118 3.90 7.76 8.01
CA GLN A 118 4.94 8.53 8.67
C GLN A 118 4.72 8.57 10.16
N LEU A 119 5.69 8.05 10.88
CA LEU A 119 5.69 8.17 12.32
C LEU A 119 6.61 9.31 12.70
N ARG A 120 5.99 10.46 12.85
CA ARG A 120 6.70 11.66 13.21
C ARG A 120 7.13 11.59 14.66
N LEU A 121 7.91 12.54 15.09
CA LEU A 121 8.36 12.57 16.44
C LEU A 121 7.96 13.89 17.07
N GLU A 122 7.21 13.79 18.15
CA GLU A 122 6.65 14.94 18.81
C GLU A 122 6.82 14.82 20.31
N SER A 123 6.48 15.88 21.00
CA SER A 123 6.55 15.93 22.44
C SER A 123 5.18 16.20 23.05
N ASP A 124 4.90 15.52 24.15
CA ASP A 124 3.62 15.65 24.84
C ASP A 124 3.64 16.83 25.77
N GLU A 125 2.60 16.96 26.59
CA GLU A 125 2.50 18.07 27.54
C GLU A 125 3.66 18.00 28.54
N ASP A 126 4.02 16.78 28.96
CA ASP A 126 5.13 16.56 29.88
C ASP A 126 6.48 16.83 29.22
N GLY A 127 6.47 17.23 27.95
CA GLY A 127 7.70 17.41 27.22
C GLY A 127 8.32 16.09 26.82
N LYS A 128 7.60 15.01 27.08
CA LYS A 128 8.03 13.68 26.74
C LYS A 128 7.77 13.39 25.30
N TYR A 129 8.53 12.47 24.77
CA TYR A 129 8.48 12.18 23.35
C TYR A 129 7.64 10.95 23.07
N ARG A 130 6.98 11.00 21.94
CA ARG A 130 6.10 9.93 21.53
C ARG A 130 6.19 9.77 20.03
N LEU A 131 5.57 8.71 19.55
CA LEU A 131 5.49 8.47 18.13
C LEU A 131 4.26 9.18 17.58
N ALA A 132 4.47 10.06 16.64
CA ALA A 132 3.39 10.88 16.10
C ALA A 132 2.97 10.42 14.71
N PHE A 133 1.98 9.54 14.68
CA PHE A 133 1.43 9.05 13.42
C PHE A 133 0.81 10.21 12.64
N GLY A 134 1.53 10.71 11.65
CA GLY A 134 1.12 11.92 10.98
C GLY A 134 0.66 11.71 9.54
N HIS A 135 1.03 10.60 8.94
CA HIS A 135 0.72 10.36 7.54
C HIS A 135 0.54 8.88 7.31
N CYS A 136 -0.37 8.50 6.42
CA CYS A 136 -0.62 7.09 6.15
C CYS A 136 -1.14 6.88 4.74
N SER A 137 -0.24 6.90 3.78
CA SER A 137 -0.60 6.68 2.39
C SER A 137 -0.01 5.37 1.89
N LEU A 138 -0.70 4.71 0.97
CA LEU A 138 -0.14 3.54 0.34
C LEU A 138 0.43 3.90 -1.02
N LEU A 139 1.58 3.32 -1.34
CA LEU A 139 2.28 3.68 -2.56
C LEU A 139 2.48 2.48 -3.47
N PRO A 140 1.79 2.46 -4.61
CA PRO A 140 1.84 1.35 -5.55
C PRO A 140 3.11 1.38 -6.40
N ARG A 141 4.04 0.49 -6.08
CA ARG A 141 5.32 0.46 -6.75
C ARG A 141 5.25 -0.36 -8.04
N ALA A 142 4.47 -1.43 -8.01
CA ALA A 142 4.37 -2.32 -9.16
C ALA A 142 2.94 -2.74 -9.42
N ILE A 143 2.56 -2.72 -10.69
CA ILE A 143 1.28 -3.23 -11.14
C ILE A 143 1.47 -3.99 -12.46
N GLU A 144 1.59 -5.30 -12.38
CA GLU A 144 1.85 -6.13 -13.54
C GLU A 144 0.61 -6.92 -13.95
N LEU A 145 0.51 -7.22 -15.24
CA LEU A 145 -0.59 -8.00 -15.77
C LEU A 145 -0.29 -9.49 -15.74
N GLN A 146 -1.16 -10.24 -15.08
CA GLN A 146 -0.99 -11.67 -14.90
C GLN A 146 -2.02 -12.44 -15.75
N SER A 147 -1.80 -12.51 -17.05
CA SER A 147 -2.74 -13.20 -17.93
C SER A 147 -2.01 -14.05 -18.97
N GLY A 148 -0.71 -14.22 -18.78
CA GLY A 148 0.06 -15.03 -19.70
C GLY A 148 0.49 -14.25 -20.92
N ASN A 149 -0.26 -14.39 -22.01
CA ASN A 149 0.07 -13.73 -23.26
C ASN A 149 -0.96 -12.67 -23.61
N PRO A 150 -0.52 -11.59 -24.27
CA PRO A 150 -1.41 -10.52 -24.70
C PRO A 150 -2.02 -10.78 -26.09
N LEU A 151 -1.73 -11.96 -26.63
CA LEU A 151 -2.21 -12.32 -27.95
C LEU A 151 -3.68 -12.71 -27.93
N SER A 152 -4.00 -13.75 -27.18
CA SER A 152 -5.33 -14.31 -27.17
C SER A 152 -6.25 -13.56 -26.19
N LEU A 153 -5.72 -12.55 -25.52
CA LEU A 153 -6.51 -11.78 -24.57
C LEU A 153 -6.64 -10.33 -25.04
N PRO A 154 -7.77 -9.69 -24.70
CA PRO A 154 -8.04 -8.31 -25.04
C PRO A 154 -7.35 -7.34 -24.08
N VAL A 155 -6.06 -7.53 -23.90
CA VAL A 155 -5.29 -6.73 -22.96
C VAL A 155 -4.37 -5.75 -23.68
N ASN A 156 -3.36 -5.24 -22.96
CA ASN A 156 -2.41 -4.25 -23.50
C ASN A 156 -3.06 -2.89 -23.62
N ALA A 157 -4.13 -2.81 -24.38
CA ALA A 157 -4.92 -1.58 -24.50
C ALA A 157 -5.46 -1.16 -23.16
N VAL A 158 -5.62 -2.13 -22.29
CA VAL A 158 -6.23 -1.93 -20.98
C VAL A 158 -5.17 -1.70 -19.91
N LEU A 159 -3.91 -1.86 -20.26
CA LEU A 159 -2.83 -1.87 -19.27
C LEU A 159 -2.77 -0.55 -18.51
N GLY A 160 -2.72 0.55 -19.25
CA GLY A 160 -2.74 1.87 -18.63
C GLY A 160 -3.93 2.06 -17.71
N THR A 161 -5.05 1.43 -18.06
CA THR A 161 -6.25 1.52 -17.24
C THR A 161 -6.11 0.68 -15.97
N ILE A 162 -5.54 -0.51 -16.12
CA ILE A 162 -5.24 -1.37 -14.97
C ILE A 162 -4.32 -0.64 -13.99
N GLU A 163 -3.31 0.02 -14.52
CA GLU A 163 -2.37 0.76 -13.69
C GLU A 163 -3.02 2.04 -13.17
N ASN A 164 -3.91 2.60 -13.96
CA ASN A 164 -4.74 3.72 -13.53
C ASN A 164 -5.57 3.30 -12.32
N ALA A 165 -6.21 2.16 -12.46
CA ALA A 165 -7.13 1.65 -11.47
C ALA A 165 -6.41 1.16 -10.22
N LEU A 166 -5.46 0.25 -10.39
CA LEU A 166 -4.73 -0.29 -9.26
C LEU A 166 -3.97 0.82 -8.56
N GLY A 167 -3.28 1.65 -9.34
CA GLY A 167 -2.56 2.78 -8.77
C GLY A 167 -3.48 3.75 -8.06
N ASN A 168 -4.77 3.65 -8.34
CA ASN A 168 -5.77 4.43 -7.63
C ASN A 168 -6.20 3.72 -6.36
N PHE A 169 -6.40 2.42 -6.47
CA PHE A 169 -7.01 1.65 -5.42
C PHE A 169 -6.07 1.44 -4.24
N ILE A 170 -4.79 1.30 -4.52
CA ILE A 170 -3.81 1.22 -3.45
C ILE A 170 -3.83 2.49 -2.61
N THR A 171 -3.74 3.62 -3.29
CA THR A 171 -3.54 4.87 -2.61
C THR A 171 -4.83 5.37 -1.99
N GLU A 172 -5.86 5.42 -2.82
CA GLU A 172 -7.14 5.97 -2.42
C GLU A 172 -7.98 5.00 -1.60
N ASP A 173 -8.14 3.77 -2.08
CA ASP A 173 -9.03 2.83 -1.40
C ASP A 173 -8.31 2.10 -0.26
N LEU A 174 -7.10 1.61 -0.53
CA LEU A 174 -6.35 0.92 0.50
C LEU A 174 -5.89 1.89 1.57
N GLY A 175 -5.39 3.05 1.16
CA GLY A 175 -5.07 4.12 2.10
C GLY A 175 -6.28 4.60 2.91
N ALA A 176 -7.44 4.04 2.62
CA ALA A 176 -8.65 4.37 3.35
C ALA A 176 -9.01 3.23 4.30
N GLY A 177 -9.00 2.02 3.77
CA GLY A 177 -9.42 0.86 4.54
C GLY A 177 -8.34 0.33 5.45
N LEU A 178 -7.10 0.69 5.17
CA LEU A 178 -5.96 0.13 5.91
C LEU A 178 -5.26 1.18 6.76
N CYS A 179 -5.54 2.44 6.48
CA CYS A 179 -4.94 3.56 7.22
C CYS A 179 -5.17 3.44 8.74
N PRO A 180 -6.43 3.23 9.20
CA PRO A 180 -6.72 3.10 10.63
C PRO A 180 -5.92 1.98 11.28
N THR A 181 -5.80 0.87 10.56
CA THR A 181 -5.08 -0.29 11.05
C THR A 181 -3.63 0.04 11.40
N LEU A 182 -2.95 0.72 10.49
CA LEU A 182 -1.57 1.09 10.71
C LEU A 182 -1.43 1.95 11.95
N ASN A 183 -2.33 2.90 12.11
CA ASN A 183 -2.29 3.78 13.28
C ASN A 183 -2.59 2.99 14.56
N SER A 184 -3.07 1.78 14.39
CA SER A 184 -3.40 0.95 15.53
C SER A 184 -2.19 0.11 15.91
N LEU A 185 -1.58 -0.51 14.91
CA LEU A 185 -0.42 -1.36 15.11
C LEU A 185 0.75 -0.56 15.68
N VAL A 186 1.10 0.51 14.97
CA VAL A 186 2.22 1.36 15.37
C VAL A 186 2.02 1.94 16.76
N SER A 187 0.80 2.27 17.07
CA SER A 187 0.48 2.93 18.34
C SER A 187 0.36 1.92 19.47
N ASN A 188 0.41 0.65 19.13
CA ASN A 188 0.23 -0.41 20.11
C ASN A 188 1.44 -1.32 20.22
N LEU A 189 2.51 -1.03 19.50
CA LEU A 189 3.71 -1.86 19.60
C LEU A 189 4.53 -1.56 20.85
N ASP A 190 5.77 -1.99 20.80
CA ASP A 190 6.70 -1.88 21.91
C ASP A 190 7.06 -0.44 22.25
N LEU A 191 7.17 -0.15 23.54
CA LEU A 191 7.63 1.14 24.02
C LEU A 191 9.10 1.33 23.66
N GLN A 192 9.86 0.23 23.62
CA GLN A 192 11.26 0.30 23.23
C GLN A 192 11.35 0.74 21.78
N LEU A 193 10.46 0.18 20.98
CA LEU A 193 10.37 0.48 19.56
C LEU A 193 9.96 1.93 19.36
N VAL A 194 8.88 2.33 20.04
CA VAL A 194 8.45 3.72 20.07
C VAL A 194 9.63 4.65 20.30
N ASN A 195 10.35 4.41 21.39
CA ASN A 195 11.50 5.22 21.75
C ASN A 195 12.61 5.12 20.73
N ASN A 196 12.79 3.93 20.13
CA ASN A 196 13.80 3.73 19.10
C ASN A 196 13.63 4.70 17.94
N LEU A 197 12.38 4.89 17.49
CA LEU A 197 12.12 5.85 16.42
C LEU A 197 12.43 7.27 16.91
N ILE A 198 11.91 7.58 18.08
CA ILE A 198 12.13 8.85 18.76
C ILE A 198 13.63 9.17 18.88
N ASN A 199 14.35 8.36 19.64
CA ASN A 199 15.79 8.56 19.87
C ASN A 199 16.56 8.67 18.56
N LEU A 200 16.13 7.93 17.55
CA LEU A 200 16.75 7.99 16.24
C LEU A 200 16.55 9.36 15.60
N ILE A 201 15.31 9.81 15.61
CA ILE A 201 14.99 11.11 15.07
C ILE A 201 15.69 12.22 15.85
N LEU A 202 15.73 12.08 17.17
CA LEU A 202 16.43 13.04 18.02
C LEU A 202 17.91 13.07 17.66
N ASP A 203 18.41 11.91 17.26
CA ASP A 203 19.80 11.77 16.83
C ASP A 203 20.03 12.55 15.53
N ARG A 204 19.14 12.34 14.59
CA ARG A 204 19.21 13.02 13.30
C ARG A 204 18.93 14.50 13.47
N ALA A 205 18.03 14.81 14.38
CA ALA A 205 17.65 16.17 14.69
C ALA A 205 18.81 16.91 15.34
N ASN A 206 19.64 16.16 16.06
CA ASN A 206 20.78 16.73 16.76
C ASN A 206 21.90 17.10 15.80
N VAL A 207 22.16 16.22 14.84
CA VAL A 207 23.20 16.47 13.86
C VAL A 207 22.72 17.48 12.81
N ASP A 208 21.50 17.30 12.33
CA ASP A 208 20.90 18.26 11.42
C ASP A 208 20.10 19.28 12.22
N LEU A 209 20.82 20.08 13.00
CA LEU A 209 20.19 21.00 13.93
C LEU A 209 20.31 22.45 13.44
N SER A 210 20.42 22.62 12.12
CA SER A 210 20.46 23.94 11.55
C SER A 210 19.05 24.52 11.47
N VAL A 211 18.08 23.61 11.47
CA VAL A 211 16.67 23.98 11.50
C VAL A 211 15.89 23.02 12.40
N ALA A 1 23.77 -0.15 5.13
CA ALA A 1 22.61 0.13 4.26
C ALA A 1 23.07 0.84 2.99
N MET A 2 22.12 1.27 2.17
CA MET A 2 22.46 1.94 0.91
C MET A 2 22.98 3.35 1.17
N ALA A 3 22.24 4.11 1.95
CA ALA A 3 22.59 5.49 2.26
C ALA A 3 22.57 5.72 3.76
N GLN A 4 22.47 6.98 4.17
CA GLN A 4 22.32 7.33 5.57
C GLN A 4 20.94 6.94 6.05
N GLN A 5 20.82 5.72 6.57
CA GLN A 5 19.52 5.15 6.86
C GLN A 5 19.46 4.59 8.28
N ILE A 6 18.33 3.96 8.58
CA ILE A 6 18.07 3.39 9.89
C ILE A 6 18.90 2.12 10.13
N PRO A 7 19.37 1.92 11.38
CA PRO A 7 20.08 0.70 11.75
C PRO A 7 19.21 -0.52 11.55
N PRO A 8 19.73 -1.52 10.80
CA PRO A 8 19.03 -2.78 10.59
C PRO A 8 18.69 -3.47 11.91
N GLU A 9 19.46 -3.12 12.94
CA GLU A 9 19.21 -3.57 14.30
C GLU A 9 17.83 -3.14 14.77
N VAL A 10 17.58 -1.84 14.79
CA VAL A 10 16.32 -1.34 15.31
C VAL A 10 15.21 -1.60 14.31
N SER A 11 15.50 -1.45 13.02
CA SER A 11 14.52 -1.67 11.98
C SER A 11 14.22 -3.17 11.82
N SER A 12 14.80 -3.99 12.70
CA SER A 12 14.53 -5.41 12.70
C SER A 12 13.36 -5.71 13.64
N GLN A 13 13.28 -4.95 14.73
CA GLN A 13 12.28 -5.22 15.76
C GLN A 13 11.01 -4.39 15.55
N ILE A 14 11.13 -3.20 14.97
CA ILE A 14 9.96 -2.39 14.68
C ILE A 14 9.13 -3.06 13.61
N THR A 15 9.81 -3.59 12.61
CA THR A 15 9.15 -4.25 11.50
C THR A 15 8.55 -5.57 11.95
N ASP A 16 9.21 -6.19 12.91
CA ASP A 16 8.73 -7.42 13.53
C ASP A 16 7.36 -7.18 14.09
N ALA A 17 7.30 -6.15 14.90
CA ALA A 17 6.10 -5.76 15.59
C ALA A 17 5.07 -5.16 14.66
N LEU A 18 5.55 -4.35 13.72
CA LEU A 18 4.68 -3.71 12.76
C LEU A 18 4.05 -4.73 11.86
N THR A 19 4.81 -5.77 11.52
CA THR A 19 4.28 -6.82 10.70
C THR A 19 3.41 -7.70 11.57
N GLN A 20 3.81 -7.82 12.83
CA GLN A 20 3.04 -8.55 13.80
C GLN A 20 1.64 -7.99 13.94
N GLY A 21 1.54 -6.67 13.96
CA GLY A 21 0.24 -6.03 13.94
C GLY A 21 -0.52 -6.37 12.68
N LEU A 22 0.21 -6.49 11.58
CA LEU A 22 -0.38 -6.93 10.32
C LEU A 22 -0.88 -8.37 10.46
N LEU A 23 -0.04 -9.22 11.04
CA LEU A 23 -0.36 -10.62 11.25
C LEU A 23 -1.54 -10.76 12.19
N ASP A 24 -1.38 -10.21 13.39
CA ASP A 24 -2.39 -10.32 14.45
C ASP A 24 -3.65 -9.55 14.08
N GLY A 25 -3.46 -8.45 13.36
CA GLY A 25 -4.58 -7.59 13.01
C GLY A 25 -5.15 -7.90 11.64
N ASN A 26 -4.79 -9.07 11.09
CA ASN A 26 -5.29 -9.56 9.79
C ASN A 26 -5.36 -8.46 8.73
N PHE A 27 -4.21 -7.84 8.45
CA PHE A 27 -4.12 -6.77 7.47
C PHE A 27 -4.47 -7.26 6.07
N LEU A 28 -4.03 -8.46 5.71
CA LEU A 28 -4.35 -9.03 4.40
C LEU A 28 -5.85 -9.30 4.27
N SER A 29 -6.50 -9.55 5.40
CA SER A 29 -7.92 -9.82 5.41
C SER A 29 -8.71 -8.53 5.17
N LEU A 30 -8.15 -7.40 5.61
CA LEU A 30 -8.73 -6.10 5.33
C LEU A 30 -8.85 -5.88 3.84
N LEU A 31 -7.74 -6.07 3.13
CA LEU A 31 -7.71 -5.98 1.68
C LEU A 31 -8.80 -6.84 1.09
N ASN A 32 -8.82 -8.08 1.53
CA ASN A 32 -9.85 -9.04 1.14
C ASN A 32 -11.25 -8.48 1.36
N ALA A 33 -11.40 -7.62 2.37
CA ALA A 33 -12.70 -7.09 2.75
C ALA A 33 -12.92 -5.70 2.16
N ILE A 34 -11.87 -5.18 1.56
CA ILE A 34 -11.89 -3.89 0.89
C ILE A 34 -12.91 -3.91 -0.23
N ASN A 35 -13.79 -2.92 -0.25
CA ASN A 35 -14.81 -2.84 -1.29
C ASN A 35 -14.14 -2.66 -2.64
N LEU A 36 -14.12 -3.73 -3.40
CA LEU A 36 -13.30 -3.82 -4.60
C LEU A 36 -14.06 -3.36 -5.82
N GLU A 37 -15.29 -2.93 -5.63
CA GLU A 37 -16.12 -2.58 -6.76
C GLU A 37 -15.67 -1.27 -7.37
N GLY A 38 -14.92 -0.47 -6.61
CA GLY A 38 -14.38 0.76 -7.15
C GLY A 38 -13.40 0.48 -8.26
N LEU A 39 -12.57 -0.54 -8.06
CA LEU A 39 -11.71 -1.03 -9.11
C LEU A 39 -12.54 -1.60 -10.23
N LEU A 40 -13.35 -2.58 -9.87
CA LEU A 40 -14.29 -3.22 -10.79
C LEU A 40 -14.93 -2.18 -11.72
N ASN A 41 -15.62 -1.21 -11.13
CA ASN A 41 -16.35 -0.24 -11.93
C ASN A 41 -15.42 0.70 -12.70
N THR A 42 -14.27 1.05 -12.12
CA THR A 42 -13.27 1.86 -12.82
C THR A 42 -12.72 1.12 -14.04
N ILE A 43 -12.22 -0.08 -13.81
CA ILE A 43 -11.67 -0.91 -14.86
C ILE A 43 -12.67 -1.11 -15.99
N LEU A 44 -13.87 -1.57 -15.63
CA LEU A 44 -14.92 -1.78 -16.62
C LEU A 44 -15.19 -0.52 -17.42
N ASP A 45 -15.29 0.61 -16.73
CA ASP A 45 -15.56 1.90 -17.37
C ASP A 45 -14.55 2.19 -18.49
N GLN A 46 -13.28 2.00 -18.18
CA GLN A 46 -12.23 2.41 -19.10
C GLN A 46 -11.85 1.32 -20.10
N VAL A 47 -11.81 0.05 -19.68
CA VAL A 47 -11.34 -1.02 -20.57
C VAL A 47 -12.38 -1.37 -21.63
N THR A 48 -13.65 -1.12 -21.34
CA THR A 48 -14.70 -1.44 -22.29
C THR A 48 -14.64 -0.48 -23.49
N GLY A 49 -14.30 0.77 -23.23
CA GLY A 49 -14.14 1.73 -24.31
C GLY A 49 -12.82 1.53 -25.03
N LEU A 50 -11.78 1.28 -24.26
CA LEU A 50 -10.46 1.01 -24.76
C LEU A 50 -10.44 -0.15 -25.77
N LEU A 51 -11.16 -1.21 -25.44
CA LEU A 51 -11.20 -2.39 -26.30
C LEU A 51 -12.39 -2.35 -27.26
N ASN A 52 -13.06 -1.20 -27.29
CA ASN A 52 -14.16 -0.95 -28.23
C ASN A 52 -15.29 -1.97 -28.05
N ILE A 53 -15.64 -2.25 -26.81
CA ILE A 53 -16.68 -3.21 -26.51
C ILE A 53 -18.05 -2.54 -26.46
N LEU A 54 -18.03 -1.24 -26.19
CA LEU A 54 -19.25 -0.46 -26.01
C LEU A 54 -19.91 -0.15 -27.34
N VAL A 55 -20.56 -1.15 -27.88
CA VAL A 55 -21.35 -1.01 -29.10
C VAL A 55 -22.82 -0.84 -28.73
N GLY A 56 -23.43 -1.93 -28.30
CA GLY A 56 -24.77 -1.89 -27.76
C GLY A 56 -25.01 -3.00 -26.75
N PRO A 57 -24.18 -3.06 -25.72
CA PRO A 57 -24.22 -4.12 -24.70
C PRO A 57 -25.38 -3.96 -23.72
N LEU A 58 -26.47 -3.45 -24.23
CA LEU A 58 -27.65 -3.20 -23.42
C LEU A 58 -28.51 -4.47 -23.33
N LEU A 59 -27.88 -5.56 -22.90
CA LEU A 59 -28.57 -6.83 -22.76
C LEU A 59 -28.77 -7.15 -21.28
N GLY A 60 -28.98 -6.10 -20.49
CA GLY A 60 -29.10 -6.28 -19.06
C GLY A 60 -27.73 -6.27 -18.41
N PRO A 61 -27.61 -6.86 -17.21
CA PRO A 61 -26.32 -6.97 -16.50
C PRO A 61 -25.26 -7.66 -17.34
N SER A 62 -24.50 -6.87 -18.08
CA SER A 62 -23.44 -7.37 -18.93
C SER A 62 -22.11 -6.82 -18.47
N ASP A 63 -21.82 -7.01 -17.20
CA ASP A 63 -20.62 -6.47 -16.57
C ASP A 63 -19.71 -7.59 -16.13
N ALA A 64 -18.77 -7.23 -15.27
CA ALA A 64 -17.87 -8.18 -14.67
C ALA A 64 -18.03 -8.16 -13.16
N GLU A 65 -17.23 -8.96 -12.48
CA GLU A 65 -17.21 -8.97 -11.03
C GLU A 65 -15.77 -9.12 -10.58
N ILE A 66 -15.44 -8.50 -9.47
CA ILE A 66 -14.06 -8.38 -9.07
C ILE A 66 -13.79 -9.11 -7.76
N LYS A 67 -12.62 -9.72 -7.67
CA LYS A 67 -12.23 -10.50 -6.52
C LYS A 67 -10.74 -10.28 -6.25
N LEU A 68 -10.32 -10.42 -5.01
CA LEU A 68 -8.89 -10.52 -4.74
C LEU A 68 -8.43 -11.94 -4.93
N GLN A 69 -7.27 -12.09 -5.54
CA GLN A 69 -6.78 -13.40 -5.98
C GLN A 69 -5.74 -13.93 -5.02
N ASP A 70 -4.68 -13.17 -4.84
CA ASP A 70 -3.58 -13.58 -3.98
C ASP A 70 -3.03 -12.41 -3.21
N THR A 71 -3.31 -12.39 -1.94
CA THR A 71 -2.85 -11.34 -1.07
C THR A 71 -1.81 -11.85 -0.11
N ARG A 72 -0.67 -11.20 -0.12
CA ARG A 72 0.40 -11.49 0.79
C ARG A 72 1.13 -10.21 1.15
N LEU A 73 1.99 -10.34 2.10
CA LEU A 73 2.70 -9.22 2.67
C LEU A 73 4.18 -9.59 2.82
N LEU A 74 5.07 -8.64 2.52
CA LEU A 74 6.50 -8.93 2.53
C LEU A 74 7.16 -8.39 3.79
N GLN A 75 8.46 -8.17 3.73
CA GLN A 75 9.22 -7.75 4.88
C GLN A 75 9.30 -6.23 4.93
N LEU A 76 8.88 -5.73 6.04
CA LEU A 76 8.76 -4.30 6.31
C LEU A 76 10.11 -3.64 6.48
N SER A 77 10.11 -2.30 6.51
CA SER A 77 11.32 -1.53 6.76
C SER A 77 10.93 -0.09 7.08
N LEU A 78 11.80 0.58 7.81
CA LEU A 78 11.61 1.97 8.15
C LEU A 78 12.70 2.82 7.52
N GLU A 79 12.38 4.08 7.31
CA GLU A 79 13.32 5.06 6.76
C GLU A 79 13.19 6.37 7.51
N PHE A 80 14.27 7.15 7.55
CA PHE A 80 14.20 8.48 8.12
C PHE A 80 13.45 9.40 7.19
N SER A 81 12.52 10.16 7.76
CA SER A 81 11.71 11.09 6.99
C SER A 81 12.57 12.22 6.45
N PRO A 82 12.26 12.72 5.26
CA PRO A 82 12.94 13.88 4.69
C PRO A 82 12.60 15.15 5.47
N ASP A 83 11.76 14.98 6.48
CA ASP A 83 11.38 16.07 7.36
C ASP A 83 12.38 16.17 8.51
N SER A 84 13.19 15.12 8.69
CA SER A 84 14.20 15.06 9.74
C SER A 84 13.58 14.98 11.15
N LYS A 85 12.26 14.86 11.21
CA LYS A 85 11.55 14.79 12.49
C LYS A 85 10.47 13.73 12.45
N GLY A 86 10.80 12.66 11.78
CA GLY A 86 9.91 11.53 11.70
C GLY A 86 10.56 10.36 10.97
N ILE A 87 9.84 9.26 10.92
CA ILE A 87 10.31 8.07 10.22
C ILE A 87 9.18 7.51 9.36
N ASP A 88 9.52 7.06 8.16
CA ASP A 88 8.56 6.54 7.22
C ASP A 88 8.53 5.02 7.30
N ILE A 89 7.35 4.47 7.53
CA ILE A 89 7.20 3.03 7.58
C ILE A 89 6.76 2.53 6.22
N TRP A 90 7.56 1.66 5.63
CA TRP A 90 7.26 1.12 4.33
C TRP A 90 6.77 -0.31 4.44
N ILE A 91 5.46 -0.48 4.36
CA ILE A 91 4.86 -1.80 4.37
C ILE A 91 4.67 -2.31 2.96
N PRO A 92 5.51 -3.26 2.54
CA PRO A 92 5.48 -3.82 1.22
C PRO A 92 4.43 -4.90 1.09
N LEU A 93 3.64 -4.84 0.04
CA LEU A 93 2.56 -5.78 -0.16
C LEU A 93 2.57 -6.37 -1.54
N GLU A 94 2.02 -7.57 -1.63
CA GLU A 94 1.88 -8.27 -2.90
C GLU A 94 0.48 -8.84 -2.99
N LEU A 95 -0.37 -8.19 -3.74
CA LEU A 95 -1.73 -8.65 -3.89
C LEU A 95 -2.13 -8.71 -5.33
N SER A 96 -2.94 -9.70 -5.66
CA SER A 96 -3.41 -9.90 -7.01
C SER A 96 -4.91 -9.70 -7.07
N VAL A 97 -5.37 -9.07 -8.12
CA VAL A 97 -6.79 -8.85 -8.30
C VAL A 97 -7.30 -9.68 -9.46
N TYR A 98 -8.49 -10.22 -9.31
CA TYR A 98 -9.05 -11.14 -10.29
C TYR A 98 -10.38 -10.62 -10.79
N LEU A 99 -10.45 -10.34 -12.09
CA LEU A 99 -11.70 -9.90 -12.72
C LEU A 99 -12.41 -11.07 -13.35
N LYS A 100 -13.72 -11.12 -13.17
CA LYS A 100 -14.53 -12.18 -13.75
C LYS A 100 -15.56 -11.56 -14.69
N LEU A 101 -15.46 -11.86 -15.98
CA LEU A 101 -16.35 -11.24 -16.95
C LEU A 101 -17.60 -12.10 -17.12
N LEU A 102 -18.63 -11.53 -17.74
CA LEU A 102 -19.87 -12.26 -17.99
C LEU A 102 -19.58 -13.47 -18.88
N ILE A 103 -18.56 -13.31 -19.70
CA ILE A 103 -18.07 -14.38 -20.55
C ILE A 103 -17.14 -15.30 -19.74
N LEU A 104 -16.03 -15.71 -20.32
CA LEU A 104 -15.15 -16.65 -19.70
C LEU A 104 -13.91 -15.96 -19.17
N GLU A 105 -13.11 -15.42 -20.09
CA GLU A 105 -11.77 -14.90 -19.82
C GLU A 105 -11.73 -13.97 -18.61
N PRO A 106 -11.16 -14.45 -17.49
CA PRO A 106 -10.91 -13.66 -16.31
C PRO A 106 -9.46 -13.18 -16.26
N LEU A 107 -9.26 -11.90 -16.04
CA LEU A 107 -7.92 -11.35 -16.02
C LEU A 107 -7.44 -11.23 -14.59
N THR A 108 -6.15 -11.26 -14.40
CA THR A 108 -5.57 -11.20 -13.07
C THR A 108 -4.49 -10.14 -13.04
N LEU A 109 -4.59 -9.24 -12.08
CA LEU A 109 -3.64 -8.16 -11.94
C LEU A 109 -2.76 -8.40 -10.74
N TYR A 110 -1.57 -7.87 -10.78
CA TYR A 110 -0.61 -8.03 -9.70
C TYR A 110 -0.11 -6.66 -9.28
N VAL A 111 -0.19 -6.36 -8.01
CA VAL A 111 0.32 -5.10 -7.52
C VAL A 111 1.29 -5.31 -6.38
N ARG A 112 2.38 -4.59 -6.45
CA ARG A 112 3.39 -4.60 -5.43
C ARG A 112 3.53 -3.18 -4.89
N THR A 113 2.81 -2.91 -3.83
CA THR A 113 2.74 -1.56 -3.29
C THR A 113 3.49 -1.48 -1.96
N ASP A 114 4.10 -0.33 -1.69
CA ASP A 114 4.70 -0.09 -0.38
C ASP A 114 3.95 1.02 0.32
N ILE A 115 3.19 0.68 1.34
CA ILE A 115 2.59 1.69 2.20
C ILE A 115 3.68 2.54 2.85
N ARG A 116 3.41 3.83 2.99
CA ARG A 116 4.32 4.72 3.67
C ARG A 116 3.57 5.59 4.66
N VAL A 117 3.66 5.26 5.93
CA VAL A 117 3.09 6.11 6.95
C VAL A 117 4.22 6.76 7.74
N GLN A 118 4.04 8.01 8.10
CA GLN A 118 5.08 8.74 8.80
C GLN A 118 4.76 8.88 10.28
N LEU A 119 5.67 8.43 11.11
CA LEU A 119 5.59 8.64 12.53
C LEU A 119 6.50 9.79 12.93
N ARG A 120 5.90 10.94 13.12
CA ARG A 120 6.61 12.16 13.47
C ARG A 120 7.02 12.14 14.93
N LEU A 121 7.69 13.19 15.35
CA LEU A 121 8.09 13.33 16.73
C LEU A 121 7.29 14.41 17.42
N GLU A 122 6.70 14.07 18.54
CA GLU A 122 5.93 15.01 19.33
C GLU A 122 6.27 14.86 20.80
N SER A 123 5.98 15.89 21.56
CA SER A 123 6.24 15.88 22.98
C SER A 123 4.92 16.05 23.74
N ASP A 124 4.78 15.31 24.82
CA ASP A 124 3.55 15.31 25.60
C ASP A 124 3.62 16.36 26.71
N GLU A 125 2.70 16.27 27.65
CA GLU A 125 2.61 17.24 28.74
C GLU A 125 3.89 17.31 29.56
N ASP A 126 4.48 16.14 29.83
CA ASP A 126 5.71 16.06 30.60
C ASP A 126 6.90 16.53 29.77
N GLY A 127 6.63 16.84 28.51
CA GLY A 127 7.70 17.18 27.59
C GLY A 127 8.35 15.94 27.03
N LYS A 128 7.78 14.79 27.37
CA LYS A 128 8.30 13.53 26.90
C LYS A 128 7.95 13.30 25.46
N TYR A 129 8.78 12.52 24.81
CA TYR A 129 8.67 12.33 23.39
C TYR A 129 7.89 11.09 23.05
N ARG A 130 7.12 11.19 22.00
CA ARG A 130 6.28 10.10 21.53
C ARG A 130 6.30 10.06 20.01
N LEU A 131 5.69 9.04 19.46
CA LEU A 131 5.59 8.90 18.02
C LEU A 131 4.26 9.45 17.53
N ALA A 132 4.34 10.42 16.65
CA ALA A 132 3.17 11.15 16.19
C ALA A 132 2.75 10.69 14.79
N PHE A 133 1.68 9.92 14.72
CA PHE A 133 1.16 9.46 13.44
C PHE A 133 0.63 10.64 12.66
N GLY A 134 1.42 11.11 11.70
CA GLY A 134 1.09 12.33 11.02
C GLY A 134 0.78 12.15 9.55
N HIS A 135 1.11 11.00 8.99
CA HIS A 135 0.91 10.80 7.57
C HIS A 135 0.72 9.31 7.27
N CYS A 136 -0.20 8.98 6.40
CA CYS A 136 -0.37 7.62 5.93
C CYS A 136 -0.77 7.58 4.46
N SER A 137 0.18 7.27 3.61
CA SER A 137 -0.08 7.15 2.18
C SER A 137 0.43 5.82 1.67
N LEU A 138 -0.35 5.19 0.82
CA LEU A 138 0.05 3.93 0.22
C LEU A 138 0.62 4.17 -1.16
N LEU A 139 1.75 3.54 -1.46
CA LEU A 139 2.46 3.82 -2.69
C LEU A 139 2.63 2.59 -3.55
N PRO A 140 1.87 2.52 -4.65
CA PRO A 140 1.90 1.41 -5.58
C PRO A 140 3.16 1.43 -6.45
N ARG A 141 4.08 0.53 -6.15
CA ARG A 141 5.36 0.48 -6.85
C ARG A 141 5.23 -0.35 -8.13
N ALA A 142 4.50 -1.45 -8.05
CA ALA A 142 4.37 -2.35 -9.19
C ALA A 142 2.93 -2.71 -9.46
N ILE A 143 2.56 -2.70 -10.72
CA ILE A 143 1.27 -3.17 -11.16
C ILE A 143 1.43 -3.90 -12.50
N GLU A 144 1.47 -5.22 -12.44
CA GLU A 144 1.64 -6.03 -13.64
C GLU A 144 0.39 -6.83 -13.96
N LEU A 145 0.27 -7.25 -15.20
CA LEU A 145 -0.84 -8.06 -15.65
C LEU A 145 -0.43 -9.52 -15.75
N GLN A 146 -1.11 -10.38 -15.02
CA GLN A 146 -0.82 -11.80 -15.02
C GLN A 146 -2.04 -12.59 -15.49
N SER A 147 -2.31 -12.49 -16.78
CA SER A 147 -3.44 -13.19 -17.38
C SER A 147 -2.97 -14.47 -18.06
N GLY A 148 -1.66 -14.63 -18.15
CA GLY A 148 -1.09 -15.80 -18.78
C GLY A 148 -0.13 -15.44 -19.89
N ASN A 149 -0.59 -14.60 -20.81
CA ASN A 149 0.23 -14.16 -21.93
C ASN A 149 -0.30 -12.85 -22.48
N PRO A 150 0.60 -11.96 -22.89
CA PRO A 150 0.23 -10.70 -23.50
C PRO A 150 0.07 -10.80 -25.03
N LEU A 151 -0.38 -11.96 -25.48
CA LEU A 151 -0.56 -12.21 -26.91
C LEU A 151 -2.03 -12.22 -27.29
N SER A 152 -2.69 -13.36 -27.07
CA SER A 152 -4.07 -13.53 -27.51
C SER A 152 -5.06 -13.28 -26.37
N LEU A 153 -4.81 -12.21 -25.63
CA LEU A 153 -5.66 -11.85 -24.50
C LEU A 153 -5.93 -10.35 -24.53
N PRO A 154 -6.90 -9.86 -23.74
CA PRO A 154 -7.16 -8.43 -23.60
C PRO A 154 -5.94 -7.70 -23.04
N VAL A 155 -5.10 -7.21 -23.95
CA VAL A 155 -3.82 -6.63 -23.59
C VAL A 155 -3.38 -5.69 -24.71
N ASN A 156 -2.19 -5.08 -24.58
CA ASN A 156 -1.68 -4.14 -25.58
C ASN A 156 -2.56 -2.91 -25.63
N ALA A 157 -3.03 -2.50 -24.45
CA ALA A 157 -3.96 -1.38 -24.31
C ALA A 157 -4.36 -1.24 -22.85
N VAL A 158 -4.85 -2.33 -22.29
CA VAL A 158 -5.48 -2.34 -20.98
C VAL A 158 -4.54 -1.90 -19.85
N LEU A 159 -3.25 -2.10 -20.03
CA LEU A 159 -2.28 -1.83 -18.96
C LEU A 159 -2.38 -0.39 -18.48
N GLY A 160 -2.45 0.55 -19.42
CA GLY A 160 -2.65 1.95 -19.07
C GLY A 160 -3.85 2.18 -18.17
N THR A 161 -4.80 1.26 -18.20
CA THR A 161 -5.98 1.35 -17.36
C THR A 161 -5.80 0.55 -16.07
N ILE A 162 -5.23 -0.64 -16.18
CA ILE A 162 -4.96 -1.48 -15.02
C ILE A 162 -4.04 -0.75 -14.04
N GLU A 163 -2.98 -0.15 -14.58
CA GLU A 163 -2.02 0.58 -13.77
C GLU A 163 -2.65 1.87 -13.27
N ASN A 164 -3.58 2.40 -14.06
CA ASN A 164 -4.38 3.54 -13.64
C ASN A 164 -5.21 3.16 -12.43
N ALA A 165 -6.00 2.11 -12.62
CA ALA A 165 -6.95 1.65 -11.61
C ALA A 165 -6.26 1.17 -10.35
N LEU A 166 -5.35 0.23 -10.47
CA LEU A 166 -4.65 -0.31 -9.32
C LEU A 166 -3.88 0.80 -8.63
N GLY A 167 -3.17 1.62 -9.41
CA GLY A 167 -2.43 2.73 -8.86
C GLY A 167 -3.31 3.70 -8.11
N ASN A 168 -4.61 3.65 -8.39
CA ASN A 168 -5.57 4.46 -7.66
C ASN A 168 -6.07 3.72 -6.42
N PHE A 169 -6.31 2.43 -6.58
CA PHE A 169 -6.94 1.62 -5.56
C PHE A 169 -6.07 1.47 -4.32
N ILE A 170 -4.77 1.31 -4.51
CA ILE A 170 -3.83 1.27 -3.39
C ILE A 170 -3.94 2.56 -2.58
N THR A 171 -3.89 3.68 -3.29
CA THR A 171 -3.77 4.96 -2.64
C THR A 171 -5.11 5.43 -2.10
N GLU A 172 -6.09 5.46 -2.97
CA GLU A 172 -7.42 5.91 -2.62
C GLU A 172 -8.12 4.96 -1.66
N ASP A 173 -8.27 3.71 -2.09
CA ASP A 173 -9.14 2.78 -1.41
C ASP A 173 -8.43 2.08 -0.27
N LEU A 174 -7.24 1.58 -0.53
CA LEU A 174 -6.48 0.88 0.48
C LEU A 174 -6.05 1.84 1.59
N GLY A 175 -5.56 3.01 1.21
CA GLY A 175 -5.24 4.04 2.20
C GLY A 175 -6.46 4.52 2.97
N ALA A 176 -7.61 3.97 2.65
CA ALA A 176 -8.85 4.29 3.36
C ALA A 176 -9.23 3.16 4.29
N GLY A 177 -9.17 1.95 3.80
CA GLY A 177 -9.57 0.79 4.57
C GLY A 177 -8.47 0.27 5.48
N LEU A 178 -7.23 0.63 5.17
CA LEU A 178 -6.08 0.08 5.88
C LEU A 178 -5.40 1.11 6.77
N CYS A 179 -5.65 2.38 6.49
CA CYS A 179 -5.03 3.48 7.26
C CYS A 179 -5.33 3.34 8.76
N PRO A 180 -6.60 3.15 9.17
CA PRO A 180 -6.96 2.99 10.58
C PRO A 180 -6.18 1.85 11.25
N THR A 181 -6.07 0.73 10.56
CA THR A 181 -5.37 -0.43 11.06
C THR A 181 -3.91 -0.12 11.34
N LEU A 182 -3.26 0.57 10.41
CA LEU A 182 -1.85 0.89 10.57
C LEU A 182 -1.65 1.80 11.76
N ASN A 183 -2.52 2.77 11.90
CA ASN A 183 -2.46 3.68 13.04
C ASN A 183 -2.84 2.94 14.32
N SER A 184 -3.32 1.72 14.17
CA SER A 184 -3.66 0.90 15.32
C SER A 184 -2.47 0.06 15.71
N LEU A 185 -1.71 -0.39 14.72
CA LEU A 185 -0.50 -1.17 14.98
C LEU A 185 0.61 -0.27 15.51
N VAL A 186 0.98 0.72 14.70
CA VAL A 186 2.12 1.60 15.01
C VAL A 186 1.94 2.33 16.34
N SER A 187 0.73 2.78 16.61
CA SER A 187 0.44 3.57 17.80
C SER A 187 0.26 2.66 19.02
N ASN A 188 0.34 1.37 18.80
CA ASN A 188 0.18 0.40 19.87
C ASN A 188 1.41 -0.48 19.99
N LEU A 189 2.46 -0.12 19.28
CA LEU A 189 3.71 -0.85 19.31
C LEU A 189 4.38 -0.87 20.67
N ASP A 190 5.56 -1.47 20.65
CA ASP A 190 6.44 -1.53 21.79
C ASP A 190 6.92 -0.15 22.15
N LEU A 191 6.95 0.16 23.44
CA LEU A 191 7.44 1.45 23.90
C LEU A 191 8.94 1.56 23.67
N GLN A 192 9.62 0.42 23.68
CA GLN A 192 11.04 0.40 23.37
C GLN A 192 11.22 0.77 21.90
N LEU A 193 10.39 0.17 21.06
CA LEU A 193 10.39 0.45 19.63
C LEU A 193 10.07 1.91 19.38
N VAL A 194 8.97 2.37 19.99
CA VAL A 194 8.58 3.77 19.93
C VAL A 194 9.77 4.68 20.21
N ASN A 195 10.40 4.48 21.35
CA ASN A 195 11.55 5.28 21.74
C ASN A 195 12.74 5.07 20.80
N ASN A 196 12.91 3.85 20.31
CA ASN A 196 13.98 3.56 19.32
C ASN A 196 13.86 4.46 18.11
N LEU A 197 12.65 4.61 17.58
CA LEU A 197 12.41 5.50 16.45
C LEU A 197 12.65 6.94 16.87
N ILE A 198 12.13 7.28 18.04
CA ILE A 198 12.25 8.62 18.58
C ILE A 198 13.72 9.04 18.74
N ASN A 199 14.44 8.29 19.57
CA ASN A 199 15.85 8.56 19.81
C ASN A 199 16.65 8.61 18.51
N LEU A 200 16.23 7.85 17.52
CA LEU A 200 16.85 7.88 16.22
C LEU A 200 16.65 9.23 15.55
N ILE A 201 15.42 9.68 15.51
CA ILE A 201 15.10 10.99 14.96
C ILE A 201 15.81 12.09 15.73
N LEU A 202 15.78 12.00 17.05
CA LEU A 202 16.45 12.97 17.91
C LEU A 202 17.94 12.96 17.68
N ASP A 203 18.45 11.79 17.32
CA ASP A 203 19.86 11.64 16.97
C ASP A 203 20.17 12.40 15.70
N ARG A 204 19.36 12.16 14.67
CA ARG A 204 19.54 12.81 13.38
C ARG A 204 19.18 14.29 13.47
N ALA A 205 18.44 14.63 14.51
CA ALA A 205 18.06 16.00 14.78
C ALA A 205 19.19 16.73 15.49
N ASN A 206 20.05 15.97 16.15
CA ASN A 206 21.19 16.53 16.84
C ASN A 206 22.42 16.53 15.94
N VAL A 207 22.64 15.42 15.25
CA VAL A 207 23.75 15.30 14.33
C VAL A 207 23.24 14.97 12.93
N ASP A 208 23.49 15.88 12.00
CA ASP A 208 23.06 15.71 10.62
C ASP A 208 24.02 16.42 9.68
N LEU A 209 24.45 15.71 8.65
CA LEU A 209 25.32 16.28 7.64
C LEU A 209 24.63 16.25 6.28
N SER A 210 23.33 16.50 6.28
CA SER A 210 22.56 16.53 5.05
C SER A 210 22.48 17.96 4.52
N VAL A 211 23.11 18.87 5.25
CA VAL A 211 23.13 20.27 4.86
C VAL A 211 24.17 20.52 3.78
N ALA A 1 23.80 9.64 14.93
CA ALA A 1 23.84 9.15 13.54
C ALA A 1 24.69 7.88 13.48
N MET A 2 24.05 6.76 13.16
CA MET A 2 24.73 5.47 13.12
C MET A 2 24.90 5.00 11.68
N ALA A 3 24.93 5.95 10.76
CA ALA A 3 25.13 5.67 9.32
C ALA A 3 23.96 4.93 8.72
N GLN A 4 24.03 4.71 7.40
CA GLN A 4 23.02 3.97 6.61
C GLN A 4 21.60 4.29 7.04
N GLN A 5 21.35 5.57 7.29
CA GLN A 5 20.05 6.05 7.74
C GLN A 5 19.69 5.46 9.10
N ILE A 6 18.98 4.36 9.07
CA ILE A 6 18.51 3.70 10.28
C ILE A 6 19.33 2.45 10.58
N PRO A 7 19.69 2.25 11.87
CA PRO A 7 20.44 1.06 12.30
C PRO A 7 19.67 -0.22 12.00
N PRO A 8 20.33 -1.18 11.34
CA PRO A 8 19.73 -2.47 10.98
C PRO A 8 19.17 -3.19 12.20
N GLU A 9 19.70 -2.88 13.37
CA GLU A 9 19.23 -3.44 14.62
C GLU A 9 17.80 -2.98 14.90
N VAL A 10 17.58 -1.67 14.86
CA VAL A 10 16.31 -1.14 15.31
C VAL A 10 15.23 -1.38 14.26
N SER A 11 15.55 -1.18 12.99
CA SER A 11 14.58 -1.37 11.93
C SER A 11 14.23 -2.85 11.76
N SER A 12 14.92 -3.71 12.52
CA SER A 12 14.66 -5.13 12.47
C SER A 12 13.50 -5.49 13.39
N GLN A 13 13.38 -4.74 14.48
CA GLN A 13 12.37 -5.04 15.49
C GLN A 13 11.09 -4.25 15.29
N ILE A 14 11.19 -3.04 14.72
CA ILE A 14 10.01 -2.24 14.46
C ILE A 14 9.18 -2.89 13.37
N THR A 15 9.87 -3.45 12.39
CA THR A 15 9.21 -4.13 11.28
C THR A 15 8.58 -5.44 11.76
N ASP A 16 9.25 -6.06 12.71
CA ASP A 16 8.77 -7.29 13.33
C ASP A 16 7.42 -7.06 13.93
N ALA A 17 7.37 -6.02 14.73
CA ALA A 17 6.19 -5.61 15.43
C ALA A 17 5.14 -5.03 14.50
N LEU A 18 5.59 -4.23 13.56
CA LEU A 18 4.70 -3.59 12.61
C LEU A 18 4.06 -4.65 11.73
N THR A 19 4.83 -5.67 11.40
CA THR A 19 4.30 -6.76 10.63
C THR A 19 3.44 -7.62 11.53
N GLN A 20 3.85 -7.75 12.80
CA GLN A 20 3.11 -8.46 13.78
C GLN A 20 1.71 -7.92 13.91
N GLY A 21 1.60 -6.60 13.95
CA GLY A 21 0.30 -5.96 13.95
C GLY A 21 -0.47 -6.28 12.69
N LEU A 22 0.24 -6.37 11.58
CA LEU A 22 -0.38 -6.78 10.32
C LEU A 22 -0.89 -8.20 10.43
N LEU A 23 -0.05 -9.07 10.99
CA LEU A 23 -0.38 -10.48 11.20
C LEU A 23 -1.57 -10.60 12.14
N ASP A 24 -1.39 -10.07 13.35
CA ASP A 24 -2.40 -10.20 14.41
C ASP A 24 -3.64 -9.40 14.08
N GLY A 25 -3.44 -8.30 13.37
CA GLY A 25 -4.55 -7.44 13.01
C GLY A 25 -5.18 -7.83 11.70
N ASN A 26 -4.66 -8.91 11.10
CA ASN A 26 -5.17 -9.43 9.83
C ASN A 26 -5.29 -8.34 8.77
N PHE A 27 -4.17 -7.71 8.48
CA PHE A 27 -4.11 -6.60 7.53
C PHE A 27 -4.64 -7.03 6.15
N LEU A 28 -4.16 -8.18 5.63
CA LEU A 28 -4.61 -8.69 4.34
C LEU A 28 -6.13 -8.91 4.28
N SER A 29 -6.74 -9.18 5.43
CA SER A 29 -8.17 -9.47 5.48
C SER A 29 -8.97 -8.22 5.14
N LEU A 30 -8.47 -7.08 5.61
CA LEU A 30 -9.06 -5.79 5.31
C LEU A 30 -9.09 -5.56 3.81
N LEU A 31 -7.96 -5.81 3.17
CA LEU A 31 -7.85 -5.78 1.70
C LEU A 31 -8.96 -6.58 1.06
N ASN A 32 -9.03 -7.85 1.44
CA ASN A 32 -10.06 -8.76 0.95
C ASN A 32 -11.45 -8.16 1.11
N ALA A 33 -11.62 -7.33 2.14
CA ALA A 33 -12.90 -6.76 2.48
C ALA A 33 -13.03 -5.33 1.94
N ILE A 34 -11.94 -4.82 1.40
CA ILE A 34 -11.88 -3.49 0.82
C ILE A 34 -12.91 -3.33 -0.28
N ASN A 35 -13.53 -2.15 -0.33
CA ASN A 35 -14.46 -1.81 -1.41
C ASN A 35 -13.77 -1.94 -2.75
N LEU A 36 -13.98 -3.08 -3.39
CA LEU A 36 -13.27 -3.43 -4.61
C LEU A 36 -14.08 -3.03 -5.82
N GLU A 37 -15.33 -2.66 -5.60
CA GLU A 37 -16.19 -2.32 -6.70
C GLU A 37 -15.70 -1.06 -7.37
N GLY A 38 -14.98 -0.21 -6.63
CA GLY A 38 -14.43 0.99 -7.23
C GLY A 38 -13.45 0.65 -8.33
N LEU A 39 -12.63 -0.36 -8.09
CA LEU A 39 -11.75 -0.89 -9.11
C LEU A 39 -12.55 -1.45 -10.26
N LEU A 40 -13.39 -2.43 -9.93
CA LEU A 40 -14.31 -3.04 -10.91
C LEU A 40 -14.96 -1.96 -11.77
N ASN A 41 -15.62 -1.02 -11.11
CA ASN A 41 -16.27 0.10 -11.78
C ASN A 41 -15.27 0.86 -12.65
N THR A 42 -14.16 1.28 -12.07
CA THR A 42 -13.15 2.07 -12.78
C THR A 42 -12.62 1.35 -14.01
N ILE A 43 -12.17 0.12 -13.82
CA ILE A 43 -11.60 -0.68 -14.89
C ILE A 43 -12.62 -0.85 -16.02
N LEU A 44 -13.82 -1.29 -15.69
CA LEU A 44 -14.86 -1.50 -16.69
C LEU A 44 -15.22 -0.18 -17.39
N ASP A 45 -15.20 0.90 -16.62
CA ASP A 45 -15.53 2.21 -17.15
C ASP A 45 -14.53 2.65 -18.20
N GLN A 46 -13.25 2.49 -17.93
CA GLN A 46 -12.21 2.97 -18.84
C GLN A 46 -11.93 1.99 -19.99
N VAL A 47 -11.88 0.68 -19.69
CA VAL A 47 -11.51 -0.30 -20.71
C VAL A 47 -12.53 -0.34 -21.86
N THR A 48 -13.76 0.06 -21.56
CA THR A 48 -14.80 0.07 -22.57
C THR A 48 -14.53 1.15 -23.63
N GLY A 49 -13.72 2.14 -23.25
CA GLY A 49 -13.34 3.18 -24.17
C GLY A 49 -12.21 2.75 -25.09
N LEU A 50 -11.16 2.17 -24.51
CA LEU A 50 -10.02 1.72 -25.28
C LEU A 50 -10.41 0.60 -26.24
N LEU A 51 -11.35 -0.24 -25.81
CA LEU A 51 -11.78 -1.36 -26.62
C LEU A 51 -12.60 -0.90 -27.84
N ASN A 52 -13.79 -0.37 -27.59
CA ASN A 52 -14.74 -0.06 -28.69
C ASN A 52 -16.11 0.35 -28.16
N ILE A 53 -16.49 -0.21 -27.02
CA ILE A 53 -17.86 -0.10 -26.48
C ILE A 53 -18.45 1.32 -26.57
N LEU A 54 -17.65 2.34 -26.26
CA LEU A 54 -18.17 3.72 -26.22
C LEU A 54 -18.76 4.13 -27.56
N VAL A 55 -17.99 4.00 -28.62
CA VAL A 55 -18.47 4.36 -29.94
C VAL A 55 -19.16 3.17 -30.62
N GLY A 56 -18.58 2.00 -30.48
CA GLY A 56 -19.13 0.82 -31.10
C GLY A 56 -19.94 0.00 -30.13
N PRO A 57 -21.27 -0.04 -30.30
CA PRO A 57 -22.18 -0.77 -29.42
C PRO A 57 -22.10 -2.29 -29.59
N LEU A 58 -20.95 -2.74 -30.02
CA LEU A 58 -20.73 -4.15 -30.31
C LEU A 58 -20.74 -4.98 -29.04
N LEU A 59 -21.78 -5.80 -28.90
CA LEU A 59 -21.97 -6.65 -27.72
C LEU A 59 -22.23 -5.83 -26.46
N GLY A 60 -22.47 -4.53 -26.66
CA GLY A 60 -22.75 -3.65 -25.54
C GLY A 60 -21.58 -3.48 -24.60
N PRO A 61 -21.77 -2.75 -23.49
CA PRO A 61 -20.74 -2.60 -22.47
C PRO A 61 -20.37 -3.93 -21.82
N SER A 62 -19.09 -4.25 -21.87
CA SER A 62 -18.58 -5.48 -21.26
C SER A 62 -18.59 -5.35 -19.75
N ASP A 63 -19.37 -6.20 -19.09
CA ASP A 63 -19.47 -6.21 -17.64
C ASP A 63 -18.50 -7.24 -17.07
N ALA A 64 -18.42 -7.28 -15.75
CA ALA A 64 -17.49 -8.14 -15.06
C ALA A 64 -17.71 -8.10 -13.56
N GLU A 65 -16.84 -8.79 -12.85
CA GLU A 65 -16.84 -8.80 -11.40
C GLU A 65 -15.40 -8.71 -10.93
N ILE A 66 -15.19 -8.22 -9.74
CA ILE A 66 -13.84 -8.10 -9.24
C ILE A 66 -13.69 -8.81 -7.91
N LYS A 67 -12.56 -9.47 -7.75
CA LYS A 67 -12.26 -10.26 -6.57
C LYS A 67 -10.78 -10.20 -6.28
N LEU A 68 -10.40 -10.28 -5.02
CA LEU A 68 -8.99 -10.39 -4.67
C LEU A 68 -8.55 -11.84 -4.67
N GLN A 69 -7.33 -12.05 -5.14
CA GLN A 69 -6.79 -13.39 -5.28
C GLN A 69 -5.80 -13.69 -4.16
N ASP A 70 -4.60 -13.18 -4.31
CA ASP A 70 -3.53 -13.47 -3.39
C ASP A 70 -3.04 -12.21 -2.73
N THR A 71 -3.44 -12.04 -1.51
CA THR A 71 -3.00 -10.92 -0.73
C THR A 71 -2.07 -11.37 0.38
N ARG A 72 -0.89 -10.80 0.37
CA ARG A 72 0.13 -11.14 1.34
C ARG A 72 1.05 -9.97 1.58
N LEU A 73 1.84 -10.13 2.61
CA LEU A 73 2.82 -9.14 3.02
C LEU A 73 4.24 -9.64 2.83
N LEU A 74 5.14 -8.72 2.52
CA LEU A 74 6.56 -9.03 2.44
C LEU A 74 7.24 -8.55 3.72
N GLN A 75 8.55 -8.39 3.67
CA GLN A 75 9.31 -7.94 4.81
C GLN A 75 9.36 -6.41 4.82
N LEU A 76 8.93 -5.89 5.92
CA LEU A 76 8.82 -4.46 6.15
C LEU A 76 10.17 -3.77 6.27
N SER A 77 10.14 -2.45 6.28
CA SER A 77 11.35 -1.65 6.42
C SER A 77 10.99 -0.23 6.82
N LEU A 78 12.02 0.52 7.16
CA LEU A 78 11.87 1.91 7.53
C LEU A 78 12.98 2.75 6.91
N GLU A 79 12.75 4.04 6.88
CA GLU A 79 13.77 5.01 6.52
C GLU A 79 13.43 6.34 7.16
N PHE A 80 14.37 7.25 7.21
CA PHE A 80 14.10 8.56 7.80
C PHE A 80 13.36 9.45 6.83
N SER A 81 12.42 10.20 7.37
CA SER A 81 11.62 11.12 6.58
C SER A 81 12.47 12.33 6.23
N PRO A 82 12.33 12.86 5.00
CA PRO A 82 13.07 14.03 4.52
C PRO A 82 12.66 15.31 5.25
N ASP A 83 12.78 15.28 6.56
CA ASP A 83 12.39 16.39 7.42
C ASP A 83 13.13 16.31 8.75
N SER A 84 13.80 15.17 8.98
CA SER A 84 14.58 14.92 10.21
C SER A 84 13.71 14.90 11.47
N LYS A 85 12.40 14.99 11.32
CA LYS A 85 11.52 15.00 12.48
C LYS A 85 10.45 13.91 12.37
N GLY A 86 10.82 12.82 11.72
CA GLY A 86 9.93 11.69 11.58
C GLY A 86 10.56 10.58 10.79
N ILE A 87 9.92 9.43 10.79
CA ILE A 87 10.42 8.25 10.09
C ILE A 87 9.35 7.66 9.20
N ASP A 88 9.74 7.22 8.00
CA ASP A 88 8.84 6.60 7.04
C ASP A 88 8.85 5.09 7.22
N ILE A 89 7.68 4.51 7.43
CA ILE A 89 7.56 3.07 7.50
C ILE A 89 7.06 2.53 6.18
N TRP A 90 7.79 1.56 5.64
CA TRP A 90 7.44 0.98 4.36
C TRP A 90 6.86 -0.41 4.56
N ILE A 91 5.55 -0.51 4.44
CA ILE A 91 4.89 -1.79 4.49
C ILE A 91 4.63 -2.30 3.07
N PRO A 92 5.42 -3.28 2.64
CA PRO A 92 5.34 -3.82 1.29
C PRO A 92 4.30 -4.93 1.16
N LEU A 93 3.46 -4.80 0.13
CA LEU A 93 2.37 -5.76 -0.09
C LEU A 93 2.54 -6.49 -1.42
N GLU A 94 1.98 -7.69 -1.47
CA GLU A 94 1.83 -8.45 -2.71
C GLU A 94 0.40 -8.89 -2.85
N LEU A 95 -0.33 -8.25 -3.72
CA LEU A 95 -1.73 -8.54 -3.91
C LEU A 95 -1.97 -8.96 -5.35
N SER A 96 -2.96 -9.79 -5.57
CA SER A 96 -3.37 -10.11 -6.91
C SER A 96 -4.86 -9.93 -7.03
N VAL A 97 -5.30 -9.25 -8.08
CA VAL A 97 -6.71 -8.96 -8.28
C VAL A 97 -7.24 -9.76 -9.46
N TYR A 98 -8.50 -10.14 -9.39
CA TYR A 98 -9.10 -10.99 -10.39
C TYR A 98 -10.37 -10.36 -10.94
N LEU A 99 -10.39 -10.14 -12.24
CA LEU A 99 -11.59 -9.64 -12.92
C LEU A 99 -12.30 -10.80 -13.61
N LYS A 100 -13.59 -10.94 -13.36
CA LYS A 100 -14.37 -12.00 -13.96
C LYS A 100 -15.29 -11.43 -15.04
N LEU A 101 -14.90 -11.55 -16.29
CA LEU A 101 -15.74 -11.11 -17.39
C LEU A 101 -16.75 -12.21 -17.72
N LEU A 102 -17.90 -11.84 -18.25
CA LEU A 102 -18.92 -12.83 -18.56
C LEU A 102 -18.45 -13.78 -19.66
N ILE A 103 -18.28 -13.24 -20.86
CA ILE A 103 -17.89 -14.05 -22.01
C ILE A 103 -16.38 -14.01 -22.25
N LEU A 104 -15.73 -12.96 -21.79
CA LEU A 104 -14.31 -12.78 -22.03
C LEU A 104 -13.50 -13.56 -20.99
N GLU A 105 -12.30 -13.98 -21.39
CA GLU A 105 -11.39 -14.69 -20.50
C GLU A 105 -11.09 -13.84 -19.26
N PRO A 106 -11.31 -14.39 -18.07
CA PRO A 106 -10.98 -13.70 -16.81
C PRO A 106 -9.49 -13.48 -16.66
N LEU A 107 -9.12 -12.27 -16.25
CA LEU A 107 -7.72 -11.91 -16.13
C LEU A 107 -7.34 -11.77 -14.66
N THR A 108 -6.07 -11.89 -14.37
CA THR A 108 -5.57 -11.71 -13.03
C THR A 108 -4.46 -10.67 -13.04
N LEU A 109 -4.50 -9.77 -12.09
CA LEU A 109 -3.52 -8.71 -11.98
C LEU A 109 -2.70 -8.90 -10.72
N TYR A 110 -1.53 -8.31 -10.69
CA TYR A 110 -0.65 -8.38 -9.54
C TYR A 110 -0.22 -6.99 -9.16
N VAL A 111 -0.31 -6.66 -7.89
CA VAL A 111 0.15 -5.37 -7.43
C VAL A 111 1.06 -5.53 -6.22
N ARG A 112 2.17 -4.84 -6.30
CA ARG A 112 3.17 -4.88 -5.27
C ARG A 112 3.44 -3.45 -4.83
N THR A 113 2.73 -3.04 -3.79
CA THR A 113 2.74 -1.68 -3.31
C THR A 113 3.53 -1.57 -2.01
N ASP A 114 4.13 -0.41 -1.77
CA ASP A 114 4.81 -0.15 -0.50
C ASP A 114 4.09 0.97 0.23
N ILE A 115 3.42 0.64 1.32
CA ILE A 115 2.81 1.66 2.16
C ILE A 115 3.89 2.52 2.81
N ARG A 116 3.61 3.80 2.96
CA ARG A 116 4.54 4.73 3.57
C ARG A 116 3.82 5.62 4.57
N VAL A 117 3.89 5.27 5.84
CA VAL A 117 3.30 6.10 6.87
C VAL A 117 4.41 6.76 7.68
N GLN A 118 4.18 7.98 8.10
CA GLN A 118 5.19 8.74 8.81
C GLN A 118 4.84 8.88 10.27
N LEU A 119 5.73 8.39 11.11
CA LEU A 119 5.61 8.56 12.54
C LEU A 119 6.45 9.75 12.98
N ARG A 120 5.78 10.83 13.27
CA ARG A 120 6.40 12.07 13.69
C ARG A 120 6.77 11.99 15.15
N LEU A 121 7.41 13.04 15.66
CA LEU A 121 7.74 13.10 17.07
C LEU A 121 6.82 14.07 17.79
N GLU A 122 6.27 13.61 18.92
CA GLU A 122 5.44 14.44 19.76
C GLU A 122 5.76 14.17 21.22
N SER A 123 5.32 15.07 22.09
CA SER A 123 5.53 14.93 23.51
C SER A 123 4.20 14.98 24.26
N ASP A 124 4.10 14.18 25.30
CA ASP A 124 2.86 14.05 26.07
C ASP A 124 2.82 15.10 27.20
N GLU A 125 1.88 14.92 28.12
CA GLU A 125 1.71 15.84 29.25
C GLU A 125 3.01 15.98 30.04
N ASP A 126 3.66 14.86 30.30
CA ASP A 126 4.90 14.85 31.08
C ASP A 126 6.06 15.40 30.26
N GLY A 127 5.79 15.72 29.01
CA GLY A 127 6.84 16.13 28.11
C GLY A 127 7.56 14.95 27.51
N LYS A 128 7.07 13.75 27.82
CA LYS A 128 7.65 12.53 27.31
C LYS A 128 7.39 12.39 25.84
N TYR A 129 8.30 11.74 25.18
CA TYR A 129 8.26 11.67 23.74
C TYR A 129 7.54 10.43 23.27
N ARG A 130 6.81 10.59 22.20
CA ARG A 130 6.00 9.53 21.64
C ARG A 130 6.08 9.58 20.12
N LEU A 131 5.49 8.59 19.51
CA LEU A 131 5.42 8.52 18.06
C LEU A 131 4.08 9.06 17.59
N ALA A 132 4.15 10.05 16.72
CA ALA A 132 2.97 10.75 16.25
C ALA A 132 2.59 10.34 14.83
N PHE A 133 1.50 9.60 14.70
CA PHE A 133 1.04 9.15 13.40
C PHE A 133 0.47 10.32 12.61
N GLY A 134 1.27 10.87 11.72
CA GLY A 134 0.90 12.11 11.05
C GLY A 134 0.62 11.95 9.57
N HIS A 135 1.10 10.88 8.96
CA HIS A 135 0.97 10.71 7.52
C HIS A 135 0.84 9.23 7.21
N CYS A 136 -0.14 8.87 6.38
CA CYS A 136 -0.31 7.48 5.98
C CYS A 136 -0.69 7.37 4.51
N SER A 137 0.32 7.22 3.66
CA SER A 137 0.10 7.13 2.24
C SER A 137 0.55 5.76 1.73
N LEU A 138 -0.19 5.20 0.79
CA LEU A 138 0.19 3.93 0.20
C LEU A 138 0.74 4.14 -1.19
N LEU A 139 1.86 3.50 -1.49
CA LEU A 139 2.56 3.76 -2.73
C LEU A 139 2.68 2.52 -3.61
N PRO A 140 1.86 2.48 -4.65
CA PRO A 140 1.80 1.36 -5.58
C PRO A 140 3.02 1.34 -6.50
N ARG A 141 3.95 0.43 -6.22
CA ARG A 141 5.23 0.38 -6.92
C ARG A 141 5.18 -0.59 -8.10
N ALA A 142 4.37 -1.63 -7.99
CA ALA A 142 4.33 -2.64 -9.04
C ALA A 142 2.90 -3.07 -9.33
N ILE A 143 2.59 -3.16 -10.61
CA ILE A 143 1.32 -3.67 -11.08
C ILE A 143 1.52 -4.45 -12.39
N GLU A 144 1.63 -5.76 -12.27
CA GLU A 144 1.84 -6.64 -13.42
C GLU A 144 0.61 -7.49 -13.71
N LEU A 145 0.58 -8.08 -14.89
CA LEU A 145 -0.48 -8.99 -15.28
C LEU A 145 -0.14 -10.43 -14.90
N GLN A 146 -1.00 -11.04 -14.10
CA GLN A 146 -0.84 -12.44 -13.70
C GLN A 146 -1.40 -13.37 -14.77
N SER A 147 -0.91 -13.21 -15.99
CA SER A 147 -1.35 -14.02 -17.10
C SER A 147 -0.22 -14.09 -18.12
N GLY A 148 -0.40 -14.87 -19.17
CA GLY A 148 0.63 -15.00 -20.17
C GLY A 148 0.52 -13.92 -21.24
N ASN A 149 0.24 -14.35 -22.46
CA ASN A 149 0.05 -13.42 -23.56
C ASN A 149 -1.15 -13.82 -24.41
N PRO A 150 -2.28 -13.13 -24.21
CA PRO A 150 -3.52 -13.40 -24.89
C PRO A 150 -3.70 -12.55 -26.13
N LEU A 151 -3.33 -13.11 -27.28
CA LEU A 151 -3.32 -12.38 -28.53
C LEU A 151 -4.74 -12.17 -29.07
N SER A 152 -5.67 -12.98 -28.61
CA SER A 152 -7.05 -12.89 -29.07
C SER A 152 -7.91 -12.06 -28.11
N LEU A 153 -7.26 -11.30 -27.24
CA LEU A 153 -7.97 -10.46 -26.28
C LEU A 153 -7.48 -9.02 -26.36
N PRO A 154 -8.36 -8.06 -26.01
CA PRO A 154 -8.04 -6.64 -26.00
C PRO A 154 -7.22 -6.25 -24.76
N VAL A 155 -6.21 -7.05 -24.45
CA VAL A 155 -5.44 -6.91 -23.22
C VAL A 155 -4.57 -5.65 -23.23
N ASN A 156 -4.06 -5.29 -24.41
CA ASN A 156 -3.20 -4.12 -24.53
C ASN A 156 -3.99 -2.85 -24.26
N ALA A 157 -5.30 -2.95 -24.44
CA ALA A 157 -6.20 -1.83 -24.24
C ALA A 157 -6.54 -1.66 -22.77
N VAL A 158 -6.38 -2.71 -22.00
CA VAL A 158 -6.86 -2.72 -20.62
C VAL A 158 -5.71 -2.63 -19.64
N LEU A 159 -4.51 -2.93 -20.08
CA LEU A 159 -3.38 -3.13 -19.16
C LEU A 159 -3.05 -1.85 -18.42
N GLY A 160 -2.73 -0.79 -19.16
CA GLY A 160 -2.46 0.50 -18.55
C GLY A 160 -3.62 0.98 -17.71
N THR A 161 -4.83 0.61 -18.10
CA THR A 161 -6.01 0.97 -17.34
C THR A 161 -6.04 0.22 -16.01
N ILE A 162 -5.62 -1.03 -16.03
CA ILE A 162 -5.48 -1.81 -14.81
C ILE A 162 -4.45 -1.16 -13.90
N GLU A 163 -3.31 -0.77 -14.47
CA GLU A 163 -2.25 -0.12 -13.72
C GLU A 163 -2.75 1.21 -13.18
N ASN A 164 -3.49 1.93 -14.01
CA ASN A 164 -4.14 3.18 -13.60
C ASN A 164 -5.02 2.91 -12.39
N ALA A 165 -5.90 1.94 -12.54
CA ALA A 165 -6.88 1.62 -11.52
C ALA A 165 -6.22 1.11 -10.23
N LEU A 166 -5.34 0.13 -10.35
CA LEU A 166 -4.67 -0.43 -9.19
C LEU A 166 -3.88 0.66 -8.49
N GLY A 167 -3.12 1.43 -9.27
CA GLY A 167 -2.33 2.51 -8.72
C GLY A 167 -3.19 3.56 -8.01
N ASN A 168 -4.48 3.53 -8.27
CA ASN A 168 -5.41 4.41 -7.57
C ASN A 168 -5.98 3.70 -6.35
N PHE A 169 -6.24 2.42 -6.49
CA PHE A 169 -6.92 1.63 -5.46
C PHE A 169 -6.05 1.46 -4.22
N ILE A 170 -4.75 1.30 -4.41
CA ILE A 170 -3.81 1.24 -3.30
C ILE A 170 -3.91 2.52 -2.47
N THR A 171 -3.86 3.64 -3.16
CA THR A 171 -3.71 4.91 -2.50
C THR A 171 -5.05 5.40 -1.94
N GLU A 172 -6.04 5.41 -2.81
CA GLU A 172 -7.37 5.85 -2.44
C GLU A 172 -8.07 4.86 -1.53
N ASP A 173 -8.27 3.65 -2.03
CA ASP A 173 -9.11 2.67 -1.36
C ASP A 173 -8.40 2.00 -0.21
N LEU A 174 -7.18 1.54 -0.46
CA LEU A 174 -6.42 0.86 0.56
C LEU A 174 -5.98 1.83 1.65
N GLY A 175 -5.45 2.99 1.25
CA GLY A 175 -5.12 4.02 2.22
C GLY A 175 -6.32 4.54 2.99
N ALA A 176 -7.49 4.04 2.65
CA ALA A 176 -8.70 4.40 3.37
C ALA A 176 -9.08 3.28 4.32
N GLY A 177 -9.06 2.05 3.81
CA GLY A 177 -9.51 0.91 4.58
C GLY A 177 -8.43 0.33 5.46
N LEU A 178 -7.19 0.72 5.22
CA LEU A 178 -6.06 0.14 5.93
C LEU A 178 -5.36 1.16 6.84
N CYS A 179 -5.66 2.44 6.61
CA CYS A 179 -5.02 3.52 7.37
C CYS A 179 -5.26 3.40 8.88
N PRO A 180 -6.53 3.21 9.35
CA PRO A 180 -6.80 3.07 10.79
C PRO A 180 -6.02 1.92 11.42
N THR A 181 -5.94 0.81 10.70
CA THR A 181 -5.21 -0.36 11.16
C THR A 181 -3.75 -0.04 11.42
N LEU A 182 -3.11 0.62 10.47
CA LEU A 182 -1.72 0.97 10.60
C LEU A 182 -1.50 1.89 11.78
N ASN A 183 -2.36 2.87 11.91
CA ASN A 183 -2.33 3.81 13.02
C ASN A 183 -2.61 3.08 14.35
N SER A 184 -3.05 1.84 14.26
CA SER A 184 -3.34 1.07 15.44
C SER A 184 -2.15 0.19 15.77
N LEU A 185 -1.55 -0.40 14.74
CA LEU A 185 -0.39 -1.26 14.93
C LEU A 185 0.80 -0.48 15.46
N VAL A 186 1.14 0.59 14.75
CA VAL A 186 2.25 1.45 15.14
C VAL A 186 2.05 2.05 16.54
N SER A 187 0.80 2.19 16.90
CA SER A 187 0.45 2.79 18.18
C SER A 187 0.20 1.71 19.23
N ASN A 188 0.53 0.48 18.89
CA ASN A 188 0.26 -0.65 19.77
C ASN A 188 1.52 -1.45 20.07
N LEU A 189 2.55 -1.23 19.26
CA LEU A 189 3.74 -2.05 19.36
C LEU A 189 4.59 -1.71 20.59
N ASP A 190 5.81 -2.20 20.56
CA ASP A 190 6.76 -2.06 21.64
C ASP A 190 7.05 -0.59 21.97
N LEU A 191 7.08 -0.28 23.26
CA LEU A 191 7.46 1.04 23.73
C LEU A 191 8.92 1.30 23.44
N GLN A 192 9.73 0.24 23.46
CA GLN A 192 11.13 0.35 23.14
C GLN A 192 11.27 0.75 21.69
N LEU A 193 10.46 0.12 20.85
CA LEU A 193 10.41 0.42 19.43
C LEU A 193 9.99 1.86 19.21
N VAL A 194 8.88 2.26 19.84
CA VAL A 194 8.45 3.64 19.86
C VAL A 194 9.62 4.58 20.16
N ASN A 195 10.29 4.35 21.29
CA ASN A 195 11.42 5.18 21.68
C ASN A 195 12.61 5.03 20.74
N ASN A 196 12.80 3.86 20.15
CA ASN A 196 13.89 3.64 19.20
C ASN A 196 13.73 4.54 17.97
N LEU A 197 12.51 4.68 17.49
CA LEU A 197 12.24 5.59 16.38
C LEU A 197 12.41 7.03 16.85
N ILE A 198 11.94 7.28 18.06
CA ILE A 198 12.02 8.60 18.66
C ILE A 198 13.45 9.08 18.80
N ASN A 199 14.24 8.33 19.58
CA ASN A 199 15.65 8.66 19.79
C ASN A 199 16.38 8.85 18.47
N LEU A 200 15.98 8.10 17.46
CA LEU A 200 16.53 8.22 16.13
C LEU A 200 16.17 9.56 15.51
N ILE A 201 14.90 9.92 15.56
CA ILE A 201 14.45 11.20 15.06
C ILE A 201 15.11 12.34 15.83
N LEU A 202 15.17 12.21 17.15
CA LEU A 202 15.83 13.20 18.00
C LEU A 202 17.29 13.33 17.61
N ASP A 203 17.85 12.21 17.21
CA ASP A 203 19.23 12.16 16.75
C ASP A 203 19.39 12.95 15.47
N ARG A 204 18.55 12.65 14.48
CA ARG A 204 18.61 13.32 13.20
C ARG A 204 18.26 14.79 13.36
N ALA A 205 17.29 15.05 14.22
CA ALA A 205 16.88 16.40 14.57
C ALA A 205 18.02 17.19 15.21
N ASN A 206 18.93 16.45 15.84
CA ASN A 206 20.09 17.05 16.49
C ASN A 206 21.23 17.23 15.50
N VAL A 207 21.57 16.16 14.79
CA VAL A 207 22.70 16.16 13.87
C VAL A 207 22.44 17.10 12.68
N ASP A 208 21.22 17.07 12.16
CA ASP A 208 20.86 17.88 11.01
C ASP A 208 20.59 19.33 11.44
N LEU A 209 21.20 20.27 10.76
CA LEU A 209 21.03 21.68 11.08
C LEU A 209 20.20 22.40 10.02
N SER A 210 19.45 21.63 9.23
CA SER A 210 18.68 22.20 8.14
C SER A 210 17.32 22.69 8.64
N VAL A 211 17.35 23.61 9.58
CA VAL A 211 16.13 24.16 10.15
C VAL A 211 15.83 25.52 9.55
N ALA A 1 29.43 4.99 10.53
CA ALA A 1 29.00 3.85 9.69
C ALA A 1 27.72 4.20 8.94
N MET A 2 26.66 4.51 9.69
CA MET A 2 25.38 4.93 9.10
C MET A 2 24.88 3.92 8.08
N ALA A 3 24.45 2.76 8.58
CA ALA A 3 23.93 1.72 7.71
C ALA A 3 22.58 2.15 7.12
N GLN A 4 22.58 2.41 5.81
CA GLN A 4 21.41 2.91 5.10
C GLN A 4 21.00 4.27 5.66
N GLN A 5 20.10 4.24 6.63
CA GLN A 5 19.70 5.43 7.36
C GLN A 5 19.44 5.03 8.79
N ILE A 6 18.58 4.04 8.92
CA ILE A 6 18.22 3.47 10.19
C ILE A 6 18.96 2.15 10.42
N PRO A 7 19.43 1.91 11.65
CA PRO A 7 20.13 0.67 12.01
C PRO A 7 19.31 -0.56 11.66
N PRO A 8 19.91 -1.50 10.91
CA PRO A 8 19.26 -2.76 10.52
C PRO A 8 18.62 -3.49 11.70
N GLU A 9 19.30 -3.43 12.85
CA GLU A 9 18.77 -4.02 14.08
C GLU A 9 17.49 -3.32 14.51
N VAL A 10 17.52 -2.01 14.48
CA VAL A 10 16.42 -1.20 14.92
C VAL A 10 15.28 -1.35 13.95
N SER A 11 15.59 -1.20 12.69
CA SER A 11 14.59 -1.33 11.64
C SER A 11 14.25 -2.80 11.37
N SER A 12 14.59 -3.68 12.31
CA SER A 12 14.20 -5.07 12.23
C SER A 12 13.15 -5.39 13.28
N GLN A 13 13.26 -4.77 14.45
CA GLN A 13 12.35 -5.04 15.55
C GLN A 13 11.05 -4.22 15.43
N ILE A 14 11.15 -3.00 14.88
CA ILE A 14 9.96 -2.21 14.64
C ILE A 14 9.13 -2.85 13.55
N THR A 15 9.82 -3.30 12.52
CA THR A 15 9.18 -3.93 11.38
C THR A 15 8.61 -5.27 11.76
N ASP A 16 9.30 -5.93 12.70
CA ASP A 16 8.85 -7.19 13.26
C ASP A 16 7.49 -7.00 13.86
N ALA A 17 7.42 -6.00 14.70
CA ALA A 17 6.22 -5.67 15.44
C ALA A 17 5.16 -5.07 14.54
N LEU A 18 5.58 -4.20 13.65
CA LEU A 18 4.67 -3.55 12.74
C LEU A 18 4.02 -4.58 11.85
N THR A 19 4.79 -5.60 11.48
CA THR A 19 4.27 -6.66 10.65
C THR A 19 3.49 -7.60 11.53
N GLN A 20 3.97 -7.77 12.76
CA GLN A 20 3.33 -8.62 13.71
C GLN A 20 1.92 -8.18 13.98
N GLY A 21 1.71 -6.88 14.11
CA GLY A 21 0.38 -6.35 14.24
C GLY A 21 -0.45 -6.57 12.99
N LEU A 22 0.21 -6.55 11.83
CA LEU A 22 -0.46 -6.90 10.59
C LEU A 22 -0.93 -8.35 10.66
N LEU A 23 -0.03 -9.20 11.17
CA LEU A 23 -0.31 -10.63 11.33
C LEU A 23 -1.34 -10.84 12.43
N ASP A 24 -1.14 -10.18 13.56
CA ASP A 24 -1.95 -10.37 14.75
C ASP A 24 -3.32 -9.75 14.56
N GLY A 25 -3.34 -8.67 13.80
CA GLY A 25 -4.59 -8.03 13.47
C GLY A 25 -5.31 -8.77 12.36
N ASN A 26 -5.29 -8.20 11.17
CA ASN A 26 -5.98 -8.77 10.02
C ASN A 26 -5.78 -7.90 8.78
N PHE A 27 -4.53 -7.48 8.56
CA PHE A 27 -4.24 -6.52 7.50
C PHE A 27 -4.68 -7.04 6.13
N LEU A 28 -4.22 -8.23 5.72
CA LEU A 28 -4.63 -8.82 4.45
C LEU A 28 -6.15 -9.01 4.38
N SER A 29 -6.77 -9.22 5.53
CA SER A 29 -8.21 -9.46 5.59
C SER A 29 -8.96 -8.20 5.19
N LEU A 30 -8.43 -7.05 5.61
CA LEU A 30 -8.94 -5.75 5.20
C LEU A 30 -8.92 -5.64 3.69
N LEU A 31 -7.75 -5.88 3.10
CA LEU A 31 -7.59 -5.93 1.65
C LEU A 31 -8.71 -6.73 1.00
N ASN A 32 -8.80 -7.98 1.41
CA ASN A 32 -9.83 -8.89 0.91
C ASN A 32 -11.23 -8.31 1.02
N ALA A 33 -11.42 -7.42 1.99
CA ALA A 33 -12.74 -6.87 2.28
C ALA A 33 -12.88 -5.47 1.72
N ILE A 34 -11.77 -4.92 1.25
CA ILE A 34 -11.73 -3.57 0.68
C ILE A 34 -12.75 -3.44 -0.45
N ASN A 35 -13.42 -2.29 -0.50
CA ASN A 35 -14.42 -2.03 -1.52
C ASN A 35 -13.80 -2.06 -2.91
N LEU A 36 -14.00 -3.16 -3.61
CA LEU A 36 -13.40 -3.36 -4.92
C LEU A 36 -14.30 -2.84 -6.02
N GLU A 37 -15.48 -2.35 -5.65
CA GLU A 37 -16.42 -1.83 -6.62
C GLU A 37 -15.79 -0.71 -7.43
N GLY A 38 -15.03 0.15 -6.75
CA GLY A 38 -14.39 1.28 -7.41
C GLY A 38 -13.45 0.84 -8.50
N LEU A 39 -12.68 -0.21 -8.24
CA LEU A 39 -11.82 -0.78 -9.25
C LEU A 39 -12.64 -1.30 -10.41
N LEU A 40 -13.48 -2.27 -10.10
CA LEU A 40 -14.35 -2.90 -11.08
C LEU A 40 -15.01 -1.86 -11.97
N ASN A 41 -15.72 -0.93 -11.35
CA ASN A 41 -16.46 0.08 -12.12
C ASN A 41 -15.50 1.00 -12.87
N THR A 42 -14.33 1.33 -12.30
CA THR A 42 -13.32 2.09 -13.02
C THR A 42 -12.79 1.36 -14.24
N ILE A 43 -12.35 0.13 -14.03
CA ILE A 43 -11.80 -0.68 -15.10
C ILE A 43 -12.81 -0.86 -16.24
N LEU A 44 -14.03 -1.23 -15.90
CA LEU A 44 -15.07 -1.41 -16.90
C LEU A 44 -15.44 -0.09 -17.57
N ASP A 45 -15.22 1.01 -16.88
CA ASP A 45 -15.47 2.33 -17.45
C ASP A 45 -14.39 2.70 -18.45
N GLN A 46 -13.14 2.60 -18.02
CA GLN A 46 -12.02 2.99 -18.86
C GLN A 46 -11.82 2.05 -20.04
N VAL A 47 -12.00 0.75 -19.81
CA VAL A 47 -11.87 -0.26 -20.85
C VAL A 47 -12.83 0.01 -22.02
N THR A 48 -13.95 0.64 -21.73
CA THR A 48 -14.88 1.05 -22.77
C THR A 48 -14.59 2.48 -23.15
N GLY A 49 -14.40 2.73 -24.44
CA GLY A 49 -13.88 4.02 -24.86
C GLY A 49 -12.36 4.00 -24.86
N LEU A 50 -11.81 2.80 -24.99
CA LEU A 50 -10.40 2.58 -25.01
C LEU A 50 -10.06 1.65 -26.17
N LEU A 51 -10.78 0.53 -26.23
CA LEU A 51 -10.56 -0.47 -27.26
C LEU A 51 -11.23 -0.09 -28.57
N ASN A 52 -12.49 -0.48 -28.74
CA ASN A 52 -13.22 -0.20 -29.96
C ASN A 52 -14.73 -0.17 -29.68
N ILE A 53 -15.12 0.62 -28.69
CA ILE A 53 -16.53 0.74 -28.34
C ILE A 53 -17.14 1.97 -29.01
N LEU A 54 -16.36 3.04 -29.11
CA LEU A 54 -16.86 4.29 -29.67
C LEU A 54 -17.11 4.15 -31.16
N VAL A 55 -16.10 3.72 -31.90
CA VAL A 55 -16.24 3.53 -33.33
C VAL A 55 -16.80 2.13 -33.63
N GLY A 56 -16.89 1.32 -32.60
CA GLY A 56 -17.38 -0.04 -32.76
C GLY A 56 -18.89 -0.10 -32.80
N PRO A 57 -19.47 -0.57 -33.90
CA PRO A 57 -20.92 -0.69 -34.05
C PRO A 57 -21.50 -1.76 -33.12
N LEU A 58 -20.67 -2.71 -32.73
CA LEU A 58 -21.11 -3.82 -31.90
C LEU A 58 -20.68 -3.61 -30.46
N LEU A 59 -21.62 -3.20 -29.62
CA LEU A 59 -21.36 -3.00 -28.20
C LEU A 59 -21.73 -4.27 -27.45
N GLY A 60 -20.75 -5.16 -27.28
CA GLY A 60 -20.99 -6.41 -26.59
C GLY A 60 -21.05 -6.22 -25.08
N PRO A 61 -21.49 -7.24 -24.33
CA PRO A 61 -21.60 -7.17 -22.87
C PRO A 61 -20.23 -7.09 -22.19
N SER A 62 -19.77 -5.86 -21.98
CA SER A 62 -18.48 -5.63 -21.34
C SER A 62 -18.64 -5.58 -19.82
N ASP A 63 -19.27 -6.61 -19.27
CA ASP A 63 -19.49 -6.68 -17.83
C ASP A 63 -18.47 -7.62 -17.20
N ALA A 64 -18.38 -7.56 -15.87
CA ALA A 64 -17.38 -8.29 -15.15
C ALA A 64 -17.56 -8.11 -13.65
N GLU A 65 -16.92 -8.97 -12.89
CA GLU A 65 -16.93 -8.90 -11.45
C GLU A 65 -15.49 -8.83 -10.96
N ILE A 66 -15.26 -8.27 -9.80
CA ILE A 66 -13.90 -8.09 -9.33
C ILE A 66 -13.71 -8.74 -7.96
N LYS A 67 -12.53 -9.33 -7.78
CA LYS A 67 -12.21 -10.05 -6.56
C LYS A 67 -10.71 -9.94 -6.28
N LEU A 68 -10.32 -10.18 -5.04
CA LEU A 68 -8.91 -10.34 -4.72
C LEU A 68 -8.52 -11.79 -4.80
N GLN A 69 -7.34 -12.03 -5.34
CA GLN A 69 -6.91 -13.39 -5.64
C GLN A 69 -5.89 -13.87 -4.61
N ASP A 70 -4.78 -13.17 -4.50
CA ASP A 70 -3.70 -13.58 -3.62
C ASP A 70 -3.13 -12.38 -2.89
N THR A 71 -3.35 -12.36 -1.60
CA THR A 71 -2.92 -11.25 -0.77
C THR A 71 -1.91 -11.70 0.27
N ARG A 72 -0.80 -10.99 0.34
CA ARG A 72 0.24 -11.26 1.32
C ARG A 72 1.06 -10.02 1.62
N LEU A 73 1.78 -10.11 2.72
CA LEU A 73 2.71 -9.08 3.17
C LEU A 73 4.15 -9.53 3.01
N LEU A 74 5.03 -8.60 2.69
CA LEU A 74 6.45 -8.89 2.61
C LEU A 74 7.16 -8.32 3.85
N GLN A 75 8.46 -8.07 3.76
CA GLN A 75 9.22 -7.57 4.87
C GLN A 75 9.20 -6.05 4.88
N LEU A 76 8.78 -5.55 5.99
CA LEU A 76 8.65 -4.11 6.22
C LEU A 76 10.00 -3.43 6.32
N SER A 77 10.00 -2.11 6.22
CA SER A 77 11.21 -1.34 6.33
C SER A 77 10.89 0.05 6.88
N LEU A 78 11.94 0.75 7.25
CA LEU A 78 11.82 2.09 7.83
C LEU A 78 12.88 3.01 7.25
N GLU A 79 12.55 4.29 7.12
CA GLU A 79 13.50 5.30 6.66
C GLU A 79 13.29 6.59 7.41
N PHE A 80 14.33 7.40 7.49
CA PHE A 80 14.17 8.73 8.06
C PHE A 80 13.43 9.62 7.08
N SER A 81 12.39 10.27 7.58
CA SER A 81 11.48 11.04 6.75
C SER A 81 12.21 12.19 6.06
N PRO A 82 11.85 12.47 4.79
CA PRO A 82 12.41 13.59 4.04
C PRO A 82 11.94 14.93 4.59
N ASP A 83 10.82 14.88 5.30
CA ASP A 83 10.29 16.05 5.99
C ASP A 83 11.12 16.30 7.24
N SER A 84 11.80 15.25 7.67
CA SER A 84 12.62 15.24 8.88
C SER A 84 11.73 15.23 10.12
N LYS A 85 12.33 14.87 11.26
CA LYS A 85 11.65 14.85 12.56
C LYS A 85 10.62 13.72 12.63
N GLY A 86 10.64 12.85 11.66
CA GLY A 86 9.85 11.64 11.71
C GLY A 86 10.49 10.53 10.91
N ILE A 87 9.77 9.43 10.77
CA ILE A 87 10.27 8.26 10.06
C ILE A 87 9.19 7.70 9.13
N ASP A 88 9.61 7.24 7.95
CA ASP A 88 8.68 6.63 6.99
C ASP A 88 8.70 5.13 7.18
N ILE A 89 7.54 4.57 7.48
CA ILE A 89 7.44 3.12 7.60
C ILE A 89 6.88 2.55 6.31
N TRP A 90 7.65 1.68 5.69
CA TRP A 90 7.29 1.12 4.42
C TRP A 90 6.75 -0.29 4.60
N ILE A 91 5.44 -0.41 4.46
CA ILE A 91 4.78 -1.69 4.53
C ILE A 91 4.48 -2.21 3.13
N PRO A 92 5.27 -3.18 2.67
CA PRO A 92 5.15 -3.73 1.33
C PRO A 92 4.09 -4.81 1.24
N LEU A 93 3.23 -4.71 0.23
CA LEU A 93 2.17 -5.67 -0.01
C LEU A 93 2.33 -6.35 -1.35
N GLU A 94 1.88 -7.58 -1.42
CA GLU A 94 1.78 -8.30 -2.67
C GLU A 94 0.39 -8.89 -2.78
N LEU A 95 -0.43 -8.26 -3.59
CA LEU A 95 -1.79 -8.73 -3.76
C LEU A 95 -2.11 -8.88 -5.23
N SER A 96 -2.89 -9.88 -5.53
CA SER A 96 -3.31 -10.16 -6.88
C SER A 96 -4.79 -9.90 -6.99
N VAL A 97 -5.20 -9.24 -8.06
CA VAL A 97 -6.60 -8.93 -8.26
C VAL A 97 -7.14 -9.74 -9.43
N TYR A 98 -8.36 -10.20 -9.30
CA TYR A 98 -8.93 -11.13 -10.26
C TYR A 98 -10.21 -10.57 -10.85
N LEU A 99 -10.23 -10.37 -12.16
CA LEU A 99 -11.42 -9.93 -12.85
C LEU A 99 -12.19 -11.14 -13.35
N LYS A 100 -13.47 -11.19 -13.08
CA LYS A 100 -14.29 -12.29 -13.51
C LYS A 100 -15.24 -11.79 -14.58
N LEU A 101 -14.87 -11.99 -15.84
CA LEU A 101 -15.69 -11.57 -16.96
C LEU A 101 -16.79 -12.59 -17.19
N LEU A 102 -17.83 -12.20 -17.91
CA LEU A 102 -18.92 -13.11 -18.22
C LEU A 102 -18.55 -13.98 -19.43
N ILE A 103 -17.26 -14.11 -19.66
CA ILE A 103 -16.73 -14.95 -20.70
C ILE A 103 -16.07 -16.18 -20.08
N LEU A 104 -15.23 -16.87 -20.84
CA LEU A 104 -14.65 -18.13 -20.38
C LEU A 104 -13.39 -17.89 -19.56
N GLU A 105 -12.52 -17.02 -20.06
CA GLU A 105 -11.21 -16.82 -19.47
C GLU A 105 -11.13 -15.52 -18.66
N PRO A 106 -11.13 -15.64 -17.33
CA PRO A 106 -10.86 -14.51 -16.43
C PRO A 106 -9.37 -14.21 -16.33
N LEU A 107 -9.04 -12.96 -16.05
CA LEU A 107 -7.64 -12.54 -15.99
C LEU A 107 -7.27 -12.22 -14.56
N THR A 108 -5.98 -12.21 -14.27
CA THR A 108 -5.52 -11.92 -12.93
C THR A 108 -4.38 -10.91 -12.99
N LEU A 109 -4.49 -9.89 -12.16
CA LEU A 109 -3.51 -8.84 -12.08
C LEU A 109 -2.71 -8.98 -10.79
N TYR A 110 -1.59 -8.32 -10.72
CA TYR A 110 -0.73 -8.35 -9.54
C TYR A 110 -0.31 -6.94 -9.20
N VAL A 111 -0.36 -6.60 -7.93
CA VAL A 111 0.13 -5.31 -7.51
C VAL A 111 0.97 -5.44 -6.26
N ARG A 112 2.13 -4.81 -6.33
CA ARG A 112 3.05 -4.74 -5.22
C ARG A 112 3.20 -3.28 -4.82
N THR A 113 2.55 -2.94 -3.73
CA THR A 113 2.55 -1.58 -3.23
C THR A 113 3.32 -1.51 -1.93
N ASP A 114 4.01 -0.41 -1.71
CA ASP A 114 4.76 -0.21 -0.48
C ASP A 114 4.17 0.97 0.27
N ILE A 115 3.38 0.68 1.30
CA ILE A 115 2.78 1.70 2.14
C ILE A 115 3.85 2.57 2.79
N ARG A 116 3.58 3.86 2.91
CA ARG A 116 4.47 4.76 3.60
C ARG A 116 3.71 5.60 4.61
N VAL A 117 3.82 5.25 5.87
CA VAL A 117 3.24 6.06 6.91
C VAL A 117 4.34 6.76 7.69
N GLN A 118 4.08 7.99 8.07
CA GLN A 118 5.06 8.77 8.80
C GLN A 118 4.74 8.82 10.28
N LEU A 119 5.69 8.39 11.08
CA LEU A 119 5.61 8.54 12.52
C LEU A 119 6.46 9.72 12.95
N ARG A 120 5.79 10.81 13.25
CA ARG A 120 6.42 12.05 13.63
C ARG A 120 6.82 12.01 15.09
N LEU A 121 7.51 13.04 15.54
CA LEU A 121 7.86 13.15 16.94
C LEU A 121 6.98 14.20 17.62
N GLU A 122 6.41 13.82 18.75
CA GLU A 122 5.60 14.73 19.54
C GLU A 122 5.91 14.56 21.01
N SER A 123 5.53 15.56 21.79
CA SER A 123 5.69 15.51 23.22
C SER A 123 4.32 15.50 23.89
N ASP A 124 4.17 14.62 24.86
CA ASP A 124 2.90 14.36 25.49
C ASP A 124 2.70 15.25 26.72
N GLU A 125 1.65 15.00 27.49
CA GLU A 125 1.28 15.83 28.63
C GLU A 125 2.45 16.04 29.59
N ASP A 126 3.21 14.98 29.85
CA ASP A 126 4.34 15.06 30.77
C ASP A 126 5.61 15.53 30.09
N GLY A 127 5.45 16.13 28.91
CA GLY A 127 6.59 16.70 28.19
C GLY A 127 7.48 15.65 27.55
N LYS A 128 7.10 14.38 27.70
CA LYS A 128 7.87 13.29 27.17
C LYS A 128 7.54 13.04 25.72
N TYR A 129 8.42 12.32 25.06
CA TYR A 129 8.35 12.14 23.64
C TYR A 129 7.62 10.86 23.27
N ARG A 130 6.85 10.95 22.20
CA ARG A 130 6.03 9.86 21.72
C ARG A 130 6.08 9.80 20.21
N LEU A 131 5.49 8.77 19.66
CA LEU A 131 5.37 8.64 18.23
C LEU A 131 4.05 9.22 17.75
N ALA A 132 4.15 10.14 16.81
CA ALA A 132 3.01 10.85 16.29
C ALA A 132 2.64 10.41 14.87
N PHE A 133 1.61 9.59 14.75
CA PHE A 133 1.16 9.11 13.44
C PHE A 133 0.58 10.28 12.64
N GLY A 134 1.37 10.79 11.71
CA GLY A 134 1.00 12.00 11.01
C GLY A 134 0.58 11.76 9.57
N HIS A 135 1.13 10.73 8.94
CA HIS A 135 0.87 10.51 7.53
C HIS A 135 0.72 9.02 7.27
N CYS A 136 -0.13 8.65 6.33
CA CYS A 136 -0.29 7.26 5.95
C CYS A 136 -0.77 7.14 4.51
N SER A 137 0.18 7.12 3.59
CA SER A 137 -0.15 6.97 2.18
C SER A 137 0.44 5.70 1.63
N LEU A 138 -0.34 5.01 0.81
CA LEU A 138 0.10 3.78 0.20
C LEU A 138 0.63 4.04 -1.19
N LEU A 139 1.77 3.45 -1.51
CA LEU A 139 2.45 3.75 -2.77
C LEU A 139 2.57 2.52 -3.64
N PRO A 140 1.80 2.48 -4.72
CA PRO A 140 1.77 1.35 -5.63
C PRO A 140 3.00 1.33 -6.54
N ARG A 141 3.93 0.44 -6.21
CA ARG A 141 5.18 0.39 -6.94
C ARG A 141 5.09 -0.53 -8.15
N ALA A 142 4.37 -1.63 -7.99
CA ALA A 142 4.34 -2.66 -9.01
C ALA A 142 2.93 -3.08 -9.36
N ILE A 143 2.65 -3.18 -10.64
CA ILE A 143 1.41 -3.72 -11.15
C ILE A 143 1.68 -4.57 -12.39
N GLU A 144 1.73 -5.88 -12.19
CA GLU A 144 2.02 -6.83 -13.27
C GLU A 144 0.77 -7.62 -13.65
N LEU A 145 0.77 -8.19 -14.84
CA LEU A 145 -0.31 -9.07 -15.27
C LEU A 145 0.07 -10.52 -14.96
N GLN A 146 -0.74 -11.19 -14.16
CA GLN A 146 -0.46 -12.57 -13.75
C GLN A 146 -0.71 -13.55 -14.87
N SER A 147 -1.73 -13.28 -15.67
CA SER A 147 -2.07 -14.15 -16.79
C SER A 147 -0.93 -14.16 -17.81
N GLY A 148 -0.63 -15.34 -18.34
CA GLY A 148 0.52 -15.51 -19.22
C GLY A 148 0.55 -14.53 -20.38
N ASN A 149 -0.26 -14.79 -21.39
CA ASN A 149 -0.35 -13.93 -22.56
C ASN A 149 -1.54 -14.29 -23.43
N PRO A 150 -2.55 -13.42 -23.45
CA PRO A 150 -3.75 -13.58 -24.25
C PRO A 150 -3.69 -12.79 -25.55
N LEU A 151 -3.34 -13.47 -26.63
CA LEU A 151 -3.14 -12.82 -27.92
C LEU A 151 -4.46 -12.64 -28.67
N SER A 152 -5.47 -13.38 -28.24
CA SER A 152 -6.78 -13.33 -28.88
C SER A 152 -7.63 -12.23 -28.25
N LEU A 153 -7.16 -11.68 -27.15
CA LEU A 153 -7.91 -10.64 -26.45
C LEU A 153 -7.20 -9.28 -26.59
N PRO A 154 -7.98 -8.20 -26.58
CA PRO A 154 -7.46 -6.85 -26.73
C PRO A 154 -6.95 -6.27 -25.41
N VAL A 155 -5.96 -6.95 -24.83
CA VAL A 155 -5.43 -6.55 -23.54
C VAL A 155 -4.34 -5.49 -23.69
N ASN A 156 -3.87 -5.30 -24.92
CA ASN A 156 -2.71 -4.44 -25.19
C ASN A 156 -3.02 -2.99 -24.81
N ALA A 157 -4.29 -2.65 -24.76
CA ALA A 157 -4.70 -1.30 -24.43
C ALA A 157 -5.08 -1.17 -22.96
N VAL A 158 -5.45 -2.28 -22.35
CA VAL A 158 -6.07 -2.24 -21.03
C VAL A 158 -5.02 -2.32 -19.93
N LEU A 159 -3.78 -2.61 -20.29
CA LEU A 159 -2.73 -2.76 -19.29
C LEU A 159 -2.53 -1.47 -18.52
N GLY A 160 -2.33 -0.38 -19.27
CA GLY A 160 -2.24 0.93 -18.66
C GLY A 160 -3.48 1.29 -17.86
N THR A 161 -4.60 0.69 -18.23
CA THR A 161 -5.86 0.93 -17.54
C THR A 161 -5.89 0.20 -16.19
N ILE A 162 -5.47 -1.06 -16.21
CA ILE A 162 -5.35 -1.85 -15.00
C ILE A 162 -4.39 -1.18 -14.02
N GLU A 163 -3.28 -0.68 -14.56
CA GLU A 163 -2.29 0.03 -13.76
C GLU A 163 -2.86 1.35 -13.28
N ASN A 164 -3.64 2.01 -14.14
CA ASN A 164 -4.35 3.23 -13.79
C ASN A 164 -5.21 2.98 -12.57
N ALA A 165 -6.05 1.97 -12.70
CA ALA A 165 -7.01 1.62 -11.68
C ALA A 165 -6.34 1.13 -10.41
N LEU A 166 -5.43 0.18 -10.53
CA LEU A 166 -4.74 -0.37 -9.37
C LEU A 166 -3.93 0.70 -8.69
N GLY A 167 -3.16 1.46 -9.46
CA GLY A 167 -2.39 2.56 -8.91
C GLY A 167 -3.26 3.56 -8.17
N ASN A 168 -4.55 3.56 -8.49
CA ASN A 168 -5.50 4.42 -7.78
C ASN A 168 -6.01 3.74 -6.53
N PHE A 169 -6.35 2.47 -6.63
CA PHE A 169 -7.03 1.74 -5.57
C PHE A 169 -6.14 1.57 -4.34
N ILE A 170 -4.84 1.40 -4.55
CA ILE A 170 -3.90 1.34 -3.44
C ILE A 170 -3.95 2.63 -2.63
N THR A 171 -3.87 3.73 -3.32
CA THR A 171 -3.70 5.02 -2.68
C THR A 171 -5.02 5.51 -2.11
N GLU A 172 -6.01 5.52 -2.98
CA GLU A 172 -7.35 6.00 -2.64
C GLU A 172 -8.05 5.09 -1.64
N ASP A 173 -8.22 3.82 -2.02
CA ASP A 173 -9.09 2.93 -1.27
C ASP A 173 -8.34 2.19 -0.18
N LEU A 174 -7.15 1.68 -0.49
CA LEU A 174 -6.38 0.95 0.50
C LEU A 174 -5.91 1.89 1.60
N GLY A 175 -5.46 3.08 1.23
CA GLY A 175 -5.13 4.10 2.23
C GLY A 175 -6.36 4.63 2.96
N ALA A 176 -7.47 3.94 2.81
CA ALA A 176 -8.68 4.25 3.54
C ALA A 176 -9.03 3.10 4.46
N GLY A 177 -8.99 1.90 3.91
CA GLY A 177 -9.37 0.71 4.65
C GLY A 177 -8.24 0.13 5.47
N LEU A 178 -7.01 0.53 5.17
CA LEU A 178 -5.85 -0.04 5.85
C LEU A 178 -5.19 0.97 6.78
N CYS A 179 -5.54 2.23 6.62
CA CYS A 179 -4.91 3.31 7.40
C CYS A 179 -5.18 3.18 8.91
N PRO A 180 -6.46 2.99 9.35
CA PRO A 180 -6.77 2.85 10.79
C PRO A 180 -5.96 1.74 11.46
N THR A 181 -5.84 0.60 10.78
CA THR A 181 -5.09 -0.54 11.28
C THR A 181 -3.63 -0.17 11.55
N LEU A 182 -3.03 0.55 10.62
CA LEU A 182 -1.64 0.94 10.78
C LEU A 182 -1.48 1.88 11.94
N ASN A 183 -2.39 2.83 12.06
CA ASN A 183 -2.40 3.77 13.18
C ASN A 183 -2.64 3.03 14.49
N SER A 184 -3.05 1.77 14.38
CA SER A 184 -3.33 0.98 15.56
C SER A 184 -2.07 0.24 15.97
N LEU A 185 -1.44 -0.43 15.00
CA LEU A 185 -0.25 -1.22 15.25
C LEU A 185 0.90 -0.35 15.74
N VAL A 186 1.23 0.67 14.97
CA VAL A 186 2.30 1.60 15.31
C VAL A 186 2.10 2.21 16.70
N SER A 187 0.85 2.39 17.05
CA SER A 187 0.50 3.04 18.30
C SER A 187 0.44 2.03 19.45
N ASN A 188 0.47 0.75 19.10
CA ASN A 188 0.29 -0.30 20.09
C ASN A 188 1.49 -1.22 20.18
N LEU A 189 2.54 -0.97 19.42
CA LEU A 189 3.71 -1.81 19.51
C LEU A 189 4.57 -1.51 20.74
N ASP A 190 5.79 -2.01 20.70
CA ASP A 190 6.74 -1.90 21.79
C ASP A 190 7.06 -0.45 22.14
N LEU A 191 7.12 -0.15 23.42
CA LEU A 191 7.57 1.15 23.90
C LEU A 191 9.05 1.35 23.57
N GLN A 192 9.81 0.25 23.58
CA GLN A 192 11.21 0.30 23.23
C GLN A 192 11.35 0.65 21.76
N LEU A 193 10.43 0.12 20.96
CA LEU A 193 10.39 0.40 19.54
C LEU A 193 9.99 1.85 19.30
N VAL A 194 8.94 2.28 19.98
CA VAL A 194 8.55 3.69 20.02
C VAL A 194 9.78 4.57 20.25
N ASN A 195 10.48 4.29 21.34
CA ASN A 195 11.66 5.07 21.69
C ASN A 195 12.79 4.89 20.68
N ASN A 196 12.91 3.69 20.11
CA ASN A 196 13.89 3.44 19.04
C ASN A 196 13.72 4.41 17.88
N LEU A 197 12.48 4.61 17.44
CA LEU A 197 12.20 5.54 16.38
C LEU A 197 12.46 6.96 16.87
N ILE A 198 11.98 7.24 18.08
CA ILE A 198 12.11 8.56 18.67
C ILE A 198 13.57 8.99 18.81
N ASN A 199 14.32 8.26 19.63
CA ASN A 199 15.73 8.60 19.88
C ASN A 199 16.53 8.70 18.57
N LEU A 200 16.13 7.93 17.56
CA LEU A 200 16.76 8.02 16.26
C LEU A 200 16.45 9.33 15.58
N ILE A 201 15.17 9.70 15.58
CA ILE A 201 14.75 10.99 15.05
C ILE A 201 15.44 12.12 15.81
N LEU A 202 15.48 12.00 17.13
CA LEU A 202 16.14 12.99 17.98
C LEU A 202 17.62 13.07 17.66
N ASP A 203 18.19 11.93 17.34
CA ASP A 203 19.59 11.83 16.96
C ASP A 203 19.83 12.60 15.67
N ARG A 204 19.01 12.31 14.67
CA ARG A 204 19.12 12.98 13.37
C ARG A 204 18.66 14.42 13.47
N ALA A 205 17.97 14.73 14.55
CA ALA A 205 17.52 16.09 14.83
C ALA A 205 18.65 16.89 15.46
N ASN A 206 19.56 16.19 16.13
CA ASN A 206 20.75 16.82 16.68
C ASN A 206 21.81 16.91 15.59
N VAL A 207 21.89 15.88 14.76
CA VAL A 207 22.79 15.89 13.62
C VAL A 207 22.10 16.51 12.42
N ASP A 208 21.82 17.81 12.53
CA ASP A 208 21.09 18.52 11.49
C ASP A 208 21.86 19.77 11.07
N LEU A 209 21.20 20.64 10.33
CA LEU A 209 21.78 21.93 9.96
C LEU A 209 22.26 22.68 11.20
N SER A 210 21.43 22.64 12.23
CA SER A 210 21.74 23.24 13.53
C SER A 210 21.85 24.76 13.43
N VAL A 211 22.06 25.41 14.56
CA VAL A 211 22.21 26.85 14.60
C VAL A 211 23.70 27.22 14.68
N ALA A 1 20.64 -1.50 4.45
CA ALA A 1 19.87 -1.61 3.19
C ALA A 1 19.99 -0.32 2.37
N MET A 2 20.52 0.73 2.97
CA MET A 2 20.65 2.01 2.26
C MET A 2 22.06 2.58 2.44
N ALA A 3 22.29 3.21 3.58
CA ALA A 3 23.56 3.83 3.89
C ALA A 3 23.71 3.94 5.40
N GLN A 4 24.38 4.98 5.88
CA GLN A 4 24.49 5.22 7.31
C GLN A 4 23.19 5.79 7.85
N GLN A 5 22.11 5.06 7.66
CA GLN A 5 20.78 5.53 8.01
C GLN A 5 20.27 4.80 9.24
N ILE A 6 19.06 4.24 9.14
CA ILE A 6 18.48 3.52 10.26
C ILE A 6 19.25 2.24 10.55
N PRO A 7 19.56 1.97 11.83
CA PRO A 7 20.25 0.75 12.23
C PRO A 7 19.43 -0.49 11.88
N PRO A 8 20.03 -1.40 11.11
CA PRO A 8 19.38 -2.63 10.64
C PRO A 8 18.68 -3.39 11.77
N GLU A 9 19.27 -3.35 12.96
CA GLU A 9 18.71 -4.04 14.10
C GLU A 9 17.37 -3.45 14.51
N VAL A 10 17.26 -2.13 14.57
CA VAL A 10 16.04 -1.54 15.06
C VAL A 10 14.96 -1.66 14.00
N SER A 11 15.33 -1.50 12.74
CA SER A 11 14.39 -1.61 11.66
C SER A 11 14.06 -3.09 11.36
N SER A 12 14.43 -3.98 12.27
CA SER A 12 14.07 -5.38 12.16
C SER A 12 13.15 -5.78 13.31
N GLN A 13 12.99 -4.88 14.28
CA GLN A 13 12.12 -5.16 15.43
C GLN A 13 10.86 -4.28 15.38
N ILE A 14 10.98 -3.07 14.84
CA ILE A 14 9.83 -2.23 14.60
C ILE A 14 8.99 -2.86 13.50
N THR A 15 9.68 -3.37 12.50
CA THR A 15 9.04 -3.99 11.36
C THR A 15 8.43 -5.32 11.75
N ASP A 16 9.08 -5.99 12.70
CA ASP A 16 8.60 -7.23 13.27
C ASP A 16 7.25 -6.99 13.87
N ALA A 17 7.22 -5.99 14.72
CA ALA A 17 6.02 -5.59 15.42
C ALA A 17 4.98 -5.00 14.49
N LEU A 18 5.44 -4.20 13.55
CA LEU A 18 4.55 -3.56 12.60
C LEU A 18 3.88 -4.63 11.74
N THR A 19 4.64 -5.67 11.42
CA THR A 19 4.11 -6.74 10.63
C THR A 19 3.29 -7.62 11.52
N GLN A 20 3.71 -7.73 12.77
CA GLN A 20 3.02 -8.49 13.77
C GLN A 20 1.61 -7.97 13.94
N GLY A 21 1.46 -6.66 13.98
CA GLY A 21 0.17 -6.06 13.99
C GLY A 21 -0.61 -6.33 12.72
N LEU A 22 0.09 -6.43 11.59
CA LEU A 22 -0.55 -6.82 10.35
C LEU A 22 -1.07 -8.25 10.48
N LEU A 23 -0.27 -9.08 11.15
CA LEU A 23 -0.62 -10.46 11.42
C LEU A 23 -1.78 -10.51 12.41
N ASP A 24 -1.63 -9.76 13.50
CA ASP A 24 -2.60 -9.77 14.59
C ASP A 24 -3.89 -9.07 14.20
N GLY A 25 -3.75 -7.98 13.46
CA GLY A 25 -4.89 -7.19 13.05
C GLY A 25 -5.40 -7.58 11.67
N ASN A 26 -4.97 -8.77 11.21
CA ASN A 26 -5.38 -9.33 9.91
C ASN A 26 -5.46 -8.27 8.81
N PHE A 27 -4.34 -7.61 8.56
CA PHE A 27 -4.24 -6.54 7.57
C PHE A 27 -4.71 -7.01 6.20
N LEU A 28 -4.26 -8.18 5.78
CA LEU A 28 -4.62 -8.72 4.46
C LEU A 28 -6.11 -9.04 4.36
N SER A 29 -6.73 -9.33 5.51
CA SER A 29 -8.15 -9.67 5.54
C SER A 29 -8.99 -8.43 5.19
N LEU A 30 -8.50 -7.28 5.63
CA LEU A 30 -9.12 -6.00 5.30
C LEU A 30 -9.19 -5.82 3.79
N LEU A 31 -8.05 -6.01 3.12
CA LEU A 31 -7.97 -6.01 1.67
C LEU A 31 -9.06 -6.86 1.06
N ASN A 32 -9.11 -8.12 1.48
CA ASN A 32 -10.13 -9.06 1.04
C ASN A 32 -11.53 -8.48 1.21
N ALA A 33 -11.70 -7.65 2.23
CA ALA A 33 -13.01 -7.10 2.57
C ALA A 33 -13.18 -5.70 2.01
N ILE A 34 -12.10 -5.17 1.46
CA ILE A 34 -12.10 -3.87 0.83
C ILE A 34 -13.09 -3.86 -0.34
N ASN A 35 -13.98 -2.88 -0.34
CA ASN A 35 -14.97 -2.76 -1.40
C ASN A 35 -14.27 -2.61 -2.74
N LEU A 36 -14.33 -3.66 -3.54
CA LEU A 36 -13.56 -3.74 -4.77
C LEU A 36 -14.34 -3.18 -5.94
N GLU A 37 -15.49 -2.59 -5.64
CA GLU A 37 -16.33 -1.99 -6.66
C GLU A 37 -15.63 -0.81 -7.33
N GLY A 38 -14.88 -0.03 -6.57
CA GLY A 38 -14.20 1.10 -7.15
C GLY A 38 -13.32 0.68 -8.30
N LEU A 39 -12.58 -0.38 -8.10
CA LEU A 39 -11.74 -0.95 -9.15
C LEU A 39 -12.59 -1.49 -10.28
N LEU A 40 -13.41 -2.48 -9.94
CA LEU A 40 -14.32 -3.12 -10.89
C LEU A 40 -14.98 -2.09 -11.79
N ASN A 41 -15.66 -1.15 -11.18
CA ASN A 41 -16.38 -0.13 -11.94
C ASN A 41 -15.42 0.75 -12.74
N THR A 42 -14.30 1.15 -12.13
CA THR A 42 -13.30 1.98 -12.83
C THR A 42 -12.77 1.26 -14.07
N ILE A 43 -12.25 0.06 -13.87
CA ILE A 43 -11.68 -0.73 -14.95
C ILE A 43 -12.68 -0.91 -16.09
N LEU A 44 -13.87 -1.42 -15.76
CA LEU A 44 -14.91 -1.63 -16.77
C LEU A 44 -15.26 -0.32 -17.48
N ASP A 45 -15.36 0.75 -16.71
CA ASP A 45 -15.74 2.06 -17.23
C ASP A 45 -14.76 2.53 -18.30
N GLN A 46 -13.47 2.37 -18.05
CA GLN A 46 -12.44 2.87 -18.94
C GLN A 46 -12.10 1.90 -20.07
N VAL A 47 -11.94 0.62 -19.75
CA VAL A 47 -11.46 -0.35 -20.76
C VAL A 47 -12.47 -0.52 -21.90
N THR A 48 -13.74 -0.23 -21.61
CA THR A 48 -14.78 -0.40 -22.61
C THR A 48 -14.57 0.55 -23.78
N GLY A 49 -14.27 1.81 -23.48
CA GLY A 49 -14.06 2.78 -24.53
C GLY A 49 -12.82 2.48 -25.32
N LEU A 50 -11.76 2.15 -24.61
CA LEU A 50 -10.48 1.82 -25.21
C LEU A 50 -10.63 0.67 -26.19
N LEU A 51 -11.41 -0.33 -25.81
CA LEU A 51 -11.63 -1.51 -26.63
C LEU A 51 -12.47 -1.18 -27.86
N ASN A 52 -13.75 -0.86 -27.67
CA ASN A 52 -14.63 -0.61 -28.82
C ASN A 52 -15.92 0.14 -28.47
N ILE A 53 -15.97 0.78 -27.31
CA ILE A 53 -17.16 1.54 -26.93
C ILE A 53 -16.96 3.03 -27.19
N LEU A 54 -15.70 3.45 -27.38
CA LEU A 54 -15.40 4.86 -27.64
C LEU A 54 -15.94 5.27 -29.01
N VAL A 55 -15.35 4.73 -30.06
CA VAL A 55 -15.80 5.02 -31.41
C VAL A 55 -16.90 4.04 -31.81
N GLY A 56 -16.90 2.87 -31.18
CA GLY A 56 -17.91 1.88 -31.45
C GLY A 56 -19.19 2.17 -30.71
N PRO A 57 -20.32 2.32 -31.43
CA PRO A 57 -21.62 2.57 -30.82
C PRO A 57 -22.18 1.35 -30.11
N LEU A 58 -21.42 0.26 -30.14
CA LEU A 58 -21.85 -1.00 -29.55
C LEU A 58 -21.47 -1.06 -28.07
N LEU A 59 -22.40 -0.67 -27.21
CA LEU A 59 -22.20 -0.78 -25.77
C LEU A 59 -22.37 -2.22 -25.33
N GLY A 60 -21.61 -2.63 -24.33
CA GLY A 60 -21.70 -3.98 -23.83
C GLY A 60 -22.63 -4.08 -22.65
N PRO A 61 -22.90 -5.30 -22.16
CA PRO A 61 -23.79 -5.52 -21.02
C PRO A 61 -23.13 -5.10 -19.71
N SER A 62 -23.93 -4.64 -18.76
CA SER A 62 -23.42 -4.32 -17.44
C SER A 62 -23.20 -5.62 -16.66
N ASP A 63 -22.04 -6.22 -16.85
CA ASP A 63 -21.71 -7.49 -16.24
C ASP A 63 -20.34 -7.41 -15.60
N ALA A 64 -19.71 -8.57 -15.46
CA ALA A 64 -18.33 -8.69 -14.98
C ALA A 64 -18.22 -8.48 -13.48
N GLU A 65 -17.13 -8.98 -12.92
CA GLU A 65 -16.93 -8.97 -11.48
C GLU A 65 -15.45 -8.83 -11.17
N ILE A 66 -15.15 -8.37 -9.97
CA ILE A 66 -13.78 -8.25 -9.53
C ILE A 66 -13.59 -8.99 -8.21
N LYS A 67 -12.43 -9.60 -8.05
CA LYS A 67 -12.14 -10.41 -6.88
C LYS A 67 -10.65 -10.29 -6.56
N LEU A 68 -10.28 -10.46 -5.30
CA LEU A 68 -8.87 -10.56 -4.96
C LEU A 68 -8.38 -11.97 -5.17
N GLN A 69 -7.12 -12.08 -5.56
CA GLN A 69 -6.56 -13.35 -5.99
C GLN A 69 -5.50 -13.85 -5.02
N ASP A 70 -4.58 -12.96 -4.63
CA ASP A 70 -3.50 -13.35 -3.75
C ASP A 70 -2.96 -12.17 -2.98
N THR A 71 -3.25 -12.15 -1.72
CA THR A 71 -2.81 -11.09 -0.85
C THR A 71 -1.83 -11.60 0.19
N ARG A 72 -0.67 -10.98 0.21
CA ARG A 72 0.37 -11.35 1.13
C ARG A 72 1.23 -10.15 1.49
N LEU A 73 2.08 -10.38 2.46
CA LEU A 73 2.97 -9.35 3.00
C LEU A 73 4.42 -9.78 2.88
N LEU A 74 5.29 -8.82 2.60
CA LEU A 74 6.72 -9.07 2.53
C LEU A 74 7.38 -8.54 3.80
N GLN A 75 8.69 -8.29 3.73
CA GLN A 75 9.42 -7.78 4.86
C GLN A 75 9.34 -6.27 4.87
N LEU A 76 8.88 -5.77 5.97
CA LEU A 76 8.73 -4.35 6.21
C LEU A 76 10.08 -3.68 6.38
N SER A 77 10.10 -2.37 6.33
CA SER A 77 11.31 -1.60 6.50
C SER A 77 10.97 -0.19 6.95
N LEU A 78 12.00 0.55 7.27
CA LEU A 78 11.85 1.92 7.74
C LEU A 78 12.85 2.81 7.03
N GLU A 79 12.45 4.04 6.78
CA GLU A 79 13.30 5.01 6.16
C GLU A 79 13.16 6.35 6.86
N PHE A 80 14.25 7.09 6.99
CA PHE A 80 14.21 8.39 7.63
C PHE A 80 13.44 9.40 6.80
N SER A 81 12.69 10.25 7.48
CA SER A 81 12.02 11.35 6.83
C SER A 81 12.96 12.55 6.76
N PRO A 82 13.36 12.94 5.55
CA PRO A 82 14.37 14.00 5.35
C PRO A 82 13.86 15.39 5.71
N ASP A 83 12.60 15.67 5.38
CA ASP A 83 12.03 16.98 5.63
C ASP A 83 11.11 16.96 6.84
N SER A 84 10.36 15.88 6.98
CA SER A 84 9.48 15.71 8.12
C SER A 84 10.24 15.16 9.32
N LYS A 85 9.97 15.71 10.49
CA LYS A 85 10.57 15.23 11.73
C LYS A 85 9.93 13.90 12.14
N GLY A 86 10.28 12.85 11.42
CA GLY A 86 9.77 11.53 11.72
C GLY A 86 10.46 10.46 10.90
N ILE A 87 9.81 9.32 10.77
CA ILE A 87 10.31 8.22 9.97
C ILE A 87 9.21 7.68 9.06
N ASP A 88 9.60 7.31 7.84
CA ASP A 88 8.68 6.74 6.87
C ASP A 88 8.72 5.23 6.98
N ILE A 89 7.62 4.63 7.41
CA ILE A 89 7.53 3.18 7.51
C ILE A 89 6.96 2.62 6.23
N TRP A 90 7.71 1.73 5.61
CA TRP A 90 7.33 1.16 4.34
C TRP A 90 6.82 -0.26 4.52
N ILE A 91 5.51 -0.43 4.49
CA ILE A 91 4.90 -1.73 4.56
C ILE A 91 4.63 -2.28 3.16
N PRO A 92 5.48 -3.20 2.72
CA PRO A 92 5.38 -3.79 1.38
C PRO A 92 4.31 -4.86 1.31
N LEU A 93 3.44 -4.74 0.32
CA LEU A 93 2.39 -5.71 0.07
C LEU A 93 2.56 -6.34 -1.29
N GLU A 94 2.12 -7.58 -1.42
CA GLU A 94 2.05 -8.26 -2.69
C GLU A 94 0.65 -8.80 -2.88
N LEU A 95 -0.17 -8.08 -3.62
CA LEU A 95 -1.55 -8.46 -3.80
C LEU A 95 -1.77 -8.81 -5.25
N SER A 96 -2.74 -9.67 -5.51
CA SER A 96 -3.11 -10.01 -6.85
C SER A 96 -4.61 -9.82 -6.99
N VAL A 97 -5.04 -9.28 -8.12
CA VAL A 97 -6.45 -9.02 -8.34
C VAL A 97 -6.93 -9.81 -9.55
N TYR A 98 -8.13 -10.33 -9.45
CA TYR A 98 -8.70 -11.15 -10.49
C TYR A 98 -10.03 -10.57 -10.95
N LEU A 99 -10.11 -10.19 -12.22
CA LEU A 99 -11.36 -9.72 -12.77
C LEU A 99 -12.00 -10.76 -13.69
N LYS A 100 -13.31 -10.89 -13.57
CA LYS A 100 -14.07 -11.87 -14.32
C LYS A 100 -14.91 -11.16 -15.37
N LEU A 101 -14.71 -11.48 -16.64
CA LEU A 101 -15.47 -10.85 -17.71
C LEU A 101 -16.50 -11.83 -18.28
N LEU A 102 -17.15 -11.43 -19.36
CA LEU A 102 -18.20 -12.24 -19.97
C LEU A 102 -17.68 -13.60 -20.43
N ILE A 103 -17.07 -13.64 -21.61
CA ILE A 103 -16.52 -14.89 -22.14
C ILE A 103 -15.15 -14.67 -22.77
N LEU A 104 -14.59 -13.48 -22.54
CA LEU A 104 -13.28 -13.14 -23.07
C LEU A 104 -12.21 -14.07 -22.51
N GLU A 105 -11.79 -13.79 -21.30
CA GLU A 105 -10.75 -14.54 -20.61
C GLU A 105 -10.50 -13.86 -19.27
N PRO A 106 -10.58 -14.58 -18.15
CA PRO A 106 -10.30 -14.02 -16.83
C PRO A 106 -8.82 -13.67 -16.68
N LEU A 107 -8.52 -12.41 -16.41
CA LEU A 107 -7.14 -11.99 -16.26
C LEU A 107 -6.83 -11.80 -14.80
N THR A 108 -5.55 -11.80 -14.49
CA THR A 108 -5.12 -11.59 -13.13
C THR A 108 -4.01 -10.55 -13.08
N LEU A 109 -4.16 -9.61 -12.19
CA LEU A 109 -3.20 -8.53 -12.03
C LEU A 109 -2.41 -8.73 -10.75
N TYR A 110 -1.24 -8.13 -10.70
CA TYR A 110 -0.38 -8.21 -9.55
C TYR A 110 0.00 -6.81 -9.13
N VAL A 111 -0.08 -6.53 -7.85
CA VAL A 111 0.34 -5.24 -7.36
C VAL A 111 1.21 -5.38 -6.13
N ARG A 112 2.35 -4.76 -6.21
CA ARG A 112 3.27 -4.69 -5.11
C ARG A 112 3.37 -3.24 -4.66
N THR A 113 2.64 -2.92 -3.62
CA THR A 113 2.59 -1.58 -3.09
C THR A 113 3.36 -1.51 -1.79
N ASP A 114 4.06 -0.42 -1.56
CA ASP A 114 4.78 -0.24 -0.33
C ASP A 114 4.16 0.92 0.43
N ILE A 115 3.35 0.60 1.42
CA ILE A 115 2.71 1.62 2.24
C ILE A 115 3.75 2.51 2.89
N ARG A 116 3.43 3.79 3.02
CA ARG A 116 4.35 4.75 3.58
C ARG A 116 3.65 5.61 4.62
N VAL A 117 3.78 5.24 5.87
CA VAL A 117 3.23 6.05 6.94
C VAL A 117 4.36 6.73 7.69
N GLN A 118 4.12 7.95 8.12
CA GLN A 118 5.11 8.70 8.85
C GLN A 118 4.78 8.76 10.32
N LEU A 119 5.72 8.28 11.13
CA LEU A 119 5.62 8.43 12.57
C LEU A 119 6.46 9.62 12.99
N ARG A 120 5.77 10.72 13.21
CA ARG A 120 6.38 11.99 13.53
C ARG A 120 6.83 12.03 14.97
N LEU A 121 7.71 12.96 15.28
CA LEU A 121 8.11 13.19 16.64
C LEU A 121 7.28 14.33 17.23
N GLU A 122 6.62 14.05 18.32
CA GLU A 122 5.85 15.05 19.02
C GLU A 122 6.16 14.96 20.49
N SER A 123 5.98 16.04 21.20
CA SER A 123 6.36 16.07 22.58
C SER A 123 5.16 16.02 23.52
N ASP A 124 5.31 15.23 24.58
CA ASP A 124 4.21 14.88 25.48
C ASP A 124 3.67 16.07 26.25
N GLU A 125 4.21 16.28 27.43
CA GLU A 125 3.81 17.39 28.26
C GLU A 125 4.35 18.66 27.65
N ASP A 126 5.64 18.90 27.84
CA ASP A 126 6.32 19.94 27.09
C ASP A 126 7.24 19.35 26.05
N GLY A 127 8.28 18.64 26.49
CA GLY A 127 9.29 18.18 25.55
C GLY A 127 9.65 16.72 25.68
N LYS A 128 8.84 15.93 26.37
CA LYS A 128 9.00 14.50 26.34
C LYS A 128 8.57 13.96 25.02
N TYR A 129 9.10 12.86 24.63
CA TYR A 129 8.95 12.42 23.27
C TYR A 129 8.06 11.20 23.12
N ARG A 130 7.34 11.20 22.01
CA ARG A 130 6.40 10.15 21.68
C ARG A 130 6.33 9.99 20.17
N LEU A 131 5.59 9.01 19.71
CA LEU A 131 5.42 8.78 18.30
C LEU A 131 4.08 9.30 17.82
N ALA A 132 4.15 10.18 16.85
CA ALA A 132 2.98 10.86 16.34
C ALA A 132 2.64 10.37 14.93
N PHE A 133 1.62 9.53 14.83
CA PHE A 133 1.16 9.04 13.54
C PHE A 133 0.53 10.20 12.75
N GLY A 134 1.29 10.74 11.80
CA GLY A 134 0.87 11.94 11.13
C GLY A 134 0.52 11.74 9.67
N HIS A 135 1.05 10.68 9.06
CA HIS A 135 0.84 10.47 7.64
C HIS A 135 0.72 8.97 7.37
N CYS A 136 -0.17 8.61 6.46
CA CYS A 136 -0.34 7.21 6.12
C CYS A 136 -0.84 7.06 4.68
N SER A 137 0.09 7.18 3.74
CA SER A 137 -0.24 7.03 2.34
C SER A 137 0.30 5.72 1.81
N LEU A 138 -0.52 4.99 1.09
CA LEU A 138 -0.09 3.76 0.48
C LEU A 138 0.49 4.06 -0.89
N LEU A 139 1.63 3.46 -1.18
CA LEU A 139 2.36 3.80 -2.41
C LEU A 139 2.52 2.59 -3.30
N PRO A 140 1.78 2.55 -4.41
CA PRO A 140 1.79 1.44 -5.34
C PRO A 140 3.06 1.45 -6.19
N ARG A 141 3.99 0.57 -5.85
CA ARG A 141 5.29 0.56 -6.49
C ARG A 141 5.32 -0.35 -7.71
N ALA A 142 4.48 -1.38 -7.70
CA ALA A 142 4.50 -2.36 -8.76
C ALA A 142 3.10 -2.82 -9.11
N ILE A 143 2.82 -2.88 -10.40
CA ILE A 143 1.58 -3.43 -10.91
C ILE A 143 1.84 -4.23 -12.20
N GLU A 144 1.99 -5.54 -12.05
CA GLU A 144 2.29 -6.43 -13.16
C GLU A 144 1.06 -7.23 -13.56
N LEU A 145 1.09 -7.78 -14.77
CA LEU A 145 0.05 -8.67 -15.24
C LEU A 145 0.45 -10.12 -14.97
N GLN A 146 -0.38 -10.81 -14.20
CA GLN A 146 -0.14 -12.20 -13.85
C GLN A 146 -0.57 -13.13 -14.99
N SER A 147 -1.84 -13.07 -15.32
CA SER A 147 -2.42 -13.94 -16.33
C SER A 147 -3.09 -13.10 -17.41
N GLY A 148 -2.67 -13.31 -18.65
CA GLY A 148 -3.22 -12.55 -19.75
C GLY A 148 -2.43 -12.78 -21.03
N ASN A 149 -2.99 -13.57 -21.93
CA ASN A 149 -2.30 -13.91 -23.17
C ASN A 149 -2.85 -13.09 -24.34
N PRO A 150 -1.96 -12.54 -25.18
CA PRO A 150 -2.34 -11.72 -26.31
C PRO A 150 -2.51 -12.51 -27.61
N LEU A 151 -3.35 -13.53 -27.58
CA LEU A 151 -3.64 -14.31 -28.79
C LEU A 151 -4.81 -13.70 -29.55
N SER A 152 -6.00 -13.78 -28.98
CA SER A 152 -7.18 -13.16 -29.58
C SER A 152 -7.99 -12.46 -28.50
N LEU A 153 -7.29 -11.80 -27.58
CA LEU A 153 -7.92 -11.10 -26.47
C LEU A 153 -7.69 -9.60 -26.60
N PRO A 154 -8.44 -8.78 -25.85
CA PRO A 154 -8.25 -7.33 -25.87
C PRO A 154 -6.83 -6.92 -25.47
N VAL A 155 -6.49 -7.14 -24.18
CA VAL A 155 -5.19 -6.80 -23.59
C VAL A 155 -4.65 -5.45 -24.05
N ASN A 156 -3.35 -5.21 -23.82
CA ASN A 156 -2.66 -3.98 -24.24
C ASN A 156 -3.30 -2.73 -23.65
N ALA A 157 -4.34 -2.23 -24.32
CA ALA A 157 -5.08 -1.04 -23.89
C ALA A 157 -5.47 -1.13 -22.43
N VAL A 158 -5.86 -2.32 -22.03
CA VAL A 158 -6.41 -2.56 -20.71
C VAL A 158 -5.36 -2.36 -19.62
N LEU A 159 -4.08 -2.57 -19.96
CA LEU A 159 -3.04 -2.60 -18.95
C LEU A 159 -2.88 -1.23 -18.30
N GLY A 160 -2.72 -0.21 -19.14
CA GLY A 160 -2.69 1.16 -18.65
C GLY A 160 -3.84 1.48 -17.73
N THR A 161 -5.02 0.96 -18.05
CA THR A 161 -6.20 1.18 -17.23
C THR A 161 -6.12 0.40 -15.92
N ILE A 162 -5.60 -0.81 -15.99
CA ILE A 162 -5.37 -1.62 -14.80
C ILE A 162 -4.43 -0.89 -13.84
N GLU A 163 -3.36 -0.32 -14.39
CA GLU A 163 -2.41 0.43 -13.59
C GLU A 163 -3.06 1.72 -13.08
N ASN A 164 -3.83 2.35 -13.96
CA ASN A 164 -4.60 3.55 -13.60
C ASN A 164 -5.49 3.25 -12.40
N ALA A 165 -6.11 2.09 -12.45
CA ALA A 165 -7.05 1.68 -11.43
C ALA A 165 -6.35 1.21 -10.17
N LEU A 166 -5.38 0.32 -10.31
CA LEU A 166 -4.69 -0.22 -9.16
C LEU A 166 -3.91 0.87 -8.44
N GLY A 167 -3.19 1.70 -9.20
CA GLY A 167 -2.50 2.82 -8.60
C GLY A 167 -3.45 3.76 -7.88
N ASN A 168 -4.71 3.70 -8.25
CA ASN A 168 -5.77 4.46 -7.57
C ASN A 168 -6.22 3.72 -6.31
N PHE A 169 -6.38 2.42 -6.45
CA PHE A 169 -7.00 1.59 -5.44
C PHE A 169 -6.12 1.42 -4.21
N ILE A 170 -4.83 1.30 -4.42
CA ILE A 170 -3.91 1.24 -3.29
C ILE A 170 -4.01 2.50 -2.45
N THR A 171 -3.92 3.62 -3.13
CA THR A 171 -3.79 4.90 -2.45
C THR A 171 -5.12 5.36 -1.90
N GLU A 172 -6.10 5.41 -2.77
CA GLU A 172 -7.40 5.94 -2.44
C GLU A 172 -8.26 4.94 -1.65
N ASP A 173 -8.34 3.71 -2.14
CA ASP A 173 -9.24 2.74 -1.56
C ASP A 173 -8.59 2.03 -0.36
N LEU A 174 -7.39 1.51 -0.56
CA LEU A 174 -6.68 0.80 0.48
C LEU A 174 -6.27 1.75 1.59
N GLY A 175 -5.73 2.92 1.24
CA GLY A 175 -5.43 3.94 2.23
C GLY A 175 -6.65 4.39 3.01
N ALA A 176 -7.81 3.92 2.60
CA ALA A 176 -9.04 4.24 3.30
C ALA A 176 -9.36 3.14 4.29
N GLY A 177 -9.26 1.90 3.82
CA GLY A 177 -9.65 0.75 4.63
C GLY A 177 -8.53 0.27 5.54
N LEU A 178 -7.30 0.57 5.17
CA LEU A 178 -6.14 0.00 5.86
C LEU A 178 -5.44 1.02 6.76
N CYS A 179 -5.72 2.30 6.54
CA CYS A 179 -5.06 3.36 7.30
C CYS A 179 -5.33 3.27 8.81
N PRO A 180 -6.62 3.11 9.25
CA PRO A 180 -6.94 3.00 10.68
C PRO A 180 -6.19 1.86 11.35
N THR A 181 -6.04 0.75 10.63
CA THR A 181 -5.32 -0.42 11.11
C THR A 181 -3.86 -0.08 11.42
N LEU A 182 -3.22 0.63 10.51
CA LEU A 182 -1.82 0.99 10.69
C LEU A 182 -1.65 1.90 11.89
N ASN A 183 -2.56 2.83 12.05
CA ASN A 183 -2.56 3.72 13.20
C ASN A 183 -2.91 2.96 14.48
N SER A 184 -3.28 1.71 14.33
CA SER A 184 -3.57 0.87 15.48
C SER A 184 -2.32 0.10 15.86
N LEU A 185 -1.65 -0.46 14.85
CA LEU A 185 -0.45 -1.26 15.08
C LEU A 185 0.67 -0.40 15.62
N VAL A 186 1.04 0.64 14.89
CA VAL A 186 2.10 1.56 15.30
C VAL A 186 1.84 2.15 16.68
N SER A 187 0.58 2.38 16.98
CA SER A 187 0.18 3.00 18.24
C SER A 187 0.16 1.97 19.36
N ASN A 188 0.17 0.71 18.98
CA ASN A 188 0.17 -0.38 19.94
C ASN A 188 1.54 -1.02 20.05
N LEU A 189 2.53 -0.40 19.44
CA LEU A 189 3.88 -0.91 19.47
C LEU A 189 4.47 -0.99 20.85
N ASP A 190 5.69 -1.49 20.84
CA ASP A 190 6.52 -1.59 22.01
C ASP A 190 7.05 -0.22 22.36
N LEU A 191 7.09 0.10 23.64
CA LEU A 191 7.67 1.36 24.11
C LEU A 191 9.16 1.39 23.77
N GLN A 192 9.77 0.22 23.71
CA GLN A 192 11.14 0.09 23.30
C GLN A 192 11.28 0.59 21.87
N LEU A 193 10.41 0.08 21.01
CA LEU A 193 10.37 0.44 19.61
C LEU A 193 10.05 1.91 19.45
N VAL A 194 8.99 2.36 20.13
CA VAL A 194 8.61 3.76 20.15
C VAL A 194 9.81 4.66 20.37
N ASN A 195 10.52 4.41 21.46
CA ASN A 195 11.69 5.21 21.80
C ASN A 195 12.85 5.00 20.84
N ASN A 196 12.97 3.78 20.31
CA ASN A 196 13.98 3.50 19.28
C ASN A 196 13.85 4.45 18.09
N LEU A 197 12.63 4.61 17.57
CA LEU A 197 12.40 5.52 16.47
C LEU A 197 12.69 6.95 16.92
N ILE A 198 12.13 7.30 18.06
CA ILE A 198 12.25 8.64 18.61
C ILE A 198 13.70 9.07 18.76
N ASN A 199 14.44 8.37 19.60
CA ASN A 199 15.83 8.72 19.90
C ASN A 199 16.71 8.64 18.67
N LEU A 200 16.22 7.97 17.64
CA LEU A 200 16.94 7.80 16.43
C LEU A 200 16.71 9.00 15.51
N ILE A 201 15.48 9.50 15.48
CA ILE A 201 15.17 10.76 14.80
C ILE A 201 15.87 11.91 15.48
N LEU A 202 15.83 11.93 16.82
CA LEU A 202 16.53 12.94 17.59
C LEU A 202 18.02 12.87 17.33
N ASP A 203 18.50 11.67 17.07
CA ASP A 203 19.90 11.45 16.71
C ASP A 203 20.22 12.14 15.40
N ARG A 204 19.36 11.92 14.40
CA ARG A 204 19.52 12.51 13.09
C ARG A 204 19.23 14.00 13.15
N ALA A 205 18.44 14.39 14.13
CA ALA A 205 18.13 15.78 14.36
C ALA A 205 19.38 16.53 14.80
N ASN A 206 20.25 15.84 15.52
CA ASN A 206 21.52 16.41 15.93
C ASN A 206 22.52 16.32 14.78
N VAL A 207 22.72 15.11 14.27
CA VAL A 207 23.64 14.89 13.16
C VAL A 207 22.89 14.62 11.86
N ASP A 208 22.87 15.61 10.99
CA ASP A 208 22.17 15.50 9.71
C ASP A 208 23.05 16.06 8.61
N LEU A 209 22.77 15.69 7.36
CA LEU A 209 23.61 16.10 6.25
C LEU A 209 23.05 17.37 5.59
N SER A 210 23.06 18.46 6.34
CA SER A 210 22.57 19.74 5.83
C SER A 210 23.72 20.62 5.34
N VAL A 211 24.78 19.98 4.88
CA VAL A 211 25.94 20.70 4.37
C VAL A 211 25.80 20.89 2.86
N ALA A 1 28.65 1.56 7.22
CA ALA A 1 27.64 0.47 7.26
C ALA A 1 26.26 0.98 6.89
N MET A 2 25.74 1.91 7.67
CA MET A 2 24.41 2.46 7.42
C MET A 2 24.49 3.95 7.12
N ALA A 3 25.65 4.54 7.38
CA ALA A 3 25.88 5.98 7.18
C ALA A 3 24.91 6.82 8.00
N GLN A 4 23.85 7.30 7.36
CA GLN A 4 22.87 8.16 8.03
C GLN A 4 21.51 7.48 8.07
N GLN A 5 21.48 6.23 7.65
CA GLN A 5 20.23 5.47 7.62
C GLN A 5 19.87 4.93 8.99
N ILE A 6 18.78 4.19 9.05
CA ILE A 6 18.35 3.56 10.29
C ILE A 6 19.10 2.24 10.48
N PRO A 7 19.52 1.95 11.72
CA PRO A 7 20.19 0.70 12.04
C PRO A 7 19.31 -0.51 11.72
N PRO A 8 19.85 -1.46 10.94
CA PRO A 8 19.14 -2.69 10.59
C PRO A 8 18.67 -3.43 11.84
N GLU A 9 19.38 -3.21 12.94
CA GLU A 9 19.00 -3.76 14.22
C GLU A 9 17.63 -3.26 14.66
N VAL A 10 17.47 -1.95 14.75
CA VAL A 10 16.23 -1.41 15.27
C VAL A 10 15.14 -1.51 14.23
N SER A 11 15.48 -1.31 12.96
CA SER A 11 14.51 -1.40 11.88
C SER A 11 14.18 -2.87 11.59
N SER A 12 14.61 -3.75 12.47
CA SER A 12 14.26 -5.15 12.39
C SER A 12 13.18 -5.48 13.40
N GLN A 13 13.23 -4.83 14.56
CA GLN A 13 12.27 -5.10 15.62
C GLN A 13 10.98 -4.31 15.44
N ILE A 14 11.06 -3.11 14.86
CA ILE A 14 9.87 -2.33 14.58
C ILE A 14 9.07 -3.01 13.48
N THR A 15 9.77 -3.54 12.49
CA THR A 15 9.14 -4.18 11.36
C THR A 15 8.51 -5.49 11.79
N ASP A 16 9.15 -6.14 12.74
CA ASP A 16 8.65 -7.38 13.31
C ASP A 16 7.32 -7.12 13.99
N ALA A 17 7.29 -6.06 14.78
CA ALA A 17 6.10 -5.65 15.47
C ALA A 17 5.05 -5.09 14.54
N LEU A 18 5.49 -4.28 13.59
CA LEU A 18 4.59 -3.69 12.64
C LEU A 18 3.98 -4.78 11.77
N THR A 19 4.78 -5.78 11.45
CA THR A 19 4.28 -6.88 10.67
C THR A 19 3.42 -7.73 11.56
N GLN A 20 3.79 -7.83 12.83
CA GLN A 20 3.03 -8.52 13.81
C GLN A 20 1.63 -7.96 13.88
N GLY A 21 1.52 -6.63 13.87
CA GLY A 21 0.23 -6.00 13.79
C GLY A 21 -0.52 -6.40 12.55
N LEU A 22 0.19 -6.55 11.45
CA LEU A 22 -0.41 -7.01 10.21
C LEU A 22 -0.87 -8.46 10.35
N LEU A 23 -0.05 -9.27 11.01
CA LEU A 23 -0.36 -10.67 11.26
C LEU A 23 -1.55 -10.78 12.22
N ASP A 24 -1.36 -10.20 13.40
CA ASP A 24 -2.33 -10.28 14.49
C ASP A 24 -3.61 -9.56 14.13
N GLY A 25 -3.48 -8.44 13.45
CA GLY A 25 -4.63 -7.64 13.08
C GLY A 25 -5.27 -8.10 11.79
N ASN A 26 -4.59 -9.02 11.10
CA ASN A 26 -5.06 -9.55 9.82
C ASN A 26 -5.23 -8.44 8.78
N PHE A 27 -4.12 -7.79 8.46
CA PHE A 27 -4.12 -6.68 7.53
C PHE A 27 -4.60 -7.10 6.14
N LEU A 28 -4.18 -8.28 5.68
CA LEU A 28 -4.57 -8.78 4.37
C LEU A 28 -6.08 -9.06 4.29
N SER A 29 -6.70 -9.38 5.43
CA SER A 29 -8.12 -9.69 5.44
C SER A 29 -8.93 -8.42 5.19
N LEU A 30 -8.39 -7.30 5.64
CA LEU A 30 -8.97 -5.99 5.35
C LEU A 30 -9.07 -5.79 3.86
N LEU A 31 -7.95 -5.96 3.17
CA LEU A 31 -7.88 -5.94 1.71
C LEU A 31 -8.99 -6.81 1.11
N ASN A 32 -9.02 -8.05 1.56
CA ASN A 32 -10.05 -9.00 1.15
C ASN A 32 -11.45 -8.43 1.31
N ALA A 33 -11.62 -7.56 2.31
CA ALA A 33 -12.92 -7.01 2.64
C ALA A 33 -13.07 -5.59 2.10
N ILE A 34 -11.97 -5.07 1.56
CA ILE A 34 -11.94 -3.73 0.97
C ILE A 34 -12.98 -3.61 -0.13
N ASN A 35 -13.63 -2.45 -0.20
CA ASN A 35 -14.62 -2.17 -1.22
C ASN A 35 -13.99 -2.28 -2.60
N LEU A 36 -14.26 -3.37 -3.30
CA LEU A 36 -13.60 -3.65 -4.55
C LEU A 36 -14.44 -3.21 -5.73
N GLU A 37 -15.63 -2.69 -5.46
CA GLU A 37 -16.50 -2.28 -6.53
C GLU A 37 -15.92 -1.06 -7.23
N GLY A 38 -15.21 -0.22 -6.48
CA GLY A 38 -14.61 0.97 -7.06
C GLY A 38 -13.62 0.63 -8.14
N LEU A 39 -12.82 -0.40 -7.89
CA LEU A 39 -11.92 -0.93 -8.90
C LEU A 39 -12.71 -1.48 -10.05
N LEU A 40 -13.54 -2.47 -9.74
CA LEU A 40 -14.42 -3.11 -10.70
C LEU A 40 -15.06 -2.08 -11.63
N ASN A 41 -15.79 -1.13 -11.07
CA ASN A 41 -16.51 -0.16 -11.87
C ASN A 41 -15.56 0.81 -12.58
N THR A 42 -14.42 1.14 -11.98
CA THR A 42 -13.40 1.95 -12.66
C THR A 42 -12.85 1.22 -13.89
N ILE A 43 -12.37 0.02 -13.68
CA ILE A 43 -11.80 -0.79 -14.74
C ILE A 43 -12.80 -0.98 -15.87
N LEU A 44 -13.99 -1.48 -15.54
CA LEU A 44 -15.02 -1.73 -16.55
C LEU A 44 -15.35 -0.46 -17.31
N ASP A 45 -15.41 0.66 -16.59
CA ASP A 45 -15.78 1.95 -17.17
C ASP A 45 -14.78 2.39 -18.24
N GLN A 46 -13.50 2.25 -17.95
CA GLN A 46 -12.47 2.76 -18.86
C GLN A 46 -12.07 1.75 -19.92
N VAL A 47 -11.93 0.47 -19.56
CA VAL A 47 -11.41 -0.54 -20.49
C VAL A 47 -12.40 -0.80 -21.62
N THR A 48 -13.66 -0.44 -21.40
CA THR A 48 -14.68 -0.62 -22.42
C THR A 48 -14.52 0.42 -23.52
N GLY A 49 -13.94 1.55 -23.16
CA GLY A 49 -13.66 2.61 -24.12
C GLY A 49 -12.55 2.21 -25.08
N LEU A 50 -11.52 1.58 -24.55
CA LEU A 50 -10.39 1.11 -25.36
C LEU A 50 -10.84 0.04 -26.34
N LEU A 51 -11.82 -0.75 -25.91
CA LEU A 51 -12.32 -1.84 -26.73
C LEU A 51 -13.37 -1.35 -27.72
N ASN A 52 -14.57 -1.03 -27.23
CA ASN A 52 -15.69 -0.63 -28.10
C ASN A 52 -16.98 -0.40 -27.32
N ILE A 53 -17.18 -1.14 -26.23
CA ILE A 53 -18.42 -1.08 -25.47
C ILE A 53 -18.77 0.35 -25.06
N LEU A 54 -17.76 1.08 -24.58
CA LEU A 54 -17.96 2.44 -24.14
C LEU A 54 -17.49 3.38 -25.24
N VAL A 55 -18.43 4.12 -25.76
CA VAL A 55 -18.15 5.09 -26.81
C VAL A 55 -19.27 6.11 -26.91
N GLY A 56 -19.03 7.29 -26.35
CA GLY A 56 -20.02 8.36 -26.38
C GLY A 56 -21.26 8.04 -25.56
N PRO A 57 -22.45 8.12 -26.17
CA PRO A 57 -23.72 7.90 -25.48
C PRO A 57 -23.99 6.43 -25.15
N LEU A 58 -23.07 5.56 -25.52
CA LEU A 58 -23.22 4.14 -25.24
C LEU A 58 -22.89 3.83 -23.79
N LEU A 59 -23.87 3.32 -23.06
CA LEU A 59 -23.67 2.93 -21.67
C LEU A 59 -23.24 1.47 -21.60
N GLY A 60 -22.32 1.17 -20.68
CA GLY A 60 -21.85 -0.18 -20.54
C GLY A 60 -22.72 -0.99 -19.60
N PRO A 61 -22.82 -2.30 -19.83
CA PRO A 61 -23.62 -3.20 -19.00
C PRO A 61 -22.99 -3.44 -17.64
N SER A 62 -23.83 -3.60 -16.62
CA SER A 62 -23.34 -3.86 -15.28
C SER A 62 -23.07 -5.35 -15.09
N ASP A 63 -22.18 -5.88 -15.90
CA ASP A 63 -21.79 -7.28 -15.80
C ASP A 63 -20.36 -7.40 -15.30
N ALA A 64 -19.80 -8.60 -15.39
CA ALA A 64 -18.45 -8.88 -14.94
C ALA A 64 -18.34 -8.78 -13.42
N GLU A 65 -17.19 -9.12 -12.89
CA GLU A 65 -16.98 -9.11 -11.44
C GLU A 65 -15.50 -8.90 -11.11
N ILE A 66 -15.23 -8.42 -9.91
CA ILE A 66 -13.86 -8.26 -9.44
C ILE A 66 -13.67 -9.05 -8.16
N LYS A 67 -12.50 -9.66 -8.02
CA LYS A 67 -12.20 -10.48 -6.85
C LYS A 67 -10.72 -10.36 -6.53
N LEU A 68 -10.37 -10.47 -5.26
CA LEU A 68 -8.98 -10.56 -4.87
C LEU A 68 -8.50 -12.00 -4.94
N GLN A 69 -7.29 -12.16 -5.45
CA GLN A 69 -6.77 -13.48 -5.79
C GLN A 69 -5.76 -13.94 -4.76
N ASP A 70 -4.68 -13.19 -4.65
CA ASP A 70 -3.56 -13.57 -3.80
C ASP A 70 -3.01 -12.37 -3.08
N THR A 71 -3.52 -12.12 -1.89
CA THR A 71 -3.03 -11.04 -1.06
C THR A 71 -2.02 -11.57 -0.07
N ARG A 72 -0.86 -10.97 -0.09
CA ARG A 72 0.23 -11.35 0.78
C ARG A 72 1.07 -10.13 1.12
N LEU A 73 1.91 -10.30 2.10
CA LEU A 73 2.69 -9.23 2.64
C LEU A 73 4.17 -9.64 2.70
N LEU A 74 5.07 -8.70 2.43
CA LEU A 74 6.49 -9.02 2.40
C LEU A 74 7.16 -8.55 3.69
N GLN A 75 8.46 -8.24 3.62
CA GLN A 75 9.21 -7.83 4.77
C GLN A 75 9.28 -6.31 4.83
N LEU A 76 8.83 -5.82 5.95
CA LEU A 76 8.71 -4.40 6.21
C LEU A 76 10.06 -3.72 6.35
N SER A 77 10.03 -2.39 6.37
CA SER A 77 11.22 -1.59 6.56
C SER A 77 10.85 -0.21 7.09
N LEU A 78 11.87 0.56 7.38
CA LEU A 78 11.72 1.94 7.79
C LEU A 78 12.84 2.77 7.18
N GLU A 79 12.66 4.08 7.20
CA GLU A 79 13.73 5.00 6.85
C GLU A 79 13.46 6.36 7.49
N PHE A 80 14.48 7.19 7.53
CA PHE A 80 14.34 8.53 8.08
C PHE A 80 13.65 9.45 7.10
N SER A 81 12.74 10.24 7.62
CA SER A 81 11.99 11.19 6.80
C SER A 81 12.83 12.43 6.56
N PRO A 82 12.84 12.93 5.31
CA PRO A 82 13.60 14.13 4.93
C PRO A 82 13.15 15.36 5.71
N ASP A 83 11.98 15.25 6.34
CA ASP A 83 11.47 16.29 7.23
C ASP A 83 12.38 16.45 8.44
N SER A 84 13.20 15.42 8.67
CA SER A 84 14.24 15.44 9.69
C SER A 84 13.64 15.43 11.10
N LYS A 85 12.38 15.04 11.20
CA LYS A 85 11.71 14.96 12.50
C LYS A 85 10.63 13.88 12.46
N GLY A 86 10.97 12.76 11.85
CA GLY A 86 10.04 11.66 11.74
C GLY A 86 10.62 10.53 10.91
N ILE A 87 9.92 9.41 10.89
CA ILE A 87 10.38 8.22 10.19
C ILE A 87 9.28 7.66 9.31
N ASP A 88 9.66 7.21 8.11
CA ASP A 88 8.73 6.61 7.17
C ASP A 88 8.74 5.09 7.31
N ILE A 89 7.58 4.50 7.56
CA ILE A 89 7.47 3.06 7.66
C ILE A 89 6.98 2.50 6.34
N TRP A 90 7.70 1.53 5.80
CA TRP A 90 7.39 0.96 4.51
C TRP A 90 6.82 -0.44 4.65
N ILE A 91 5.51 -0.55 4.55
CA ILE A 91 4.87 -1.84 4.55
C ILE A 91 4.61 -2.31 3.12
N PRO A 92 5.40 -3.28 2.67
CA PRO A 92 5.31 -3.81 1.32
C PRO A 92 4.26 -4.91 1.18
N LEU A 93 3.41 -4.79 0.17
CA LEU A 93 2.36 -5.77 -0.08
C LEU A 93 2.49 -6.37 -1.46
N GLU A 94 2.03 -7.60 -1.59
CA GLU A 94 1.93 -8.30 -2.86
C GLU A 94 0.52 -8.81 -3.03
N LEU A 95 -0.27 -8.12 -3.80
CA LEU A 95 -1.67 -8.49 -3.95
C LEU A 95 -1.92 -8.87 -5.40
N SER A 96 -2.87 -9.74 -5.62
CA SER A 96 -3.23 -10.16 -6.94
C SER A 96 -4.73 -9.97 -7.10
N VAL A 97 -5.13 -9.33 -8.18
CA VAL A 97 -6.53 -9.06 -8.41
C VAL A 97 -7.03 -9.83 -9.62
N TYR A 98 -8.22 -10.37 -9.50
CA TYR A 98 -8.78 -11.20 -10.53
C TYR A 98 -10.05 -10.59 -11.08
N LEU A 99 -10.05 -10.28 -12.37
CA LEU A 99 -11.24 -9.78 -13.03
C LEU A 99 -12.01 -10.95 -13.64
N LYS A 100 -13.31 -10.98 -13.43
CA LYS A 100 -14.13 -12.03 -13.99
C LYS A 100 -14.97 -11.46 -15.12
N LEU A 101 -14.67 -11.87 -16.34
CA LEU A 101 -15.40 -11.38 -17.49
C LEU A 101 -16.34 -12.44 -18.04
N LEU A 102 -17.16 -12.07 -19.01
CA LEU A 102 -18.19 -12.97 -19.52
C LEU A 102 -17.64 -13.89 -20.61
N ILE A 103 -17.48 -13.33 -21.81
CA ILE A 103 -17.10 -14.15 -22.95
C ILE A 103 -15.65 -13.91 -23.36
N LEU A 104 -15.08 -12.80 -22.92
CA LEU A 104 -13.70 -12.47 -23.28
C LEU A 104 -12.72 -13.42 -22.60
N GLU A 105 -12.37 -13.13 -21.36
CA GLU A 105 -11.44 -13.95 -20.58
C GLU A 105 -11.21 -13.29 -19.22
N PRO A 106 -11.20 -14.08 -18.14
CA PRO A 106 -10.87 -13.57 -16.80
C PRO A 106 -9.36 -13.36 -16.65
N LEU A 107 -8.96 -12.15 -16.27
CA LEU A 107 -7.54 -11.82 -16.17
C LEU A 107 -7.11 -11.77 -14.73
N THR A 108 -5.81 -11.68 -14.52
CA THR A 108 -5.26 -11.57 -13.19
C THR A 108 -4.15 -10.54 -13.18
N LEU A 109 -4.27 -9.59 -12.27
CA LEU A 109 -3.31 -8.52 -12.15
C LEU A 109 -2.51 -8.70 -10.87
N TYR A 110 -1.27 -8.26 -10.89
CA TYR A 110 -0.40 -8.35 -9.75
C TYR A 110 -0.02 -6.95 -9.31
N VAL A 111 -0.17 -6.63 -8.06
CA VAL A 111 0.21 -5.34 -7.58
C VAL A 111 1.12 -5.46 -6.36
N ARG A 112 2.19 -4.70 -6.39
CA ARG A 112 3.18 -4.72 -5.35
C ARG A 112 3.43 -3.29 -4.88
N THR A 113 2.76 -2.94 -3.80
CA THR A 113 2.77 -1.58 -3.28
C THR A 113 3.55 -1.51 -1.97
N ASP A 114 4.15 -0.36 -1.69
CA ASP A 114 4.80 -0.13 -0.40
C ASP A 114 4.06 0.97 0.35
N ILE A 115 3.39 0.63 1.43
CA ILE A 115 2.77 1.62 2.27
C ILE A 115 3.83 2.50 2.92
N ARG A 116 3.52 3.77 3.07
CA ARG A 116 4.44 4.73 3.66
C ARG A 116 3.72 5.61 4.67
N VAL A 117 3.80 5.23 5.93
CA VAL A 117 3.21 6.04 6.98
C VAL A 117 4.32 6.71 7.77
N GLN A 118 4.09 7.94 8.18
CA GLN A 118 5.10 8.69 8.90
C GLN A 118 4.76 8.83 10.36
N LEU A 119 5.68 8.41 11.20
CA LEU A 119 5.59 8.62 12.62
C LEU A 119 6.46 9.81 13.00
N ARG A 120 5.80 10.93 13.20
CA ARG A 120 6.45 12.18 13.51
C ARG A 120 6.88 12.21 14.98
N LEU A 121 7.60 13.24 15.37
CA LEU A 121 8.00 13.37 16.75
C LEU A 121 7.20 14.47 17.44
N GLU A 122 6.61 14.12 18.56
CA GLU A 122 5.86 15.07 19.36
C GLU A 122 6.21 14.89 20.83
N SER A 123 5.91 15.90 21.61
CA SER A 123 6.16 15.86 23.04
C SER A 123 4.84 15.97 23.81
N ASP A 124 4.73 15.22 24.88
CA ASP A 124 3.52 15.18 25.69
C ASP A 124 3.56 16.25 26.75
N GLU A 125 2.57 16.24 27.65
CA GLU A 125 2.49 17.24 28.70
C GLU A 125 3.73 17.16 29.59
N ASP A 126 4.15 15.95 29.90
CA ASP A 126 5.35 15.71 30.70
C ASP A 126 6.62 16.12 29.97
N GLY A 127 6.47 16.56 28.73
CA GLY A 127 7.62 16.94 27.92
C GLY A 127 8.28 15.73 27.29
N LYS A 128 7.69 14.56 27.49
CA LYS A 128 8.21 13.34 26.95
C LYS A 128 7.90 13.22 25.49
N TYR A 129 8.73 12.47 24.81
CA TYR A 129 8.62 12.33 23.38
C TYR A 129 7.84 11.08 23.03
N ARG A 130 7.07 11.19 21.98
CA ARG A 130 6.24 10.11 21.50
C ARG A 130 6.24 10.08 19.98
N LEU A 131 5.65 9.04 19.43
CA LEU A 131 5.54 8.91 18.00
C LEU A 131 4.19 9.40 17.52
N ALA A 132 4.23 10.40 16.66
CA ALA A 132 3.04 11.07 16.21
C ALA A 132 2.64 10.61 14.81
N PHE A 133 1.62 9.79 14.73
CA PHE A 133 1.11 9.32 13.45
C PHE A 133 0.55 10.49 12.66
N GLY A 134 1.33 10.98 11.70
CA GLY A 134 0.96 12.20 11.03
C GLY A 134 0.66 12.01 9.55
N HIS A 135 1.09 10.90 8.98
CA HIS A 135 0.91 10.69 7.55
C HIS A 135 0.78 9.20 7.27
N CYS A 136 -0.10 8.83 6.36
CA CYS A 136 -0.28 7.44 5.99
C CYS A 136 -0.70 7.30 4.53
N SER A 137 0.28 7.19 3.66
CA SER A 137 0.00 7.06 2.24
C SER A 137 0.53 5.73 1.71
N LEU A 138 -0.28 5.05 0.94
CA LEU A 138 0.14 3.80 0.33
C LEU A 138 0.70 4.08 -1.06
N LEU A 139 1.84 3.48 -1.37
CA LEU A 139 2.55 3.81 -2.59
C LEU A 139 2.67 2.61 -3.51
N PRO A 140 1.90 2.61 -4.59
CA PRO A 140 1.84 1.51 -5.53
C PRO A 140 3.05 1.51 -6.46
N ARG A 141 3.97 0.61 -6.22
CA ARG A 141 5.22 0.57 -6.96
C ARG A 141 5.12 -0.34 -8.17
N ALA A 142 4.43 -1.45 -8.00
CA ALA A 142 4.39 -2.47 -9.05
C ALA A 142 2.97 -2.89 -9.37
N ILE A 143 2.69 -2.99 -10.65
CA ILE A 143 1.46 -3.53 -11.16
C ILE A 143 1.73 -4.30 -12.46
N GLU A 144 1.80 -5.61 -12.35
CA GLU A 144 2.08 -6.48 -13.50
C GLU A 144 0.84 -7.25 -13.90
N LEU A 145 0.84 -7.76 -15.12
CA LEU A 145 -0.20 -8.63 -15.60
C LEU A 145 0.22 -10.08 -15.45
N GLN A 146 -0.59 -10.87 -14.75
CA GLN A 146 -0.28 -12.27 -14.54
C GLN A 146 -1.41 -13.18 -15.01
N SER A 147 -1.75 -13.07 -16.29
CA SER A 147 -2.72 -13.97 -16.89
C SER A 147 -2.05 -14.77 -18.01
N GLY A 148 -0.74 -14.89 -17.93
CA GLY A 148 0.01 -15.60 -18.94
C GLY A 148 0.44 -14.68 -20.07
N ASN A 149 -0.53 -14.28 -20.88
CA ASN A 149 -0.28 -13.40 -22.01
C ASN A 149 -1.58 -12.79 -22.51
N PRO A 150 -1.51 -11.56 -23.02
CA PRO A 150 -2.68 -10.83 -23.51
C PRO A 150 -3.09 -11.26 -24.93
N LEU A 151 -2.36 -12.22 -25.48
CA LEU A 151 -2.63 -12.73 -26.81
C LEU A 151 -3.81 -13.70 -26.79
N SER A 152 -4.99 -13.17 -26.52
CA SER A 152 -6.20 -13.96 -26.43
C SER A 152 -7.40 -13.06 -26.62
N LEU A 153 -7.36 -11.93 -25.92
CA LEU A 153 -8.42 -10.93 -26.00
C LEU A 153 -7.81 -9.58 -25.63
N PRO A 154 -8.42 -8.46 -26.07
CA PRO A 154 -7.91 -7.11 -25.82
C PRO A 154 -7.58 -6.81 -24.35
N VAL A 155 -6.35 -7.11 -23.96
CA VAL A 155 -5.88 -6.83 -22.61
C VAL A 155 -4.75 -5.79 -22.66
N ASN A 156 -3.97 -5.81 -23.72
CA ASN A 156 -2.86 -4.88 -23.88
C ASN A 156 -3.40 -3.45 -23.97
N ALA A 157 -4.63 -3.34 -24.47
CA ALA A 157 -5.31 -2.05 -24.60
C ALA A 157 -5.75 -1.52 -23.26
N VAL A 158 -5.86 -2.40 -22.28
CA VAL A 158 -6.48 -2.06 -21.02
C VAL A 158 -5.45 -2.07 -19.89
N LEU A 159 -4.22 -2.39 -20.24
CA LEU A 159 -3.18 -2.60 -19.23
C LEU A 159 -2.92 -1.31 -18.45
N GLY A 160 -2.63 -0.24 -19.17
CA GLY A 160 -2.44 1.05 -18.53
C GLY A 160 -3.61 1.45 -17.67
N THR A 161 -4.81 1.05 -18.08
CA THR A 161 -6.01 1.34 -17.31
C THR A 161 -6.04 0.53 -16.02
N ILE A 162 -5.58 -0.72 -16.10
CA ILE A 162 -5.43 -1.56 -14.91
C ILE A 162 -4.45 -0.91 -13.93
N GLU A 163 -3.35 -0.39 -14.48
CA GLU A 163 -2.38 0.31 -13.66
C GLU A 163 -2.98 1.60 -13.09
N ASN A 164 -3.77 2.27 -13.93
CA ASN A 164 -4.55 3.44 -13.51
C ASN A 164 -5.40 3.07 -12.30
N ALA A 165 -6.17 2.01 -12.47
CA ALA A 165 -7.10 1.55 -11.45
C ALA A 165 -6.39 1.08 -10.20
N LEU A 166 -5.40 0.22 -10.35
CA LEU A 166 -4.68 -0.30 -9.21
C LEU A 166 -3.89 0.79 -8.51
N GLY A 167 -3.17 1.61 -9.29
CA GLY A 167 -2.47 2.73 -8.70
C GLY A 167 -3.41 3.68 -8.00
N ASN A 168 -4.69 3.61 -8.37
CA ASN A 168 -5.72 4.38 -7.71
C ASN A 168 -6.18 3.68 -6.45
N PHE A 169 -6.32 2.37 -6.55
CA PHE A 169 -6.90 1.55 -5.50
C PHE A 169 -6.01 1.45 -4.27
N ILE A 170 -4.72 1.32 -4.49
CA ILE A 170 -3.77 1.31 -3.38
C ILE A 170 -3.89 2.60 -2.58
N THR A 171 -3.83 3.71 -3.28
CA THR A 171 -3.72 5.00 -2.64
C THR A 171 -5.06 5.46 -2.10
N GLU A 172 -6.04 5.45 -2.98
CA GLU A 172 -7.37 5.93 -2.64
C GLU A 172 -8.14 4.95 -1.75
N ASP A 173 -8.22 3.70 -2.17
CA ASP A 173 -9.10 2.76 -1.50
C ASP A 173 -8.39 2.07 -0.33
N LEU A 174 -7.19 1.56 -0.58
CA LEU A 174 -6.46 0.85 0.45
C LEU A 174 -6.05 1.80 1.57
N GLY A 175 -5.48 2.94 1.20
CA GLY A 175 -5.16 3.96 2.19
C GLY A 175 -6.36 4.48 2.94
N ALA A 176 -7.53 4.06 2.53
CA ALA A 176 -8.76 4.42 3.22
C ALA A 176 -9.16 3.34 4.21
N GLY A 177 -9.09 2.09 3.75
CA GLY A 177 -9.52 0.97 4.56
C GLY A 177 -8.44 0.48 5.51
N LEU A 178 -7.18 0.73 5.14
CA LEU A 178 -6.05 0.15 5.85
C LEU A 178 -5.34 1.16 6.75
N CYS A 179 -5.61 2.45 6.51
CA CYS A 179 -4.95 3.51 7.28
C CYS A 179 -5.22 3.39 8.78
N PRO A 180 -6.50 3.23 9.22
CA PRO A 180 -6.82 3.06 10.65
C PRO A 180 -6.04 1.91 11.28
N THR A 181 -5.97 0.79 10.56
CA THR A 181 -5.26 -0.39 11.04
C THR A 181 -3.81 -0.08 11.35
N LEU A 182 -3.14 0.59 10.43
CA LEU A 182 -1.74 0.93 10.60
C LEU A 182 -1.55 1.86 11.77
N ASN A 183 -2.43 2.83 11.87
CA ASN A 183 -2.41 3.77 12.99
C ASN A 183 -2.73 3.04 14.31
N SER A 184 -3.15 1.80 14.19
CA SER A 184 -3.45 1.00 15.36
C SER A 184 -2.21 0.21 15.76
N LEU A 185 -1.59 -0.42 14.77
CA LEU A 185 -0.42 -1.27 14.99
C LEU A 185 0.76 -0.46 15.50
N VAL A 186 1.08 0.59 14.79
CA VAL A 186 2.19 1.48 15.17
C VAL A 186 1.97 2.08 16.56
N SER A 187 0.71 2.24 16.91
CA SER A 187 0.36 2.81 18.19
C SER A 187 0.16 1.73 19.25
N ASN A 188 0.36 0.47 18.87
CA ASN A 188 0.11 -0.62 19.79
C ASN A 188 1.36 -1.42 20.09
N LEU A 189 2.41 -1.17 19.32
CA LEU A 189 3.61 -1.95 19.46
C LEU A 189 4.42 -1.58 20.70
N ASP A 190 5.67 -1.99 20.67
CA ASP A 190 6.60 -1.82 21.78
C ASP A 190 6.88 -0.33 22.05
N LEU A 191 6.86 0.03 23.33
CA LEU A 191 7.26 1.37 23.74
C LEU A 191 8.75 1.59 23.48
N GLN A 192 9.51 0.52 23.53
CA GLN A 192 10.94 0.61 23.27
C GLN A 192 11.17 0.85 21.79
N LEU A 193 10.32 0.24 20.97
CA LEU A 193 10.33 0.45 19.54
C LEU A 193 9.99 1.90 19.23
N VAL A 194 8.88 2.37 19.81
CA VAL A 194 8.51 3.79 19.78
C VAL A 194 9.71 4.68 20.05
N ASN A 195 10.34 4.48 21.20
CA ASN A 195 11.46 5.29 21.64
C ASN A 195 12.69 5.11 20.75
N ASN A 196 12.90 3.89 20.24
CA ASN A 196 14.00 3.63 19.31
C ASN A 196 13.89 4.52 18.07
N LEU A 197 12.68 4.67 17.55
CA LEU A 197 12.45 5.55 16.42
C LEU A 197 12.68 7.00 16.85
N ILE A 198 12.15 7.33 18.02
CA ILE A 198 12.25 8.68 18.56
C ILE A 198 13.69 9.12 18.75
N ASN A 199 14.44 8.40 19.58
CA ASN A 199 15.82 8.77 19.86
C ASN A 199 16.67 8.79 18.59
N LEU A 200 16.26 8.02 17.59
CA LEU A 200 16.92 8.02 16.31
C LEU A 200 16.67 9.33 15.57
N ILE A 201 15.42 9.74 15.52
CA ILE A 201 15.07 11.02 14.94
C ILE A 201 15.78 12.15 15.69
N LEU A 202 15.70 12.12 17.01
CA LEU A 202 16.36 13.09 17.86
C LEU A 202 17.87 13.08 17.65
N ASP A 203 18.37 11.90 17.33
CA ASP A 203 19.79 11.71 17.06
C ASP A 203 20.19 12.42 15.78
N ARG A 204 19.42 12.18 14.72
CA ARG A 204 19.67 12.81 13.43
C ARG A 204 19.41 14.31 13.52
N ALA A 205 18.45 14.66 14.37
CA ALA A 205 18.05 16.05 14.57
C ALA A 205 19.01 16.76 15.49
N ASN A 206 19.85 15.99 16.16
CA ASN A 206 20.84 16.54 17.07
C ASN A 206 21.97 17.21 16.29
N VAL A 207 22.25 16.67 15.11
CA VAL A 207 23.24 17.24 14.23
C VAL A 207 22.53 18.02 13.12
N ASP A 208 21.74 19.01 13.56
CA ASP A 208 20.93 19.85 12.67
C ASP A 208 19.75 19.07 12.10
N LEU A 209 18.78 19.79 11.58
CA LEU A 209 17.62 19.17 10.97
C LEU A 209 17.96 18.67 9.58
N SER A 210 18.63 17.53 9.51
CA SER A 210 19.05 16.95 8.25
C SER A 210 19.39 15.48 8.42
N VAL A 211 19.30 14.72 7.34
CA VAL A 211 19.65 13.31 7.36
C VAL A 211 21.04 13.09 6.76
N ALA A 1 23.60 12.26 15.75
CA ALA A 1 24.13 11.52 14.58
C ALA A 1 24.90 10.28 15.02
N MET A 2 24.17 9.24 15.40
CA MET A 2 24.78 8.00 15.85
C MET A 2 25.23 7.16 14.66
N ALA A 3 24.55 7.32 13.53
CA ALA A 3 24.89 6.58 12.32
C ALA A 3 24.44 7.34 11.08
N GLN A 4 24.57 6.69 9.94
CA GLN A 4 24.17 7.28 8.66
C GLN A 4 22.65 7.25 8.52
N GLN A 5 22.12 6.05 8.45
CA GLN A 5 20.69 5.84 8.40
C GLN A 5 20.26 5.01 9.61
N ILE A 6 19.10 4.36 9.54
CA ILE A 6 18.60 3.59 10.66
C ILE A 6 19.42 2.34 10.92
N PRO A 7 19.77 2.09 12.19
CA PRO A 7 20.45 0.86 12.60
C PRO A 7 19.57 -0.35 12.35
N PRO A 8 20.12 -1.36 11.65
CA PRO A 8 19.39 -2.59 11.33
C PRO A 8 18.83 -3.26 12.57
N GLU A 9 19.56 -3.12 13.68
CA GLU A 9 19.13 -3.69 14.95
C GLU A 9 17.78 -3.14 15.38
N VAL A 10 17.62 -1.83 15.33
CA VAL A 10 16.39 -1.23 15.79
C VAL A 10 15.29 -1.46 14.77
N SER A 11 15.58 -1.23 13.50
CA SER A 11 14.58 -1.34 12.46
C SER A 11 14.02 -2.77 12.40
N SER A 12 14.83 -3.73 12.79
CA SER A 12 14.45 -5.14 12.74
C SER A 12 13.25 -5.44 13.63
N GLN A 13 13.29 -4.91 14.84
CA GLN A 13 12.25 -5.22 15.82
C GLN A 13 11.00 -4.37 15.60
N ILE A 14 11.16 -3.18 15.01
CA ILE A 14 10.03 -2.33 14.71
C ILE A 14 9.25 -2.92 13.55
N THR A 15 9.96 -3.40 12.53
CA THR A 15 9.31 -3.97 11.36
C THR A 15 8.67 -5.29 11.72
N ASP A 16 9.32 -6.01 12.62
CA ASP A 16 8.81 -7.27 13.14
C ASP A 16 7.45 -7.03 13.71
N ALA A 17 7.37 -6.01 14.54
CA ALA A 17 6.15 -5.65 15.21
C ALA A 17 5.15 -5.03 14.25
N LEU A 18 5.65 -4.16 13.39
CA LEU A 18 4.82 -3.45 12.44
C LEU A 18 4.19 -4.43 11.46
N THR A 19 4.87 -5.53 11.21
CA THR A 19 4.35 -6.54 10.32
C THR A 19 3.55 -7.52 11.14
N GLN A 20 3.98 -7.73 12.37
CA GLN A 20 3.29 -8.59 13.28
C GLN A 20 1.87 -8.09 13.52
N GLY A 21 1.74 -6.79 13.63
CA GLY A 21 0.43 -6.18 13.70
C GLY A 21 -0.41 -6.53 12.49
N LEU A 22 0.25 -6.63 11.34
CA LEU A 22 -0.42 -7.04 10.11
C LEU A 22 -0.83 -8.51 10.20
N LEU A 23 0.11 -9.34 10.62
CA LEU A 23 -0.07 -10.80 10.66
C LEU A 23 -1.06 -11.18 11.75
N ASP A 24 -0.82 -10.68 12.95
CA ASP A 24 -1.61 -11.02 14.12
C ASP A 24 -2.93 -10.27 14.11
N GLY A 25 -2.89 -9.11 13.49
CA GLY A 25 -4.10 -8.33 13.32
C GLY A 25 -4.95 -8.86 12.18
N ASN A 26 -5.44 -7.98 11.34
CA ASN A 26 -6.32 -8.38 10.24
C ASN A 26 -6.09 -7.53 9.01
N PHE A 27 -4.84 -7.16 8.76
CA PHE A 27 -4.52 -6.27 7.64
C PHE A 27 -5.04 -6.85 6.32
N LEU A 28 -4.62 -8.07 6.00
CA LEU A 28 -5.02 -8.74 4.75
C LEU A 28 -6.52 -9.03 4.71
N SER A 29 -7.10 -9.22 5.88
CA SER A 29 -8.54 -9.45 5.99
C SER A 29 -9.28 -8.22 5.50
N LEU A 30 -8.74 -7.06 5.84
CA LEU A 30 -9.27 -5.78 5.39
C LEU A 30 -9.17 -5.68 3.88
N LEU A 31 -8.00 -5.94 3.31
CA LEU A 31 -7.82 -6.03 1.86
C LEU A 31 -8.93 -6.84 1.22
N ASN A 32 -9.05 -8.08 1.67
CA ASN A 32 -10.08 -8.99 1.18
C ASN A 32 -11.48 -8.40 1.31
N ALA A 33 -11.66 -7.48 2.25
CA ALA A 33 -12.96 -6.88 2.51
C ALA A 33 -13.04 -5.46 1.93
N ILE A 34 -11.90 -4.99 1.44
CA ILE A 34 -11.79 -3.67 0.82
C ILE A 34 -12.82 -3.51 -0.29
N ASN A 35 -13.42 -2.32 -0.38
CA ASN A 35 -14.43 -2.04 -1.38
C ASN A 35 -13.86 -2.15 -2.78
N LEU A 36 -13.89 -3.35 -3.32
CA LEU A 36 -13.31 -3.64 -4.61
C LEU A 36 -14.22 -3.17 -5.73
N GLU A 37 -15.41 -2.75 -5.35
CA GLU A 37 -16.38 -2.24 -6.29
C GLU A 37 -15.81 -1.07 -7.07
N GLY A 38 -15.05 -0.21 -6.37
CA GLY A 38 -14.46 0.96 -7.00
C GLY A 38 -13.53 0.60 -8.13
N LEU A 39 -12.69 -0.39 -7.92
CA LEU A 39 -11.82 -0.90 -8.97
C LEU A 39 -12.64 -1.41 -10.12
N LEU A 40 -13.47 -2.39 -9.81
CA LEU A 40 -14.36 -3.01 -10.78
C LEU A 40 -15.05 -1.95 -11.64
N ASN A 41 -15.78 -1.06 -10.97
CA ASN A 41 -16.53 -0.04 -11.70
C ASN A 41 -15.63 0.94 -12.43
N THR A 42 -14.46 1.28 -11.86
CA THR A 42 -13.49 2.12 -12.55
C THR A 42 -12.93 1.46 -13.81
N ILE A 43 -12.42 0.25 -13.64
CA ILE A 43 -11.86 -0.52 -14.74
C ILE A 43 -12.87 -0.67 -15.87
N LEU A 44 -14.07 -1.11 -15.54
CA LEU A 44 -15.12 -1.31 -16.54
C LEU A 44 -15.54 0.02 -17.16
N ASP A 45 -15.35 1.10 -16.42
CA ASP A 45 -15.70 2.43 -16.88
C ASP A 45 -14.69 2.93 -17.91
N GLN A 46 -13.42 2.93 -17.54
CA GLN A 46 -12.38 3.51 -18.37
C GLN A 46 -12.00 2.64 -19.57
N VAL A 47 -12.02 1.30 -19.40
CA VAL A 47 -11.70 0.41 -20.53
C VAL A 47 -12.70 0.58 -21.68
N THR A 48 -13.86 1.11 -21.35
CA THR A 48 -14.82 1.46 -22.38
C THR A 48 -14.62 2.92 -22.73
N GLY A 49 -14.39 3.21 -23.99
CA GLY A 49 -13.88 4.52 -24.35
C GLY A 49 -12.38 4.49 -24.50
N LEU A 50 -11.86 3.29 -24.74
CA LEU A 50 -10.48 3.03 -24.92
C LEU A 50 -10.43 1.89 -25.88
N LEU A 51 -11.09 0.83 -25.46
CA LEU A 51 -11.48 -0.23 -26.34
C LEU A 51 -12.70 0.26 -27.13
N ASN A 52 -12.94 -0.38 -28.24
CA ASN A 52 -13.92 0.07 -29.23
C ASN A 52 -15.34 -0.29 -28.86
N ILE A 53 -15.71 -0.03 -27.62
CA ILE A 53 -17.11 -0.09 -27.23
C ILE A 53 -17.72 1.28 -27.51
N LEU A 54 -16.86 2.28 -27.47
CA LEU A 54 -17.26 3.66 -27.70
C LEU A 54 -17.41 3.89 -29.21
N VAL A 55 -16.30 3.92 -29.93
CA VAL A 55 -16.35 4.03 -31.38
C VAL A 55 -16.32 2.62 -31.98
N GLY A 56 -17.39 1.90 -31.76
CA GLY A 56 -17.51 0.57 -32.28
C GLY A 56 -18.96 0.20 -32.51
N PRO A 57 -19.33 -0.08 -33.77
CA PRO A 57 -20.68 -0.51 -34.11
C PRO A 57 -21.03 -1.85 -33.49
N LEU A 58 -19.99 -2.61 -33.13
CA LEU A 58 -20.16 -3.89 -32.48
C LEU A 58 -19.79 -3.77 -31.01
N LEU A 59 -19.75 -4.91 -30.31
CA LEU A 59 -19.36 -4.95 -28.90
C LEU A 59 -20.38 -4.22 -28.03
N GLY A 60 -20.11 -4.20 -26.73
CA GLY A 60 -20.98 -3.51 -25.81
C GLY A 60 -20.39 -3.44 -24.42
N PRO A 61 -21.11 -2.88 -23.45
CA PRO A 61 -20.64 -2.76 -22.07
C PRO A 61 -20.65 -4.10 -21.35
N SER A 62 -19.72 -4.97 -21.73
CA SER A 62 -19.59 -6.28 -21.13
C SER A 62 -19.26 -6.16 -19.64
N ASP A 63 -20.13 -6.70 -18.80
CA ASP A 63 -19.96 -6.61 -17.36
C ASP A 63 -18.88 -7.56 -16.88
N ALA A 64 -18.61 -7.49 -15.60
CA ALA A 64 -17.58 -8.28 -14.98
C ALA A 64 -17.70 -8.19 -13.46
N GLU A 65 -16.92 -9.01 -12.79
CA GLU A 65 -16.85 -8.97 -11.34
C GLU A 65 -15.39 -8.83 -10.94
N ILE A 66 -15.13 -8.38 -9.74
CA ILE A 66 -13.77 -8.23 -9.29
C ILE A 66 -13.57 -8.95 -7.96
N LYS A 67 -12.43 -9.59 -7.82
CA LYS A 67 -12.13 -10.39 -6.65
C LYS A 67 -10.64 -10.31 -6.31
N LEU A 68 -10.31 -10.46 -5.04
CA LEU A 68 -8.91 -10.54 -4.63
C LEU A 68 -8.45 -11.97 -4.59
N GLN A 69 -7.22 -12.19 -5.03
CA GLN A 69 -6.66 -13.52 -5.15
C GLN A 69 -5.65 -13.82 -4.06
N ASP A 70 -4.49 -13.20 -4.16
CA ASP A 70 -3.38 -13.48 -3.26
C ASP A 70 -2.95 -12.22 -2.54
N THR A 71 -3.25 -12.18 -1.27
CA THR A 71 -2.91 -11.04 -0.45
C THR A 71 -1.95 -11.43 0.66
N ARG A 72 -0.84 -10.73 0.72
CA ARG A 72 0.21 -10.98 1.69
C ARG A 72 1.21 -9.85 1.77
N LEU A 73 1.97 -9.85 2.85
CA LEU A 73 3.02 -8.88 3.09
C LEU A 73 4.38 -9.44 2.73
N LEU A 74 5.30 -8.56 2.38
CA LEU A 74 6.69 -8.96 2.15
C LEU A 74 7.57 -8.72 3.38
N GLN A 75 8.31 -7.61 3.37
CA GLN A 75 9.33 -7.33 4.37
C GLN A 75 9.42 -5.85 4.63
N LEU A 76 9.00 -5.46 5.80
CA LEU A 76 8.86 -4.07 6.15
C LEU A 76 10.22 -3.41 6.37
N SER A 77 10.22 -2.09 6.30
CA SER A 77 11.43 -1.33 6.47
C SER A 77 11.10 0.07 6.97
N LEU A 78 12.13 0.74 7.44
CA LEU A 78 12.00 2.09 7.95
C LEU A 78 13.05 2.98 7.32
N GLU A 79 12.70 4.20 7.04
CA GLU A 79 13.60 5.14 6.43
C GLU A 79 13.46 6.50 7.10
N PHE A 80 14.58 7.16 7.35
CA PHE A 80 14.55 8.46 8.00
C PHE A 80 13.90 9.51 7.14
N SER A 81 13.20 10.42 7.78
CA SER A 81 12.58 11.53 7.11
C SER A 81 13.43 12.79 7.31
N PRO A 82 14.06 13.28 6.23
CA PRO A 82 14.92 14.47 6.29
C PRO A 82 14.13 15.76 6.36
N ASP A 83 13.13 15.87 5.49
CA ASP A 83 12.32 17.09 5.38
C ASP A 83 11.05 16.96 6.20
N SER A 84 11.18 16.33 7.36
CA SER A 84 10.05 15.97 8.21
C SER A 84 10.59 15.39 9.51
N LYS A 85 10.12 15.89 10.64
CA LYS A 85 10.56 15.32 11.91
C LYS A 85 9.83 14.01 12.16
N GLY A 86 10.45 12.94 11.68
CA GLY A 86 9.84 11.64 11.78
C GLY A 86 10.59 10.60 10.98
N ILE A 87 9.95 9.45 10.80
CA ILE A 87 10.50 8.35 10.03
C ILE A 87 9.43 7.80 9.09
N ASP A 88 9.84 7.45 7.88
CA ASP A 88 8.93 6.87 6.90
C ASP A 88 8.94 5.35 7.03
N ILE A 89 7.80 4.78 7.35
CA ILE A 89 7.68 3.35 7.45
C ILE A 89 7.14 2.79 6.15
N TRP A 90 7.90 1.89 5.55
CA TRP A 90 7.54 1.33 4.27
C TRP A 90 7.04 -0.09 4.46
N ILE A 91 5.74 -0.26 4.30
CA ILE A 91 5.12 -1.56 4.36
C ILE A 91 4.86 -2.12 2.97
N PRO A 92 5.75 -3.01 2.53
CA PRO A 92 5.66 -3.64 1.22
C PRO A 92 4.58 -4.71 1.18
N LEU A 93 3.61 -4.52 0.31
CA LEU A 93 2.48 -5.41 0.23
C LEU A 93 2.37 -6.03 -1.15
N GLU A 94 1.71 -7.18 -1.17
CA GLU A 94 1.47 -7.95 -2.38
C GLU A 94 0.04 -8.41 -2.40
N LEU A 95 -0.66 -8.07 -3.45
CA LEU A 95 -2.00 -8.59 -3.65
C LEU A 95 -2.26 -8.81 -5.12
N SER A 96 -3.01 -9.83 -5.42
CA SER A 96 -3.37 -10.14 -6.77
C SER A 96 -4.86 -9.94 -6.96
N VAL A 97 -5.25 -9.35 -8.07
CA VAL A 97 -6.64 -9.02 -8.31
C VAL A 97 -7.16 -9.79 -9.52
N TYR A 98 -8.36 -10.30 -9.40
CA TYR A 98 -8.93 -11.16 -10.42
C TYR A 98 -10.22 -10.57 -10.98
N LEU A 99 -10.24 -10.32 -12.28
CA LEU A 99 -11.43 -9.86 -12.95
C LEU A 99 -12.22 -11.05 -13.49
N LYS A 100 -13.52 -11.06 -13.29
CA LYS A 100 -14.35 -12.16 -13.75
C LYS A 100 -15.37 -11.66 -14.78
N LEU A 101 -15.07 -11.83 -16.05
CA LEU A 101 -16.00 -11.45 -17.11
C LEU A 101 -17.05 -12.54 -17.28
N LEU A 102 -18.12 -12.25 -18.01
CA LEU A 102 -19.23 -13.19 -18.17
C LEU A 102 -18.76 -14.51 -18.75
N ILE A 103 -18.42 -14.52 -20.03
CA ILE A 103 -17.95 -15.74 -20.69
C ILE A 103 -16.54 -15.55 -21.24
N LEU A 104 -15.98 -14.38 -21.00
CA LEU A 104 -14.63 -14.07 -21.45
C LEU A 104 -13.62 -14.65 -20.46
N GLU A 105 -12.48 -15.09 -20.99
CA GLU A 105 -11.41 -15.63 -20.15
C GLU A 105 -10.98 -14.63 -19.09
N PRO A 106 -11.16 -14.98 -17.80
CA PRO A 106 -10.81 -14.10 -16.69
C PRO A 106 -9.31 -13.88 -16.55
N LEU A 107 -8.94 -12.68 -16.14
CA LEU A 107 -7.53 -12.31 -16.02
C LEU A 107 -7.17 -12.08 -14.56
N THR A 108 -5.90 -12.15 -14.25
CA THR A 108 -5.43 -11.88 -12.91
C THR A 108 -4.27 -10.89 -12.94
N LEU A 109 -4.35 -9.90 -12.08
CA LEU A 109 -3.32 -8.88 -11.98
C LEU A 109 -2.55 -9.07 -10.69
N TYR A 110 -1.33 -8.57 -10.66
CA TYR A 110 -0.51 -8.60 -9.47
C TYR A 110 -0.10 -7.18 -9.14
N VAL A 111 -0.38 -6.72 -7.95
CA VAL A 111 0.00 -5.40 -7.58
C VAL A 111 0.84 -5.46 -6.31
N ARG A 112 1.92 -4.73 -6.35
CA ARG A 112 2.91 -4.76 -5.32
C ARG A 112 3.21 -3.33 -4.87
N THR A 113 2.59 -2.93 -3.79
CA THR A 113 2.64 -1.55 -3.31
C THR A 113 3.50 -1.45 -2.05
N ASP A 114 4.18 -0.32 -1.89
CA ASP A 114 4.89 -0.03 -0.66
C ASP A 114 4.18 1.07 0.08
N ILE A 115 3.54 0.72 1.19
CA ILE A 115 2.91 1.72 2.03
C ILE A 115 3.96 2.60 2.68
N ARG A 116 3.68 3.87 2.81
CA ARG A 116 4.59 4.81 3.42
C ARG A 116 3.85 5.62 4.48
N VAL A 117 3.96 5.21 5.72
CA VAL A 117 3.35 5.94 6.80
C VAL A 117 4.44 6.59 7.64
N GLN A 118 4.24 7.85 7.97
CA GLN A 118 5.26 8.60 8.68
C GLN A 118 4.94 8.67 10.16
N LEU A 119 5.88 8.19 10.96
CA LEU A 119 5.79 8.32 12.39
C LEU A 119 6.60 9.52 12.82
N ARG A 120 5.90 10.62 12.98
CA ARG A 120 6.48 11.89 13.37
C ARG A 120 6.84 11.88 14.84
N LEU A 121 7.43 12.96 15.31
CA LEU A 121 7.74 13.09 16.71
C LEU A 121 6.87 14.17 17.34
N GLU A 122 6.28 13.86 18.47
CA GLU A 122 5.52 14.85 19.22
C GLU A 122 5.84 14.72 20.70
N SER A 123 5.60 15.79 21.42
CA SER A 123 5.84 15.84 22.85
C SER A 123 4.53 15.97 23.59
N ASP A 124 4.40 15.22 24.67
CA ASP A 124 3.16 15.15 25.42
C ASP A 124 3.22 16.12 26.60
N GLU A 125 2.28 15.99 27.53
CA GLU A 125 2.10 16.95 28.61
C GLU A 125 3.36 17.11 29.45
N ASP A 126 3.98 15.99 29.83
CA ASP A 126 5.17 16.00 30.67
C ASP A 126 6.40 16.43 29.86
N GLY A 127 6.18 16.71 28.59
CA GLY A 127 7.27 17.01 27.70
C GLY A 127 7.89 15.75 27.14
N LYS A 128 7.23 14.62 27.39
CA LYS A 128 7.71 13.34 26.92
C LYS A 128 7.48 13.17 25.45
N TYR A 129 8.34 12.38 24.86
CA TYR A 129 8.29 12.17 23.43
C TYR A 129 7.56 10.89 23.10
N ARG A 130 6.78 10.96 22.05
CA ARG A 130 5.96 9.84 21.62
C ARG A 130 6.00 9.75 20.11
N LEU A 131 5.45 8.67 19.59
CA LEU A 131 5.40 8.47 18.16
C LEU A 131 4.13 9.10 17.62
N ALA A 132 4.29 9.98 16.67
CA ALA A 132 3.16 10.73 16.13
C ALA A 132 2.81 10.30 14.71
N PHE A 133 1.82 9.43 14.58
CA PHE A 133 1.35 8.97 13.28
C PHE A 133 0.77 10.15 12.51
N GLY A 134 1.57 10.72 11.61
CA GLY A 134 1.19 11.97 10.99
C GLY A 134 0.91 11.86 9.51
N HIS A 135 1.18 10.71 8.91
CA HIS A 135 0.98 10.55 7.47
C HIS A 135 0.87 9.08 7.14
N CYS A 136 -0.08 8.72 6.29
CA CYS A 136 -0.22 7.34 5.87
C CYS A 136 -0.65 7.27 4.40
N SER A 137 0.34 7.17 3.53
CA SER A 137 0.08 7.08 2.10
C SER A 137 0.55 5.73 1.58
N LEU A 138 -0.19 5.18 0.63
CA LEU A 138 0.20 3.91 0.04
C LEU A 138 0.75 4.15 -1.35
N LEU A 139 1.87 3.51 -1.67
CA LEU A 139 2.55 3.77 -2.93
C LEU A 139 2.67 2.52 -3.78
N PRO A 140 1.84 2.44 -4.81
CA PRO A 140 1.79 1.29 -5.71
C PRO A 140 3.01 1.22 -6.61
N ARG A 141 3.93 0.33 -6.25
CA ARG A 141 5.22 0.23 -6.91
C ARG A 141 5.15 -0.66 -8.14
N ALA A 142 4.35 -1.71 -8.05
CA ALA A 142 4.30 -2.70 -9.11
C ALA A 142 2.87 -3.11 -9.43
N ILE A 143 2.60 -3.25 -10.72
CA ILE A 143 1.35 -3.78 -11.22
C ILE A 143 1.61 -4.63 -12.47
N GLU A 144 1.68 -5.93 -12.28
CA GLU A 144 1.96 -6.86 -13.38
C GLU A 144 0.72 -7.66 -13.75
N LEU A 145 0.70 -8.17 -14.97
CA LEU A 145 -0.32 -9.08 -15.41
C LEU A 145 0.11 -10.52 -15.14
N GLN A 146 -0.66 -11.23 -14.32
CA GLN A 146 -0.31 -12.59 -13.94
C GLN A 146 -0.67 -13.58 -15.04
N SER A 147 -1.72 -13.25 -15.79
CA SER A 147 -2.16 -14.08 -16.90
C SER A 147 -1.01 -14.29 -17.89
N GLY A 148 -0.71 -15.57 -18.13
CA GLY A 148 0.44 -15.95 -18.93
C GLY A 148 0.39 -15.43 -20.35
N ASN A 149 -0.78 -15.46 -20.97
CA ASN A 149 -0.90 -14.97 -22.34
C ASN A 149 -2.10 -14.04 -22.48
N PRO A 150 -1.82 -12.78 -22.84
CA PRO A 150 -2.83 -11.77 -23.03
C PRO A 150 -3.27 -11.68 -24.49
N LEU A 151 -3.08 -12.76 -25.23
CA LEU A 151 -3.43 -12.80 -26.65
C LEU A 151 -4.91 -13.11 -26.84
N SER A 152 -5.52 -13.75 -25.84
CA SER A 152 -6.91 -14.15 -25.92
C SER A 152 -7.83 -12.94 -26.03
N LEU A 153 -7.91 -12.17 -24.96
CA LEU A 153 -8.72 -10.96 -24.95
C LEU A 153 -7.84 -9.75 -25.22
N PRO A 154 -8.44 -8.67 -25.77
CA PRO A 154 -7.74 -7.41 -26.04
C PRO A 154 -7.38 -6.67 -24.74
N VAL A 155 -6.66 -7.35 -23.86
CA VAL A 155 -6.37 -6.82 -22.55
C VAL A 155 -5.09 -5.98 -22.54
N ASN A 156 -4.24 -6.15 -23.55
CA ASN A 156 -3.00 -5.37 -23.62
C ASN A 156 -3.31 -3.89 -23.81
N ALA A 157 -4.52 -3.61 -24.29
CA ALA A 157 -4.98 -2.23 -24.45
C ALA A 157 -5.50 -1.67 -23.14
N VAL A 158 -5.91 -2.55 -22.23
CA VAL A 158 -6.59 -2.13 -21.04
C VAL A 158 -5.68 -2.19 -19.83
N LEU A 159 -4.48 -2.72 -20.04
CA LEU A 159 -3.54 -2.92 -18.95
C LEU A 159 -3.18 -1.60 -18.28
N GLY A 160 -2.84 -0.60 -19.09
CA GLY A 160 -2.60 0.73 -18.57
C GLY A 160 -3.75 1.25 -17.74
N THR A 161 -4.97 0.91 -18.15
CA THR A 161 -6.16 1.31 -17.41
C THR A 161 -6.26 0.54 -16.10
N ILE A 162 -5.91 -0.73 -16.14
CA ILE A 162 -5.87 -1.57 -14.95
C ILE A 162 -4.83 -1.01 -13.97
N GLU A 163 -3.68 -0.64 -14.51
CA GLU A 163 -2.61 -0.01 -13.71
C GLU A 163 -3.10 1.34 -13.19
N ASN A 164 -3.79 2.08 -14.05
CA ASN A 164 -4.41 3.34 -13.67
C ASN A 164 -5.28 3.14 -12.44
N ALA A 165 -6.11 2.12 -12.51
CA ALA A 165 -7.05 1.81 -11.45
C ALA A 165 -6.35 1.26 -10.22
N LEU A 166 -5.43 0.34 -10.42
CA LEU A 166 -4.73 -0.27 -9.30
C LEU A 166 -3.87 0.75 -8.60
N GLY A 167 -3.07 1.48 -9.37
CA GLY A 167 -2.24 2.54 -8.80
C GLY A 167 -3.07 3.62 -8.13
N ASN A 168 -4.37 3.56 -8.34
CA ASN A 168 -5.29 4.47 -7.71
C ASN A 168 -5.96 3.80 -6.50
N PHE A 169 -6.23 2.51 -6.66
CA PHE A 169 -6.94 1.72 -5.65
C PHE A 169 -6.12 1.55 -4.38
N ILE A 170 -4.83 1.32 -4.55
CA ILE A 170 -3.91 1.24 -3.43
C ILE A 170 -3.98 2.52 -2.60
N THR A 171 -3.91 3.64 -3.30
CA THR A 171 -3.73 4.91 -2.65
C THR A 171 -5.05 5.38 -2.07
N GLU A 172 -6.06 5.39 -2.91
CA GLU A 172 -7.39 5.82 -2.53
C GLU A 172 -8.05 4.85 -1.55
N ASP A 173 -8.33 3.65 -2.03
CA ASP A 173 -9.21 2.75 -1.28
C ASP A 173 -8.46 2.06 -0.15
N LEU A 174 -7.25 1.59 -0.41
CA LEU A 174 -6.47 0.91 0.60
C LEU A 174 -5.97 1.90 1.64
N GLY A 175 -5.43 3.03 1.18
CA GLY A 175 -5.11 4.11 2.09
C GLY A 175 -6.30 4.58 2.90
N ALA A 176 -7.48 4.14 2.53
CA ALA A 176 -8.69 4.44 3.28
C ALA A 176 -9.02 3.29 4.22
N GLY A 177 -8.97 2.08 3.69
CA GLY A 177 -9.39 0.91 4.46
C GLY A 177 -8.33 0.44 5.42
N LEU A 178 -7.08 0.76 5.13
CA LEU A 178 -5.97 0.21 5.89
C LEU A 178 -5.25 1.27 6.73
N CYS A 179 -5.58 2.54 6.50
CA CYS A 179 -4.97 3.61 7.29
C CYS A 179 -5.40 3.50 8.76
N PRO A 180 -6.71 3.32 9.05
CA PRO A 180 -7.16 3.00 10.40
C PRO A 180 -6.99 1.52 10.66
N THR A 181 -5.78 1.15 11.08
CA THR A 181 -5.27 -0.21 11.09
C THR A 181 -3.79 -0.10 11.36
N LEU A 182 -3.10 0.56 10.43
CA LEU A 182 -1.70 0.86 10.56
C LEU A 182 -1.49 1.79 11.73
N ASN A 183 -2.34 2.80 11.79
CA ASN A 183 -2.34 3.75 12.90
C ASN A 183 -2.75 3.05 14.20
N SER A 184 -3.12 1.79 14.09
CA SER A 184 -3.44 0.99 15.26
C SER A 184 -2.21 0.19 15.64
N LEU A 185 -1.67 -0.56 14.69
CA LEU A 185 -0.52 -1.42 14.92
C LEU A 185 0.69 -0.62 15.41
N VAL A 186 1.05 0.42 14.66
CA VAL A 186 2.19 1.28 15.03
C VAL A 186 2.01 1.90 16.41
N SER A 187 0.78 2.23 16.73
CA SER A 187 0.48 2.91 17.99
C SER A 187 0.46 1.93 19.14
N ASN A 188 0.26 0.66 18.81
CA ASN A 188 0.06 -0.36 19.81
C ASN A 188 1.26 -1.29 19.97
N LEU A 189 2.34 -1.04 19.24
CA LEU A 189 3.50 -1.88 19.37
C LEU A 189 4.28 -1.59 20.66
N ASP A 190 5.52 -2.08 20.67
CA ASP A 190 6.40 -1.97 21.82
C ASP A 190 6.75 -0.52 22.13
N LEU A 191 6.73 -0.18 23.42
CA LEU A 191 7.16 1.13 23.87
C LEU A 191 8.65 1.35 23.63
N GLN A 192 9.41 0.27 23.70
CA GLN A 192 10.83 0.33 23.42
C GLN A 192 11.04 0.63 21.94
N LEU A 193 10.26 -0.02 21.10
CA LEU A 193 10.27 0.24 19.68
C LEU A 193 9.91 1.70 19.41
N VAL A 194 8.80 2.14 20.00
CA VAL A 194 8.41 3.55 19.99
C VAL A 194 9.61 4.46 20.21
N ASN A 195 10.28 4.26 21.33
CA ASN A 195 11.41 5.11 21.70
C ASN A 195 12.60 4.93 20.76
N ASN A 196 12.78 3.73 20.22
CA ASN A 196 13.83 3.48 19.22
C ASN A 196 13.64 4.39 18.00
N LEU A 197 12.39 4.57 17.56
CA LEU A 197 12.11 5.50 16.48
C LEU A 197 12.39 6.93 16.95
N ILE A 198 11.90 7.23 18.14
CA ILE A 198 12.01 8.55 18.72
C ILE A 198 13.47 8.99 18.86
N ASN A 199 14.22 8.27 19.68
CA ASN A 199 15.64 8.56 19.91
C ASN A 199 16.40 8.75 18.60
N LEU A 200 16.01 7.99 17.59
CA LEU A 200 16.63 8.09 16.29
C LEU A 200 16.32 9.42 15.62
N ILE A 201 15.07 9.82 15.63
CA ILE A 201 14.66 11.10 15.07
C ILE A 201 15.31 12.25 15.83
N LEU A 202 15.37 12.13 17.15
CA LEU A 202 16.03 13.12 17.98
C LEU A 202 17.53 13.16 17.67
N ASP A 203 18.03 12.02 17.24
CA ASP A 203 19.43 11.87 16.83
C ASP A 203 19.68 12.60 15.53
N ARG A 204 18.73 12.46 14.61
CA ARG A 204 18.77 13.18 13.36
C ARG A 204 18.65 14.67 13.64
N ALA A 205 17.69 14.95 14.50
CA ALA A 205 17.35 16.31 14.90
C ALA A 205 18.31 16.82 15.96
N ASN A 206 17.79 17.69 16.84
CA ASN A 206 18.56 18.26 17.95
C ASN A 206 19.55 19.32 17.45
N VAL A 207 20.29 18.98 16.40
CA VAL A 207 21.25 19.90 15.82
C VAL A 207 20.82 20.35 14.43
N ASP A 208 20.25 19.44 13.66
CA ASP A 208 19.86 19.73 12.29
C ASP A 208 18.50 19.10 11.97
N LEU A 209 17.79 19.70 11.02
CA LEU A 209 16.48 19.20 10.63
C LEU A 209 16.01 19.86 9.34
N SER A 210 16.00 19.09 8.26
CA SER A 210 15.51 19.55 6.96
C SER A 210 16.37 20.66 6.38
N VAL A 211 16.03 21.10 5.19
CA VAL A 211 16.74 22.20 4.56
C VAL A 211 16.32 23.52 5.20
N ALA A 1 16.73 7.22 2.13
CA ALA A 1 17.21 5.94 2.71
C ALA A 1 18.67 5.68 2.31
N MET A 2 18.96 5.77 1.02
CA MET A 2 20.29 5.44 0.50
C MET A 2 21.28 6.58 0.70
N ALA A 3 21.47 6.94 1.96
CA ALA A 3 22.42 7.97 2.35
C ALA A 3 22.76 7.80 3.82
N GLN A 4 21.74 7.89 4.66
CA GLN A 4 21.87 7.67 6.09
C GLN A 4 20.68 6.85 6.58
N GLN A 5 20.84 5.54 6.57
CA GLN A 5 19.74 4.63 6.84
C GLN A 5 19.52 4.41 8.33
N ILE A 6 18.49 3.63 8.63
CA ILE A 6 18.18 3.23 9.99
C ILE A 6 18.91 1.93 10.31
N PRO A 7 19.47 1.80 11.53
CA PRO A 7 20.25 0.61 11.92
C PRO A 7 19.48 -0.68 11.70
N PRO A 8 20.11 -1.66 11.02
CA PRO A 8 19.54 -3.01 10.84
C PRO A 8 19.51 -3.78 12.16
N GLU A 9 18.92 -3.13 13.15
CA GLU A 9 18.78 -3.66 14.49
C GLU A 9 17.53 -3.09 15.09
N VAL A 10 17.40 -1.77 15.05
CA VAL A 10 16.21 -1.11 15.55
C VAL A 10 15.08 -1.27 14.55
N SER A 11 15.37 -1.09 13.26
CA SER A 11 14.37 -1.21 12.22
C SER A 11 13.87 -2.64 12.13
N SER A 12 14.68 -3.55 12.65
CA SER A 12 14.39 -4.98 12.56
C SER A 12 13.29 -5.36 13.53
N GLN A 13 13.18 -4.61 14.62
CA GLN A 13 12.18 -4.92 15.64
C GLN A 13 10.89 -4.13 15.43
N ILE A 14 10.96 -2.96 14.78
CA ILE A 14 9.75 -2.23 14.48
C ILE A 14 9.00 -2.93 13.36
N THR A 15 9.73 -3.44 12.39
CA THR A 15 9.14 -4.19 11.30
C THR A 15 8.57 -5.51 11.82
N ASP A 16 9.24 -6.04 12.82
CA ASP A 16 8.80 -7.26 13.50
C ASP A 16 7.42 -7.04 14.06
N ALA A 17 7.34 -6.01 14.85
CA ALA A 17 6.13 -5.64 15.54
C ALA A 17 5.07 -5.12 14.60
N LEU A 18 5.49 -4.34 13.62
CA LEU A 18 4.57 -3.78 12.67
C LEU A 18 3.95 -4.89 11.84
N THR A 19 4.76 -5.89 11.52
CA THR A 19 4.28 -7.02 10.78
C THR A 19 3.48 -7.89 11.73
N GLN A 20 3.93 -7.97 12.97
CA GLN A 20 3.28 -8.72 13.99
C GLN A 20 1.85 -8.26 14.15
N GLY A 21 1.65 -6.96 14.19
CA GLY A 21 0.31 -6.42 14.24
C GLY A 21 -0.48 -6.73 12.99
N LEU A 22 0.19 -6.82 11.85
CA LEU A 22 -0.46 -7.22 10.62
C LEU A 22 -0.97 -8.66 10.77
N LEU A 23 -0.11 -9.48 11.38
CA LEU A 23 -0.41 -10.87 11.64
C LEU A 23 -1.48 -10.97 12.73
N ASP A 24 -1.24 -10.24 13.81
CA ASP A 24 -2.05 -10.29 15.02
C ASP A 24 -3.43 -9.71 14.76
N GLY A 25 -3.44 -8.61 14.02
CA GLY A 25 -4.69 -7.97 13.67
C GLY A 25 -5.41 -8.72 12.57
N ASN A 26 -5.49 -8.10 11.40
CA ASN A 26 -6.16 -8.70 10.26
C ASN A 26 -5.87 -7.91 8.99
N PHE A 27 -4.61 -7.54 8.81
CA PHE A 27 -4.23 -6.63 7.73
C PHE A 27 -4.62 -7.18 6.35
N LEU A 28 -4.14 -8.36 5.99
CA LEU A 28 -4.45 -8.97 4.69
C LEU A 28 -5.95 -9.23 4.56
N SER A 29 -6.62 -9.42 5.69
CA SER A 29 -8.05 -9.68 5.70
C SER A 29 -8.81 -8.44 5.25
N LEU A 30 -8.29 -7.26 5.60
CA LEU A 30 -8.82 -6.00 5.14
C LEU A 30 -8.82 -5.96 3.63
N LEU A 31 -7.65 -6.17 3.05
CA LEU A 31 -7.48 -6.23 1.60
C LEU A 31 -8.53 -7.10 0.96
N ASN A 32 -8.62 -8.32 1.48
CA ASN A 32 -9.60 -9.30 1.02
C ASN A 32 -11.02 -8.73 1.04
N ALA A 33 -11.25 -7.82 1.96
CA ALA A 33 -12.58 -7.28 2.22
C ALA A 33 -12.74 -5.85 1.70
N ILE A 34 -11.63 -5.30 1.21
CA ILE A 34 -11.59 -3.93 0.71
C ILE A 34 -12.65 -3.69 -0.37
N ASN A 35 -13.25 -2.50 -0.33
CA ASN A 35 -14.27 -2.12 -1.29
C ASN A 35 -13.67 -2.13 -2.70
N LEU A 36 -14.07 -3.12 -3.48
CA LEU A 36 -13.46 -3.36 -4.78
C LEU A 36 -14.30 -2.77 -5.90
N GLU A 37 -15.39 -2.11 -5.53
CA GLU A 37 -16.30 -1.55 -6.53
C GLU A 37 -15.61 -0.43 -7.31
N GLY A 38 -14.81 0.38 -6.61
CA GLY A 38 -14.14 1.49 -7.27
C GLY A 38 -13.27 1.02 -8.41
N LEU A 39 -12.52 -0.04 -8.18
CA LEU A 39 -11.70 -0.64 -9.22
C LEU A 39 -12.55 -1.13 -10.36
N LEU A 40 -13.43 -2.06 -10.04
CA LEU A 40 -14.38 -2.60 -11.01
C LEU A 40 -14.99 -1.48 -11.85
N ASN A 41 -15.59 -0.53 -11.16
CA ASN A 41 -16.18 0.63 -11.81
C ASN A 41 -15.17 1.35 -12.69
N THR A 42 -14.01 1.72 -12.12
CA THR A 42 -12.97 2.42 -12.85
C THR A 42 -12.51 1.66 -14.10
N ILE A 43 -12.13 0.41 -13.91
CA ILE A 43 -11.64 -0.42 -14.98
C ILE A 43 -12.67 -0.55 -16.10
N LEU A 44 -13.91 -0.88 -15.74
CA LEU A 44 -14.97 -1.03 -16.74
C LEU A 44 -15.31 0.29 -17.42
N ASP A 45 -14.85 1.38 -16.82
CA ASP A 45 -15.08 2.70 -17.38
C ASP A 45 -14.03 3.04 -18.42
N GLN A 46 -12.77 3.00 -18.01
CA GLN A 46 -11.68 3.46 -18.87
C GLN A 46 -11.38 2.50 -20.01
N VAL A 47 -11.57 1.19 -19.79
CA VAL A 47 -11.39 0.22 -20.87
C VAL A 47 -12.30 0.52 -22.06
N THR A 48 -13.40 1.22 -21.80
CA THR A 48 -14.26 1.67 -22.87
C THR A 48 -13.92 3.11 -23.21
N GLY A 49 -13.70 3.36 -24.50
CA GLY A 49 -13.12 4.62 -24.90
C GLY A 49 -11.61 4.56 -24.90
N LEU A 50 -11.10 3.33 -24.97
CA LEU A 50 -9.70 3.08 -24.95
C LEU A 50 -9.35 2.11 -26.08
N LEU A 51 -9.98 0.94 -26.06
CA LEU A 51 -9.66 -0.13 -27.00
C LEU A 51 -10.20 0.15 -28.40
N ASN A 52 -11.32 -0.49 -28.73
CA ASN A 52 -11.89 -0.40 -30.07
C ASN A 52 -13.25 0.28 -30.04
N ILE A 53 -13.50 1.03 -28.98
CA ILE A 53 -14.79 1.69 -28.80
C ILE A 53 -14.93 2.89 -29.73
N LEU A 54 -13.81 3.47 -30.14
CA LEU A 54 -13.83 4.64 -31.00
C LEU A 54 -14.07 4.24 -32.45
N VAL A 55 -13.39 3.19 -32.90
CA VAL A 55 -13.55 2.71 -34.26
C VAL A 55 -14.76 1.78 -34.37
N GLY A 56 -15.11 1.13 -33.27
CA GLY A 56 -16.23 0.23 -33.26
C GLY A 56 -17.53 0.94 -32.97
N PRO A 57 -18.49 0.93 -33.91
CA PRO A 57 -19.77 1.61 -33.75
C PRO A 57 -20.58 1.06 -32.57
N LEU A 58 -20.40 -0.21 -32.29
CA LEU A 58 -21.09 -0.84 -31.18
C LEU A 58 -20.15 -0.95 -29.98
N LEU A 59 -19.79 -2.18 -29.61
CA LEU A 59 -18.80 -2.44 -28.56
C LEU A 59 -19.09 -1.62 -27.30
N GLY A 60 -20.26 -1.83 -26.72
CA GLY A 60 -20.67 -1.10 -25.53
C GLY A 60 -19.96 -1.57 -24.28
N PRO A 61 -20.32 -0.99 -23.12
CA PRO A 61 -19.75 -1.38 -21.82
C PRO A 61 -19.95 -2.87 -21.54
N SER A 62 -18.86 -3.60 -21.44
CA SER A 62 -18.92 -5.03 -21.20
C SER A 62 -18.97 -5.29 -19.69
N ASP A 63 -19.97 -6.03 -19.27
CA ASP A 63 -20.19 -6.31 -17.86
C ASP A 63 -19.11 -7.23 -17.30
N ALA A 64 -19.01 -7.24 -15.98
CA ALA A 64 -17.96 -7.98 -15.31
C ALA A 64 -18.13 -7.92 -13.81
N GLU A 65 -17.14 -8.45 -13.12
CA GLU A 65 -17.09 -8.42 -11.68
C GLU A 65 -15.62 -8.37 -11.29
N ILE A 66 -15.34 -7.85 -10.12
CA ILE A 66 -13.98 -7.77 -9.66
C ILE A 66 -13.84 -8.52 -8.35
N LYS A 67 -12.72 -9.19 -8.21
CA LYS A 67 -12.40 -9.94 -7.01
C LYS A 67 -10.91 -9.85 -6.79
N LEU A 68 -10.44 -10.27 -5.64
CA LEU A 68 -9.02 -10.39 -5.39
C LEU A 68 -8.51 -11.68 -6.07
N GLN A 69 -7.35 -12.15 -5.67
CA GLN A 69 -6.81 -13.38 -6.19
C GLN A 69 -5.77 -13.94 -5.22
N ASP A 70 -4.94 -13.06 -4.68
CA ASP A 70 -3.94 -13.44 -3.70
C ASP A 70 -3.59 -12.23 -2.85
N THR A 71 -3.33 -12.45 -1.58
CA THR A 71 -2.89 -11.42 -0.69
C THR A 71 -1.82 -11.92 0.25
N ARG A 72 -0.72 -11.19 0.31
CA ARG A 72 0.37 -11.53 1.19
C ARG A 72 1.20 -10.31 1.53
N LEU A 73 2.10 -10.52 2.45
CA LEU A 73 2.98 -9.48 2.96
C LEU A 73 4.44 -9.87 2.79
N LEU A 74 5.27 -8.89 2.43
CA LEU A 74 6.70 -9.12 2.33
C LEU A 74 7.39 -8.58 3.59
N GLN A 75 8.68 -8.31 3.51
CA GLN A 75 9.42 -7.85 4.66
C GLN A 75 9.36 -6.34 4.74
N LEU A 76 8.91 -5.90 5.87
CA LEU A 76 8.75 -4.48 6.17
C LEU A 76 10.09 -3.79 6.32
N SER A 77 10.06 -2.46 6.29
CA SER A 77 11.26 -1.66 6.46
C SER A 77 10.89 -0.28 6.94
N LEU A 78 11.89 0.50 7.25
CA LEU A 78 11.73 1.89 7.63
C LEU A 78 12.84 2.74 7.06
N GLU A 79 12.60 4.04 7.02
CA GLU A 79 13.63 5.01 6.68
C GLU A 79 13.28 6.33 7.35
N PHE A 80 14.26 7.22 7.44
CA PHE A 80 14.02 8.52 8.05
C PHE A 80 13.22 9.39 7.11
N SER A 81 12.21 10.06 7.65
CA SER A 81 11.33 10.87 6.85
C SER A 81 11.97 12.22 6.56
N PRO A 82 12.33 12.46 5.29
CA PRO A 82 13.02 13.67 4.84
C PRO A 82 12.38 14.95 5.36
N ASP A 83 13.03 15.56 6.36
CA ASP A 83 12.63 16.86 6.91
C ASP A 83 11.38 16.77 7.79
N SER A 84 10.50 15.83 7.49
CA SER A 84 9.23 15.65 8.19
C SER A 84 9.35 15.53 9.72
N LYS A 85 10.59 15.34 10.22
CA LYS A 85 10.83 15.18 11.66
C LYS A 85 10.20 13.89 12.14
N GLY A 86 10.39 12.83 11.36
CA GLY A 86 9.81 11.55 11.69
C GLY A 86 10.43 10.43 10.91
N ILE A 87 9.77 9.29 10.89
CA ILE A 87 10.25 8.11 10.18
C ILE A 87 9.15 7.53 9.31
N ASP A 88 9.53 7.09 8.12
CA ASP A 88 8.60 6.48 7.18
C ASP A 88 8.65 4.97 7.33
N ILE A 89 7.50 4.35 7.57
CA ILE A 89 7.43 2.90 7.65
C ILE A 89 6.95 2.35 6.32
N TRP A 90 7.71 1.41 5.78
CA TRP A 90 7.40 0.83 4.48
C TRP A 90 6.85 -0.57 4.64
N ILE A 91 5.54 -0.69 4.52
CA ILE A 91 4.91 -1.98 4.54
C ILE A 91 4.62 -2.45 3.12
N PRO A 92 5.40 -3.41 2.63
CA PRO A 92 5.28 -3.92 1.29
C PRO A 92 4.25 -5.03 1.18
N LEU A 93 3.31 -4.86 0.25
CA LEU A 93 2.25 -5.82 0.03
C LEU A 93 2.37 -6.45 -1.33
N GLU A 94 1.88 -7.67 -1.42
CA GLU A 94 1.74 -8.37 -2.68
C GLU A 94 0.34 -8.92 -2.78
N LEU A 95 -0.49 -8.28 -3.56
CA LEU A 95 -1.85 -8.75 -3.71
C LEU A 95 -2.19 -8.89 -5.18
N SER A 96 -3.09 -9.77 -5.47
CA SER A 96 -3.51 -10.07 -6.80
C SER A 96 -4.99 -9.81 -6.92
N VAL A 97 -5.43 -9.36 -8.08
CA VAL A 97 -6.84 -9.04 -8.29
C VAL A 97 -7.38 -9.77 -9.50
N TYR A 98 -8.45 -10.52 -9.31
CA TYR A 98 -9.00 -11.34 -10.37
C TYR A 98 -10.28 -10.71 -10.93
N LEU A 99 -10.29 -10.42 -12.23
CA LEU A 99 -11.48 -9.91 -12.90
C LEU A 99 -12.32 -11.07 -13.40
N LYS A 100 -13.63 -10.92 -13.33
CA LYS A 100 -14.53 -11.94 -13.84
C LYS A 100 -15.49 -11.31 -14.84
N LEU A 101 -15.08 -11.29 -16.10
CA LEU A 101 -15.87 -10.68 -17.16
C LEU A 101 -17.09 -11.54 -17.47
N LEU A 102 -18.02 -10.97 -18.22
CA LEU A 102 -19.22 -11.69 -18.64
C LEU A 102 -18.84 -12.79 -19.62
N ILE A 103 -17.65 -12.67 -20.19
CA ILE A 103 -17.11 -13.67 -21.08
C ILE A 103 -16.48 -14.82 -20.28
N LEU A 104 -15.71 -15.66 -20.94
CA LEU A 104 -15.25 -16.89 -20.33
C LEU A 104 -13.96 -16.66 -19.54
N GLU A 105 -12.84 -16.55 -20.25
CA GLU A 105 -11.53 -16.49 -19.63
C GLU A 105 -11.34 -15.19 -18.85
N PRO A 106 -11.19 -15.30 -17.51
CA PRO A 106 -10.94 -14.16 -16.64
C PRO A 106 -9.47 -13.78 -16.59
N LEU A 107 -9.17 -12.57 -16.15
CA LEU A 107 -7.80 -12.09 -16.09
C LEU A 107 -7.40 -11.89 -14.64
N THR A 108 -6.10 -11.81 -14.40
CA THR A 108 -5.60 -11.61 -13.05
C THR A 108 -4.50 -10.56 -13.05
N LEU A 109 -4.63 -9.62 -12.14
CA LEU A 109 -3.68 -8.54 -12.01
C LEU A 109 -2.82 -8.75 -10.78
N TYR A 110 -1.62 -8.23 -10.81
CA TYR A 110 -0.69 -8.33 -9.69
C TYR A 110 -0.27 -6.93 -9.28
N VAL A 111 -0.31 -6.66 -7.99
CA VAL A 111 0.15 -5.38 -7.52
C VAL A 111 1.02 -5.54 -6.28
N ARG A 112 2.14 -4.87 -6.31
CA ARG A 112 3.05 -4.83 -5.20
C ARG A 112 3.21 -3.39 -4.74
N THR A 113 2.58 -3.07 -3.63
CA THR A 113 2.59 -1.72 -3.12
C THR A 113 3.36 -1.64 -1.81
N ASP A 114 4.07 -0.55 -1.60
CA ASP A 114 4.81 -0.36 -0.38
C ASP A 114 4.23 0.80 0.39
N ILE A 115 3.44 0.49 1.42
CA ILE A 115 2.82 1.50 2.24
C ILE A 115 3.85 2.40 2.91
N ARG A 116 3.51 3.65 3.08
CA ARG A 116 4.39 4.63 3.70
C ARG A 116 3.62 5.51 4.67
N VAL A 117 3.70 5.18 5.94
CA VAL A 117 3.09 6.01 6.96
C VAL A 117 4.19 6.72 7.75
N GLN A 118 3.93 7.96 8.11
CA GLN A 118 4.93 8.76 8.80
C GLN A 118 4.58 8.88 10.28
N LEU A 119 5.52 8.43 11.11
CA LEU A 119 5.40 8.66 12.53
C LEU A 119 6.25 9.87 12.90
N ARG A 120 5.56 10.97 13.08
CA ARG A 120 6.17 12.26 13.37
C ARG A 120 6.65 12.28 14.82
N LEU A 121 7.50 13.24 15.15
CA LEU A 121 7.91 13.40 16.52
C LEU A 121 7.12 14.53 17.18
N GLU A 122 6.53 14.23 18.32
CA GLU A 122 5.81 15.21 19.10
C GLU A 122 6.12 15.03 20.58
N SER A 123 5.76 16.03 21.36
CA SER A 123 5.99 15.99 22.79
C SER A 123 4.66 16.04 23.53
N ASP A 124 4.56 15.22 24.56
CA ASP A 124 3.32 15.03 25.29
C ASP A 124 3.20 16.09 26.38
N GLU A 125 2.25 15.93 27.30
CA GLU A 125 2.00 16.94 28.32
C GLU A 125 3.23 17.11 29.23
N ASP A 126 3.89 16.01 29.54
CA ASP A 126 5.12 16.05 30.35
C ASP A 126 6.28 16.62 29.54
N GLY A 127 6.02 16.85 28.25
CA GLY A 127 7.05 17.27 27.34
C GLY A 127 7.84 16.11 26.79
N LYS A 128 7.45 14.91 27.18
CA LYS A 128 8.09 13.69 26.73
C LYS A 128 7.78 13.45 25.27
N TYR A 129 8.66 12.73 24.64
CA TYR A 129 8.58 12.53 23.22
C TYR A 129 7.83 11.25 22.90
N ARG A 130 7.07 11.31 21.84
CA ARG A 130 6.23 10.19 21.43
C ARG A 130 6.18 10.11 19.92
N LEU A 131 5.57 9.06 19.41
CA LEU A 131 5.42 8.88 17.99
C LEU A 131 4.05 9.38 17.56
N ALA A 132 4.07 10.36 16.68
CA ALA A 132 2.87 11.03 16.23
C ALA A 132 2.46 10.56 14.84
N PHE A 133 1.36 9.83 14.76
CA PHE A 133 0.88 9.31 13.47
C PHE A 133 0.34 10.46 12.64
N GLY A 134 1.16 10.98 11.74
CA GLY A 134 0.82 12.19 11.05
C GLY A 134 0.47 12.00 9.59
N HIS A 135 0.89 10.90 9.00
CA HIS A 135 0.67 10.69 7.57
C HIS A 135 0.56 9.21 7.28
N CYS A 136 -0.34 8.82 6.41
CA CYS A 136 -0.48 7.43 6.03
C CYS A 136 -0.92 7.30 4.59
N SER A 137 0.04 7.05 3.72
CA SER A 137 -0.25 6.85 2.31
C SER A 137 0.29 5.51 1.85
N LEU A 138 -0.42 4.86 0.96
CA LEU A 138 0.04 3.62 0.39
C LEU A 138 0.62 3.89 -0.99
N LEU A 139 1.78 3.33 -1.26
CA LEU A 139 2.49 3.65 -2.49
C LEU A 139 2.61 2.43 -3.40
N PRO A 140 1.83 2.43 -4.47
CA PRO A 140 1.80 1.33 -5.43
C PRO A 140 3.06 1.31 -6.28
N ARG A 141 3.98 0.43 -5.93
CA ARG A 141 5.26 0.37 -6.60
C ARG A 141 5.18 -0.48 -7.86
N ALA A 142 4.44 -1.58 -7.77
CA ALA A 142 4.35 -2.53 -8.87
C ALA A 142 2.91 -2.87 -9.19
N ILE A 143 2.60 -2.83 -10.48
CA ILE A 143 1.32 -3.27 -10.99
C ILE A 143 1.53 -4.01 -12.32
N GLU A 144 1.52 -5.33 -12.26
CA GLU A 144 1.74 -6.14 -13.45
C GLU A 144 0.56 -7.07 -13.74
N LEU A 145 0.39 -7.42 -14.99
CA LEU A 145 -0.64 -8.35 -15.41
C LEU A 145 -0.12 -9.79 -15.29
N GLN A 146 -0.92 -10.65 -14.69
CA GLN A 146 -0.56 -12.06 -14.59
C GLN A 146 -1.63 -12.94 -15.24
N SER A 147 -1.65 -12.90 -16.56
CA SER A 147 -2.55 -13.73 -17.33
C SER A 147 -1.71 -14.62 -18.26
N GLY A 148 -2.11 -15.88 -18.36
CA GLY A 148 -1.30 -16.86 -19.06
C GLY A 148 -1.21 -16.61 -20.56
N ASN A 149 -2.06 -15.74 -21.07
CA ASN A 149 -2.05 -15.42 -22.49
C ASN A 149 -2.58 -14.01 -22.73
N PRO A 150 -2.05 -13.34 -23.75
CA PRO A 150 -2.52 -12.03 -24.18
C PRO A 150 -3.61 -12.13 -25.26
N LEU A 151 -4.30 -13.26 -25.31
CA LEU A 151 -5.31 -13.51 -26.32
C LEU A 151 -6.71 -13.28 -25.78
N SER A 152 -6.82 -13.26 -24.45
CA SER A 152 -8.11 -13.06 -23.79
C SER A 152 -8.79 -11.79 -24.28
N LEU A 153 -8.08 -10.67 -24.14
CA LEU A 153 -8.59 -9.37 -24.52
C LEU A 153 -7.46 -8.57 -25.17
N PRO A 154 -7.79 -7.42 -25.81
CA PRO A 154 -6.77 -6.50 -26.34
C PRO A 154 -5.91 -5.92 -25.22
N VAL A 155 -4.91 -6.69 -24.81
CA VAL A 155 -4.03 -6.31 -23.72
C VAL A 155 -3.10 -5.17 -24.12
N ASN A 156 -2.13 -4.88 -23.24
CA ASN A 156 -1.20 -3.75 -23.41
C ASN A 156 -1.93 -2.43 -23.21
N ALA A 157 -2.94 -2.17 -24.03
CA ALA A 157 -3.76 -0.97 -23.93
C ALA A 157 -4.42 -0.89 -22.57
N VAL A 158 -4.88 -2.03 -22.09
CA VAL A 158 -5.61 -2.09 -20.84
C VAL A 158 -4.68 -1.95 -19.65
N LEU A 159 -3.39 -2.22 -19.85
CA LEU A 159 -2.41 -2.17 -18.78
C LEU A 159 -2.38 -0.79 -18.14
N GLY A 160 -2.30 0.23 -18.97
CA GLY A 160 -2.35 1.60 -18.48
C GLY A 160 -3.56 1.86 -17.62
N THR A 161 -4.67 1.22 -17.98
CA THR A 161 -5.92 1.36 -17.23
C THR A 161 -5.83 0.59 -15.92
N ILE A 162 -5.32 -0.63 -15.98
CA ILE A 162 -5.12 -1.45 -14.80
C ILE A 162 -4.18 -0.75 -13.82
N GLU A 163 -3.11 -0.16 -14.35
CA GLU A 163 -2.14 0.57 -13.53
C GLU A 163 -2.77 1.87 -13.02
N ASN A 164 -3.61 2.47 -13.85
CA ASN A 164 -4.35 3.67 -13.46
C ASN A 164 -5.26 3.35 -12.29
N ALA A 165 -5.98 2.24 -12.42
CA ALA A 165 -6.95 1.81 -11.44
C ALA A 165 -6.28 1.30 -10.18
N LEU A 166 -5.35 0.37 -10.32
CA LEU A 166 -4.67 -0.20 -9.19
C LEU A 166 -3.84 0.86 -8.48
N GLY A 167 -3.12 1.66 -9.25
CA GLY A 167 -2.36 2.76 -8.66
C GLY A 167 -3.25 3.74 -7.91
N ASN A 168 -4.55 3.67 -8.19
CA ASN A 168 -5.53 4.47 -7.49
C ASN A 168 -6.05 3.72 -6.27
N PHE A 169 -6.29 2.43 -6.45
CA PHE A 169 -6.94 1.59 -5.46
C PHE A 169 -6.07 1.40 -4.22
N ILE A 170 -4.78 1.27 -4.42
CA ILE A 170 -3.85 1.19 -3.30
C ILE A 170 -3.95 2.45 -2.45
N THR A 171 -3.91 3.58 -3.11
CA THR A 171 -3.75 4.84 -2.44
C THR A 171 -5.07 5.27 -1.82
N GLU A 172 -6.09 5.29 -2.64
CA GLU A 172 -7.41 5.71 -2.21
C GLU A 172 -8.15 4.63 -1.42
N ASP A 173 -8.31 3.45 -2.01
CA ASP A 173 -9.15 2.41 -1.41
C ASP A 173 -8.42 1.72 -0.27
N LEU A 174 -7.19 1.29 -0.52
CA LEU A 174 -6.42 0.61 0.50
C LEU A 174 -6.05 1.56 1.62
N GLY A 175 -5.68 2.80 1.27
CA GLY A 175 -5.45 3.83 2.28
C GLY A 175 -6.69 4.15 3.10
N ALA A 176 -7.80 3.50 2.76
CA ALA A 176 -9.04 3.68 3.49
C ALA A 176 -9.26 2.54 4.47
N GLY A 177 -9.04 1.33 3.99
CA GLY A 177 -9.27 0.15 4.80
C GLY A 177 -8.06 -0.24 5.64
N LEU A 178 -6.89 0.10 5.15
CA LEU A 178 -5.63 -0.35 5.75
C LEU A 178 -5.04 0.70 6.68
N CYS A 179 -5.29 1.97 6.38
CA CYS A 179 -4.73 3.08 7.16
C CYS A 179 -5.06 2.96 8.66
N PRO A 180 -6.35 2.77 9.04
CA PRO A 180 -6.73 2.64 10.45
C PRO A 180 -5.97 1.53 11.17
N THR A 181 -5.87 0.38 10.52
CA THR A 181 -5.17 -0.76 11.08
C THR A 181 -3.71 -0.42 11.40
N LEU A 182 -3.05 0.24 10.46
CA LEU A 182 -1.66 0.62 10.65
C LEU A 182 -1.53 1.58 11.82
N ASN A 183 -2.44 2.54 11.86
CA ASN A 183 -2.48 3.52 12.94
C ASN A 183 -2.82 2.85 14.28
N SER A 184 -3.19 1.58 14.23
CA SER A 184 -3.49 0.85 15.44
C SER A 184 -2.23 0.14 15.90
N LEU A 185 -1.56 -0.53 14.97
CA LEU A 185 -0.36 -1.30 15.27
C LEU A 185 0.78 -0.39 15.70
N VAL A 186 1.12 0.57 14.84
CA VAL A 186 2.21 1.52 15.12
C VAL A 186 2.02 2.26 16.44
N SER A 187 0.77 2.55 16.74
CA SER A 187 0.43 3.33 17.92
C SER A 187 0.40 2.46 19.16
N ASN A 188 0.46 1.15 18.97
CA ASN A 188 0.29 0.23 20.08
C ASN A 188 1.45 -0.75 20.23
N LEU A 189 2.50 -0.59 19.44
CA LEU A 189 3.64 -1.48 19.55
C LEU A 189 4.50 -1.16 20.77
N ASP A 190 5.70 -1.71 20.73
CA ASP A 190 6.68 -1.58 21.80
C ASP A 190 7.03 -0.11 22.07
N LEU A 191 7.03 0.28 23.35
CA LEU A 191 7.49 1.59 23.76
C LEU A 191 8.97 1.76 23.45
N GLN A 192 9.70 0.65 23.50
CA GLN A 192 11.12 0.67 23.20
C GLN A 192 11.33 0.95 21.72
N LEU A 193 10.45 0.38 20.91
CA LEU A 193 10.44 0.62 19.47
C LEU A 193 10.08 2.07 19.19
N VAL A 194 9.02 2.54 19.84
CA VAL A 194 8.65 3.94 19.82
C VAL A 194 9.85 4.84 20.08
N ASN A 195 10.50 4.63 21.21
CA ASN A 195 11.64 5.45 21.61
C ASN A 195 12.82 5.25 20.67
N ASN A 196 13.07 4.02 20.25
CA ASN A 196 14.15 3.74 19.30
C ASN A 196 14.01 4.59 18.05
N LEU A 197 12.77 4.75 17.58
CA LEU A 197 12.49 5.63 16.46
C LEU A 197 12.68 7.09 16.85
N ILE A 198 12.13 7.46 17.99
CA ILE A 198 12.23 8.82 18.50
C ILE A 198 13.68 9.24 18.67
N ASN A 199 14.40 8.52 19.52
CA ASN A 199 15.81 8.80 19.78
C ASN A 199 16.61 8.83 18.48
N LEU A 200 16.18 8.04 17.50
CA LEU A 200 16.79 8.04 16.18
C LEU A 200 16.54 9.35 15.45
N ILE A 201 15.29 9.75 15.40
CA ILE A 201 14.90 11.01 14.78
C ILE A 201 15.62 12.17 15.45
N LEU A 202 15.62 12.17 16.77
CA LEU A 202 16.31 13.19 17.55
C LEU A 202 17.80 13.17 17.25
N ASP A 203 18.32 11.97 17.00
CA ASP A 203 19.73 11.77 16.67
C ASP A 203 20.07 12.46 15.36
N ARG A 204 19.22 12.23 14.37
CA ARG A 204 19.40 12.85 13.06
C ARG A 204 19.10 14.34 13.14
N ALA A 205 18.15 14.69 14.00
CA ALA A 205 17.74 16.07 14.22
C ALA A 205 18.84 16.88 14.89
N ASN A 206 19.81 16.19 15.48
CA ASN A 206 20.98 16.84 16.06
C ASN A 206 21.77 17.57 14.98
N VAL A 207 21.91 16.95 13.82
CA VAL A 207 22.65 17.55 12.71
C VAL A 207 21.69 18.22 11.73
N ASP A 208 20.49 17.68 11.60
CA ASP A 208 19.46 18.28 10.76
C ASP A 208 18.57 19.18 11.62
N LEU A 209 18.90 20.46 11.66
CA LEU A 209 18.19 21.40 12.52
C LEU A 209 16.94 21.93 11.84
N SER A 210 15.82 21.26 12.06
CA SER A 210 14.55 21.68 11.49
C SER A 210 13.89 22.72 12.38
N VAL A 211 13.42 23.80 11.76
CA VAL A 211 12.75 24.88 12.48
C VAL A 211 11.48 25.30 11.76
N ALA A 1 15.59 8.04 1.39
CA ALA A 1 17.00 7.83 1.77
C ALA A 1 17.82 9.07 1.44
N MET A 2 18.88 9.29 2.18
CA MET A 2 19.72 10.46 1.96
C MET A 2 21.19 10.12 2.13
N ALA A 3 21.61 9.85 3.35
CA ALA A 3 23.00 9.55 3.65
C ALA A 3 23.13 8.29 4.48
N GLN A 4 22.56 8.33 5.68
CA GLN A 4 22.69 7.22 6.60
C GLN A 4 21.33 6.59 6.87
N GLN A 5 21.27 5.28 6.72
CA GLN A 5 20.02 4.55 6.91
C GLN A 5 19.80 4.20 8.37
N ILE A 6 18.67 3.59 8.65
CA ILE A 6 18.31 3.17 10.00
C ILE A 6 19.04 1.88 10.36
N PRO A 7 19.52 1.76 11.62
CA PRO A 7 20.21 0.58 12.09
C PRO A 7 19.36 -0.67 11.93
N PRO A 8 19.90 -1.67 11.22
CA PRO A 8 19.22 -2.95 10.98
C PRO A 8 18.66 -3.54 12.26
N GLU A 9 19.40 -3.39 13.36
CA GLU A 9 18.94 -3.87 14.67
C GLU A 9 17.58 -3.30 15.02
N VAL A 10 17.43 -1.98 14.99
CA VAL A 10 16.21 -1.37 15.44
C VAL A 10 15.11 -1.61 14.41
N SER A 11 15.44 -1.46 13.13
CA SER A 11 14.47 -1.66 12.07
C SER A 11 14.21 -3.15 11.82
N SER A 12 14.63 -4.00 12.74
CA SER A 12 14.27 -5.41 12.68
C SER A 12 13.18 -5.72 13.70
N GLN A 13 13.15 -4.95 14.79
CA GLN A 13 12.19 -5.18 15.84
C GLN A 13 10.94 -4.30 15.66
N ILE A 14 11.10 -3.11 15.09
CA ILE A 14 9.97 -2.25 14.81
C ILE A 14 9.13 -2.85 13.70
N THR A 15 9.80 -3.38 12.69
CA THR A 15 9.13 -3.99 11.55
C THR A 15 8.50 -5.30 11.95
N ASP A 16 9.16 -5.98 12.89
CA ASP A 16 8.65 -7.22 13.46
C ASP A 16 7.28 -6.96 14.02
N ALA A 17 7.22 -5.94 14.82
CA ALA A 17 6.00 -5.52 15.49
C ALA A 17 5.01 -4.92 14.53
N LEU A 18 5.52 -4.10 13.62
CA LEU A 18 4.68 -3.43 12.63
C LEU A 18 3.99 -4.46 11.76
N THR A 19 4.71 -5.54 11.45
CA THR A 19 4.15 -6.59 10.65
C THR A 19 3.35 -7.51 11.54
N GLN A 20 3.78 -7.64 12.79
CA GLN A 20 3.11 -8.43 13.76
C GLN A 20 1.68 -7.97 13.93
N GLY A 21 1.50 -6.66 13.99
CA GLY A 21 0.18 -6.09 14.02
C GLY A 21 -0.62 -6.46 12.78
N LEU A 22 0.06 -6.54 11.65
CA LEU A 22 -0.58 -6.97 10.41
C LEU A 22 -1.02 -8.42 10.54
N LEU A 23 -0.11 -9.24 11.09
CA LEU A 23 -0.35 -10.68 11.27
C LEU A 23 -1.44 -10.91 12.30
N ASP A 24 -1.18 -10.39 13.50
CA ASP A 24 -2.05 -10.60 14.66
C ASP A 24 -3.39 -9.91 14.45
N GLY A 25 -3.35 -8.82 13.71
CA GLY A 25 -4.57 -8.12 13.35
C GLY A 25 -5.32 -8.83 12.25
N ASN A 26 -5.49 -8.15 11.13
CA ASN A 26 -6.20 -8.70 9.97
C ASN A 26 -5.99 -7.83 8.75
N PHE A 27 -4.76 -7.38 8.56
CA PHE A 27 -4.46 -6.39 7.53
C PHE A 27 -4.87 -6.88 6.14
N LEU A 28 -4.39 -8.05 5.73
CA LEU A 28 -4.69 -8.59 4.40
C LEU A 28 -6.19 -8.89 4.24
N SER A 29 -6.84 -9.19 5.36
CA SER A 29 -8.27 -9.50 5.36
C SER A 29 -9.06 -8.24 5.00
N LEU A 30 -8.57 -7.10 5.46
CA LEU A 30 -9.16 -5.81 5.14
C LEU A 30 -9.16 -5.60 3.64
N LEU A 31 -8.00 -5.78 3.01
CA LEU A 31 -7.86 -5.74 1.56
C LEU A 31 -8.94 -6.55 0.88
N ASN A 32 -9.03 -7.81 1.26
CA ASN A 32 -10.04 -8.72 0.73
C ASN A 32 -11.45 -8.17 0.93
N ALA A 33 -11.63 -7.32 1.93
CA ALA A 33 -12.93 -6.77 2.25
C ALA A 33 -13.05 -5.33 1.74
N ILE A 34 -11.97 -4.83 1.19
CA ILE A 34 -11.91 -3.51 0.59
C ILE A 34 -12.89 -3.42 -0.57
N ASN A 35 -13.54 -2.28 -0.72
CA ASN A 35 -14.54 -2.08 -1.77
C ASN A 35 -13.93 -2.18 -3.16
N LEU A 36 -13.91 -3.39 -3.70
CA LEU A 36 -13.36 -3.63 -5.01
C LEU A 36 -14.30 -3.17 -6.10
N GLU A 37 -15.52 -2.79 -5.71
CA GLU A 37 -16.48 -2.33 -6.67
C GLU A 37 -15.97 -1.06 -7.31
N GLY A 38 -15.22 -0.26 -6.55
CA GLY A 38 -14.67 0.97 -7.08
C GLY A 38 -13.71 0.69 -8.21
N LEU A 39 -12.85 -0.30 -8.03
CA LEU A 39 -11.98 -0.75 -9.08
C LEU A 39 -12.79 -1.25 -10.26
N LEU A 40 -13.57 -2.27 -9.97
CA LEU A 40 -14.46 -2.88 -10.94
C LEU A 40 -15.20 -1.83 -11.76
N ASN A 41 -15.92 -0.96 -11.07
CA ASN A 41 -16.70 0.06 -11.75
C ASN A 41 -15.81 1.06 -12.47
N THR A 42 -14.65 1.40 -11.90
CA THR A 42 -13.70 2.30 -12.56
C THR A 42 -13.14 1.70 -13.84
N ILE A 43 -12.62 0.48 -13.76
CA ILE A 43 -12.03 -0.16 -14.92
C ILE A 43 -13.06 -0.38 -16.02
N LEU A 44 -14.21 -0.96 -15.66
CA LEU A 44 -15.30 -1.14 -16.61
C LEU A 44 -15.65 0.18 -17.29
N ASP A 45 -15.75 1.23 -16.49
CA ASP A 45 -16.09 2.57 -17.00
C ASP A 45 -15.10 3.00 -18.08
N GLN A 46 -13.82 2.76 -17.84
CA GLN A 46 -12.78 3.16 -18.78
C GLN A 46 -12.69 2.19 -19.97
N VAL A 47 -12.58 0.89 -19.69
CA VAL A 47 -12.22 -0.08 -20.72
C VAL A 47 -13.35 -0.31 -21.72
N THR A 48 -14.59 -0.03 -21.31
CA THR A 48 -15.73 -0.16 -22.21
C THR A 48 -15.53 0.69 -23.46
N GLY A 49 -15.20 1.95 -23.27
CA GLY A 49 -15.06 2.88 -24.39
C GLY A 49 -13.90 2.51 -25.28
N LEU A 50 -12.86 1.91 -24.70
CA LEU A 50 -11.69 1.50 -25.44
C LEU A 50 -11.99 0.35 -26.41
N LEU A 51 -12.73 -0.65 -25.93
CA LEU A 51 -12.94 -1.86 -26.72
C LEU A 51 -14.34 -1.95 -27.32
N ASN A 52 -15.32 -2.25 -26.47
CA ASN A 52 -16.64 -2.67 -26.93
C ASN A 52 -17.52 -1.49 -27.29
N ILE A 53 -17.56 -0.52 -26.40
CA ILE A 53 -18.41 0.65 -26.53
C ILE A 53 -17.85 1.59 -27.61
N LEU A 54 -16.59 1.37 -27.99
CA LEU A 54 -15.95 2.14 -29.04
C LEU A 54 -16.73 2.05 -30.35
N VAL A 55 -16.91 0.83 -30.84
CA VAL A 55 -17.61 0.63 -32.10
C VAL A 55 -17.91 -0.85 -32.35
N GLY A 56 -16.96 -1.71 -32.04
CA GLY A 56 -17.10 -3.12 -32.35
C GLY A 56 -17.82 -3.89 -31.25
N PRO A 57 -18.99 -4.46 -31.55
CA PRO A 57 -19.71 -5.32 -30.62
C PRO A 57 -18.99 -6.63 -30.37
N LEU A 58 -19.42 -7.36 -29.35
CA LEU A 58 -18.87 -8.67 -29.00
C LEU A 58 -17.43 -8.62 -28.49
N LEU A 59 -16.75 -7.50 -28.73
CA LEU A 59 -15.40 -7.30 -28.22
C LEU A 59 -15.46 -7.03 -26.72
N GLY A 60 -15.48 -8.08 -25.93
CA GLY A 60 -15.60 -7.93 -24.49
C GLY A 60 -14.32 -7.49 -23.84
N PRO A 61 -14.43 -6.79 -22.70
CA PRO A 61 -13.29 -6.31 -21.93
C PRO A 61 -12.66 -7.43 -21.09
N SER A 62 -11.78 -7.05 -20.18
CA SER A 62 -11.13 -8.00 -19.31
C SER A 62 -11.69 -7.92 -17.91
N ASP A 63 -12.73 -7.10 -17.74
CA ASP A 63 -13.32 -6.86 -16.43
C ASP A 63 -14.82 -6.98 -16.49
N ALA A 64 -15.42 -7.30 -15.34
CA ALA A 64 -16.86 -7.27 -15.17
C ALA A 64 -17.23 -7.75 -13.79
N GLU A 65 -16.45 -8.65 -13.30
CA GLU A 65 -16.46 -9.00 -11.90
C GLU A 65 -15.06 -8.91 -11.38
N ILE A 66 -14.92 -8.50 -10.15
CA ILE A 66 -13.60 -8.28 -9.59
C ILE A 66 -13.46 -8.97 -8.23
N LYS A 67 -12.30 -9.55 -8.01
CA LYS A 67 -12.02 -10.29 -6.79
C LYS A 67 -10.54 -10.17 -6.45
N LEU A 68 -10.18 -10.41 -5.21
CA LEU A 68 -8.78 -10.55 -4.84
C LEU A 68 -8.36 -11.99 -4.97
N GLN A 69 -7.13 -12.18 -5.38
CA GLN A 69 -6.62 -13.50 -5.74
C GLN A 69 -5.61 -13.99 -4.71
N ASP A 70 -4.58 -13.16 -4.48
CA ASP A 70 -3.49 -13.53 -3.60
C ASP A 70 -2.93 -12.31 -2.90
N THR A 71 -3.36 -12.09 -1.68
CA THR A 71 -2.87 -11.00 -0.87
C THR A 71 -1.88 -11.49 0.15
N ARG A 72 -0.73 -10.88 0.16
CA ARG A 72 0.33 -11.24 1.07
C ARG A 72 1.18 -10.04 1.43
N LEU A 73 2.01 -10.23 2.41
CA LEU A 73 2.89 -9.20 2.94
C LEU A 73 4.34 -9.63 2.86
N LEU A 74 5.23 -8.70 2.56
CA LEU A 74 6.65 -9.01 2.47
C LEU A 74 7.38 -8.56 3.73
N GLN A 75 8.52 -7.91 3.55
CA GLN A 75 9.36 -7.52 4.65
C GLN A 75 9.37 -6.03 4.82
N LEU A 76 8.86 -5.61 5.95
CA LEU A 76 8.68 -4.22 6.27
C LEU A 76 10.00 -3.50 6.43
N SER A 77 9.96 -2.18 6.35
CA SER A 77 11.16 -1.39 6.46
C SER A 77 10.84 -0.02 7.00
N LEU A 78 11.88 0.68 7.38
CA LEU A 78 11.78 2.02 7.92
C LEU A 78 12.82 2.89 7.24
N GLU A 79 12.49 4.14 7.04
CA GLU A 79 13.39 5.09 6.41
C GLU A 79 13.30 6.44 7.11
N PHE A 80 14.43 7.11 7.27
CA PHE A 80 14.44 8.43 7.88
C PHE A 80 13.82 9.46 6.96
N SER A 81 13.12 10.41 7.53
CA SER A 81 12.53 11.49 6.77
C SER A 81 13.31 12.79 7.01
N PRO A 82 14.30 13.09 6.15
CA PRO A 82 15.17 14.25 6.31
C PRO A 82 14.43 15.58 6.20
N ASP A 83 13.53 15.68 5.23
CA ASP A 83 12.74 16.89 5.04
C ASP A 83 11.52 16.87 5.96
N SER A 84 11.76 16.58 7.22
CA SER A 84 10.71 16.42 8.20
C SER A 84 11.33 16.13 9.56
N LYS A 85 10.52 15.68 10.49
CA LYS A 85 10.98 15.34 11.83
C LYS A 85 10.34 14.03 12.27
N GLY A 86 10.56 13.00 11.49
CA GLY A 86 10.00 11.70 11.77
C GLY A 86 10.60 10.63 10.89
N ILE A 87 9.96 9.47 10.86
CA ILE A 87 10.42 8.34 10.06
C ILE A 87 9.30 7.83 9.15
N ASP A 88 9.67 7.43 7.94
CA ASP A 88 8.72 6.89 6.98
C ASP A 88 8.73 5.37 7.08
N ILE A 89 7.59 4.78 7.38
CA ILE A 89 7.47 3.33 7.46
C ILE A 89 6.94 2.78 6.16
N TRP A 90 7.68 1.85 5.58
CA TRP A 90 7.34 1.29 4.30
C TRP A 90 6.86 -0.14 4.44
N ILE A 91 5.54 -0.31 4.45
CA ILE A 91 4.95 -1.63 4.51
C ILE A 91 4.71 -2.16 3.11
N PRO A 92 5.48 -3.17 2.70
CA PRO A 92 5.42 -3.73 1.37
C PRO A 92 4.35 -4.79 1.25
N LEU A 93 3.59 -4.70 0.18
CA LEU A 93 2.49 -5.62 -0.06
C LEU A 93 2.61 -6.29 -1.41
N GLU A 94 2.09 -7.50 -1.47
CA GLU A 94 1.98 -8.24 -2.72
C GLU A 94 0.57 -8.75 -2.86
N LEU A 95 -0.22 -8.06 -3.64
CA LEU A 95 -1.61 -8.43 -3.77
C LEU A 95 -1.84 -8.84 -5.21
N SER A 96 -2.83 -9.67 -5.43
CA SER A 96 -3.14 -10.12 -6.76
C SER A 96 -4.63 -9.94 -6.99
N VAL A 97 -4.98 -9.33 -8.12
CA VAL A 97 -6.37 -9.07 -8.41
C VAL A 97 -6.87 -10.01 -9.49
N TYR A 98 -8.08 -10.48 -9.33
CA TYR A 98 -8.65 -11.46 -10.22
C TYR A 98 -9.89 -10.90 -10.91
N LEU A 99 -9.84 -10.79 -12.22
CA LEU A 99 -10.97 -10.30 -12.99
C LEU A 99 -11.77 -11.46 -13.54
N LYS A 100 -13.07 -11.38 -13.37
CA LYS A 100 -13.97 -12.42 -13.85
C LYS A 100 -14.89 -11.83 -14.91
N LEU A 101 -14.94 -12.47 -16.08
CA LEU A 101 -15.81 -11.98 -17.14
C LEU A 101 -17.12 -12.75 -17.14
N LEU A 102 -17.95 -12.44 -18.13
CA LEU A 102 -19.22 -13.12 -18.28
C LEU A 102 -18.97 -14.42 -19.00
N ILE A 103 -17.78 -14.48 -19.60
CA ILE A 103 -17.31 -15.67 -20.28
C ILE A 103 -16.49 -16.53 -19.32
N LEU A 104 -15.46 -17.18 -19.82
CA LEU A 104 -14.76 -18.20 -19.06
C LEU A 104 -13.44 -17.67 -18.52
N GLU A 105 -12.51 -17.42 -19.43
CA GLU A 105 -11.13 -17.11 -19.10
C GLU A 105 -11.01 -15.83 -18.27
N PRO A 106 -10.65 -15.95 -16.98
CA PRO A 106 -10.41 -14.82 -16.11
C PRO A 106 -8.93 -14.42 -16.11
N LEU A 107 -8.67 -13.14 -15.84
CA LEU A 107 -7.31 -12.64 -15.84
C LEU A 107 -6.89 -12.36 -14.41
N THR A 108 -5.60 -12.27 -14.18
CA THR A 108 -5.10 -11.99 -12.86
C THR A 108 -3.97 -10.97 -12.91
N LEU A 109 -4.09 -9.96 -12.06
CA LEU A 109 -3.11 -8.91 -11.96
C LEU A 109 -2.26 -9.12 -10.74
N TYR A 110 -1.14 -8.43 -10.69
CA TYR A 110 -0.25 -8.48 -9.56
C TYR A 110 0.11 -7.06 -9.17
N VAL A 111 -0.08 -6.72 -7.92
CA VAL A 111 0.31 -5.41 -7.46
C VAL A 111 1.24 -5.52 -6.28
N ARG A 112 2.30 -4.77 -6.34
CA ARG A 112 3.31 -4.74 -5.32
C ARG A 112 3.52 -3.30 -4.87
N THR A 113 2.78 -2.94 -3.84
CA THR A 113 2.74 -1.57 -3.35
C THR A 113 3.50 -1.45 -2.04
N ASP A 114 4.04 -0.27 -1.74
CA ASP A 114 4.66 -0.02 -0.45
C ASP A 114 3.93 1.09 0.27
N ILE A 115 3.24 0.74 1.35
CA ILE A 115 2.66 1.75 2.22
C ILE A 115 3.74 2.66 2.79
N ARG A 116 3.43 3.92 2.96
CA ARG A 116 4.35 4.87 3.57
C ARG A 116 3.62 5.71 4.62
N VAL A 117 3.75 5.32 5.87
CA VAL A 117 3.17 6.11 6.94
C VAL A 117 4.29 6.81 7.70
N GLN A 118 4.02 8.04 8.09
CA GLN A 118 5.00 8.85 8.78
C GLN A 118 4.75 8.89 10.27
N LEU A 119 5.74 8.47 11.03
CA LEU A 119 5.69 8.59 12.47
C LEU A 119 6.51 9.80 12.89
N ARG A 120 5.79 10.86 13.21
CA ARG A 120 6.39 12.13 13.59
C ARG A 120 6.86 12.07 15.04
N LEU A 121 7.56 13.09 15.47
CA LEU A 121 7.97 13.18 16.85
C LEU A 121 7.20 14.27 17.57
N GLU A 122 6.61 13.91 18.70
CA GLU A 122 5.91 14.86 19.53
C GLU A 122 6.11 14.52 21.00
N SER A 123 5.76 15.45 21.87
CA SER A 123 5.93 15.27 23.31
C SER A 123 4.58 15.29 24.01
N ASP A 124 4.39 14.38 24.95
CA ASP A 124 3.08 14.16 25.55
C ASP A 124 3.04 14.63 27.01
N GLU A 125 2.24 13.94 27.84
CA GLU A 125 1.97 14.34 29.22
C GLU A 125 3.24 14.65 30.02
N ASP A 126 4.16 13.70 30.07
CA ASP A 126 5.38 13.85 30.86
C ASP A 126 6.35 14.81 30.20
N GLY A 127 5.93 15.37 29.08
CA GLY A 127 6.81 16.17 28.27
C GLY A 127 7.73 15.31 27.45
N LYS A 128 7.55 13.99 27.57
CA LYS A 128 8.39 13.06 26.90
C LYS A 128 7.90 12.79 25.52
N TYR A 129 8.70 12.02 24.84
CA TYR A 129 8.56 11.86 23.43
C TYR A 129 7.83 10.59 23.08
N ARG A 130 7.05 10.67 22.03
CA ARG A 130 6.27 9.56 21.56
C ARG A 130 6.25 9.57 20.04
N LEU A 131 5.70 8.52 19.47
CA LEU A 131 5.57 8.41 18.05
C LEU A 131 4.25 9.04 17.63
N ALA A 132 4.33 10.06 16.81
CA ALA A 132 3.17 10.82 16.40
C ALA A 132 2.74 10.42 15.00
N PHE A 133 1.76 9.54 14.92
CA PHE A 133 1.24 9.08 13.63
C PHE A 133 0.58 10.24 12.90
N GLY A 134 1.26 10.75 11.89
CA GLY A 134 0.75 11.92 11.21
C GLY A 134 0.27 11.66 9.80
N HIS A 135 0.93 10.74 9.10
CA HIS A 135 0.65 10.56 7.69
C HIS A 135 0.62 9.08 7.37
N CYS A 136 -0.22 8.68 6.41
CA CYS A 136 -0.30 7.28 6.02
C CYS A 136 -0.80 7.13 4.60
N SER A 137 0.13 7.19 3.66
CA SER A 137 -0.21 7.05 2.26
C SER A 137 0.35 5.77 1.70
N LEU A 138 -0.45 5.07 0.91
CA LEU A 138 0.00 3.86 0.26
C LEU A 138 0.54 4.17 -1.12
N LEU A 139 1.68 3.58 -1.44
CA LEU A 139 2.37 3.91 -2.68
C LEU A 139 2.52 2.70 -3.58
N PRO A 140 1.74 2.67 -4.66
CA PRO A 140 1.73 1.56 -5.61
C PRO A 140 2.98 1.55 -6.48
N ARG A 141 3.90 0.65 -6.18
CA ARG A 141 5.18 0.61 -6.85
C ARG A 141 5.13 -0.31 -8.06
N ALA A 142 4.40 -1.41 -7.95
CA ALA A 142 4.38 -2.40 -9.01
C ALA A 142 2.96 -2.87 -9.30
N ILE A 143 2.66 -2.95 -10.58
CA ILE A 143 1.41 -3.52 -11.07
C ILE A 143 1.67 -4.29 -12.37
N GLU A 144 1.75 -5.61 -12.25
CA GLU A 144 2.03 -6.48 -13.38
C GLU A 144 0.83 -7.37 -13.70
N LEU A 145 0.84 -7.96 -14.88
CA LEU A 145 -0.16 -8.91 -15.30
C LEU A 145 0.35 -10.33 -15.11
N GLN A 146 -0.45 -11.19 -14.49
CA GLN A 146 -0.08 -12.58 -14.30
C GLN A 146 -0.62 -13.45 -15.43
N SER A 147 -1.94 -13.54 -15.50
CA SER A 147 -2.59 -14.34 -16.53
C SER A 147 -3.40 -13.46 -17.47
N GLY A 148 -3.25 -13.69 -18.76
CA GLY A 148 -3.94 -12.90 -19.75
C GLY A 148 -3.10 -12.73 -20.99
N ASN A 149 -3.20 -13.68 -21.90
CA ASN A 149 -2.37 -13.67 -23.09
C ASN A 149 -2.81 -12.57 -24.05
N PRO A 150 -1.84 -11.75 -24.51
CA PRO A 150 -2.09 -10.70 -25.50
C PRO A 150 -2.26 -11.29 -26.90
N LEU A 151 -2.23 -12.60 -26.98
CA LEU A 151 -2.31 -13.30 -28.26
C LEU A 151 -3.75 -13.36 -28.76
N SER A 152 -4.61 -13.96 -27.96
CA SER A 152 -6.00 -14.16 -28.34
C SER A 152 -6.92 -13.17 -27.61
N LEU A 153 -6.40 -12.53 -26.57
CA LEU A 153 -7.21 -11.62 -25.77
C LEU A 153 -6.75 -10.17 -25.97
N PRO A 154 -7.69 -9.22 -25.87
CA PRO A 154 -7.42 -7.79 -26.04
C PRO A 154 -6.94 -7.13 -24.74
N VAL A 155 -6.03 -7.80 -24.06
CA VAL A 155 -5.57 -7.33 -22.76
C VAL A 155 -4.55 -6.19 -22.89
N ASN A 156 -3.91 -6.08 -24.04
CA ASN A 156 -2.93 -5.02 -24.27
C ASN A 156 -3.59 -3.65 -24.21
N ALA A 157 -4.82 -3.58 -24.71
CA ALA A 157 -5.56 -2.34 -24.75
C ALA A 157 -6.02 -1.92 -23.36
N VAL A 158 -6.29 -2.89 -22.51
CA VAL A 158 -6.91 -2.62 -21.22
C VAL A 158 -5.88 -2.48 -20.11
N LEU A 159 -4.69 -3.02 -20.32
CA LEU A 159 -3.73 -3.21 -19.24
C LEU A 159 -3.34 -1.90 -18.57
N GLY A 160 -2.91 -0.93 -19.37
CA GLY A 160 -2.56 0.37 -18.83
C GLY A 160 -3.68 1.00 -18.01
N THR A 161 -4.91 0.72 -18.41
CA THR A 161 -6.07 1.23 -17.71
C THR A 161 -6.29 0.48 -16.39
N ILE A 162 -6.06 -0.83 -16.41
CA ILE A 162 -6.10 -1.63 -15.19
C ILE A 162 -5.05 -1.13 -14.22
N GLU A 163 -3.84 -0.88 -14.74
CA GLU A 163 -2.77 -0.33 -13.95
C GLU A 163 -3.15 1.04 -13.41
N ASN A 164 -3.76 1.85 -14.27
CA ASN A 164 -4.26 3.16 -13.89
C ASN A 164 -5.15 3.04 -12.66
N ALA A 165 -6.08 2.11 -12.74
CA ALA A 165 -7.05 1.88 -11.69
C ALA A 165 -6.39 1.32 -10.43
N LEU A 166 -5.49 0.36 -10.59
CA LEU A 166 -4.83 -0.24 -9.45
C LEU A 166 -3.97 0.79 -8.73
N GLY A 167 -3.23 1.58 -9.49
CA GLY A 167 -2.42 2.63 -8.91
C GLY A 167 -3.28 3.63 -8.14
N ASN A 168 -4.57 3.60 -8.39
CA ASN A 168 -5.51 4.43 -7.64
C ASN A 168 -5.98 3.69 -6.40
N PHE A 169 -6.35 2.43 -6.58
CA PHE A 169 -6.99 1.63 -5.54
C PHE A 169 -6.11 1.45 -4.31
N ILE A 170 -4.81 1.32 -4.53
CA ILE A 170 -3.86 1.25 -3.41
C ILE A 170 -3.97 2.50 -2.55
N THR A 171 -3.97 3.65 -3.19
CA THR A 171 -3.86 4.90 -2.49
C THR A 171 -5.22 5.34 -1.97
N GLU A 172 -6.17 5.35 -2.87
CA GLU A 172 -7.54 5.77 -2.58
C GLU A 172 -8.25 4.80 -1.65
N ASP A 173 -8.36 3.55 -2.08
CA ASP A 173 -9.18 2.57 -1.36
C ASP A 173 -8.41 1.92 -0.23
N LEU A 174 -7.20 1.44 -0.52
CA LEU A 174 -6.43 0.75 0.49
C LEU A 174 -6.00 1.71 1.59
N GLY A 175 -5.48 2.87 1.21
CA GLY A 175 -5.16 3.89 2.20
C GLY A 175 -6.36 4.41 2.96
N ALA A 176 -7.53 3.92 2.62
CA ALA A 176 -8.74 4.29 3.33
C ALA A 176 -9.12 3.20 4.32
N GLY A 177 -9.09 1.97 3.84
CA GLY A 177 -9.53 0.84 4.64
C GLY A 177 -8.46 0.36 5.59
N LEU A 178 -7.21 0.63 5.25
CA LEU A 178 -6.08 0.06 5.98
C LEU A 178 -5.41 1.09 6.89
N CYS A 179 -5.68 2.37 6.64
CA CYS A 179 -5.02 3.45 7.39
C CYS A 179 -5.28 3.35 8.91
N PRO A 180 -6.55 3.19 9.36
CA PRO A 180 -6.85 3.09 10.80
C PRO A 180 -6.12 1.92 11.45
N THR A 181 -6.05 0.81 10.72
CA THR A 181 -5.36 -0.39 11.21
C THR A 181 -3.90 -0.11 11.50
N LEU A 182 -3.23 0.58 10.58
CA LEU A 182 -1.83 0.87 10.73
C LEU A 182 -1.57 1.70 11.96
N ASN A 183 -2.44 2.66 12.20
CA ASN A 183 -2.34 3.49 13.39
C ASN A 183 -2.83 2.72 14.62
N SER A 184 -3.30 1.51 14.40
CA SER A 184 -3.70 0.64 15.51
C SER A 184 -2.55 -0.31 15.83
N LEU A 185 -1.65 -0.49 14.88
CA LEU A 185 -0.47 -1.31 15.11
C LEU A 185 0.70 -0.45 15.60
N VAL A 186 1.11 0.51 14.77
CA VAL A 186 2.25 1.36 15.08
C VAL A 186 2.09 2.10 16.41
N SER A 187 0.88 2.56 16.66
CA SER A 187 0.60 3.39 17.84
C SER A 187 0.35 2.50 19.05
N ASN A 188 0.50 1.20 18.87
CA ASN A 188 0.19 0.25 19.91
C ASN A 188 1.29 -0.76 20.12
N LEU A 189 2.40 -0.61 19.40
CA LEU A 189 3.51 -1.52 19.56
C LEU A 189 4.35 -1.22 20.81
N ASP A 190 5.55 -1.77 20.81
CA ASP A 190 6.49 -1.66 21.93
C ASP A 190 6.90 -0.21 22.16
N LEU A 191 6.87 0.20 23.43
CA LEU A 191 7.34 1.52 23.82
C LEU A 191 8.84 1.66 23.58
N GLN A 192 9.56 0.55 23.67
CA GLN A 192 10.99 0.56 23.42
C GLN A 192 11.23 0.78 21.95
N LEU A 193 10.40 0.16 21.13
CA LEU A 193 10.42 0.36 19.69
C LEU A 193 10.12 1.81 19.37
N VAL A 194 9.03 2.31 19.96
CA VAL A 194 8.68 3.73 19.91
C VAL A 194 9.90 4.60 20.14
N ASN A 195 10.52 4.43 21.29
CA ASN A 195 11.68 5.22 21.68
C ASN A 195 12.85 5.01 20.72
N ASN A 196 13.00 3.78 20.23
CA ASN A 196 14.04 3.47 19.24
C ASN A 196 13.91 4.34 18.00
N LEU A 197 12.69 4.57 17.52
CA LEU A 197 12.48 5.47 16.39
C LEU A 197 12.79 6.89 16.81
N ILE A 198 12.27 7.24 17.98
CA ILE A 198 12.41 8.58 18.52
C ILE A 198 13.87 8.98 18.70
N ASN A 199 14.59 8.21 19.50
CA ASN A 199 16.01 8.46 19.74
C ASN A 199 16.78 8.65 18.44
N LEU A 200 16.39 7.91 17.41
CA LEU A 200 17.03 8.02 16.11
C LEU A 200 16.69 9.35 15.44
N ILE A 201 15.41 9.71 15.44
CA ILE A 201 14.99 10.98 14.88
C ILE A 201 15.65 12.13 15.63
N LEU A 202 15.68 12.04 16.95
CA LEU A 202 16.32 13.05 17.78
C LEU A 202 17.81 13.14 17.47
N ASP A 203 18.40 12.01 17.16
CA ASP A 203 19.81 11.96 16.82
C ASP A 203 20.04 12.64 15.48
N ARG A 204 19.17 12.33 14.53
CA ARG A 204 19.22 12.95 13.21
C ARG A 204 18.87 14.43 13.31
N ALA A 205 18.00 14.75 14.24
CA ALA A 205 17.55 16.11 14.49
C ALA A 205 18.73 17.00 14.90
N ASN A 206 19.67 16.41 15.62
CA ASN A 206 20.88 17.13 16.04
C ASN A 206 21.89 17.24 14.91
N VAL A 207 21.58 16.60 13.78
CA VAL A 207 22.45 16.67 12.61
C VAL A 207 21.78 17.51 11.51
N ASP A 208 20.61 17.06 11.09
CA ASP A 208 19.82 17.76 10.10
C ASP A 208 19.07 18.91 10.75
N LEU A 209 19.46 20.13 10.43
CA LEU A 209 18.81 21.30 10.98
C LEU A 209 17.53 21.59 10.22
N SER A 210 16.44 21.75 10.95
CA SER A 210 15.16 22.06 10.36
C SER A 210 14.94 23.57 10.36
N VAL A 211 15.10 24.19 9.19
CA VAL A 211 14.94 25.63 9.05
C VAL A 211 16.01 26.36 9.85
N ALA A 1 22.20 5.83 16.55
CA ALA A 1 22.34 5.60 15.09
C ALA A 1 23.76 5.18 14.76
N MET A 2 23.92 3.91 14.37
CA MET A 2 25.23 3.38 13.98
C MET A 2 25.72 4.03 12.70
N ALA A 3 24.80 4.58 11.93
CA ALA A 3 25.14 5.28 10.69
C ALA A 3 24.14 6.39 10.43
N GLN A 4 24.11 6.89 9.21
CA GLN A 4 23.17 7.95 8.85
C GLN A 4 21.78 7.34 8.62
N GLN A 5 21.77 6.14 8.06
CA GLN A 5 20.53 5.41 7.85
C GLN A 5 20.12 4.69 9.12
N ILE A 6 18.87 4.23 9.16
CA ILE A 6 18.37 3.53 10.32
C ILE A 6 19.10 2.21 10.51
N PRO A 7 19.52 1.90 11.75
CA PRO A 7 20.20 0.66 12.05
C PRO A 7 19.30 -0.54 11.75
N PRO A 8 19.81 -1.48 10.94
CA PRO A 8 19.06 -2.69 10.56
C PRO A 8 18.59 -3.48 11.77
N GLU A 9 19.30 -3.32 12.89
CA GLU A 9 18.91 -3.92 14.15
C GLU A 9 17.57 -3.39 14.63
N VAL A 10 17.42 -2.06 14.65
CA VAL A 10 16.20 -1.49 15.17
C VAL A 10 15.11 -1.57 14.12
N SER A 11 15.45 -1.38 12.86
CA SER A 11 14.48 -1.46 11.79
C SER A 11 14.16 -2.92 11.45
N SER A 12 14.48 -3.82 12.37
CA SER A 12 14.10 -5.22 12.23
C SER A 12 13.08 -5.58 13.31
N GLN A 13 13.20 -4.92 14.47
CA GLN A 13 12.30 -5.20 15.58
C GLN A 13 11.02 -4.36 15.49
N ILE A 14 11.11 -3.16 14.91
CA ILE A 14 9.94 -2.35 14.65
C ILE A 14 9.11 -3.00 13.56
N THR A 15 9.79 -3.46 12.53
CA THR A 15 9.13 -4.07 11.38
C THR A 15 8.55 -5.41 11.77
N ASP A 16 9.22 -6.06 12.72
CA ASP A 16 8.75 -7.32 13.29
C ASP A 16 7.39 -7.10 13.88
N ALA A 17 7.32 -6.08 14.71
CA ALA A 17 6.13 -5.72 15.42
C ALA A 17 5.08 -5.10 14.52
N LEU A 18 5.54 -4.27 13.60
CA LEU A 18 4.66 -3.60 12.68
C LEU A 18 4.01 -4.60 11.76
N THR A 19 4.75 -5.66 11.44
CA THR A 19 4.22 -6.71 10.62
C THR A 19 3.41 -7.65 11.50
N GLN A 20 3.86 -7.80 12.74
CA GLN A 20 3.18 -8.61 13.71
C GLN A 20 1.78 -8.10 13.92
N GLY A 21 1.63 -6.79 14.01
CA GLY A 21 0.33 -6.18 14.07
C GLY A 21 -0.51 -6.52 12.85
N LEU A 22 0.14 -6.61 11.70
CA LEU A 22 -0.54 -7.01 10.48
C LEU A 22 -1.00 -8.47 10.59
N LEU A 23 -0.09 -9.31 11.09
CA LEU A 23 -0.33 -10.74 11.25
C LEU A 23 -1.38 -11.01 12.33
N ASP A 24 -1.14 -10.39 13.48
CA ASP A 24 -1.98 -10.57 14.66
C ASP A 24 -3.33 -9.90 14.48
N GLY A 25 -3.31 -8.77 13.79
CA GLY A 25 -4.55 -8.07 13.50
C GLY A 25 -5.30 -8.74 12.36
N ASN A 26 -5.57 -7.99 11.31
CA ASN A 26 -6.28 -8.53 10.16
C ASN A 26 -6.07 -7.65 8.93
N PHE A 27 -4.82 -7.25 8.70
CA PHE A 27 -4.50 -6.31 7.64
C PHE A 27 -4.95 -6.84 6.27
N LEU A 28 -4.48 -8.02 5.88
CA LEU A 28 -4.82 -8.61 4.59
C LEU A 28 -6.33 -8.92 4.49
N SER A 29 -6.97 -9.14 5.63
CA SER A 29 -8.40 -9.42 5.67
C SER A 29 -9.19 -8.17 5.27
N LEU A 30 -8.67 -7.02 5.69
CA LEU A 30 -9.25 -5.73 5.31
C LEU A 30 -9.28 -5.59 3.81
N LEU A 31 -8.13 -5.82 3.17
CA LEU A 31 -8.02 -5.83 1.71
C LEU A 31 -9.14 -6.65 1.09
N ASN A 32 -9.23 -7.89 1.54
CA ASN A 32 -10.28 -8.80 1.09
C ASN A 32 -11.66 -8.18 1.23
N ALA A 33 -11.83 -7.33 2.22
CA ALA A 33 -13.13 -6.73 2.53
C ALA A 33 -13.24 -5.32 1.96
N ILE A 34 -12.13 -4.85 1.41
CA ILE A 34 -12.06 -3.53 0.79
C ILE A 34 -13.08 -3.40 -0.34
N ASN A 35 -13.65 -2.21 -0.48
CA ASN A 35 -14.60 -1.93 -1.55
C ASN A 35 -13.90 -2.00 -2.89
N LEU A 36 -13.96 -3.17 -3.49
CA LEU A 36 -13.25 -3.46 -4.72
C LEU A 36 -14.05 -3.00 -5.93
N GLU A 37 -15.24 -2.48 -5.66
CA GLU A 37 -16.11 -1.99 -6.70
C GLU A 37 -15.46 -0.85 -7.47
N GLY A 38 -14.63 -0.06 -6.78
CA GLY A 38 -13.96 1.05 -7.41
C GLY A 38 -13.09 0.59 -8.55
N LEU A 39 -12.32 -0.45 -8.30
CA LEU A 39 -11.49 -1.07 -9.33
C LEU A 39 -12.35 -1.63 -10.43
N LEU A 40 -13.20 -2.57 -10.04
CA LEU A 40 -14.16 -3.20 -10.95
C LEU A 40 -14.80 -2.17 -11.86
N ASN A 41 -15.43 -1.18 -11.26
CA ASN A 41 -16.09 -0.11 -12.00
C ASN A 41 -15.10 0.65 -12.87
N THR A 42 -13.96 1.06 -12.31
CA THR A 42 -12.95 1.79 -13.06
C THR A 42 -12.48 1.02 -14.29
N ILE A 43 -12.08 -0.22 -14.09
CA ILE A 43 -11.58 -1.04 -15.17
C ILE A 43 -12.65 -1.25 -16.23
N LEU A 44 -13.86 -1.61 -15.80
CA LEU A 44 -14.98 -1.75 -16.73
C LEU A 44 -15.27 -0.46 -17.48
N ASP A 45 -15.01 0.67 -16.83
CA ASP A 45 -15.26 1.98 -17.43
C ASP A 45 -14.24 2.30 -18.52
N GLN A 46 -12.97 2.06 -18.24
CA GLN A 46 -11.91 2.42 -19.16
C GLN A 46 -11.65 1.35 -20.24
N VAL A 47 -11.71 0.08 -19.88
CA VAL A 47 -11.38 -0.99 -20.84
C VAL A 47 -12.42 -2.09 -20.86
N THR A 48 -13.50 -1.93 -20.12
CA THR A 48 -14.53 -2.97 -20.00
C THR A 48 -13.88 -4.32 -19.72
N GLY A 49 -13.76 -5.17 -20.73
CA GLY A 49 -12.87 -6.30 -20.60
C GLY A 49 -11.58 -6.04 -21.33
N LEU A 50 -11.70 -5.47 -22.52
CA LEU A 50 -10.58 -5.24 -23.39
C LEU A 50 -10.38 -3.75 -23.60
N LEU A 51 -11.35 -3.15 -24.31
CA LEU A 51 -11.32 -1.76 -24.76
C LEU A 51 -12.74 -1.29 -25.00
N ASN A 52 -13.40 -1.92 -25.99
CA ASN A 52 -14.79 -1.67 -26.44
C ASN A 52 -15.46 -0.42 -25.86
N ILE A 53 -15.90 -0.50 -24.60
CA ILE A 53 -16.64 0.58 -23.94
C ILE A 53 -15.95 1.94 -24.08
N LEU A 54 -14.62 1.94 -24.12
CA LEU A 54 -13.86 3.17 -24.33
C LEU A 54 -13.90 3.56 -25.80
N VAL A 55 -13.43 2.66 -26.65
CA VAL A 55 -13.39 2.90 -28.08
C VAL A 55 -13.63 1.61 -28.84
N GLY A 56 -14.84 1.48 -29.35
CA GLY A 56 -15.19 0.32 -30.14
C GLY A 56 -16.66 0.32 -30.49
N PRO A 57 -17.00 0.26 -31.79
CA PRO A 57 -18.39 0.29 -32.27
C PRO A 57 -19.16 -1.00 -31.97
N LEU A 58 -18.75 -1.68 -30.93
CA LEU A 58 -19.34 -2.95 -30.53
C LEU A 58 -20.45 -2.71 -29.51
N LEU A 59 -20.06 -2.22 -28.34
CA LEU A 59 -21.00 -1.91 -27.25
C LEU A 59 -21.86 -3.14 -26.92
N GLY A 60 -21.23 -4.30 -26.84
CA GLY A 60 -21.94 -5.50 -26.46
C GLY A 60 -21.96 -5.68 -24.95
N PRO A 61 -22.73 -6.67 -24.45
CA PRO A 61 -22.83 -6.93 -23.01
C PRO A 61 -21.52 -7.47 -22.45
N SER A 62 -20.86 -6.68 -21.63
CA SER A 62 -19.57 -7.07 -21.06
C SER A 62 -19.49 -6.67 -19.59
N ASP A 63 -20.26 -7.35 -18.76
CA ASP A 63 -20.21 -7.11 -17.32
C ASP A 63 -19.06 -7.89 -16.71
N ALA A 64 -18.94 -7.79 -15.39
CA ALA A 64 -17.85 -8.41 -14.68
C ALA A 64 -18.06 -8.35 -13.18
N GLU A 65 -17.21 -9.06 -12.48
CA GLU A 65 -17.19 -9.04 -11.03
C GLU A 65 -15.73 -8.97 -10.60
N ILE A 66 -15.44 -8.52 -9.40
CA ILE A 66 -14.06 -8.35 -9.00
C ILE A 66 -13.80 -9.02 -7.66
N LYS A 67 -12.61 -9.60 -7.55
CA LYS A 67 -12.22 -10.37 -6.38
C LYS A 67 -10.74 -10.20 -6.15
N LEU A 68 -10.30 -10.42 -4.92
CA LEU A 68 -8.88 -10.52 -4.64
C LEU A 68 -8.41 -11.95 -4.81
N GLN A 69 -7.19 -12.07 -5.31
CA GLN A 69 -6.62 -13.37 -5.68
C GLN A 69 -5.54 -13.81 -4.71
N ASP A 70 -4.55 -12.96 -4.53
CA ASP A 70 -3.41 -13.28 -3.70
C ASP A 70 -2.92 -12.07 -2.96
N THR A 71 -3.29 -12.00 -1.72
CA THR A 71 -2.88 -10.93 -0.85
C THR A 71 -1.89 -11.45 0.17
N ARG A 72 -0.75 -10.81 0.20
CA ARG A 72 0.32 -11.21 1.08
C ARG A 72 1.19 -10.03 1.45
N LEU A 73 1.97 -10.25 2.47
CA LEU A 73 2.87 -9.25 3.02
C LEU A 73 4.31 -9.71 2.86
N LEU A 74 5.17 -8.81 2.44
CA LEU A 74 6.56 -9.16 2.20
C LEU A 74 7.43 -8.80 3.41
N GLN A 75 8.26 -7.77 3.28
CA GLN A 75 9.17 -7.41 4.36
C GLN A 75 9.19 -5.92 4.59
N LEU A 76 8.78 -5.56 5.79
CA LEU A 76 8.64 -4.16 6.16
C LEU A 76 10.00 -3.51 6.33
N SER A 77 10.03 -2.19 6.27
CA SER A 77 11.25 -1.44 6.48
C SER A 77 10.92 -0.05 6.97
N LEU A 78 11.96 0.66 7.36
CA LEU A 78 11.85 2.02 7.87
C LEU A 78 12.90 2.90 7.21
N GLU A 79 12.55 4.15 7.02
CA GLU A 79 13.47 5.14 6.48
C GLU A 79 13.33 6.44 7.26
N PHE A 80 14.41 7.18 7.38
CA PHE A 80 14.34 8.50 7.97
C PHE A 80 13.65 9.45 7.01
N SER A 81 12.73 10.23 7.55
CA SER A 81 11.93 11.14 6.76
C SER A 81 12.82 12.25 6.20
N PRO A 82 12.56 12.66 4.95
CA PRO A 82 13.29 13.76 4.32
C PRO A 82 12.98 15.09 4.99
N ASP A 83 11.94 15.07 5.80
CA ASP A 83 11.54 16.24 6.58
C ASP A 83 12.39 16.36 7.85
N SER A 84 13.06 15.25 8.20
CA SER A 84 14.00 15.21 9.31
C SER A 84 13.30 15.32 10.67
N LYS A 85 12.02 14.95 10.73
CA LYS A 85 11.30 14.95 12.01
C LYS A 85 10.31 13.79 12.08
N GLY A 86 10.74 12.66 11.56
CA GLY A 86 9.92 11.47 11.58
C GLY A 86 10.58 10.34 10.81
N ILE A 87 9.88 9.25 10.69
CA ILE A 87 10.36 8.08 9.96
C ILE A 87 9.27 7.58 9.01
N ASP A 88 9.67 7.16 7.82
CA ASP A 88 8.74 6.64 6.84
C ASP A 88 8.72 5.12 6.93
N ILE A 89 7.59 4.56 7.31
CA ILE A 89 7.46 3.12 7.40
C ILE A 89 6.94 2.57 6.10
N TRP A 90 7.70 1.69 5.51
CA TRP A 90 7.35 1.12 4.22
C TRP A 90 6.85 -0.29 4.36
N ILE A 91 5.54 -0.44 4.31
CA ILE A 91 4.91 -1.74 4.38
C ILE A 91 4.59 -2.26 2.99
N PRO A 92 5.35 -3.25 2.52
CA PRO A 92 5.20 -3.81 1.19
C PRO A 92 4.11 -4.86 1.12
N LEU A 93 3.15 -4.62 0.24
CA LEU A 93 2.06 -5.55 0.01
C LEU A 93 2.12 -6.10 -1.39
N GLU A 94 1.89 -7.38 -1.49
CA GLU A 94 1.90 -8.07 -2.75
C GLU A 94 0.51 -8.64 -2.98
N LEU A 95 -0.30 -7.94 -3.75
CA LEU A 95 -1.68 -8.31 -3.92
C LEU A 95 -1.94 -8.69 -5.36
N SER A 96 -2.88 -9.59 -5.56
CA SER A 96 -3.32 -9.94 -6.88
C SER A 96 -4.82 -9.76 -6.93
N VAL A 97 -5.30 -9.11 -7.97
CA VAL A 97 -6.72 -8.87 -8.13
C VAL A 97 -7.24 -9.73 -9.28
N TYR A 98 -8.49 -10.10 -9.22
CA TYR A 98 -9.06 -11.00 -10.20
C TYR A 98 -10.38 -10.45 -10.74
N LEU A 99 -10.42 -10.25 -12.06
CA LEU A 99 -11.64 -9.85 -12.72
C LEU A 99 -12.41 -11.08 -13.18
N LYS A 100 -13.68 -11.13 -12.85
CA LYS A 100 -14.53 -12.24 -13.21
C LYS A 100 -15.51 -11.80 -14.29
N LEU A 101 -15.14 -11.99 -15.54
CA LEU A 101 -15.93 -11.52 -16.66
C LEU A 101 -17.00 -12.55 -17.01
N LEU A 102 -17.85 -12.21 -17.96
CA LEU A 102 -18.84 -13.15 -18.45
C LEU A 102 -18.27 -14.01 -19.57
N ILE A 103 -17.00 -13.77 -19.86
CA ILE A 103 -16.29 -14.58 -20.84
C ILE A 103 -15.66 -15.79 -20.17
N LEU A 104 -14.83 -16.51 -20.89
CA LEU A 104 -14.25 -17.75 -20.36
C LEU A 104 -12.93 -17.49 -19.66
N GLU A 105 -12.19 -16.51 -20.17
CA GLU A 105 -10.86 -16.23 -19.63
C GLU A 105 -10.87 -14.94 -18.80
N PRO A 106 -10.89 -15.08 -17.47
CA PRO A 106 -10.78 -13.94 -16.55
C PRO A 106 -9.36 -13.43 -16.47
N LEU A 107 -9.19 -12.17 -16.08
CA LEU A 107 -7.87 -11.57 -16.02
C LEU A 107 -7.45 -11.40 -14.56
N THR A 108 -6.15 -11.44 -14.33
CA THR A 108 -5.63 -11.31 -12.99
C THR A 108 -4.59 -10.19 -12.94
N LEU A 109 -4.63 -9.40 -11.88
CA LEU A 109 -3.74 -8.27 -11.71
C LEU A 109 -2.75 -8.55 -10.59
N TYR A 110 -1.65 -7.84 -10.60
CA TYR A 110 -0.64 -7.97 -9.56
C TYR A 110 -0.17 -6.60 -9.15
N VAL A 111 -0.09 -6.36 -7.86
CA VAL A 111 0.44 -5.10 -7.39
C VAL A 111 1.42 -5.33 -6.25
N ARG A 112 2.56 -4.70 -6.38
CA ARG A 112 3.54 -4.61 -5.33
C ARG A 112 3.56 -3.17 -4.84
N THR A 113 2.83 -2.93 -3.78
CA THR A 113 2.68 -1.59 -3.25
C THR A 113 3.39 -1.47 -1.92
N ASP A 114 4.09 -0.38 -1.71
CA ASP A 114 4.79 -0.15 -0.48
C ASP A 114 4.14 1.00 0.27
N ILE A 115 3.36 0.67 1.29
CA ILE A 115 2.76 1.68 2.14
C ILE A 115 3.83 2.56 2.76
N ARG A 116 3.52 3.85 2.91
CA ARG A 116 4.45 4.80 3.51
C ARG A 116 3.75 5.65 4.54
N VAL A 117 3.87 5.28 5.80
CA VAL A 117 3.30 6.06 6.86
C VAL A 117 4.41 6.77 7.62
N GLN A 118 4.14 7.99 8.05
CA GLN A 118 5.12 8.77 8.76
C GLN A 118 4.79 8.86 10.24
N LEU A 119 5.70 8.37 11.05
CA LEU A 119 5.59 8.52 12.50
C LEU A 119 6.40 9.72 12.93
N ARG A 120 5.68 10.78 13.27
CA ARG A 120 6.29 12.05 13.63
C ARG A 120 6.68 12.05 15.10
N LEU A 121 7.34 13.12 15.52
CA LEU A 121 7.71 13.25 16.92
C LEU A 121 6.86 14.31 17.61
N GLU A 122 6.30 13.92 18.75
CA GLU A 122 5.53 14.83 19.58
C GLU A 122 5.85 14.59 21.04
N SER A 123 5.41 15.49 21.89
CA SER A 123 5.62 15.37 23.31
C SER A 123 4.29 15.44 24.05
N ASP A 124 4.21 14.74 25.17
CA ASP A 124 3.00 14.71 25.96
C ASP A 124 3.04 15.80 27.03
N GLU A 125 2.11 15.74 27.98
CA GLU A 125 2.03 16.76 29.02
C GLU A 125 3.29 16.79 29.87
N ASP A 126 3.83 15.60 30.16
CA ASP A 126 5.09 15.48 30.90
C ASP A 126 6.26 16.06 30.09
N GLY A 127 6.00 16.35 28.82
CA GLY A 127 7.02 16.81 27.93
C GLY A 127 7.82 15.68 27.32
N LYS A 128 7.41 14.45 27.62
CA LYS A 128 8.09 13.28 27.10
C LYS A 128 7.68 13.01 25.69
N TYR A 129 8.54 12.32 24.99
CA TYR A 129 8.41 12.14 23.57
C TYR A 129 7.67 10.87 23.23
N ARG A 130 6.84 10.97 22.21
CA ARG A 130 6.04 9.87 21.75
C ARG A 130 6.04 9.85 20.23
N LEU A 131 5.45 8.81 19.68
CA LEU A 131 5.32 8.69 18.24
C LEU A 131 3.99 9.28 17.78
N ALA A 132 4.07 10.20 16.86
CA ALA A 132 2.90 10.91 16.36
C ALA A 132 2.58 10.50 14.93
N PHE A 133 1.62 9.59 14.78
CA PHE A 133 1.19 9.14 13.46
C PHE A 133 0.62 10.30 12.65
N GLY A 134 1.38 10.74 11.65
CA GLY A 134 0.99 11.91 10.89
C GLY A 134 0.52 11.61 9.50
N HIS A 135 1.20 10.68 8.82
CA HIS A 135 0.92 10.44 7.41
C HIS A 135 0.79 8.93 7.19
N CYS A 136 -0.04 8.53 6.24
CA CYS A 136 -0.21 7.10 5.95
C CYS A 136 -0.63 6.89 4.51
N SER A 137 0.28 7.20 3.60
CA SER A 137 -0.02 7.09 2.17
C SER A 137 0.46 5.75 1.64
N LEU A 138 -0.40 5.06 0.91
CA LEU A 138 0.00 3.83 0.29
C LEU A 138 0.53 4.09 -1.11
N LEU A 139 1.67 3.49 -1.42
CA LEU A 139 2.34 3.79 -2.67
C LEU A 139 2.49 2.55 -3.53
N PRO A 140 1.72 2.49 -4.62
CA PRO A 140 1.76 1.38 -5.56
C PRO A 140 3.01 1.44 -6.42
N ARG A 141 4.00 0.66 -6.04
CA ARG A 141 5.31 0.71 -6.68
C ARG A 141 5.31 -0.16 -7.94
N ALA A 142 4.61 -1.29 -7.86
CA ALA A 142 4.55 -2.21 -8.97
C ALA A 142 3.13 -2.64 -9.25
N ILE A 143 2.76 -2.61 -10.50
CA ILE A 143 1.49 -3.12 -10.95
C ILE A 143 1.68 -3.91 -12.25
N GLU A 144 1.69 -5.23 -12.11
CA GLU A 144 1.82 -6.11 -13.26
C GLU A 144 0.47 -6.72 -13.62
N LEU A 145 0.32 -7.09 -14.88
CA LEU A 145 -0.86 -7.76 -15.35
C LEU A 145 -0.55 -9.24 -15.62
N GLN A 146 -1.29 -10.12 -14.95
CA GLN A 146 -1.07 -11.55 -15.07
C GLN A 146 -2.33 -12.24 -15.59
N SER A 147 -2.61 -12.02 -16.86
CA SER A 147 -3.79 -12.58 -17.49
C SER A 147 -3.52 -14.00 -18.00
N GLY A 148 -2.25 -14.33 -18.16
CA GLY A 148 -1.88 -15.63 -18.67
C GLY A 148 -0.86 -15.52 -19.79
N ASN A 149 -1.33 -15.35 -21.01
CA ASN A 149 -0.46 -15.17 -22.16
C ASN A 149 -0.89 -13.96 -22.97
N PRO A 150 0.08 -13.18 -23.44
CA PRO A 150 -0.18 -11.92 -24.12
C PRO A 150 -0.17 -12.03 -25.64
N LEU A 151 -0.82 -13.04 -26.18
CA LEU A 151 -0.80 -13.26 -27.62
C LEU A 151 -2.05 -12.72 -28.31
N SER A 152 -3.16 -13.43 -28.18
CA SER A 152 -4.36 -13.16 -28.97
C SER A 152 -5.16 -11.97 -28.44
N LEU A 153 -5.03 -11.69 -27.14
CA LEU A 153 -5.83 -10.65 -26.52
C LEU A 153 -5.08 -9.32 -26.51
N PRO A 154 -5.83 -8.21 -26.55
CA PRO A 154 -5.28 -6.85 -26.49
C PRO A 154 -4.75 -6.48 -25.10
N VAL A 155 -3.95 -7.37 -24.54
CA VAL A 155 -3.48 -7.24 -23.16
C VAL A 155 -2.58 -6.02 -22.99
N ASN A 156 -1.77 -5.71 -24.00
CA ASN A 156 -0.86 -4.57 -23.92
C ASN A 156 -1.62 -3.26 -24.07
N ALA A 157 -2.90 -3.36 -24.38
CA ALA A 157 -3.74 -2.18 -24.55
C ALA A 157 -4.46 -1.83 -23.26
N VAL A 158 -4.45 -2.77 -22.33
CA VAL A 158 -5.21 -2.63 -21.11
C VAL A 158 -4.29 -2.45 -19.92
N LEU A 159 -3.02 -2.77 -20.13
CA LEU A 159 -2.04 -2.79 -19.07
C LEU A 159 -1.93 -1.41 -18.43
N GLY A 160 -1.79 -0.37 -19.25
CA GLY A 160 -1.75 1.00 -18.74
C GLY A 160 -2.97 1.35 -17.91
N THR A 161 -4.12 0.80 -18.28
CA THR A 161 -5.36 1.05 -17.57
C THR A 161 -5.37 0.31 -16.23
N ILE A 162 -4.88 -0.92 -16.23
CA ILE A 162 -4.71 -1.69 -15.02
C ILE A 162 -3.81 -0.93 -14.03
N GLU A 163 -2.75 -0.35 -14.57
CA GLU A 163 -1.83 0.45 -13.76
C GLU A 163 -2.54 1.69 -13.26
N ASN A 164 -3.38 2.28 -14.10
CA ASN A 164 -4.22 3.41 -13.70
C ASN A 164 -5.09 3.01 -12.53
N ALA A 165 -5.85 1.94 -12.73
CA ALA A 165 -6.83 1.46 -11.76
C ALA A 165 -6.17 1.03 -10.46
N LEU A 166 -5.25 0.09 -10.53
CA LEU A 166 -4.59 -0.42 -9.35
C LEU A 166 -3.88 0.71 -8.62
N GLY A 167 -3.21 1.58 -9.38
CA GLY A 167 -2.53 2.71 -8.78
C GLY A 167 -3.49 3.66 -8.09
N ASN A 168 -4.77 3.50 -8.38
CA ASN A 168 -5.80 4.29 -7.72
C ASN A 168 -6.26 3.61 -6.43
N PHE A 169 -6.44 2.31 -6.50
CA PHE A 169 -7.08 1.55 -5.43
C PHE A 169 -6.17 1.39 -4.21
N ILE A 170 -4.89 1.22 -4.44
CA ILE A 170 -3.94 1.16 -3.34
C ILE A 170 -4.00 2.44 -2.51
N THR A 171 -3.96 3.56 -3.21
CA THR A 171 -3.81 4.83 -2.55
C THR A 171 -5.13 5.29 -1.95
N GLU A 172 -6.14 5.33 -2.79
CA GLU A 172 -7.46 5.80 -2.39
C GLU A 172 -8.18 4.80 -1.49
N ASP A 173 -8.34 3.58 -1.97
CA ASP A 173 -9.19 2.61 -1.28
C ASP A 173 -8.44 1.95 -0.15
N LEU A 174 -7.23 1.49 -0.41
CA LEU A 174 -6.45 0.81 0.59
C LEU A 174 -6.01 1.78 1.68
N GLY A 175 -5.50 2.95 1.27
CA GLY A 175 -5.18 3.99 2.23
C GLY A 175 -6.39 4.52 2.97
N ALA A 176 -7.55 3.95 2.69
CA ALA A 176 -8.75 4.28 3.42
C ALA A 176 -9.12 3.15 4.37
N GLY A 177 -9.09 1.94 3.84
CA GLY A 177 -9.52 0.78 4.61
C GLY A 177 -8.42 0.20 5.49
N LEU A 178 -7.17 0.59 5.23
CA LEU A 178 -6.04 0.02 5.95
C LEU A 178 -5.37 1.05 6.84
N CYS A 179 -5.65 2.32 6.59
CA CYS A 179 -5.00 3.42 7.33
C CYS A 179 -5.27 3.34 8.84
N PRO A 180 -6.55 3.18 9.29
CA PRO A 180 -6.85 3.06 10.72
C PRO A 180 -6.07 1.94 11.40
N THR A 181 -5.97 0.81 10.72
CA THR A 181 -5.26 -0.36 11.24
C THR A 181 -3.78 -0.04 11.48
N LEU A 182 -3.15 0.63 10.53
CA LEU A 182 -1.75 0.98 10.66
C LEU A 182 -1.55 1.92 11.83
N ASN A 183 -2.43 2.88 11.94
CA ASN A 183 -2.42 3.82 13.06
C ASN A 183 -2.72 3.11 14.38
N SER A 184 -3.11 1.86 14.29
CA SER A 184 -3.39 1.08 15.48
C SER A 184 -2.16 0.28 15.87
N LEU A 185 -1.56 -0.40 14.88
CA LEU A 185 -0.38 -1.22 15.13
C LEU A 185 0.78 -0.37 15.63
N VAL A 186 1.12 0.64 14.86
CA VAL A 186 2.23 1.55 15.22
C VAL A 186 2.04 2.20 16.58
N SER A 187 0.80 2.45 16.93
CA SER A 187 0.46 3.12 18.19
C SER A 187 0.34 2.14 19.34
N ASN A 188 0.42 0.85 19.03
CA ASN A 188 0.22 -0.18 20.04
C ASN A 188 1.42 -1.12 20.16
N LEU A 189 2.47 -0.90 19.38
CA LEU A 189 3.62 -1.77 19.47
C LEU A 189 4.48 -1.48 20.71
N ASP A 190 5.70 -1.97 20.65
CA ASP A 190 6.66 -1.86 21.74
C ASP A 190 7.00 -0.42 22.08
N LEU A 191 7.10 -0.15 23.38
CA LEU A 191 7.58 1.14 23.84
C LEU A 191 9.05 1.33 23.49
N GLN A 192 9.80 0.24 23.47
CA GLN A 192 11.22 0.31 23.13
C GLN A 192 11.37 0.66 21.66
N LEU A 193 10.48 0.11 20.86
CA LEU A 193 10.43 0.40 19.43
C LEU A 193 10.06 1.86 19.21
N VAL A 194 8.99 2.29 19.87
CA VAL A 194 8.62 3.71 19.92
C VAL A 194 9.84 4.59 20.20
N ASN A 195 10.50 4.33 21.31
CA ASN A 195 11.64 5.13 21.76
C ASN A 195 12.84 5.00 20.83
N ASN A 196 12.96 3.85 20.17
CA ASN A 196 14.07 3.61 19.24
C ASN A 196 13.88 4.48 18.02
N LEU A 197 12.65 4.54 17.58
CA LEU A 197 12.26 5.41 16.50
C LEU A 197 12.47 6.87 16.89
N ILE A 198 11.98 7.21 18.08
CA ILE A 198 12.07 8.56 18.61
C ILE A 198 13.52 9.05 18.71
N ASN A 199 14.31 8.37 19.53
CA ASN A 199 15.69 8.79 19.77
C ASN A 199 16.48 8.89 18.47
N LEU A 200 16.11 8.09 17.48
CA LEU A 200 16.74 8.14 16.18
C LEU A 200 16.38 9.42 15.46
N ILE A 201 15.08 9.72 15.42
CA ILE A 201 14.62 10.96 14.84
C ILE A 201 15.23 12.16 15.55
N LEU A 202 15.28 12.11 16.87
CA LEU A 202 15.88 13.16 17.67
C LEU A 202 17.35 13.33 17.32
N ASP A 203 18.00 12.21 17.08
CA ASP A 203 19.42 12.21 16.75
C ASP A 203 19.65 12.82 15.38
N ARG A 204 18.80 12.44 14.43
CA ARG A 204 18.86 13.00 13.08
C ARG A 204 18.45 14.46 13.11
N ALA A 205 17.51 14.77 13.99
CA ALA A 205 17.03 16.13 14.20
C ALA A 205 18.14 17.03 14.71
N ASN A 206 19.07 16.45 15.48
CA ASN A 206 20.24 17.17 15.95
C ASN A 206 21.14 17.54 14.77
N VAL A 207 21.12 16.71 13.75
CA VAL A 207 21.92 16.92 12.55
C VAL A 207 21.23 17.90 11.61
N ASP A 208 19.91 18.04 11.75
CA ASP A 208 19.11 18.95 10.91
C ASP A 208 19.65 20.38 10.98
N LEU A 209 20.19 20.74 12.14
CA LEU A 209 20.75 22.07 12.32
C LEU A 209 21.89 22.31 11.33
N SER A 210 22.74 21.30 11.16
CA SER A 210 23.83 21.35 10.19
C SER A 210 24.65 22.62 10.29
N VAL A 211 25.24 22.84 11.45
CA VAL A 211 26.09 24.01 11.66
C VAL A 211 27.55 23.66 11.47
N ALA A 1 24.59 -1.08 1.70
CA ALA A 1 24.82 -0.02 0.70
C ALA A 1 23.68 0.99 0.71
N MET A 2 23.57 1.77 1.77
CA MET A 2 22.52 2.77 1.90
C MET A 2 23.06 4.01 2.60
N ALA A 3 24.37 4.18 2.54
CA ALA A 3 25.08 5.27 3.20
C ALA A 3 25.01 5.13 4.72
N GLN A 4 23.92 5.59 5.31
CA GLN A 4 23.74 5.53 6.75
C GLN A 4 22.38 4.92 7.07
N GLN A 5 21.34 5.75 6.97
CA GLN A 5 19.96 5.32 7.20
C GLN A 5 19.75 4.71 8.58
N ILE A 6 18.55 4.18 8.77
CA ILE A 6 18.17 3.56 10.02
C ILE A 6 18.97 2.28 10.27
N PRO A 7 19.41 2.06 11.52
CA PRO A 7 20.14 0.86 11.90
C PRO A 7 19.31 -0.38 11.63
N PRO A 8 19.85 -1.34 10.86
CA PRO A 8 19.15 -2.58 10.52
C PRO A 8 18.66 -3.33 11.75
N GLU A 9 19.37 -3.12 12.87
CA GLU A 9 18.96 -3.71 14.14
C GLU A 9 17.58 -3.21 14.55
N VAL A 10 17.40 -1.89 14.60
CA VAL A 10 16.16 -1.35 15.11
C VAL A 10 15.06 -1.53 14.08
N SER A 11 15.40 -1.38 12.79
CA SER A 11 14.43 -1.57 11.74
C SER A 11 14.19 -3.07 11.48
N SER A 12 14.59 -3.90 12.43
CA SER A 12 14.24 -5.31 12.41
C SER A 12 13.17 -5.60 13.46
N GLN A 13 13.22 -4.87 14.56
CA GLN A 13 12.29 -5.09 15.66
C GLN A 13 11.00 -4.27 15.47
N ILE A 14 11.12 -3.07 14.91
CA ILE A 14 9.94 -2.27 14.63
C ILE A 14 9.12 -2.94 13.54
N THR A 15 9.81 -3.44 12.53
CA THR A 15 9.16 -4.08 11.41
C THR A 15 8.60 -5.43 11.82
N ASP A 16 9.26 -6.05 12.79
CA ASP A 16 8.79 -7.29 13.40
C ASP A 16 7.41 -7.06 13.93
N ALA A 17 7.34 -6.04 14.76
CA ALA A 17 6.14 -5.66 15.45
C ALA A 17 5.11 -5.07 14.51
N LEU A 18 5.57 -4.29 13.54
CA LEU A 18 4.69 -3.69 12.59
C LEU A 18 4.08 -4.75 11.69
N THR A 19 4.87 -5.76 11.35
CA THR A 19 4.37 -6.84 10.54
C THR A 19 3.51 -7.71 11.42
N GLN A 20 3.89 -7.78 12.68
CA GLN A 20 3.15 -8.48 13.68
C GLN A 20 1.78 -7.86 13.81
N GLY A 21 1.74 -6.54 13.73
CA GLY A 21 0.50 -5.84 13.61
C GLY A 21 -0.33 -6.36 12.46
N LEU A 22 0.28 -6.50 11.28
CA LEU A 22 -0.42 -7.06 10.15
C LEU A 22 -0.92 -8.47 10.46
N LEU A 23 -0.06 -9.27 11.10
CA LEU A 23 -0.33 -10.68 11.38
C LEU A 23 -1.40 -10.81 12.45
N ASP A 24 -1.14 -10.17 13.59
CA ASP A 24 -1.97 -10.31 14.78
C ASP A 24 -3.28 -9.57 14.61
N GLY A 25 -3.23 -8.47 13.88
CA GLY A 25 -4.44 -7.76 13.54
C GLY A 25 -5.23 -8.51 12.51
N ASN A 26 -5.26 -7.99 11.29
CA ASN A 26 -5.92 -8.65 10.17
C ASN A 26 -5.77 -7.81 8.92
N PHE A 27 -4.54 -7.36 8.66
CA PHE A 27 -4.29 -6.44 7.56
C PHE A 27 -4.78 -6.99 6.23
N LEU A 28 -4.34 -8.19 5.86
CA LEU A 28 -4.72 -8.83 4.59
C LEU A 28 -6.22 -9.11 4.54
N SER A 29 -6.82 -9.37 5.69
CA SER A 29 -8.23 -9.67 5.77
C SER A 29 -9.05 -8.44 5.38
N LEU A 30 -8.53 -7.27 5.73
CA LEU A 30 -9.10 -6.00 5.32
C LEU A 30 -9.08 -5.89 3.81
N LEU A 31 -7.92 -6.10 3.20
CA LEU A 31 -7.78 -6.16 1.74
C LEU A 31 -8.89 -7.00 1.13
N ASN A 32 -8.96 -8.24 1.59
CA ASN A 32 -9.99 -9.19 1.14
C ASN A 32 -11.39 -8.60 1.26
N ALA A 33 -11.58 -7.68 2.19
CA ALA A 33 -12.88 -7.10 2.45
C ALA A 33 -12.99 -5.68 1.87
N ILE A 34 -11.88 -5.17 1.39
CA ILE A 34 -11.78 -3.84 0.82
C ILE A 34 -12.76 -3.63 -0.32
N ASN A 35 -13.35 -2.44 -0.36
CA ASN A 35 -14.22 -2.03 -1.46
C ASN A 35 -13.49 -2.21 -2.78
N LEU A 36 -13.89 -3.22 -3.52
CA LEU A 36 -13.21 -3.55 -4.76
C LEU A 36 -14.05 -3.14 -5.94
N GLU A 37 -15.28 -2.70 -5.68
CA GLU A 37 -16.17 -2.33 -6.75
C GLU A 37 -15.62 -1.10 -7.45
N GLY A 38 -14.90 -0.26 -6.72
CA GLY A 38 -14.34 0.93 -7.31
C GLY A 38 -13.40 0.57 -8.45
N LEU A 39 -12.56 -0.42 -8.21
CA LEU A 39 -11.68 -0.94 -9.24
C LEU A 39 -12.47 -1.51 -10.38
N LEU A 40 -13.29 -2.50 -10.06
CA LEU A 40 -14.19 -3.11 -11.03
C LEU A 40 -14.85 -2.06 -11.90
N ASN A 41 -15.54 -1.14 -11.26
CA ASN A 41 -16.23 -0.05 -11.95
C ASN A 41 -15.26 0.77 -12.79
N THR A 42 -14.16 1.23 -12.19
CA THR A 42 -13.17 2.05 -12.88
C THR A 42 -12.57 1.35 -14.09
N ILE A 43 -12.09 0.13 -13.89
CA ILE A 43 -11.48 -0.65 -14.95
C ILE A 43 -12.45 -0.87 -16.10
N LEU A 44 -13.65 -1.36 -15.78
CA LEU A 44 -14.67 -1.60 -16.81
C LEU A 44 -14.97 -0.33 -17.58
N ASP A 45 -15.18 0.76 -16.85
CA ASP A 45 -15.57 2.04 -17.44
C ASP A 45 -14.54 2.47 -18.49
N GLN A 46 -13.27 2.36 -18.16
CA GLN A 46 -12.21 2.82 -19.05
C GLN A 46 -11.91 1.83 -20.17
N VAL A 47 -11.88 0.53 -19.86
CA VAL A 47 -11.48 -0.47 -20.85
C VAL A 47 -12.53 -0.66 -21.95
N THR A 48 -13.72 -0.09 -21.74
CA THR A 48 -14.77 -0.09 -22.75
C THR A 48 -14.26 0.31 -24.13
N GLY A 49 -13.68 1.51 -24.21
CA GLY A 49 -13.25 2.05 -25.48
C GLY A 49 -11.98 1.42 -25.98
N LEU A 50 -11.15 0.94 -25.06
CA LEU A 50 -9.93 0.24 -25.40
C LEU A 50 -10.20 -0.99 -26.27
N LEU A 51 -10.77 -2.02 -25.65
CA LEU A 51 -10.95 -3.30 -26.32
C LEU A 51 -12.36 -3.84 -26.18
N ASN A 52 -12.84 -3.90 -24.93
CA ASN A 52 -14.05 -4.66 -24.59
C ASN A 52 -15.25 -4.27 -25.47
N ILE A 53 -15.70 -3.03 -25.35
CA ILE A 53 -16.82 -2.54 -26.13
C ILE A 53 -16.38 -2.15 -27.53
N LEU A 54 -15.09 -1.85 -27.67
CA LEU A 54 -14.52 -1.42 -28.94
C LEU A 54 -14.65 -2.53 -29.99
N VAL A 55 -13.87 -3.60 -29.84
CA VAL A 55 -13.88 -4.68 -30.80
C VAL A 55 -14.96 -5.71 -30.46
N GLY A 56 -15.30 -5.79 -29.17
CA GLY A 56 -16.29 -6.73 -28.71
C GLY A 56 -17.64 -6.51 -29.37
N PRO A 57 -18.27 -7.58 -29.90
CA PRO A 57 -19.55 -7.49 -30.61
C PRO A 57 -20.68 -6.94 -29.73
N LEU A 58 -20.47 -6.99 -28.42
CA LEU A 58 -21.44 -6.49 -27.46
C LEU A 58 -21.75 -5.02 -27.73
N LEU A 59 -23.03 -4.70 -27.85
CA LEU A 59 -23.44 -3.32 -28.11
C LEU A 59 -23.78 -2.61 -26.81
N GLY A 60 -23.47 -3.26 -25.70
CA GLY A 60 -23.69 -2.66 -24.40
C GLY A 60 -22.47 -2.79 -23.52
N PRO A 61 -22.39 -1.99 -22.44
CA PRO A 61 -21.27 -2.08 -21.49
C PRO A 61 -21.25 -3.41 -20.75
N SER A 62 -20.33 -4.28 -21.15
CA SER A 62 -20.20 -5.60 -20.54
C SER A 62 -19.99 -5.49 -19.03
N ASP A 63 -20.68 -6.34 -18.30
CA ASP A 63 -20.57 -6.39 -16.85
C ASP A 63 -19.49 -7.36 -16.42
N ALA A 64 -19.18 -7.35 -15.14
CA ALA A 64 -18.12 -8.16 -14.60
C ALA A 64 -18.09 -8.10 -13.09
N GLU A 65 -17.28 -8.96 -12.49
CA GLU A 65 -17.08 -8.97 -11.06
C GLU A 65 -15.60 -8.83 -10.76
N ILE A 66 -15.27 -8.42 -9.56
CA ILE A 66 -13.89 -8.26 -9.18
C ILE A 66 -13.64 -8.88 -7.82
N LYS A 67 -12.51 -9.52 -7.66
CA LYS A 67 -12.20 -10.28 -6.45
C LYS A 67 -10.71 -10.26 -6.20
N LEU A 68 -10.32 -10.39 -4.95
CA LEU A 68 -8.90 -10.53 -4.60
C LEU A 68 -8.48 -11.98 -4.62
N GLN A 69 -7.27 -12.20 -5.08
CA GLN A 69 -6.71 -13.54 -5.21
C GLN A 69 -5.68 -13.81 -4.13
N ASP A 70 -4.45 -13.43 -4.42
CA ASP A 70 -3.33 -13.71 -3.54
C ASP A 70 -2.92 -12.46 -2.80
N THR A 71 -3.29 -12.40 -1.56
CA THR A 71 -2.93 -11.31 -0.70
C THR A 71 -1.91 -11.75 0.33
N ARG A 72 -0.81 -11.05 0.38
CA ARG A 72 0.26 -11.34 1.29
C ARG A 72 1.13 -10.12 1.53
N LEU A 73 1.92 -10.20 2.57
CA LEU A 73 2.81 -9.13 2.96
C LEU A 73 4.24 -9.63 2.97
N LEU A 74 5.17 -8.75 2.61
CA LEU A 74 6.58 -9.14 2.57
C LEU A 74 7.29 -8.68 3.84
N GLN A 75 8.46 -8.07 3.67
CA GLN A 75 9.27 -7.67 4.80
C GLN A 75 9.34 -6.18 4.90
N LEU A 76 8.85 -5.71 6.01
CA LEU A 76 8.71 -4.30 6.29
C LEU A 76 10.06 -3.62 6.46
N SER A 77 10.05 -2.29 6.36
CA SER A 77 11.27 -1.53 6.48
C SER A 77 10.94 -0.13 6.94
N LEU A 78 11.97 0.60 7.31
CA LEU A 78 11.81 1.96 7.80
C LEU A 78 12.84 2.86 7.11
N GLU A 79 12.49 4.10 6.93
CA GLU A 79 13.37 5.07 6.34
C GLU A 79 13.19 6.43 7.00
N PHE A 80 14.29 7.16 7.18
CA PHE A 80 14.21 8.49 7.78
C PHE A 80 13.50 9.44 6.83
N SER A 81 12.55 10.20 7.35
CA SER A 81 11.76 11.08 6.52
C SER A 81 12.56 12.33 6.16
N PRO A 82 12.48 12.76 4.89
CA PRO A 82 13.29 13.86 4.35
C PRO A 82 12.97 15.21 5.02
N ASP A 83 11.78 15.29 5.60
CA ASP A 83 11.35 16.50 6.30
C ASP A 83 11.88 16.49 7.73
N SER A 84 12.42 15.34 8.12
CA SER A 84 12.96 15.11 9.46
C SER A 84 11.87 15.11 10.52
N LYS A 85 12.25 14.80 11.76
CA LYS A 85 11.30 14.73 12.88
C LYS A 85 10.23 13.67 12.62
N GLY A 86 10.61 12.66 11.87
CA GLY A 86 9.73 11.56 11.62
C GLY A 86 10.37 10.51 10.75
N ILE A 87 9.75 9.35 10.70
CA ILE A 87 10.26 8.23 9.92
C ILE A 87 9.17 7.68 9.01
N ASP A 88 9.55 7.32 7.80
CA ASP A 88 8.64 6.73 6.83
C ASP A 88 8.67 5.23 7.01
N ILE A 89 7.56 4.64 7.43
CA ILE A 89 7.48 3.21 7.57
C ILE A 89 6.94 2.61 6.28
N TRP A 90 7.75 1.78 5.67
CA TRP A 90 7.40 1.19 4.40
C TRP A 90 6.92 -0.23 4.57
N ILE A 91 5.62 -0.40 4.48
CA ILE A 91 5.01 -1.70 4.56
C ILE A 91 4.77 -2.27 3.17
N PRO A 92 5.64 -3.17 2.73
CA PRO A 92 5.57 -3.80 1.42
C PRO A 92 4.47 -4.85 1.37
N LEU A 93 3.60 -4.73 0.38
CA LEU A 93 2.47 -5.60 0.28
C LEU A 93 2.33 -6.14 -1.15
N GLU A 94 1.75 -7.31 -1.23
CA GLU A 94 1.56 -8.01 -2.50
C GLU A 94 0.16 -8.60 -2.55
N LEU A 95 -0.63 -8.14 -3.49
CA LEU A 95 -1.95 -8.70 -3.71
C LEU A 95 -2.21 -8.87 -5.19
N SER A 96 -2.99 -9.87 -5.51
CA SER A 96 -3.39 -10.10 -6.89
C SER A 96 -4.90 -9.93 -7.01
N VAL A 97 -5.33 -9.28 -8.08
CA VAL A 97 -6.73 -8.98 -8.27
C VAL A 97 -7.27 -9.75 -9.47
N TYR A 98 -8.47 -10.24 -9.35
CA TYR A 98 -9.07 -11.07 -10.38
C TYR A 98 -10.43 -10.53 -10.77
N LEU A 99 -10.56 -10.13 -12.02
CA LEU A 99 -11.83 -9.65 -12.53
C LEU A 99 -12.47 -10.70 -13.42
N LYS A 100 -13.76 -10.93 -13.23
CA LYS A 100 -14.49 -11.93 -13.96
C LYS A 100 -15.54 -11.28 -14.84
N LEU A 101 -15.40 -11.39 -16.15
CA LEU A 101 -16.38 -10.79 -17.05
C LEU A 101 -17.54 -11.74 -17.24
N LEU A 102 -18.56 -11.29 -17.95
CA LEU A 102 -19.70 -12.14 -18.27
C LEU A 102 -19.33 -13.09 -19.40
N ILE A 103 -18.09 -13.02 -19.82
CA ILE A 103 -17.53 -13.95 -20.78
C ILE A 103 -16.79 -15.06 -20.03
N LEU A 104 -15.82 -15.69 -20.67
CA LEU A 104 -15.16 -16.84 -20.09
C LEU A 104 -13.83 -16.45 -19.47
N GLU A 105 -12.92 -15.98 -20.30
CA GLU A 105 -11.53 -15.73 -19.90
C GLU A 105 -11.41 -14.49 -19.02
N PRO A 106 -11.14 -14.68 -17.73
CA PRO A 106 -10.87 -13.60 -16.80
C PRO A 106 -9.39 -13.27 -16.73
N LEU A 107 -9.08 -12.05 -16.34
CA LEU A 107 -7.69 -11.64 -16.24
C LEU A 107 -7.33 -11.43 -14.78
N THR A 108 -6.07 -11.61 -14.45
CA THR A 108 -5.61 -11.44 -13.08
C THR A 108 -4.47 -10.43 -13.05
N LEU A 109 -4.57 -9.50 -12.11
CA LEU A 109 -3.58 -8.45 -11.98
C LEU A 109 -2.74 -8.68 -10.75
N TYR A 110 -1.54 -8.14 -10.74
CA TYR A 110 -0.66 -8.23 -9.61
C TYR A 110 -0.25 -6.84 -9.20
N VAL A 111 -0.33 -6.54 -7.92
CA VAL A 111 0.14 -5.28 -7.44
C VAL A 111 0.98 -5.44 -6.20
N ARG A 112 2.14 -4.84 -6.24
CA ARG A 112 3.04 -4.80 -5.13
C ARG A 112 3.20 -3.34 -4.69
N THR A 113 2.54 -3.00 -3.62
CA THR A 113 2.56 -1.66 -3.11
C THR A 113 3.40 -1.58 -1.85
N ASP A 114 4.13 -0.51 -1.68
CA ASP A 114 4.91 -0.31 -0.47
C ASP A 114 4.34 0.87 0.28
N ILE A 115 3.55 0.56 1.30
CA ILE A 115 2.90 1.58 2.11
C ILE A 115 3.92 2.50 2.75
N ARG A 116 3.55 3.75 2.93
CA ARG A 116 4.44 4.74 3.50
C ARG A 116 3.69 5.62 4.49
N VAL A 117 3.76 5.26 5.75
CA VAL A 117 3.16 6.08 6.79
C VAL A 117 4.25 6.75 7.60
N GLN A 118 4.04 7.99 7.95
CA GLN A 118 5.03 8.75 8.68
C GLN A 118 4.68 8.82 10.15
N LEU A 119 5.58 8.29 10.95
CA LEU A 119 5.47 8.43 12.38
C LEU A 119 6.36 9.56 12.81
N ARG A 120 5.76 10.72 13.01
CA ARG A 120 6.47 11.90 13.45
C ARG A 120 6.94 11.73 14.88
N LEU A 121 7.71 12.67 15.33
CA LEU A 121 8.22 12.64 16.65
C LEU A 121 7.93 13.98 17.32
N GLU A 122 7.16 13.90 18.40
CA GLU A 122 6.67 15.08 19.08
C GLU A 122 6.76 14.89 20.58
N SER A 123 6.38 15.94 21.31
CA SER A 123 6.42 15.93 22.75
C SER A 123 5.01 16.07 23.31
N ASP A 124 4.71 15.26 24.31
CA ASP A 124 3.37 15.19 24.86
C ASP A 124 3.22 16.22 25.97
N GLU A 125 2.16 16.11 26.76
CA GLU A 125 1.87 17.10 27.79
C GLU A 125 3.02 17.22 28.79
N ASP A 126 3.58 16.08 29.19
CA ASP A 126 4.67 16.05 30.16
C ASP A 126 6.00 16.41 29.51
N GLY A 127 5.94 16.82 28.24
CA GLY A 127 7.15 17.13 27.50
C GLY A 127 7.85 15.89 26.97
N LYS A 128 7.32 14.73 27.32
CA LYS A 128 7.91 13.47 26.92
C LYS A 128 7.59 13.17 25.48
N TYR A 129 8.45 12.37 24.89
CA TYR A 129 8.39 12.13 23.47
C TYR A 129 7.57 10.90 23.15
N ARG A 130 6.91 10.97 22.03
CA ARG A 130 6.07 9.89 21.55
C ARG A 130 6.09 9.88 20.05
N LEU A 131 5.52 8.84 19.48
CA LEU A 131 5.41 8.74 18.05
C LEU A 131 4.10 9.36 17.59
N ALA A 132 4.21 10.33 16.72
CA ALA A 132 3.07 11.09 16.26
C ALA A 132 2.69 10.71 14.83
N PHE A 133 1.67 9.87 14.69
CA PHE A 133 1.20 9.43 13.38
C PHE A 133 0.71 10.63 12.57
N GLY A 134 1.53 11.04 11.61
CA GLY A 134 1.25 12.27 10.89
C GLY A 134 0.70 12.05 9.50
N HIS A 135 1.14 11.01 8.81
CA HIS A 135 0.75 10.82 7.42
C HIS A 135 0.65 9.34 7.10
N CYS A 136 -0.42 8.94 6.44
CA CYS A 136 -0.57 7.55 6.03
C CYS A 136 -0.91 7.45 4.55
N SER A 137 0.09 7.14 3.75
CA SER A 137 -0.10 6.98 2.32
C SER A 137 0.35 5.59 1.89
N LEU A 138 -0.29 5.07 0.87
CA LEU A 138 0.12 3.80 0.31
C LEU A 138 0.69 4.02 -1.08
N LEU A 139 1.83 3.40 -1.36
CA LEU A 139 2.54 3.68 -2.60
C LEU A 139 2.65 2.45 -3.48
N PRO A 140 1.88 2.43 -4.57
CA PRO A 140 1.86 1.31 -5.50
C PRO A 140 3.13 1.24 -6.33
N ARG A 141 4.06 0.39 -5.89
CA ARG A 141 5.38 0.32 -6.49
C ARG A 141 5.38 -0.59 -7.73
N ALA A 142 4.51 -1.59 -7.71
CA ALA A 142 4.45 -2.54 -8.79
C ALA A 142 3.02 -2.90 -9.14
N ILE A 143 2.71 -2.88 -10.40
CA ILE A 143 1.43 -3.34 -10.92
C ILE A 143 1.65 -4.09 -12.23
N GLU A 144 1.68 -5.42 -12.16
CA GLU A 144 1.95 -6.26 -13.32
C GLU A 144 0.76 -7.16 -13.62
N LEU A 145 0.75 -7.73 -14.83
CA LEU A 145 -0.35 -8.57 -15.27
C LEU A 145 -0.01 -10.06 -15.18
N GLN A 146 -0.97 -10.84 -14.67
CA GLN A 146 -0.84 -12.29 -14.65
C GLN A 146 -2.08 -12.94 -15.26
N SER A 147 -2.22 -12.82 -16.57
CA SER A 147 -3.34 -13.41 -17.29
C SER A 147 -2.96 -14.76 -17.87
N GLY A 148 -1.90 -15.35 -17.35
CA GLY A 148 -1.39 -16.60 -17.89
C GLY A 148 -0.43 -16.35 -19.04
N ASN A 149 -0.86 -15.53 -19.98
CA ASN A 149 -0.03 -15.16 -21.12
C ASN A 149 -0.25 -13.69 -21.48
N PRO A 150 0.81 -12.88 -21.41
CA PRO A 150 0.77 -11.48 -21.83
C PRO A 150 0.75 -11.36 -23.35
N LEU A 151 1.05 -12.48 -24.02
CA LEU A 151 1.01 -12.55 -25.47
C LEU A 151 -0.40 -12.92 -25.92
N SER A 152 -1.20 -11.90 -26.19
CA SER A 152 -2.58 -12.09 -26.59
C SER A 152 -3.10 -10.81 -27.23
N LEU A 153 -4.43 -10.66 -27.31
CA LEU A 153 -5.03 -9.41 -27.76
C LEU A 153 -4.50 -8.25 -26.92
N PRO A 154 -4.41 -7.05 -27.53
CA PRO A 154 -3.81 -5.84 -26.96
C PRO A 154 -4.08 -5.61 -25.47
N VAL A 155 -3.28 -6.23 -24.62
CA VAL A 155 -3.38 -6.03 -23.19
C VAL A 155 -2.46 -4.90 -22.76
N ASN A 156 -1.57 -4.51 -23.66
CA ASN A 156 -0.68 -3.38 -23.43
C ASN A 156 -1.47 -2.09 -23.36
N ALA A 157 -2.60 -2.07 -24.04
CA ALA A 157 -3.51 -0.93 -24.02
C ALA A 157 -4.21 -0.85 -22.66
N VAL A 158 -4.74 -1.99 -22.21
CA VAL A 158 -5.52 -2.04 -20.99
C VAL A 158 -4.62 -1.96 -19.75
N LEU A 159 -3.36 -2.37 -19.91
CA LEU A 159 -2.43 -2.42 -18.80
C LEU A 159 -2.35 -1.07 -18.10
N GLY A 160 -2.10 -0.02 -18.88
CA GLY A 160 -2.02 1.32 -18.34
C GLY A 160 -3.28 1.73 -17.60
N THR A 161 -4.41 1.20 -18.02
CA THR A 161 -5.67 1.47 -17.36
C THR A 161 -5.80 0.68 -16.05
N ILE A 162 -5.39 -0.58 -16.09
CA ILE A 162 -5.32 -1.41 -14.90
C ILE A 162 -4.38 -0.75 -13.88
N GLU A 163 -3.24 -0.29 -14.38
CA GLU A 163 -2.28 0.42 -13.55
C GLU A 163 -2.87 1.72 -13.03
N ASN A 164 -3.60 2.41 -13.91
CA ASN A 164 -4.30 3.65 -13.54
C ASN A 164 -5.26 3.40 -12.40
N ALA A 165 -5.92 2.26 -12.45
CA ALA A 165 -6.93 1.90 -11.48
C ALA A 165 -6.31 1.36 -10.20
N LEU A 166 -5.35 0.47 -10.34
CA LEU A 166 -4.68 -0.11 -9.19
C LEU A 166 -3.88 0.96 -8.45
N GLY A 167 -3.14 1.78 -9.19
CA GLY A 167 -2.42 2.88 -8.58
C GLY A 167 -3.35 3.82 -7.83
N ASN A 168 -4.60 3.82 -8.24
CA ASN A 168 -5.65 4.55 -7.56
C ASN A 168 -6.07 3.82 -6.29
N PHE A 169 -6.36 2.53 -6.45
CA PHE A 169 -7.00 1.74 -5.40
C PHE A 169 -6.10 1.54 -4.20
N ILE A 170 -4.80 1.39 -4.41
CA ILE A 170 -3.86 1.30 -3.30
C ILE A 170 -3.93 2.57 -2.46
N THR A 171 -3.84 3.69 -3.14
CA THR A 171 -3.65 4.96 -2.46
C THR A 171 -4.97 5.43 -1.88
N GLU A 172 -5.97 5.45 -2.73
CA GLU A 172 -7.29 5.91 -2.36
C GLU A 172 -8.07 4.91 -1.50
N ASP A 173 -8.23 3.68 -1.99
CA ASP A 173 -9.12 2.73 -1.33
C ASP A 173 -8.42 2.00 -0.20
N LEU A 174 -7.21 1.52 -0.46
CA LEU A 174 -6.45 0.81 0.54
C LEU A 174 -6.01 1.75 1.65
N GLY A 175 -5.51 2.93 1.28
CA GLY A 175 -5.19 3.94 2.28
C GLY A 175 -6.41 4.46 3.02
N ALA A 176 -7.57 3.91 2.70
CA ALA A 176 -8.80 4.21 3.40
C ALA A 176 -9.15 3.08 4.34
N GLY A 177 -9.08 1.86 3.83
CA GLY A 177 -9.47 0.69 4.59
C GLY A 177 -8.37 0.21 5.52
N LEU A 178 -7.13 0.50 5.16
CA LEU A 178 -5.99 -0.06 5.89
C LEU A 178 -5.32 0.99 6.77
N CYS A 179 -5.64 2.27 6.52
CA CYS A 179 -5.04 3.37 7.27
C CYS A 179 -5.29 3.26 8.78
N PRO A 180 -6.56 3.10 9.23
CA PRO A 180 -6.88 3.00 10.66
C PRO A 180 -6.15 1.86 11.34
N THR A 181 -6.01 0.76 10.62
CA THR A 181 -5.28 -0.40 11.09
C THR A 181 -3.82 -0.09 11.35
N LEU A 182 -3.19 0.59 10.40
CA LEU A 182 -1.79 0.94 10.54
C LEU A 182 -1.58 1.86 11.73
N ASN A 183 -2.46 2.83 11.86
CA ASN A 183 -2.40 3.75 12.99
C ASN A 183 -2.84 3.04 14.28
N SER A 184 -3.19 1.77 14.16
CA SER A 184 -3.55 0.98 15.31
C SER A 184 -2.35 0.15 15.73
N LEU A 185 -1.67 -0.45 14.75
CA LEU A 185 -0.53 -1.32 15.01
C LEU A 185 0.68 -0.53 15.48
N VAL A 186 1.04 0.50 14.72
CA VAL A 186 2.16 1.38 15.08
C VAL A 186 1.94 1.99 16.47
N SER A 187 0.69 2.14 16.82
CA SER A 187 0.31 2.73 18.10
C SER A 187 0.14 1.66 19.17
N ASN A 188 0.38 0.40 18.82
CA ASN A 188 0.14 -0.69 19.75
C ASN A 188 1.39 -1.49 20.03
N LEU A 189 2.42 -1.26 19.23
CA LEU A 189 3.62 -2.05 19.35
C LEU A 189 4.46 -1.67 20.58
N ASP A 190 5.69 -2.09 20.55
CA ASP A 190 6.62 -1.91 21.65
C ASP A 190 6.89 -0.43 21.95
N LEU A 191 6.88 -0.07 23.22
CA LEU A 191 7.29 1.25 23.67
C LEU A 191 8.76 1.48 23.39
N GLN A 192 9.54 0.41 23.43
CA GLN A 192 10.96 0.49 23.15
C GLN A 192 11.18 0.80 21.69
N LEU A 193 10.31 0.25 20.85
CA LEU A 193 10.32 0.50 19.42
C LEU A 193 9.93 1.94 19.15
N VAL A 194 8.80 2.36 19.74
CA VAL A 194 8.40 3.75 19.76
C VAL A 194 9.60 4.64 20.12
N ASN A 195 10.22 4.32 21.23
CA ASN A 195 11.35 5.07 21.75
C ASN A 195 12.53 5.05 20.77
N ASN A 196 12.80 3.87 20.22
CA ASN A 196 13.89 3.69 19.24
C ASN A 196 13.77 4.66 18.07
N LEU A 197 12.55 4.84 17.56
CA LEU A 197 12.32 5.77 16.45
C LEU A 197 12.52 7.21 16.94
N ILE A 198 11.95 7.50 18.10
CA ILE A 198 12.15 8.77 18.79
C ILE A 198 13.64 9.09 18.95
N ASN A 199 14.34 8.24 19.69
CA ASN A 199 15.79 8.37 19.88
C ASN A 199 16.51 8.59 18.56
N LEU A 200 16.13 7.84 17.53
CA LEU A 200 16.72 7.96 16.22
C LEU A 200 16.50 9.35 15.64
N ILE A 201 15.25 9.80 15.65
CA ILE A 201 14.91 11.11 15.14
C ILE A 201 15.59 12.22 15.92
N LEU A 202 15.69 12.07 17.23
CA LEU A 202 16.42 13.01 18.06
C LEU A 202 17.89 13.04 17.68
N ASP A 203 18.38 11.87 17.30
CA ASP A 203 19.77 11.73 16.85
C ASP A 203 19.93 12.42 15.49
N ARG A 204 18.96 12.21 14.62
CA ARG A 204 18.95 12.84 13.31
C ARG A 204 18.80 14.34 13.44
N ALA A 205 18.01 14.72 14.44
CA ALA A 205 17.75 16.11 14.74
C ALA A 205 19.04 16.87 15.03
N ASN A 206 19.75 16.43 16.07
CA ASN A 206 21.07 16.95 16.39
C ASN A 206 21.67 16.16 17.53
N VAL A 207 21.82 14.85 17.31
CA VAL A 207 22.38 13.89 18.27
C VAL A 207 21.83 14.06 19.70
N ASP A 208 22.37 14.99 20.47
CA ASP A 208 21.93 15.22 21.83
C ASP A 208 20.85 16.29 21.86
N LEU A 209 19.60 15.87 21.94
CA LEU A 209 18.49 16.80 21.96
C LEU A 209 17.35 16.25 22.82
N SER A 210 17.69 15.84 24.03
CA SER A 210 16.69 15.34 24.97
C SER A 210 16.63 16.26 26.19
N VAL A 211 16.93 17.53 25.97
CA VAL A 211 16.95 18.51 27.05
C VAL A 211 15.58 19.15 27.26
N ALA A 1 26.61 0.46 7.15
CA ALA A 1 25.29 0.51 7.81
C ALA A 1 25.35 1.38 9.05
N MET A 2 24.21 1.92 9.45
CA MET A 2 24.11 2.80 10.61
C MET A 2 24.99 4.05 10.41
N ALA A 3 24.51 4.93 9.55
CA ALA A 3 25.21 6.18 9.28
C ALA A 3 24.21 7.31 9.10
N GLN A 4 23.36 7.17 8.10
CA GLN A 4 22.35 8.17 7.79
C GLN A 4 20.98 7.54 7.66
N GLN A 5 20.96 6.21 7.55
CA GLN A 5 19.72 5.47 7.48
C GLN A 5 19.50 4.72 8.78
N ILE A 6 18.38 4.02 8.87
CA ILE A 6 18.00 3.32 10.08
C ILE A 6 18.71 1.98 10.20
N PRO A 7 19.22 1.65 11.41
CA PRO A 7 19.89 0.38 11.66
C PRO A 7 18.99 -0.81 11.35
N PRO A 8 19.48 -1.75 10.54
CA PRO A 8 18.76 -2.98 10.20
C PRO A 8 18.37 -3.77 11.45
N GLU A 9 19.06 -3.49 12.55
CA GLU A 9 18.74 -4.08 13.83
C GLU A 9 17.39 -3.58 14.34
N VAL A 10 17.22 -2.26 14.40
CA VAL A 10 16.01 -1.71 14.96
C VAL A 10 14.88 -1.76 13.95
N SER A 11 15.19 -1.53 12.68
CA SER A 11 14.20 -1.61 11.64
C SER A 11 13.92 -3.08 11.28
N SER A 12 14.25 -3.97 12.20
CA SER A 12 13.88 -5.36 12.10
C SER A 12 12.88 -5.71 13.20
N GLN A 13 12.89 -4.94 14.29
CA GLN A 13 12.00 -5.19 15.41
C GLN A 13 10.77 -4.29 15.36
N ILE A 14 10.92 -3.06 14.85
CA ILE A 14 9.77 -2.19 14.64
C ILE A 14 8.92 -2.81 13.54
N THR A 15 9.60 -3.35 12.54
CA THR A 15 8.95 -3.98 11.41
C THR A 15 8.34 -5.31 11.82
N ASP A 16 8.99 -5.98 12.76
CA ASP A 16 8.49 -7.22 13.32
C ASP A 16 7.12 -6.97 13.90
N ALA A 17 7.08 -5.97 14.73
CA ALA A 17 5.90 -5.58 15.44
C ALA A 17 4.87 -4.96 14.53
N LEU A 18 5.34 -4.15 13.59
CA LEU A 18 4.47 -3.50 12.64
C LEU A 18 3.84 -4.52 11.72
N THR A 19 4.58 -5.57 11.42
CA THR A 19 4.07 -6.62 10.58
C THR A 19 3.24 -7.54 11.44
N GLN A 20 3.65 -7.68 12.69
CA GLN A 20 2.93 -8.47 13.66
C GLN A 20 1.53 -7.94 13.83
N GLY A 21 1.40 -6.62 13.90
CA GLY A 21 0.10 -6.00 13.93
C GLY A 21 -0.68 -6.29 12.67
N LEU A 22 0.03 -6.39 11.55
CA LEU A 22 -0.60 -6.77 10.29
C LEU A 22 -1.12 -8.20 10.38
N LEU A 23 -0.25 -9.09 10.88
CA LEU A 23 -0.56 -10.51 11.03
C LEU A 23 -1.72 -10.68 12.00
N ASP A 24 -1.52 -10.14 13.20
CA ASP A 24 -2.46 -10.27 14.30
C ASP A 24 -3.74 -9.51 14.02
N GLY A 25 -3.59 -8.34 13.42
CA GLY A 25 -4.72 -7.46 13.19
C GLY A 25 -5.43 -7.74 11.87
N ASN A 26 -5.02 -8.82 11.20
CA ASN A 26 -5.67 -9.26 9.96
C ASN A 26 -5.69 -8.16 8.91
N PHE A 27 -4.52 -7.59 8.64
CA PHE A 27 -4.39 -6.51 7.65
C PHE A 27 -4.77 -7.01 6.27
N LEU A 28 -4.26 -8.18 5.88
CA LEU A 28 -4.53 -8.76 4.57
C LEU A 28 -6.01 -9.10 4.40
N SER A 29 -6.69 -9.34 5.52
CA SER A 29 -8.10 -9.68 5.49
C SER A 29 -8.91 -8.43 5.14
N LEU A 30 -8.44 -7.28 5.62
CA LEU A 30 -9.03 -6.00 5.29
C LEU A 30 -9.05 -5.82 3.78
N LEU A 31 -7.87 -5.98 3.15
CA LEU A 31 -7.74 -5.98 1.71
C LEU A 31 -8.83 -6.80 1.04
N ASN A 32 -8.90 -8.06 1.42
CA ASN A 32 -9.90 -8.98 0.88
C ASN A 32 -11.32 -8.46 1.07
N ALA A 33 -11.52 -7.67 2.10
CA ALA A 33 -12.84 -7.16 2.44
C ALA A 33 -13.02 -5.74 1.93
N ILE A 34 -11.94 -5.18 1.40
CA ILE A 34 -11.94 -3.85 0.81
C ILE A 34 -12.96 -3.75 -0.32
N ASN A 35 -13.64 -2.60 -0.40
CA ASN A 35 -14.58 -2.37 -1.48
C ASN A 35 -13.87 -2.46 -2.82
N LEU A 36 -14.13 -3.54 -3.54
CA LEU A 36 -13.45 -3.81 -4.78
C LEU A 36 -14.29 -3.41 -5.96
N GLU A 37 -15.53 -3.00 -5.68
CA GLU A 37 -16.43 -2.57 -6.73
C GLU A 37 -15.92 -1.31 -7.40
N GLY A 38 -15.19 -0.48 -6.66
CA GLY A 38 -14.65 0.73 -7.24
C GLY A 38 -13.69 0.42 -8.36
N LEU A 39 -12.82 -0.56 -8.13
CA LEU A 39 -11.93 -1.04 -9.18
C LEU A 39 -12.74 -1.61 -10.31
N LEU A 40 -13.47 -2.67 -10.02
CA LEU A 40 -14.33 -3.34 -10.99
C LEU A 40 -15.05 -2.33 -11.87
N ASN A 41 -15.77 -1.42 -11.22
CA ASN A 41 -16.49 -0.37 -11.93
C ASN A 41 -15.55 0.47 -12.79
N THR A 42 -14.43 0.92 -12.19
CA THR A 42 -13.42 1.68 -12.93
C THR A 42 -12.89 0.94 -14.15
N ILE A 43 -12.39 -0.27 -13.94
CA ILE A 43 -11.88 -1.07 -15.05
C ILE A 43 -12.92 -1.20 -16.16
N LEU A 44 -14.13 -1.62 -15.78
CA LEU A 44 -15.21 -1.82 -16.76
C LEU A 44 -15.70 -0.50 -17.36
N ASP A 45 -15.25 0.60 -16.80
CA ASP A 45 -15.61 1.91 -17.32
C ASP A 45 -14.65 2.34 -18.41
N GLN A 46 -13.36 2.19 -18.14
CA GLN A 46 -12.34 2.65 -19.06
C GLN A 46 -11.96 1.61 -20.10
N VAL A 47 -11.74 0.35 -19.69
CA VAL A 47 -11.23 -0.66 -20.61
C VAL A 47 -12.23 -0.97 -21.71
N THR A 48 -13.50 -0.71 -21.43
CA THR A 48 -14.56 -0.96 -22.38
C THR A 48 -14.47 -0.01 -23.56
N GLY A 49 -14.21 1.26 -23.28
CA GLY A 49 -14.11 2.25 -24.33
C GLY A 49 -12.87 2.06 -25.16
N LEU A 50 -11.78 1.73 -24.48
CA LEU A 50 -10.52 1.43 -25.13
C LEU A 50 -10.65 0.22 -26.04
N LEU A 51 -11.30 -0.82 -25.55
CA LEU A 51 -11.39 -2.07 -26.26
C LEU A 51 -12.32 -1.96 -27.47
N ASN A 52 -13.58 -1.62 -27.24
CA ASN A 52 -14.59 -1.72 -28.30
C ASN A 52 -15.78 -0.78 -28.09
N ILE A 53 -16.26 -0.71 -26.85
CA ILE A 53 -17.53 -0.03 -26.55
C ILE A 53 -17.60 1.40 -27.10
N LEU A 54 -16.47 2.11 -27.09
CA LEU A 54 -16.44 3.49 -27.55
C LEU A 54 -16.54 3.55 -29.07
N VAL A 55 -17.77 3.55 -29.53
CA VAL A 55 -18.11 3.60 -30.95
C VAL A 55 -19.63 3.53 -31.11
N GLY A 56 -20.27 2.78 -30.23
CA GLY A 56 -21.70 2.62 -30.29
C GLY A 56 -22.16 1.27 -29.77
N PRO A 57 -23.08 0.60 -30.49
CA PRO A 57 -23.68 -0.65 -30.06
C PRO A 57 -22.87 -1.87 -30.45
N LEU A 58 -21.63 -1.66 -30.85
CA LEU A 58 -20.76 -2.74 -31.31
C LEU A 58 -20.51 -3.74 -30.20
N LEU A 59 -20.89 -5.00 -30.46
CA LEU A 59 -20.73 -6.11 -29.51
C LEU A 59 -21.63 -5.96 -28.29
N GLY A 60 -21.38 -4.94 -27.49
CA GLY A 60 -22.17 -4.71 -26.29
C GLY A 60 -21.29 -4.37 -25.11
N PRO A 61 -21.88 -4.16 -23.92
CA PRO A 61 -21.14 -3.83 -22.71
C PRO A 61 -20.39 -5.05 -22.15
N SER A 62 -19.08 -4.91 -22.03
CA SER A 62 -18.26 -5.98 -21.48
C SER A 62 -18.45 -6.07 -19.96
N ASP A 63 -19.08 -7.14 -19.50
CA ASP A 63 -19.32 -7.34 -18.08
C ASP A 63 -18.18 -8.10 -17.45
N ALA A 64 -18.14 -8.10 -16.13
CA ALA A 64 -17.05 -8.70 -15.40
C ALA A 64 -17.28 -8.61 -13.90
N GLU A 65 -16.41 -9.28 -13.16
CA GLU A 65 -16.48 -9.28 -11.72
C GLU A 65 -15.05 -9.24 -11.19
N ILE A 66 -14.88 -8.70 -10.01
CA ILE A 66 -13.55 -8.50 -9.47
C ILE A 66 -13.39 -9.24 -8.15
N LYS A 67 -12.20 -9.77 -7.94
CA LYS A 67 -11.89 -10.56 -6.76
C LYS A 67 -10.44 -10.31 -6.35
N LEU A 68 -10.14 -10.50 -5.08
CA LEU A 68 -8.75 -10.52 -4.64
C LEU A 68 -8.23 -11.94 -4.56
N GLN A 69 -7.01 -12.11 -5.02
CA GLN A 69 -6.38 -13.42 -5.08
C GLN A 69 -5.35 -13.59 -3.98
N ASP A 70 -4.08 -13.58 -4.36
CA ASP A 70 -3.00 -13.74 -3.41
C ASP A 70 -2.69 -12.44 -2.71
N THR A 71 -3.04 -12.39 -1.44
CA THR A 71 -2.70 -11.27 -0.60
C THR A 71 -1.71 -11.69 0.45
N ARG A 72 -0.57 -11.02 0.45
CA ARG A 72 0.49 -11.31 1.39
C ARG A 72 1.32 -10.09 1.67
N LEU A 73 2.23 -10.28 2.60
CA LEU A 73 3.16 -9.24 3.03
C LEU A 73 4.59 -9.73 2.86
N LEU A 74 5.45 -8.84 2.37
CA LEU A 74 6.83 -9.22 2.12
C LEU A 74 7.70 -8.87 3.35
N GLN A 75 8.38 -7.73 3.33
CA GLN A 75 9.23 -7.31 4.42
C GLN A 75 9.14 -5.82 4.63
N LEU A 76 8.75 -5.45 5.83
CA LEU A 76 8.58 -4.06 6.19
C LEU A 76 9.93 -3.39 6.41
N SER A 77 9.92 -2.08 6.35
CA SER A 77 11.12 -1.30 6.58
C SER A 77 10.72 0.11 6.97
N LEU A 78 11.69 0.87 7.43
CA LEU A 78 11.46 2.24 7.82
C LEU A 78 12.60 3.11 7.30
N GLU A 79 12.31 4.38 7.13
CA GLU A 79 13.29 5.35 6.61
C GLU A 79 13.26 6.61 7.44
N PHE A 80 14.40 7.26 7.57
CA PHE A 80 14.43 8.56 8.21
C PHE A 80 13.79 9.61 7.34
N SER A 81 13.06 10.52 7.95
CA SER A 81 12.44 11.62 7.27
C SER A 81 13.02 12.93 7.80
N PRO A 82 14.13 13.40 7.20
CA PRO A 82 14.88 14.56 7.68
C PRO A 82 14.04 15.83 7.77
N ASP A 83 13.20 16.06 6.77
CA ASP A 83 12.37 17.25 6.75
C ASP A 83 11.20 17.11 7.73
N SER A 84 10.43 16.05 7.58
CA SER A 84 9.30 15.75 8.45
C SER A 84 9.68 15.68 9.93
N LYS A 85 10.96 15.45 10.23
CA LYS A 85 11.41 15.24 11.60
C LYS A 85 10.68 14.02 12.15
N GLY A 86 10.82 12.94 11.41
CA GLY A 86 10.18 11.69 11.76
C GLY A 86 10.74 10.54 10.95
N ILE A 87 9.96 9.48 10.83
CA ILE A 87 10.38 8.29 10.10
C ILE A 87 9.26 7.83 9.16
N ASP A 88 9.64 7.44 7.95
CA ASP A 88 8.69 6.97 6.95
C ASP A 88 8.66 5.45 6.98
N ILE A 89 7.55 4.89 7.44
CA ILE A 89 7.39 3.45 7.44
C ILE A 89 6.92 2.98 6.07
N TRP A 90 7.58 1.95 5.55
CA TRP A 90 7.21 1.41 4.27
C TRP A 90 6.72 -0.02 4.41
N ILE A 91 5.41 -0.19 4.36
CA ILE A 91 4.80 -1.50 4.43
C ILE A 91 4.44 -1.98 3.05
N PRO A 92 5.23 -2.90 2.50
CA PRO A 92 5.02 -3.40 1.16
C PRO A 92 4.09 -4.60 1.14
N LEU A 93 3.10 -4.54 0.28
CA LEU A 93 2.11 -5.59 0.14
C LEU A 93 2.27 -6.28 -1.19
N GLU A 94 1.87 -7.52 -1.25
CA GLU A 94 1.75 -8.24 -2.50
C GLU A 94 0.36 -8.78 -2.61
N LEU A 95 -0.46 -8.17 -3.43
CA LEU A 95 -1.81 -8.64 -3.62
C LEU A 95 -2.09 -8.78 -5.09
N SER A 96 -2.87 -9.77 -5.42
CA SER A 96 -3.22 -10.03 -6.79
C SER A 96 -4.72 -9.84 -6.97
N VAL A 97 -5.10 -9.17 -8.03
CA VAL A 97 -6.50 -8.89 -8.30
C VAL A 97 -6.98 -9.71 -9.50
N TYR A 98 -8.18 -10.23 -9.40
CA TYR A 98 -8.70 -11.12 -10.42
C TYR A 98 -9.99 -10.57 -11.01
N LEU A 99 -9.99 -10.39 -12.33
CA LEU A 99 -11.19 -9.98 -13.03
C LEU A 99 -11.75 -11.09 -13.90
N LYS A 100 -13.03 -11.38 -13.73
CA LYS A 100 -13.72 -12.35 -14.56
C LYS A 100 -14.47 -11.63 -15.67
N LEU A 101 -13.92 -11.60 -16.88
CA LEU A 101 -14.53 -10.89 -18.00
C LEU A 101 -15.41 -11.84 -18.81
N LEU A 102 -15.94 -12.85 -18.12
CA LEU A 102 -16.85 -13.85 -18.72
C LEU A 102 -16.34 -14.42 -20.04
N ILE A 103 -16.74 -13.80 -21.14
CA ILE A 103 -16.50 -14.36 -22.46
C ILE A 103 -15.12 -13.99 -23.00
N LEU A 104 -14.57 -12.89 -22.53
CA LEU A 104 -13.21 -12.50 -22.93
C LEU A 104 -12.18 -13.48 -22.35
N GLU A 105 -11.87 -13.30 -21.07
CA GLU A 105 -10.94 -14.16 -20.35
C GLU A 105 -10.81 -13.65 -18.92
N PRO A 106 -10.59 -14.54 -17.94
CA PRO A 106 -10.30 -14.14 -16.57
C PRO A 106 -8.84 -13.74 -16.41
N LEU A 107 -8.58 -12.47 -16.14
CA LEU A 107 -7.21 -12.00 -16.02
C LEU A 107 -6.87 -11.84 -14.55
N THR A 108 -5.60 -11.87 -14.26
CA THR A 108 -5.12 -11.66 -12.92
C THR A 108 -4.06 -10.58 -12.93
N LEU A 109 -4.19 -9.63 -12.03
CA LEU A 109 -3.26 -8.54 -11.90
C LEU A 109 -2.45 -8.71 -10.63
N TYR A 110 -1.26 -8.18 -10.62
CA TYR A 110 -0.41 -8.23 -9.46
C TYR A 110 -0.03 -6.83 -9.05
N VAL A 111 -0.16 -6.51 -7.78
CA VAL A 111 0.27 -5.22 -7.31
C VAL A 111 1.08 -5.36 -6.03
N ARG A 112 2.20 -4.67 -6.01
CA ARG A 112 3.05 -4.64 -4.85
C ARG A 112 3.22 -3.20 -4.43
N THR A 113 2.47 -2.81 -3.42
CA THR A 113 2.42 -1.43 -2.99
C THR A 113 3.15 -1.27 -1.68
N ASP A 114 3.89 -0.18 -1.54
CA ASP A 114 4.60 0.09 -0.31
C ASP A 114 3.92 1.22 0.42
N ILE A 115 3.15 0.89 1.43
CA ILE A 115 2.51 1.86 2.27
C ILE A 115 3.56 2.75 2.94
N ARG A 116 3.30 4.03 2.99
CA ARG A 116 4.23 4.98 3.57
C ARG A 116 3.52 5.80 4.63
N VAL A 117 3.69 5.41 5.88
CA VAL A 117 3.12 6.17 6.96
C VAL A 117 4.24 6.83 7.74
N GLN A 118 4.05 8.09 8.05
CA GLN A 118 5.07 8.85 8.74
C GLN A 118 4.84 8.86 10.23
N LEU A 119 5.83 8.35 10.95
CA LEU A 119 5.81 8.42 12.38
C LEU A 119 6.66 9.59 12.80
N ARG A 120 5.98 10.71 13.01
CA ARG A 120 6.62 11.94 13.42
C ARG A 120 7.14 11.78 14.84
N LEU A 121 8.06 12.62 15.22
CA LEU A 121 8.58 12.58 16.54
C LEU A 121 8.29 13.90 17.24
N GLU A 122 7.49 13.81 18.29
CA GLU A 122 6.94 14.98 18.95
C GLU A 122 7.12 14.87 20.45
N SER A 123 6.76 15.93 21.15
CA SER A 123 6.86 15.98 22.59
C SER A 123 5.49 16.15 23.23
N ASP A 124 5.26 15.38 24.28
CA ASP A 124 3.98 15.29 24.96
C ASP A 124 3.84 16.43 25.97
N GLU A 125 2.78 16.40 26.76
CA GLU A 125 2.53 17.44 27.75
C GLU A 125 3.69 17.56 28.72
N ASP A 126 4.20 16.43 29.18
CA ASP A 126 5.30 16.41 30.13
C ASP A 126 6.65 16.58 29.43
N GLY A 127 6.60 16.99 28.17
CA GLY A 127 7.82 17.25 27.42
C GLY A 127 8.47 15.98 26.88
N LYS A 128 7.89 14.83 27.19
CA LYS A 128 8.43 13.57 26.78
C LYS A 128 8.22 13.32 25.32
N TYR A 129 9.02 12.46 24.78
CA TYR A 129 8.96 12.16 23.37
C TYR A 129 8.15 10.92 23.12
N ARG A 130 7.39 10.97 22.05
CA ARG A 130 6.51 9.89 21.67
C ARG A 130 6.51 9.75 20.17
N LEU A 131 5.84 8.74 19.69
CA LEU A 131 5.67 8.53 18.29
C LEU A 131 4.38 9.22 17.82
N ALA A 132 4.52 10.07 16.84
CA ALA A 132 3.39 10.83 16.33
C ALA A 132 2.98 10.38 14.93
N PHE A 133 2.01 9.47 14.85
CA PHE A 133 1.47 9.03 13.57
C PHE A 133 0.77 10.19 12.88
N GLY A 134 1.43 10.75 11.87
CA GLY A 134 0.91 11.96 11.26
C GLY A 134 0.52 11.81 9.80
N HIS A 135 0.99 10.78 9.12
CA HIS A 135 0.74 10.64 7.70
C HIS A 135 0.65 9.17 7.34
N CYS A 136 -0.23 8.82 6.42
CA CYS A 136 -0.37 7.45 6.00
C CYS A 136 -0.85 7.36 4.55
N SER A 137 0.10 7.33 3.63
CA SER A 137 -0.23 7.23 2.22
C SER A 137 0.29 5.92 1.65
N LEU A 138 -0.55 5.23 0.90
CA LEU A 138 -0.15 4.00 0.28
C LEU A 138 0.42 4.27 -1.10
N LEU A 139 1.55 3.66 -1.40
CA LEU A 139 2.26 3.93 -2.63
C LEU A 139 2.43 2.69 -3.47
N PRO A 140 1.65 2.59 -4.55
CA PRO A 140 1.68 1.44 -5.45
C PRO A 140 2.96 1.38 -6.27
N ARG A 141 3.90 0.56 -5.82
CA ARG A 141 5.22 0.49 -6.43
C ARG A 141 5.22 -0.44 -7.64
N ALA A 142 4.43 -1.50 -7.56
CA ALA A 142 4.41 -2.50 -8.62
C ALA A 142 2.99 -2.87 -9.01
N ILE A 143 2.72 -2.87 -10.30
CA ILE A 143 1.47 -3.36 -10.85
C ILE A 143 1.75 -4.13 -12.15
N GLU A 144 1.91 -5.43 -12.03
CA GLU A 144 2.24 -6.29 -13.17
C GLU A 144 1.08 -7.21 -13.52
N LEU A 145 0.95 -7.52 -14.80
CA LEU A 145 -0.07 -8.44 -15.26
C LEU A 145 0.34 -9.89 -15.02
N GLN A 146 -0.57 -10.67 -14.48
CA GLN A 146 -0.40 -12.09 -14.31
C GLN A 146 -1.07 -12.84 -15.46
N SER A 147 -1.20 -14.16 -15.33
CA SER A 147 -1.88 -14.98 -16.32
C SER A 147 -1.14 -14.96 -17.67
N GLY A 148 0.19 -14.88 -17.60
CA GLY A 148 0.98 -14.90 -18.81
C GLY A 148 1.36 -13.52 -19.28
N ASN A 149 1.65 -13.39 -20.55
CA ASN A 149 2.03 -12.11 -21.13
C ASN A 149 0.96 -11.63 -22.09
N PRO A 150 0.79 -10.31 -22.20
CA PRO A 150 -0.29 -9.70 -22.97
C PRO A 150 0.05 -9.48 -24.43
N LEU A 151 0.08 -10.55 -25.21
CA LEU A 151 0.37 -10.47 -26.62
C LEU A 151 -0.87 -10.76 -27.46
N SER A 152 -1.40 -11.95 -27.28
CA SER A 152 -2.59 -12.37 -28.00
C SER A 152 -3.84 -12.10 -27.14
N LEU A 153 -3.64 -11.35 -26.07
CA LEU A 153 -4.73 -11.06 -25.15
C LEU A 153 -5.17 -9.61 -25.28
N PRO A 154 -6.48 -9.36 -25.21
CA PRO A 154 -7.06 -8.03 -25.34
C PRO A 154 -6.69 -7.12 -24.18
N VAL A 155 -6.11 -7.71 -23.14
CA VAL A 155 -5.75 -6.99 -21.93
C VAL A 155 -4.55 -6.07 -22.18
N ASN A 156 -3.87 -6.27 -23.32
CA ASN A 156 -2.72 -5.45 -23.66
C ASN A 156 -3.13 -3.99 -23.85
N ALA A 157 -4.34 -3.79 -24.40
CA ALA A 157 -4.85 -2.46 -24.69
C ALA A 157 -5.37 -1.79 -23.43
N VAL A 158 -5.59 -2.58 -22.39
CA VAL A 158 -6.21 -2.09 -21.18
C VAL A 158 -5.24 -2.15 -20.01
N LEU A 159 -3.98 -2.50 -20.32
CA LEU A 159 -2.96 -2.69 -19.31
C LEU A 159 -2.74 -1.40 -18.53
N GLY A 160 -2.51 -0.32 -19.26
CA GLY A 160 -2.34 0.99 -18.65
C GLY A 160 -3.53 1.37 -17.78
N THR A 161 -4.71 0.89 -18.14
CA THR A 161 -5.91 1.16 -17.36
C THR A 161 -5.87 0.39 -16.05
N ILE A 162 -5.36 -0.83 -16.09
CA ILE A 162 -5.17 -1.61 -14.89
C ILE A 162 -4.18 -0.91 -13.96
N GLU A 163 -3.08 -0.44 -14.53
CA GLU A 163 -2.08 0.29 -13.77
C GLU A 163 -2.65 1.59 -13.25
N ASN A 164 -3.50 2.21 -14.05
CA ASN A 164 -4.25 3.39 -13.64
C ASN A 164 -5.12 3.06 -12.45
N ALA A 165 -5.96 2.05 -12.63
CA ALA A 165 -6.94 1.63 -11.64
C ALA A 165 -6.28 1.15 -10.35
N LEU A 166 -5.35 0.21 -10.46
CA LEU A 166 -4.68 -0.33 -9.31
C LEU A 166 -3.91 0.78 -8.59
N GLY A 167 -3.18 1.58 -9.37
CA GLY A 167 -2.44 2.69 -8.80
C GLY A 167 -3.33 3.67 -8.07
N ASN A 168 -4.62 3.62 -8.36
CA ASN A 168 -5.60 4.46 -7.67
C ASN A 168 -6.13 3.76 -6.44
N PHE A 169 -6.48 2.48 -6.61
CA PHE A 169 -7.16 1.71 -5.57
C PHE A 169 -6.32 1.56 -4.32
N ILE A 170 -5.02 1.36 -4.49
CA ILE A 170 -4.10 1.30 -3.36
C ILE A 170 -4.19 2.58 -2.54
N THR A 171 -4.12 3.69 -3.23
CA THR A 171 -3.96 4.97 -2.56
C THR A 171 -5.28 5.45 -2.00
N GLU A 172 -6.27 5.46 -2.87
CA GLU A 172 -7.59 5.94 -2.52
C GLU A 172 -8.34 5.00 -1.60
N ASP A 173 -8.51 3.76 -2.01
CA ASP A 173 -9.40 2.85 -1.30
C ASP A 173 -8.68 2.10 -0.19
N LEU A 174 -7.48 1.61 -0.48
CA LEU A 174 -6.71 0.89 0.51
C LEU A 174 -6.27 1.84 1.61
N GLY A 175 -5.79 3.02 1.23
CA GLY A 175 -5.48 4.06 2.21
C GLY A 175 -6.70 4.54 2.98
N ALA A 176 -7.85 3.96 2.68
CA ALA A 176 -9.06 4.25 3.41
C ALA A 176 -9.41 3.11 4.35
N GLY A 177 -9.31 1.90 3.83
CA GLY A 177 -9.68 0.72 4.60
C GLY A 177 -8.55 0.21 5.47
N LEU A 178 -7.32 0.58 5.14
CA LEU A 178 -6.15 0.02 5.82
C LEU A 178 -5.46 1.05 6.71
N CYS A 179 -5.64 2.33 6.39
CA CYS A 179 -4.98 3.41 7.13
C CYS A 179 -5.27 3.34 8.65
N PRO A 180 -6.55 3.26 9.08
CA PRO A 180 -6.89 3.19 10.50
C PRO A 180 -6.18 2.05 11.22
N THR A 181 -6.08 0.91 10.55
CA THR A 181 -5.40 -0.25 11.09
C THR A 181 -3.93 0.04 11.39
N LEU A 182 -3.28 0.75 10.48
CA LEU A 182 -1.87 1.05 10.65
C LEU A 182 -1.63 1.93 11.86
N ASN A 183 -2.49 2.90 12.04
CA ASN A 183 -2.42 3.76 13.22
C ASN A 183 -2.82 2.97 14.48
N SER A 184 -3.32 1.76 14.27
CA SER A 184 -3.71 0.92 15.37
C SER A 184 -2.55 0.04 15.77
N LEU A 185 -1.74 -0.33 14.79
CA LEU A 185 -0.58 -1.18 15.04
C LEU A 185 0.59 -0.36 15.57
N VAL A 186 1.01 0.63 14.81
CA VAL A 186 2.15 1.46 15.19
C VAL A 186 1.96 2.10 16.56
N SER A 187 0.72 2.41 16.87
CA SER A 187 0.38 3.11 18.10
C SER A 187 0.06 2.13 19.21
N ASN A 188 0.40 0.87 18.99
CA ASN A 188 0.10 -0.18 19.95
C ASN A 188 1.33 -1.00 20.29
N LEU A 189 2.36 -0.87 19.47
CA LEU A 189 3.51 -1.74 19.59
C LEU A 189 4.38 -1.44 20.82
N ASP A 190 5.59 -1.97 20.78
CA ASP A 190 6.54 -1.88 21.87
C ASP A 190 6.90 -0.44 22.22
N LEU A 191 6.99 -0.15 23.51
CA LEU A 191 7.45 1.14 23.98
C LEU A 191 8.91 1.36 23.62
N GLN A 192 9.68 0.27 23.58
CA GLN A 192 11.07 0.33 23.22
C GLN A 192 11.20 0.71 21.75
N LEU A 193 10.38 0.07 20.94
CA LEU A 193 10.32 0.37 19.51
C LEU A 193 9.94 1.82 19.28
N VAL A 194 8.90 2.26 19.98
CA VAL A 194 8.55 3.68 20.05
C VAL A 194 9.79 4.54 20.26
N ASN A 195 10.48 4.27 21.35
CA ASN A 195 11.66 5.05 21.73
C ASN A 195 12.81 4.88 20.75
N ASN A 196 12.92 3.70 20.13
CA ASN A 196 13.95 3.47 19.11
C ASN A 196 13.80 4.46 17.95
N LEU A 197 12.57 4.68 17.51
CA LEU A 197 12.29 5.65 16.48
C LEU A 197 12.70 7.05 16.93
N ILE A 198 12.17 7.41 18.09
CA ILE A 198 12.48 8.67 18.77
C ILE A 198 13.99 8.90 18.87
N ASN A 199 14.69 8.04 19.62
CA ASN A 199 16.14 8.15 19.81
C ASN A 199 16.90 8.29 18.50
N LEU A 200 16.43 7.60 17.47
CA LEU A 200 17.09 7.65 16.18
C LEU A 200 16.89 8.98 15.49
N ILE A 201 15.67 9.49 15.53
CA ILE A 201 15.39 10.80 14.99
C ILE A 201 16.19 11.85 15.74
N LEU A 202 16.16 11.78 17.07
CA LEU A 202 16.94 12.69 17.90
C LEU A 202 18.43 12.58 17.61
N ASP A 203 18.83 11.37 17.27
CA ASP A 203 20.23 11.09 16.96
C ASP A 203 20.67 11.86 15.72
N ARG A 204 19.88 11.76 14.67
CA ARG A 204 20.16 12.48 13.44
C ARG A 204 19.90 13.96 13.61
N ALA A 205 18.75 14.26 14.20
CA ALA A 205 18.33 15.63 14.48
C ALA A 205 19.40 16.41 15.23
N ASN A 206 20.12 15.72 16.11
CA ASN A 206 21.21 16.33 16.87
C ASN A 206 22.19 17.03 15.94
N VAL A 207 22.75 16.29 15.00
CA VAL A 207 23.78 16.82 14.11
C VAL A 207 23.15 17.58 12.94
N ASP A 208 21.93 17.20 12.56
CA ASP A 208 21.24 17.88 11.47
C ASP A 208 20.71 19.24 11.90
N LEU A 209 20.54 19.42 13.20
CA LEU A 209 20.12 20.70 13.74
C LEU A 209 21.33 21.55 14.08
N SER A 210 22.41 20.90 14.49
CA SER A 210 23.63 21.59 14.85
C SER A 210 24.45 21.89 13.59
N VAL A 211 23.97 22.82 12.80
CA VAL A 211 24.65 23.22 11.58
C VAL A 211 25.44 24.51 11.81
N ALA A 1 20.54 11.19 4.10
CA ALA A 1 21.72 10.39 3.73
C ALA A 1 21.42 9.52 2.52
N MET A 2 22.45 9.02 1.86
CA MET A 2 22.27 8.19 0.67
C MET A 2 23.15 6.95 0.73
N ALA A 3 23.13 6.27 1.87
CA ALA A 3 23.94 5.07 2.03
C ALA A 3 23.21 4.05 2.91
N GLN A 4 23.35 4.20 4.22
CA GLN A 4 22.75 3.27 5.16
C GLN A 4 21.99 4.02 6.23
N GLN A 5 20.68 3.99 6.16
CA GLN A 5 19.84 4.71 7.11
C GLN A 5 19.07 3.75 7.99
N ILE A 6 18.96 4.10 9.26
CA ILE A 6 18.37 3.28 10.29
C ILE A 6 19.12 1.96 10.50
N PRO A 7 19.51 1.69 11.76
CA PRO A 7 20.24 0.48 12.14
C PRO A 7 19.46 -0.80 11.79
N PRO A 8 20.14 -1.80 11.20
CA PRO A 8 19.54 -3.10 10.89
C PRO A 8 19.32 -3.94 12.15
N GLU A 9 18.98 -3.25 13.22
CA GLU A 9 18.64 -3.88 14.49
C GLU A 9 17.33 -3.34 14.99
N VAL A 10 17.17 -2.02 14.93
CA VAL A 10 15.95 -1.41 15.41
C VAL A 10 14.85 -1.60 14.38
N SER A 11 15.18 -1.43 13.10
CA SER A 11 14.22 -1.62 12.05
C SER A 11 13.91 -3.11 11.86
N SER A 12 14.50 -3.94 12.71
CA SER A 12 14.23 -5.36 12.69
C SER A 12 13.13 -5.70 13.70
N GLN A 13 13.05 -4.91 14.77
CA GLN A 13 12.08 -5.15 15.82
C GLN A 13 10.82 -4.30 15.63
N ILE A 14 10.95 -3.11 15.06
CA ILE A 14 9.80 -2.28 14.78
C ILE A 14 8.96 -2.93 13.70
N THR A 15 9.64 -3.46 12.69
CA THR A 15 8.98 -4.12 11.58
C THR A 15 8.39 -5.45 12.01
N ASP A 16 9.05 -6.07 12.98
CA ASP A 16 8.57 -7.31 13.59
C ASP A 16 7.19 -7.08 14.12
N ALA A 17 7.11 -6.04 14.92
CA ALA A 17 5.90 -5.67 15.59
C ALA A 17 4.89 -5.06 14.63
N LEU A 18 5.39 -4.26 13.71
CA LEU A 18 4.55 -3.61 12.72
C LEU A 18 3.93 -4.67 11.83
N THR A 19 4.70 -5.69 11.49
CA THR A 19 4.20 -6.76 10.68
C THR A 19 3.33 -7.66 11.53
N GLN A 20 3.70 -7.80 12.79
CA GLN A 20 2.95 -8.57 13.73
C GLN A 20 1.54 -8.03 13.85
N GLY A 21 1.44 -6.71 13.88
CA GLY A 21 0.14 -6.06 13.83
C GLY A 21 -0.61 -6.43 12.58
N LEU A 22 0.12 -6.56 11.48
CA LEU A 22 -0.46 -6.96 10.22
C LEU A 22 -0.94 -8.41 10.30
N LEU A 23 -0.07 -9.27 10.83
CA LEU A 23 -0.35 -10.68 10.99
C LEU A 23 -1.55 -10.86 11.91
N ASP A 24 -1.39 -10.35 13.13
CA ASP A 24 -2.40 -10.50 14.17
C ASP A 24 -3.66 -9.73 13.85
N GLY A 25 -3.49 -8.61 13.18
CA GLY A 25 -4.61 -7.75 12.86
C GLY A 25 -5.30 -8.15 11.56
N ASN A 26 -4.72 -9.13 10.88
CA ASN A 26 -5.27 -9.66 9.63
C ASN A 26 -5.33 -8.58 8.54
N PHE A 27 -4.19 -7.93 8.31
CA PHE A 27 -4.10 -6.85 7.32
C PHE A 27 -4.50 -7.34 5.94
N LEU A 28 -4.04 -8.53 5.54
CA LEU A 28 -4.41 -9.10 4.26
C LEU A 28 -5.90 -9.38 4.15
N SER A 29 -6.52 -9.73 5.27
CA SER A 29 -7.93 -10.08 5.29
C SER A 29 -8.78 -8.84 5.05
N LEU A 30 -8.34 -7.74 5.63
CA LEU A 30 -8.96 -6.44 5.43
C LEU A 30 -8.89 -6.04 3.96
N LEU A 31 -7.73 -6.25 3.35
CA LEU A 31 -7.55 -6.03 1.91
C LEU A 31 -8.65 -6.75 1.15
N ASN A 32 -8.75 -8.04 1.42
CA ASN A 32 -9.74 -8.90 0.79
C ASN A 32 -11.17 -8.41 1.04
N ALA A 33 -11.34 -7.60 2.07
CA ALA A 33 -12.65 -7.11 2.45
C ALA A 33 -12.86 -5.67 1.97
N ILE A 34 -11.81 -5.10 1.42
CA ILE A 34 -11.82 -3.76 0.87
C ILE A 34 -12.86 -3.62 -0.23
N ASN A 35 -13.56 -2.48 -0.25
CA ASN A 35 -14.50 -2.15 -1.31
C ASN A 35 -13.80 -2.18 -2.66
N LEU A 36 -14.06 -3.22 -3.42
CA LEU A 36 -13.36 -3.47 -4.67
C LEU A 36 -14.18 -3.02 -5.86
N GLU A 37 -15.39 -2.54 -5.59
CA GLU A 37 -16.28 -2.13 -6.66
C GLU A 37 -15.73 -0.89 -7.37
N GLY A 38 -15.00 -0.04 -6.65
CA GLY A 38 -14.42 1.13 -7.27
C GLY A 38 -13.47 0.75 -8.39
N LEU A 39 -12.66 -0.26 -8.12
CA LEU A 39 -11.79 -0.83 -9.13
C LEU A 39 -12.60 -1.40 -10.28
N LEU A 40 -13.43 -2.38 -9.93
CA LEU A 40 -14.33 -3.02 -10.89
C LEU A 40 -14.99 -1.97 -11.80
N ASN A 41 -15.65 -1.01 -11.17
CA ASN A 41 -16.30 0.09 -11.88
C ASN A 41 -15.32 0.83 -12.77
N THR A 42 -14.18 1.24 -12.21
CA THR A 42 -13.17 1.98 -12.95
C THR A 42 -12.66 1.19 -14.16
N ILE A 43 -12.19 -0.02 -13.91
CA ILE A 43 -11.64 -0.87 -14.95
C ILE A 43 -12.65 -1.08 -16.06
N LEU A 44 -13.86 -1.48 -15.70
CA LEU A 44 -14.92 -1.69 -16.69
C LEU A 44 -15.20 -0.43 -17.49
N ASP A 45 -15.24 0.70 -16.80
CA ASP A 45 -15.53 1.99 -17.43
C ASP A 45 -14.59 2.25 -18.61
N GLN A 46 -13.33 1.92 -18.43
CA GLN A 46 -12.33 2.20 -19.46
C GLN A 46 -12.14 1.01 -20.42
N VAL A 47 -12.35 -0.21 -19.95
CA VAL A 47 -12.06 -1.39 -20.77
C VAL A 47 -13.26 -1.86 -21.60
N THR A 48 -14.41 -1.19 -21.47
CA THR A 48 -15.57 -1.56 -22.26
C THR A 48 -15.36 -1.19 -23.72
N GLY A 49 -14.84 0.00 -23.94
CA GLY A 49 -14.57 0.44 -25.29
C GLY A 49 -13.36 -0.25 -25.88
N LEU A 50 -12.50 -0.77 -25.01
CA LEU A 50 -11.31 -1.48 -25.45
C LEU A 50 -11.61 -2.92 -25.87
N LEU A 51 -11.97 -3.77 -24.92
CA LEU A 51 -12.08 -5.20 -25.21
C LEU A 51 -13.46 -5.78 -24.93
N ASN A 52 -14.10 -5.35 -23.83
CA ASN A 52 -15.31 -6.03 -23.37
C ASN A 52 -16.50 -5.82 -24.30
N ILE A 53 -16.80 -4.56 -24.61
CA ILE A 53 -17.94 -4.24 -25.44
C ILE A 53 -17.53 -3.91 -26.88
N LEU A 54 -16.57 -3.01 -27.05
CA LEU A 54 -16.14 -2.61 -28.40
C LEU A 54 -14.76 -3.13 -28.73
N VAL A 55 -14.70 -4.42 -28.97
CA VAL A 55 -13.46 -5.05 -29.40
C VAL A 55 -13.47 -5.25 -30.92
N GLY A 56 -14.51 -4.71 -31.54
CA GLY A 56 -14.73 -4.92 -32.95
C GLY A 56 -16.20 -5.19 -33.21
N PRO A 57 -16.60 -6.45 -33.13
CA PRO A 57 -18.01 -6.85 -33.14
C PRO A 57 -18.76 -6.24 -31.96
N LEU A 58 -20.07 -6.25 -32.03
CA LEU A 58 -20.89 -5.67 -30.97
C LEU A 58 -21.23 -6.70 -29.91
N LEU A 59 -20.51 -6.65 -28.80
CA LEU A 59 -20.78 -7.54 -27.68
C LEU A 59 -21.82 -6.90 -26.77
N GLY A 60 -22.83 -7.68 -26.42
CA GLY A 60 -23.95 -7.17 -25.64
C GLY A 60 -23.57 -6.75 -24.24
N PRO A 61 -24.37 -5.85 -23.63
CA PRO A 61 -24.10 -5.33 -22.29
C PRO A 61 -23.98 -6.43 -21.24
N SER A 62 -22.81 -6.52 -20.64
CA SER A 62 -22.55 -7.50 -19.60
C SER A 62 -21.30 -7.07 -18.83
N ASP A 63 -21.41 -7.02 -17.51
CA ASP A 63 -20.32 -6.51 -16.69
C ASP A 63 -19.52 -7.65 -16.11
N ALA A 64 -18.31 -7.32 -15.72
CA ALA A 64 -17.42 -8.23 -15.06
C ALA A 64 -17.61 -8.19 -13.55
N GLU A 65 -16.69 -8.83 -12.85
CA GLU A 65 -16.67 -8.84 -11.40
C GLU A 65 -15.22 -8.77 -10.97
N ILE A 66 -14.97 -8.30 -9.76
CA ILE A 66 -13.62 -8.15 -9.29
C ILE A 66 -13.43 -8.88 -7.97
N LYS A 67 -12.28 -9.49 -7.80
CA LYS A 67 -12.00 -10.29 -6.63
C LYS A 67 -10.52 -10.18 -6.28
N LEU A 68 -10.22 -10.21 -4.99
CA LEU A 68 -8.83 -10.31 -4.57
C LEU A 68 -8.44 -11.76 -4.48
N GLN A 69 -7.28 -12.06 -5.04
CA GLN A 69 -6.86 -13.43 -5.24
C GLN A 69 -5.79 -13.82 -4.23
N ASP A 70 -4.66 -13.15 -4.31
CA ASP A 70 -3.53 -13.49 -3.46
C ASP A 70 -2.96 -12.24 -2.83
N THR A 71 -3.33 -12.03 -1.62
CA THR A 71 -2.84 -10.92 -0.84
C THR A 71 -1.92 -11.40 0.25
N ARG A 72 -0.74 -10.83 0.29
CA ARG A 72 0.23 -11.15 1.29
C ARG A 72 1.17 -9.99 1.54
N LEU A 73 2.00 -10.20 2.52
CA LEU A 73 3.00 -9.22 2.92
C LEU A 73 4.40 -9.75 2.68
N LEU A 74 5.30 -8.85 2.32
CA LEU A 74 6.70 -9.22 2.12
C LEU A 74 7.53 -8.91 3.38
N GLN A 75 8.34 -7.84 3.31
CA GLN A 75 9.22 -7.49 4.41
C GLN A 75 9.23 -6.00 4.65
N LEU A 76 8.80 -5.64 5.85
CA LEU A 76 8.66 -4.25 6.23
C LEU A 76 10.01 -3.60 6.43
N SER A 77 10.02 -2.28 6.39
CA SER A 77 11.25 -1.54 6.58
C SER A 77 10.92 -0.13 7.02
N LEU A 78 11.94 0.56 7.48
CA LEU A 78 11.81 1.93 7.93
C LEU A 78 12.88 2.77 7.24
N GLU A 79 12.57 4.03 7.03
CA GLU A 79 13.50 4.97 6.47
C GLU A 79 13.24 6.34 7.10
N PHE A 80 14.28 7.14 7.22
CA PHE A 80 14.14 8.45 7.86
C PHE A 80 13.40 9.42 6.96
N SER A 81 12.59 10.26 7.57
CA SER A 81 11.87 11.30 6.84
C SER A 81 12.79 12.49 6.61
N PRO A 82 12.87 12.94 5.34
CA PRO A 82 13.67 14.11 4.93
C PRO A 82 13.33 15.37 5.73
N ASP A 83 12.24 15.33 6.47
CA ASP A 83 11.84 16.44 7.33
C ASP A 83 12.76 16.55 8.55
N SER A 84 13.62 15.55 8.73
CA SER A 84 14.61 15.54 9.80
C SER A 84 13.96 15.46 11.18
N LYS A 85 12.68 15.10 11.22
CA LYS A 85 11.98 14.97 12.49
C LYS A 85 10.84 13.97 12.37
N GLY A 86 11.12 12.85 11.71
CA GLY A 86 10.15 11.80 11.53
C GLY A 86 10.74 10.62 10.79
N ILE A 87 9.99 9.53 10.72
CA ILE A 87 10.40 8.33 9.99
C ILE A 87 9.26 7.81 9.11
N ASP A 88 9.62 7.42 7.89
CA ASP A 88 8.68 6.82 6.95
C ASP A 88 8.72 5.31 7.08
N ILE A 89 7.58 4.71 7.39
CA ILE A 89 7.49 3.26 7.48
C ILE A 89 6.97 2.70 6.17
N TRP A 90 7.67 1.72 5.64
CA TRP A 90 7.34 1.14 4.35
C TRP A 90 6.83 -0.28 4.50
N ILE A 91 5.52 -0.45 4.38
CA ILE A 91 4.90 -1.75 4.41
C ILE A 91 4.61 -2.25 3.01
N PRO A 92 5.40 -3.22 2.53
CA PRO A 92 5.28 -3.75 1.18
C PRO A 92 4.24 -4.87 1.07
N LEU A 93 3.39 -4.77 0.06
CA LEU A 93 2.33 -5.73 -0.16
C LEU A 93 2.48 -6.43 -1.50
N GLU A 94 1.98 -7.66 -1.54
CA GLU A 94 1.84 -8.39 -2.79
C GLU A 94 0.40 -8.83 -2.94
N LEU A 95 -0.33 -8.16 -3.81
CA LEU A 95 -1.72 -8.49 -4.03
C LEU A 95 -1.90 -8.99 -5.45
N SER A 96 -2.81 -9.91 -5.64
CA SER A 96 -3.17 -10.37 -6.96
C SER A 96 -4.64 -10.14 -7.14
N VAL A 97 -5.01 -9.33 -8.11
CA VAL A 97 -6.39 -8.96 -8.29
C VAL A 97 -6.96 -9.63 -9.52
N TYR A 98 -8.01 -10.39 -9.33
CA TYR A 98 -8.60 -11.16 -10.40
C TYR A 98 -9.87 -10.46 -10.91
N LEU A 99 -9.90 -10.19 -12.21
CA LEU A 99 -11.08 -9.65 -12.84
C LEU A 99 -11.80 -10.76 -13.59
N LYS A 100 -13.08 -10.92 -13.29
CA LYS A 100 -13.86 -11.96 -13.92
C LYS A 100 -14.58 -11.36 -15.12
N LEU A 101 -14.03 -11.54 -16.30
CA LEU A 101 -14.60 -10.97 -17.51
C LEU A 101 -15.37 -12.04 -18.26
N LEU A 102 -16.03 -11.64 -19.34
CA LEU A 102 -16.74 -12.59 -20.18
C LEU A 102 -16.14 -12.59 -21.58
N ILE A 103 -14.93 -12.08 -21.70
CA ILE A 103 -14.21 -12.08 -22.97
C ILE A 103 -13.39 -13.36 -23.10
N LEU A 104 -14.06 -14.48 -22.83
CA LEU A 104 -13.45 -15.82 -22.87
C LEU A 104 -12.49 -16.06 -21.72
N GLU A 105 -11.55 -15.15 -21.52
CA GLU A 105 -10.53 -15.33 -20.50
C GLU A 105 -10.57 -14.22 -19.46
N PRO A 106 -10.81 -14.58 -18.19
CA PRO A 106 -10.67 -13.66 -17.06
C PRO A 106 -9.21 -13.34 -16.78
N LEU A 107 -8.94 -12.10 -16.43
CA LEU A 107 -7.57 -11.64 -16.30
C LEU A 107 -7.19 -11.51 -14.82
N THR A 108 -5.91 -11.57 -14.57
CA THR A 108 -5.41 -11.45 -13.22
C THR A 108 -4.24 -10.49 -13.18
N LEU A 109 -4.28 -9.57 -12.24
CA LEU A 109 -3.27 -8.55 -12.10
C LEU A 109 -2.46 -8.78 -10.83
N TYR A 110 -1.25 -8.28 -10.83
CA TYR A 110 -0.38 -8.36 -9.67
C TYR A 110 0.03 -6.95 -9.28
N VAL A 111 -0.14 -6.59 -8.04
CA VAL A 111 0.23 -5.26 -7.60
C VAL A 111 1.14 -5.32 -6.38
N ARG A 112 2.20 -4.57 -6.46
CA ARG A 112 3.11 -4.39 -5.36
C ARG A 112 3.00 -2.96 -4.89
N THR A 113 2.58 -2.76 -3.67
CA THR A 113 2.53 -1.43 -3.12
C THR A 113 3.33 -1.38 -1.82
N ASP A 114 4.06 -0.30 -1.62
CA ASP A 114 4.80 -0.09 -0.41
C ASP A 114 4.17 1.03 0.38
N ILE A 115 3.33 0.68 1.35
CA ILE A 115 2.70 1.66 2.21
C ILE A 115 3.73 2.53 2.89
N ARG A 116 3.40 3.80 3.07
CA ARG A 116 4.31 4.72 3.70
C ARG A 116 3.59 5.58 4.73
N VAL A 117 3.74 5.23 5.99
CA VAL A 117 3.19 6.04 7.05
C VAL A 117 4.31 6.76 7.78
N GLN A 118 4.08 8.00 8.14
CA GLN A 118 5.10 8.81 8.77
C GLN A 118 4.86 8.92 10.26
N LEU A 119 5.87 8.54 11.01
CA LEU A 119 5.86 8.72 12.44
C LEU A 119 6.74 9.90 12.81
N ARG A 120 6.07 11.03 13.02
CA ARG A 120 6.72 12.27 13.37
C ARG A 120 7.15 12.26 14.83
N LEU A 121 7.87 13.29 15.25
CA LEU A 121 8.24 13.40 16.63
C LEU A 121 7.48 14.53 17.30
N GLU A 122 6.85 14.22 18.41
CA GLU A 122 6.13 15.21 19.18
C GLU A 122 6.44 15.08 20.65
N SER A 123 6.16 16.13 21.38
CA SER A 123 6.35 16.14 22.82
C SER A 123 4.99 16.25 23.50
N ASP A 124 4.81 15.49 24.56
CA ASP A 124 3.53 15.44 25.25
C ASP A 124 3.49 16.45 26.39
N GLU A 125 2.52 16.32 27.29
CA GLU A 125 2.36 17.25 28.41
C GLU A 125 3.62 17.31 29.27
N ASP A 126 4.17 16.13 29.57
CA ASP A 126 5.40 16.02 30.35
C ASP A 126 6.61 16.56 29.58
N GLY A 127 6.36 17.00 28.34
CA GLY A 127 7.42 17.46 27.49
C GLY A 127 8.21 16.32 26.89
N LYS A 128 7.81 15.10 27.23
CA LYS A 128 8.50 13.92 26.78
C LYS A 128 8.14 13.61 25.34
N TYR A 129 8.92 12.77 24.72
CA TYR A 129 8.77 12.52 23.30
C TYR A 129 7.98 11.25 23.04
N ARG A 130 7.19 11.31 22.00
CA ARG A 130 6.32 10.21 21.62
C ARG A 130 6.32 10.04 20.11
N LEU A 131 5.68 8.99 19.65
CA LEU A 131 5.56 8.74 18.24
C LEU A 131 4.31 9.46 17.71
N ALA A 132 4.53 10.37 16.78
CA ALA A 132 3.46 11.20 16.26
C ALA A 132 3.02 10.74 14.87
N PHE A 133 1.97 9.95 14.82
CA PHE A 133 1.45 9.43 13.57
C PHE A 133 0.81 10.56 12.77
N GLY A 134 1.53 11.03 11.75
CA GLY A 134 1.07 12.20 11.03
C GLY A 134 0.60 11.90 9.62
N HIS A 135 1.07 10.80 9.03
CA HIS A 135 0.75 10.52 7.64
C HIS A 135 0.63 9.01 7.43
N CYS A 136 -0.32 8.59 6.61
CA CYS A 136 -0.50 7.18 6.32
C CYS A 136 -0.96 6.96 4.88
N SER A 137 -0.03 7.12 3.96
CA SER A 137 -0.34 7.00 2.54
C SER A 137 0.22 5.70 1.99
N LEU A 138 -0.54 5.05 1.15
CA LEU A 138 -0.07 3.83 0.51
C LEU A 138 0.49 4.15 -0.86
N LEU A 139 1.64 3.58 -1.17
CA LEU A 139 2.35 3.92 -2.39
C LEU A 139 2.51 2.71 -3.31
N PRO A 140 1.76 2.70 -4.40
CA PRO A 140 1.78 1.60 -5.38
C PRO A 140 3.06 1.62 -6.19
N ARG A 141 3.76 0.50 -6.18
CA ARG A 141 5.08 0.40 -6.77
C ARG A 141 5.04 -0.41 -8.05
N ALA A 142 4.27 -1.50 -8.03
CA ALA A 142 4.24 -2.42 -9.16
C ALA A 142 2.84 -2.85 -9.50
N ILE A 143 2.55 -2.90 -10.78
CA ILE A 143 1.30 -3.43 -11.28
C ILE A 143 1.54 -4.20 -12.58
N GLU A 144 1.70 -5.51 -12.44
CA GLU A 144 2.01 -6.39 -13.57
C GLU A 144 0.83 -7.30 -13.89
N LEU A 145 0.79 -7.78 -15.11
CA LEU A 145 -0.25 -8.70 -15.54
C LEU A 145 0.16 -10.15 -15.27
N GLN A 146 -0.68 -10.87 -14.53
CA GLN A 146 -0.44 -12.27 -14.23
C GLN A 146 -0.81 -13.16 -15.39
N SER A 147 -1.75 -12.70 -16.21
CA SER A 147 -2.26 -13.49 -17.33
C SER A 147 -1.29 -13.46 -18.51
N GLY A 148 -0.17 -14.15 -18.35
CA GLY A 148 0.83 -14.21 -19.39
C GLY A 148 1.49 -12.87 -19.61
N ASN A 149 1.43 -12.38 -20.83
CA ASN A 149 2.01 -11.09 -21.16
C ASN A 149 1.06 -10.29 -22.05
N PRO A 150 0.98 -8.98 -21.83
CA PRO A 150 0.08 -8.09 -22.57
C PRO A 150 0.54 -7.83 -23.99
N LEU A 151 1.64 -8.46 -24.37
CA LEU A 151 2.20 -8.27 -25.71
C LEU A 151 1.54 -9.23 -26.69
N SER A 152 1.22 -10.43 -26.23
CA SER A 152 0.58 -11.43 -27.06
C SER A 152 -0.94 -11.29 -27.02
N LEU A 153 -1.47 -11.01 -25.83
CA LEU A 153 -2.90 -10.81 -25.65
C LEU A 153 -3.22 -9.32 -25.71
N PRO A 154 -4.46 -8.97 -26.10
CA PRO A 154 -4.90 -7.57 -26.22
C PRO A 154 -5.05 -6.86 -24.88
N VAL A 155 -4.37 -7.38 -23.86
CA VAL A 155 -4.45 -6.84 -22.52
C VAL A 155 -3.58 -5.59 -22.41
N ASN A 156 -2.71 -5.37 -23.38
CA ASN A 156 -1.86 -4.18 -23.39
C ASN A 156 -2.73 -2.93 -23.48
N ALA A 157 -3.86 -3.07 -24.16
CA ALA A 157 -4.82 -1.99 -24.29
C ALA A 157 -5.40 -1.61 -22.92
N VAL A 158 -5.72 -2.62 -22.13
CA VAL A 158 -6.37 -2.40 -20.84
C VAL A 158 -5.36 -2.21 -19.72
N LEU A 159 -4.09 -2.50 -20.00
CA LEU A 159 -3.05 -2.48 -18.99
C LEU A 159 -2.98 -1.10 -18.32
N GLY A 160 -2.89 -0.05 -19.14
CA GLY A 160 -2.89 1.30 -18.63
C GLY A 160 -4.07 1.59 -17.72
N THR A 161 -5.21 1.02 -18.06
CA THR A 161 -6.41 1.18 -17.25
C THR A 161 -6.28 0.44 -15.92
N ILE A 162 -5.75 -0.78 -15.98
CA ILE A 162 -5.48 -1.56 -14.78
C ILE A 162 -4.53 -0.80 -13.86
N GLU A 163 -3.50 -0.21 -14.44
CA GLU A 163 -2.54 0.57 -13.67
C GLU A 163 -3.22 1.83 -13.14
N ASN A 164 -4.03 2.45 -13.99
CA ASN A 164 -4.84 3.61 -13.62
C ASN A 164 -5.65 3.28 -12.38
N ALA A 165 -6.31 2.14 -12.44
CA ALA A 165 -7.21 1.71 -11.40
C ALA A 165 -6.47 1.27 -10.16
N LEU A 166 -5.53 0.35 -10.31
CA LEU A 166 -4.80 -0.18 -9.19
C LEU A 166 -4.01 0.91 -8.49
N GLY A 167 -3.33 1.75 -9.27
CA GLY A 167 -2.60 2.86 -8.70
C GLY A 167 -3.50 3.80 -7.92
N ASN A 168 -4.80 3.74 -8.21
CA ASN A 168 -5.77 4.51 -7.45
C ASN A 168 -6.25 3.73 -6.22
N PHE A 169 -6.46 2.45 -6.40
CA PHE A 169 -7.06 1.60 -5.37
C PHE A 169 -6.17 1.45 -4.15
N ILE A 170 -4.87 1.36 -4.37
CA ILE A 170 -3.92 1.33 -3.27
C ILE A 170 -4.06 2.60 -2.43
N THR A 171 -4.04 3.72 -3.12
CA THR A 171 -3.92 5.00 -2.44
C THR A 171 -5.26 5.42 -1.86
N GLU A 172 -6.27 5.39 -2.71
CA GLU A 172 -7.61 5.78 -2.32
C GLU A 172 -8.30 4.74 -1.44
N ASP A 173 -8.44 3.52 -1.93
CA ASP A 173 -9.24 2.51 -1.26
C ASP A 173 -8.47 1.87 -0.12
N LEU A 174 -7.26 1.45 -0.38
CA LEU A 174 -6.45 0.79 0.63
C LEU A 174 -6.04 1.79 1.70
N GLY A 175 -5.59 2.97 1.29
CA GLY A 175 -5.32 4.04 2.25
C GLY A 175 -6.55 4.51 3.00
N ALA A 176 -7.68 3.88 2.72
CA ALA A 176 -8.91 4.17 3.44
C ALA A 176 -9.22 3.06 4.42
N GLY A 177 -9.14 1.82 3.95
CA GLY A 177 -9.50 0.69 4.76
C GLY A 177 -8.39 0.27 5.69
N LEU A 178 -7.15 0.46 5.26
CA LEU A 178 -6.01 -0.07 5.98
C LEU A 178 -5.27 1.01 6.78
N CYS A 179 -5.58 2.28 6.50
CA CYS A 179 -4.94 3.37 7.23
C CYS A 179 -5.25 3.30 8.74
N PRO A 180 -6.54 3.18 9.15
CA PRO A 180 -6.88 2.99 10.57
C PRO A 180 -6.14 1.82 11.19
N THR A 181 -6.07 0.72 10.44
CA THR A 181 -5.35 -0.49 10.88
C THR A 181 -3.91 -0.17 11.25
N LEU A 182 -3.20 0.49 10.35
CA LEU A 182 -1.80 0.77 10.54
C LEU A 182 -1.57 1.66 11.73
N ASN A 183 -2.40 2.67 11.87
CA ASN A 183 -2.30 3.58 13.00
C ASN A 183 -2.74 2.89 14.29
N SER A 184 -3.24 1.68 14.17
CA SER A 184 -3.62 0.91 15.33
C SER A 184 -2.42 0.09 15.77
N LEU A 185 -1.74 -0.52 14.80
CA LEU A 185 -0.58 -1.35 15.08
C LEU A 185 0.59 -0.50 15.55
N VAL A 186 1.01 0.45 14.71
CA VAL A 186 2.19 1.28 15.01
C VAL A 186 2.03 2.06 16.31
N SER A 187 0.83 2.50 16.59
CA SER A 187 0.57 3.32 17.77
C SER A 187 0.35 2.46 19.01
N ASN A 188 0.37 1.15 18.83
CA ASN A 188 0.12 0.23 19.92
C ASN A 188 1.26 -0.77 20.11
N LEU A 189 2.34 -0.62 19.36
CA LEU A 189 3.46 -1.52 19.49
C LEU A 189 4.29 -1.24 20.75
N ASP A 190 5.49 -1.77 20.76
CA ASP A 190 6.39 -1.67 21.91
C ASP A 190 6.83 -0.23 22.16
N LEU A 191 6.89 0.14 23.43
CA LEU A 191 7.40 1.44 23.83
C LEU A 191 8.89 1.54 23.50
N GLN A 192 9.56 0.39 23.55
CA GLN A 192 10.96 0.31 23.19
C GLN A 192 11.13 0.74 21.75
N LEU A 193 10.25 0.20 20.92
CA LEU A 193 10.22 0.51 19.50
C LEU A 193 9.88 1.97 19.28
N VAL A 194 8.84 2.44 19.95
CA VAL A 194 8.50 3.86 19.96
C VAL A 194 9.72 4.72 20.25
N ASN A 195 10.37 4.45 21.38
CA ASN A 195 11.55 5.21 21.79
C ASN A 195 12.69 5.05 20.80
N ASN A 196 12.84 3.86 20.22
CA ASN A 196 13.86 3.61 19.20
C ASN A 196 13.70 4.55 18.02
N LEU A 197 12.47 4.73 17.54
CA LEU A 197 12.23 5.63 16.42
C LEU A 197 12.46 7.06 16.86
N ILE A 198 12.01 7.36 18.06
CA ILE A 198 12.17 8.69 18.63
C ILE A 198 13.64 9.07 18.72
N ASN A 199 14.39 8.31 19.52
CA ASN A 199 15.81 8.57 19.72
C ASN A 199 16.57 8.55 18.41
N LEU A 200 16.07 7.77 17.44
CA LEU A 200 16.63 7.75 16.11
C LEU A 200 16.48 9.10 15.43
N ILE A 201 15.27 9.60 15.43
CA ILE A 201 14.98 10.90 14.84
C ILE A 201 15.72 12.01 15.56
N LEU A 202 15.79 11.91 16.89
CA LEU A 202 16.50 12.89 17.69
C LEU A 202 17.97 12.89 17.33
N ASP A 203 18.47 11.72 16.95
CA ASP A 203 19.83 11.58 16.47
C ASP A 203 20.00 12.29 15.14
N ARG A 204 19.08 12.02 14.23
CA ARG A 204 19.11 12.61 12.90
C ARG A 204 18.90 14.12 12.99
N ALA A 205 18.10 14.51 13.97
CA ALA A 205 17.82 15.91 14.23
C ALA A 205 19.08 16.64 14.69
N ASN A 206 19.94 15.92 15.39
CA ASN A 206 21.20 16.49 15.87
C ASN A 206 22.20 16.58 14.72
N VAL A 207 22.05 15.68 13.75
CA VAL A 207 22.92 15.67 12.58
C VAL A 207 22.47 16.71 11.56
N ASP A 208 21.18 16.70 11.25
CA ASP A 208 20.62 17.60 10.25
C ASP A 208 19.90 18.75 10.94
N LEU A 209 20.66 19.75 11.33
CA LEU A 209 20.10 20.93 12.00
C LEU A 209 20.47 22.19 11.24
N SER A 210 21.00 22.01 10.05
CA SER A 210 21.37 23.13 9.20
C SER A 210 20.12 23.82 8.66
N VAL A 211 19.88 25.05 9.12
CA VAL A 211 18.72 25.82 8.71
C VAL A 211 19.14 26.96 7.80
N ALA A 1 18.23 12.27 3.05
CA ALA A 1 19.64 11.89 3.32
C ALA A 1 19.88 10.44 2.89
N MET A 2 20.99 10.21 2.20
CA MET A 2 21.32 8.88 1.72
C MET A 2 22.79 8.58 1.94
N ALA A 3 23.07 7.82 2.99
CA ALA A 3 24.44 7.46 3.35
C ALA A 3 24.42 6.32 4.35
N GLN A 4 24.08 6.64 5.59
CA GLN A 4 23.89 5.65 6.63
C GLN A 4 22.68 6.04 7.46
N GLN A 5 21.52 5.49 7.11
CA GLN A 5 20.28 5.89 7.75
C GLN A 5 19.99 5.06 9.00
N ILE A 6 18.88 4.35 8.99
CA ILE A 6 18.40 3.66 10.17
C ILE A 6 19.22 2.39 10.44
N PRO A 7 19.58 2.16 11.71
CA PRO A 7 20.26 0.93 12.10
C PRO A 7 19.38 -0.27 11.84
N PRO A 8 19.88 -1.24 11.05
CA PRO A 8 19.12 -2.43 10.68
C PRO A 8 18.64 -3.19 11.90
N GLU A 9 19.37 -3.06 12.99
CA GLU A 9 19.01 -3.66 14.26
C GLU A 9 17.65 -3.15 14.76
N VAL A 10 17.48 -1.83 14.77
CA VAL A 10 16.24 -1.27 15.27
C VAL A 10 15.14 -1.45 14.22
N SER A 11 15.49 -1.28 12.96
CA SER A 11 14.51 -1.41 11.89
C SER A 11 14.17 -2.89 11.63
N SER A 12 14.63 -3.77 12.50
CA SER A 12 14.28 -5.17 12.44
C SER A 12 13.23 -5.50 13.48
N GLN A 13 13.25 -4.78 14.60
CA GLN A 13 12.32 -5.06 15.68
C GLN A 13 11.05 -4.23 15.56
N ILE A 14 11.16 -3.01 14.99
CA ILE A 14 9.98 -2.21 14.74
C ILE A 14 9.15 -2.84 13.65
N THR A 15 9.83 -3.38 12.65
CA THR A 15 9.18 -4.04 11.53
C THR A 15 8.62 -5.39 11.96
N ASP A 16 9.29 -5.99 12.94
CA ASP A 16 8.83 -7.21 13.57
C ASP A 16 7.45 -6.98 14.10
N ALA A 17 7.37 -5.95 14.89
CA ALA A 17 6.15 -5.54 15.56
C ALA A 17 5.13 -4.99 14.60
N LEU A 18 5.59 -4.19 13.65
CA LEU A 18 4.71 -3.56 12.69
C LEU A 18 4.08 -4.60 11.79
N THR A 19 4.82 -5.66 11.51
CA THR A 19 4.29 -6.76 10.74
C THR A 19 3.47 -7.63 11.67
N GLN A 20 3.93 -7.73 12.92
CA GLN A 20 3.26 -8.48 13.93
C GLN A 20 1.84 -8.01 14.09
N GLY A 21 1.64 -6.71 14.14
CA GLY A 21 0.31 -6.16 14.18
C GLY A 21 -0.50 -6.53 12.94
N LEU A 22 0.16 -6.62 11.80
CA LEU A 22 -0.50 -7.08 10.58
C LEU A 22 -0.94 -8.52 10.77
N LEU A 23 -0.07 -9.30 11.41
CA LEU A 23 -0.32 -10.72 11.70
C LEU A 23 -1.36 -10.85 12.81
N ASP A 24 -1.20 -10.01 13.84
CA ASP A 24 -2.03 -10.07 15.03
C ASP A 24 -3.41 -9.54 14.72
N GLY A 25 -3.44 -8.53 13.88
CA GLY A 25 -4.71 -8.02 13.41
C GLY A 25 -5.19 -8.82 12.21
N ASN A 26 -5.69 -8.13 11.20
CA ASN A 26 -6.16 -8.82 10.00
C ASN A 26 -5.95 -7.92 8.78
N PHE A 27 -4.72 -7.44 8.61
CA PHE A 27 -4.39 -6.47 7.57
C PHE A 27 -4.79 -6.98 6.18
N LEU A 28 -4.34 -8.18 5.81
CA LEU A 28 -4.66 -8.74 4.50
C LEU A 28 -6.15 -9.05 4.36
N SER A 29 -6.79 -9.32 5.49
CA SER A 29 -8.21 -9.62 5.51
C SER A 29 -9.01 -8.37 5.15
N LEU A 30 -8.48 -7.22 5.56
CA LEU A 30 -9.04 -5.94 5.17
C LEU A 30 -9.03 -5.81 3.67
N LEU A 31 -7.85 -5.96 3.07
CA LEU A 31 -7.70 -6.00 1.61
C LEU A 31 -8.76 -6.87 0.96
N ASN A 32 -8.78 -8.13 1.38
CA ASN A 32 -9.75 -9.11 0.88
C ASN A 32 -11.18 -8.58 0.97
N ALA A 33 -11.43 -7.73 1.96
CA ALA A 33 -12.77 -7.25 2.25
C ALA A 33 -12.97 -5.82 1.75
N ILE A 34 -11.88 -5.23 1.27
CA ILE A 34 -11.90 -3.87 0.73
C ILE A 34 -12.90 -3.79 -0.40
N ASN A 35 -13.76 -2.76 -0.37
CA ASN A 35 -14.78 -2.58 -1.38
C ASN A 35 -14.12 -2.44 -2.75
N LEU A 36 -14.16 -3.52 -3.51
CA LEU A 36 -13.41 -3.62 -4.74
C LEU A 36 -14.22 -3.17 -5.94
N GLU A 37 -15.47 -2.84 -5.69
CA GLU A 37 -16.36 -2.41 -6.75
C GLU A 37 -15.86 -1.13 -7.40
N GLY A 38 -15.20 -0.27 -6.63
CA GLY A 38 -14.67 0.96 -7.19
C GLY A 38 -13.70 0.68 -8.32
N LEU A 39 -12.83 -0.31 -8.09
CA LEU A 39 -11.93 -0.78 -9.12
C LEU A 39 -12.70 -1.35 -10.28
N LEU A 40 -13.47 -2.38 -9.98
CA LEU A 40 -14.33 -3.04 -10.96
C LEU A 40 -15.01 -2.01 -11.86
N ASN A 41 -15.76 -1.11 -11.24
CA ASN A 41 -16.48 -0.08 -11.98
C ASN A 41 -15.53 0.80 -12.78
N THR A 42 -14.44 1.25 -12.14
CA THR A 42 -13.47 2.12 -12.81
C THR A 42 -12.84 1.44 -14.03
N ILE A 43 -12.31 0.25 -13.82
CA ILE A 43 -11.68 -0.50 -14.89
C ILE A 43 -12.66 -0.73 -16.05
N LEU A 44 -13.83 -1.28 -15.73
CA LEU A 44 -14.85 -1.53 -16.74
C LEU A 44 -15.22 -0.25 -17.48
N ASP A 45 -15.43 0.82 -16.73
CA ASP A 45 -15.84 2.10 -17.31
C ASP A 45 -14.85 2.56 -18.37
N GLN A 46 -13.57 2.50 -18.04
CA GLN A 46 -12.54 3.00 -18.92
C GLN A 46 -12.20 2.04 -20.06
N VAL A 47 -12.07 0.75 -19.75
CA VAL A 47 -11.62 -0.22 -20.75
C VAL A 47 -12.68 -0.47 -21.81
N THR A 48 -13.96 -0.29 -21.48
CA THR A 48 -15.02 -0.55 -22.43
C THR A 48 -15.09 0.53 -23.49
N GLY A 49 -14.84 1.77 -23.10
CA GLY A 49 -14.85 2.86 -24.03
C GLY A 49 -13.58 2.94 -24.84
N LEU A 50 -12.46 2.83 -24.14
CA LEU A 50 -11.15 2.90 -24.73
C LEU A 50 -10.90 1.76 -25.74
N LEU A 51 -11.43 0.58 -25.44
CA LEU A 51 -11.20 -0.58 -26.31
C LEU A 51 -12.09 -0.55 -27.53
N ASN A 52 -13.40 -0.68 -27.34
CA ASN A 52 -14.31 -0.87 -28.47
C ASN A 52 -15.77 -0.92 -28.06
N ILE A 53 -16.05 -1.48 -26.88
CA ILE A 53 -17.44 -1.74 -26.45
C ILE A 53 -18.30 -0.48 -26.52
N LEU A 54 -17.80 0.61 -25.94
CA LEU A 54 -18.54 1.85 -25.91
C LEU A 54 -18.08 2.81 -27.00
N VAL A 55 -17.84 2.26 -28.16
CA VAL A 55 -17.52 3.06 -29.35
C VAL A 55 -18.75 3.86 -29.77
N GLY A 56 -19.91 3.40 -29.32
CA GLY A 56 -21.16 4.04 -29.63
C GLY A 56 -22.31 3.18 -29.20
N PRO A 57 -22.79 2.32 -30.11
CA PRO A 57 -23.79 1.31 -29.81
C PRO A 57 -23.25 0.26 -28.86
N LEU A 58 -24.11 -0.27 -28.00
CA LEU A 58 -23.71 -1.35 -27.10
C LEU A 58 -23.57 -2.64 -27.88
N LEU A 59 -22.37 -2.89 -28.38
CA LEU A 59 -22.10 -4.06 -29.21
C LEU A 59 -22.07 -5.35 -28.37
N GLY A 60 -22.18 -5.20 -27.07
CA GLY A 60 -22.21 -6.36 -26.20
C GLY A 60 -22.34 -5.98 -24.74
N PRO A 61 -22.66 -6.95 -23.88
CA PRO A 61 -22.79 -6.73 -22.46
C PRO A 61 -21.49 -7.01 -21.73
N SER A 62 -20.55 -6.09 -21.83
CA SER A 62 -19.23 -6.27 -21.24
C SER A 62 -19.27 -6.02 -19.75
N ASP A 63 -19.93 -6.91 -19.02
CA ASP A 63 -19.97 -6.84 -17.58
C ASP A 63 -18.89 -7.71 -16.99
N ALA A 64 -18.70 -7.61 -15.69
CA ALA A 64 -17.65 -8.33 -15.02
C ALA A 64 -17.78 -8.22 -13.51
N GLU A 65 -16.90 -8.91 -12.82
CA GLU A 65 -16.85 -8.86 -11.37
C GLU A 65 -15.40 -8.82 -10.97
N ILE A 66 -15.12 -8.21 -9.85
CA ILE A 66 -13.76 -8.08 -9.39
C ILE A 66 -13.58 -8.77 -8.06
N LYS A 67 -12.46 -9.44 -7.91
CA LYS A 67 -12.17 -10.21 -6.71
C LYS A 67 -10.68 -10.19 -6.46
N LEU A 68 -10.28 -10.25 -5.21
CA LEU A 68 -8.87 -10.40 -4.90
C LEU A 68 -8.48 -11.86 -4.99
N GLN A 69 -7.27 -12.10 -5.47
CA GLN A 69 -6.83 -13.44 -5.82
C GLN A 69 -5.81 -13.96 -4.82
N ASP A 70 -4.82 -13.14 -4.50
CA ASP A 70 -3.78 -13.54 -3.56
C ASP A 70 -3.17 -12.32 -2.89
N THR A 71 -3.52 -12.16 -1.64
CA THR A 71 -2.99 -11.09 -0.84
C THR A 71 -1.96 -11.60 0.15
N ARG A 72 -0.82 -10.95 0.16
CA ARG A 72 0.25 -11.29 1.07
C ARG A 72 1.03 -10.06 1.49
N LEU A 73 1.93 -10.30 2.40
CA LEU A 73 2.81 -9.28 2.96
C LEU A 73 4.26 -9.70 2.84
N LEU A 74 5.13 -8.74 2.54
CA LEU A 74 6.56 -9.02 2.46
C LEU A 74 7.24 -8.52 3.73
N GLN A 75 8.53 -8.19 3.65
CA GLN A 75 9.27 -7.77 4.81
C GLN A 75 9.31 -6.25 4.87
N LEU A 76 8.88 -5.78 6.00
CA LEU A 76 8.76 -4.35 6.28
C LEU A 76 10.12 -3.70 6.45
N SER A 77 10.14 -2.39 6.41
CA SER A 77 11.36 -1.62 6.61
C SER A 77 11.00 -0.19 6.98
N LEU A 78 12.02 0.57 7.35
CA LEU A 78 11.84 1.94 7.79
C LEU A 78 12.84 2.85 7.07
N GLU A 79 12.45 4.10 6.88
CA GLU A 79 13.30 5.09 6.25
C GLU A 79 13.14 6.43 6.97
N PHE A 80 14.21 7.20 7.09
CA PHE A 80 14.14 8.51 7.74
C PHE A 80 13.38 9.51 6.90
N SER A 81 12.57 10.32 7.57
CA SER A 81 11.78 11.36 6.92
C SER A 81 12.69 12.50 6.48
N PRO A 82 12.33 13.19 5.39
CA PRO A 82 13.09 14.35 4.88
C PRO A 82 12.89 15.60 5.73
N ASP A 83 12.36 15.42 6.92
CA ASP A 83 12.15 16.53 7.84
C ASP A 83 12.94 16.33 9.12
N SER A 84 13.65 15.20 9.20
CA SER A 84 14.41 14.83 10.40
C SER A 84 13.56 14.83 11.66
N LYS A 85 12.25 14.71 11.50
CA LYS A 85 11.33 14.74 12.64
C LYS A 85 10.30 13.63 12.53
N GLY A 86 10.72 12.56 11.89
CA GLY A 86 9.89 11.39 11.78
C GLY A 86 10.54 10.30 10.98
N ILE A 87 9.87 9.18 10.88
CA ILE A 87 10.33 8.07 10.09
C ILE A 87 9.21 7.55 9.19
N ASP A 88 9.56 7.24 7.96
CA ASP A 88 8.62 6.71 6.98
C ASP A 88 8.67 5.19 7.03
N ILE A 89 7.55 4.58 7.37
CA ILE A 89 7.48 3.13 7.45
C ILE A 89 6.97 2.58 6.14
N TRP A 90 7.74 1.67 5.57
CA TRP A 90 7.40 1.10 4.29
C TRP A 90 6.91 -0.33 4.43
N ILE A 91 5.60 -0.48 4.42
CA ILE A 91 4.98 -1.78 4.48
C ILE A 91 4.69 -2.29 3.08
N PRO A 92 5.45 -3.28 2.63
CA PRO A 92 5.34 -3.82 1.29
C PRO A 92 4.24 -4.89 1.19
N LEU A 93 3.38 -4.73 0.20
CA LEU A 93 2.29 -5.66 -0.03
C LEU A 93 2.41 -6.30 -1.41
N GLU A 94 1.92 -7.50 -1.50
CA GLU A 94 1.76 -8.18 -2.78
C GLU A 94 0.37 -8.75 -2.85
N LEU A 95 -0.47 -8.15 -3.66
CA LEU A 95 -1.83 -8.63 -3.79
C LEU A 95 -2.16 -8.82 -5.26
N SER A 96 -2.95 -9.83 -5.53
CA SER A 96 -3.33 -10.17 -6.88
C SER A 96 -4.81 -9.92 -7.05
N VAL A 97 -5.21 -9.40 -8.18
CA VAL A 97 -6.60 -9.08 -8.44
C VAL A 97 -7.12 -9.91 -9.60
N TYR A 98 -8.37 -10.30 -9.52
CA TYR A 98 -8.95 -11.22 -10.48
C TYR A 98 -10.25 -10.65 -11.05
N LEU A 99 -10.29 -10.46 -12.37
CA LEU A 99 -11.49 -10.02 -13.06
C LEU A 99 -12.28 -11.21 -13.58
N LYS A 100 -13.59 -11.19 -13.35
CA LYS A 100 -14.47 -12.27 -13.80
C LYS A 100 -15.49 -11.72 -14.79
N LEU A 101 -15.21 -11.89 -16.08
CA LEU A 101 -16.07 -11.36 -17.13
C LEU A 101 -17.27 -12.27 -17.34
N LEU A 102 -18.22 -11.84 -18.15
CA LEU A 102 -19.39 -12.66 -18.43
C LEU A 102 -18.99 -13.99 -19.08
N ILE A 103 -18.34 -13.92 -20.24
CA ILE A 103 -17.89 -15.12 -20.93
C ILE A 103 -16.48 -14.93 -21.49
N LEU A 104 -15.90 -13.77 -21.24
CA LEU A 104 -14.55 -13.48 -21.69
C LEU A 104 -13.56 -14.13 -20.73
N GLU A 105 -12.35 -14.40 -21.22
CA GLU A 105 -11.33 -15.04 -20.41
C GLU A 105 -11.00 -14.18 -19.19
N PRO A 106 -11.09 -14.74 -17.98
CA PRO A 106 -10.79 -14.01 -16.75
C PRO A 106 -9.31 -13.72 -16.61
N LEU A 107 -8.99 -12.48 -16.26
CA LEU A 107 -7.60 -12.07 -16.16
C LEU A 107 -7.22 -11.91 -14.71
N THR A 108 -5.93 -11.93 -14.45
CA THR A 108 -5.42 -11.76 -13.11
C THR A 108 -4.30 -10.73 -13.10
N LEU A 109 -4.45 -9.74 -12.25
CA LEU A 109 -3.50 -8.67 -12.13
C LEU A 109 -2.68 -8.87 -10.87
N TYR A 110 -1.53 -8.24 -10.82
CA TYR A 110 -0.66 -8.31 -9.68
C TYR A 110 -0.25 -6.90 -9.29
N VAL A 111 -0.35 -6.57 -8.03
CA VAL A 111 0.11 -5.27 -7.59
C VAL A 111 0.95 -5.39 -6.33
N ARG A 112 2.10 -4.77 -6.40
CA ARG A 112 3.02 -4.72 -5.30
C ARG A 112 3.19 -3.27 -4.88
N THR A 113 2.56 -2.93 -3.78
CA THR A 113 2.59 -1.58 -3.26
C THR A 113 3.39 -1.54 -1.96
N ASP A 114 4.10 -0.45 -1.74
CA ASP A 114 4.82 -0.27 -0.50
C ASP A 114 4.24 0.90 0.26
N ILE A 115 3.47 0.59 1.30
CA ILE A 115 2.85 1.62 2.13
C ILE A 115 3.90 2.52 2.76
N ARG A 116 3.56 3.78 2.94
CA ARG A 116 4.47 4.74 3.53
C ARG A 116 3.73 5.61 4.54
N VAL A 117 3.82 5.24 5.80
CA VAL A 117 3.24 6.06 6.85
C VAL A 117 4.36 6.75 7.62
N GLN A 118 4.13 7.98 8.02
CA GLN A 118 5.13 8.70 8.79
C GLN A 118 4.80 8.69 10.25
N LEU A 119 5.75 8.22 11.03
CA LEU A 119 5.68 8.35 12.46
C LEU A 119 6.54 9.52 12.88
N ARG A 120 5.89 10.66 12.97
CA ARG A 120 6.53 11.91 13.29
C ARG A 120 6.91 11.96 14.75
N LEU A 121 7.55 13.04 15.13
CA LEU A 121 7.90 13.24 16.51
C LEU A 121 7.06 14.34 17.13
N GLU A 122 6.47 14.03 18.26
CA GLU A 122 5.72 15.00 19.04
C GLU A 122 5.98 14.82 20.52
N SER A 123 5.66 15.86 21.26
CA SER A 123 5.78 15.84 22.71
C SER A 123 4.38 15.86 23.32
N ASP A 124 4.14 14.94 24.23
CA ASP A 124 2.81 14.74 24.76
C ASP A 124 2.63 15.53 26.05
N GLU A 125 1.61 15.19 26.83
CA GLU A 125 1.24 15.95 28.01
C GLU A 125 2.38 16.04 29.03
N ASP A 126 3.07 14.93 29.28
CA ASP A 126 4.19 14.93 30.22
C ASP A 126 5.45 15.54 29.60
N GLY A 127 5.29 16.21 28.46
CA GLY A 127 6.42 16.82 27.79
C GLY A 127 7.34 15.80 27.16
N LYS A 128 6.96 14.53 27.24
CA LYS A 128 7.76 13.45 26.71
C LYS A 128 7.47 13.24 25.25
N TYR A 129 8.33 12.48 24.63
CA TYR A 129 8.27 12.30 23.20
C TYR A 129 7.57 11.00 22.84
N ARG A 130 6.80 11.07 21.78
CA ARG A 130 5.99 9.96 21.34
C ARG A 130 6.10 9.82 19.84
N LEU A 131 5.48 8.77 19.34
CA LEU A 131 5.41 8.54 17.92
C LEU A 131 4.12 9.17 17.40
N ALA A 132 4.28 10.11 16.50
CA ALA A 132 3.17 10.88 15.98
C ALA A 132 2.75 10.39 14.59
N PHE A 133 1.77 9.51 14.55
CA PHE A 133 1.24 9.01 13.29
C PHE A 133 0.53 10.15 12.57
N GLY A 134 1.18 10.71 11.57
CA GLY A 134 0.62 11.87 10.90
C GLY A 134 0.39 11.67 9.41
N HIS A 135 0.97 10.62 8.85
CA HIS A 135 0.87 10.40 7.42
C HIS A 135 0.72 8.91 7.17
N CYS A 136 -0.13 8.54 6.22
CA CYS A 136 -0.35 7.13 5.91
C CYS A 136 -0.76 6.95 4.46
N SER A 137 0.18 7.14 3.57
CA SER A 137 -0.08 7.00 2.14
C SER A 137 0.48 5.70 1.62
N LEU A 138 -0.32 4.97 0.87
CA LEU A 138 0.13 3.75 0.25
C LEU A 138 0.69 4.05 -1.13
N LEU A 139 1.81 3.44 -1.46
CA LEU A 139 2.51 3.75 -2.70
C LEU A 139 2.66 2.52 -3.58
N PRO A 140 1.87 2.47 -4.64
CA PRO A 140 1.86 1.34 -5.58
C PRO A 140 3.10 1.35 -6.46
N ARG A 141 4.02 0.42 -6.19
CA ARG A 141 5.28 0.38 -6.91
C ARG A 141 5.21 -0.56 -8.10
N ALA A 142 4.38 -1.59 -8.02
CA ALA A 142 4.31 -2.59 -9.07
C ALA A 142 2.88 -2.97 -9.39
N ILE A 143 2.58 -2.98 -10.68
CA ILE A 143 1.31 -3.46 -11.18
C ILE A 143 1.53 -4.27 -12.47
N GLU A 144 1.60 -5.58 -12.33
CA GLU A 144 1.89 -6.47 -13.46
C GLU A 144 0.70 -7.34 -13.80
N LEU A 145 0.71 -7.88 -15.00
CA LEU A 145 -0.30 -8.81 -15.46
C LEU A 145 0.18 -10.25 -15.29
N GLN A 146 -0.68 -11.10 -14.74
CA GLN A 146 -0.38 -12.51 -14.60
C GLN A 146 -1.54 -13.36 -15.11
N SER A 147 -1.61 -13.53 -16.42
CA SER A 147 -2.71 -14.25 -17.03
C SER A 147 -2.25 -15.10 -18.22
N GLY A 148 -1.24 -14.61 -18.93
CA GLY A 148 -0.76 -15.32 -20.10
C GLY A 148 -0.12 -14.39 -21.09
N ASN A 149 -0.11 -14.78 -22.36
CA ASN A 149 0.53 -14.01 -23.40
C ASN A 149 -0.36 -12.86 -23.88
N PRO A 150 0.24 -11.67 -24.05
CA PRO A 150 -0.49 -10.46 -24.42
C PRO A 150 -0.85 -10.39 -25.90
N LEU A 151 -0.80 -11.53 -26.57
CA LEU A 151 -1.07 -11.59 -28.00
C LEU A 151 -2.57 -11.69 -28.25
N SER A 152 -3.23 -12.59 -27.55
CA SER A 152 -4.66 -12.81 -27.76
C SER A 152 -5.48 -12.09 -26.69
N LEU A 153 -4.85 -11.77 -25.57
CA LEU A 153 -5.54 -11.10 -24.48
C LEU A 153 -5.60 -9.60 -24.73
N PRO A 154 -6.67 -8.96 -24.26
CA PRO A 154 -6.83 -7.51 -24.33
C PRO A 154 -5.86 -6.82 -23.36
N VAL A 155 -4.83 -6.20 -23.90
CA VAL A 155 -3.78 -5.61 -23.08
C VAL A 155 -3.37 -4.23 -23.59
N ASN A 156 -2.23 -3.73 -23.10
CA ASN A 156 -1.69 -2.42 -23.48
C ASN A 156 -2.62 -1.29 -23.03
N ALA A 157 -3.66 -1.05 -23.81
CA ALA A 157 -4.67 -0.05 -23.46
C ALA A 157 -5.32 -0.41 -22.15
N VAL A 158 -5.59 -1.69 -22.01
CA VAL A 158 -6.23 -2.23 -20.84
C VAL A 158 -5.33 -2.09 -19.63
N LEU A 159 -4.08 -2.46 -19.80
CA LEU A 159 -3.13 -2.49 -18.71
C LEU A 159 -2.80 -1.09 -18.23
N GLY A 160 -2.58 -0.17 -19.17
CA GLY A 160 -2.45 1.24 -18.81
C GLY A 160 -3.60 1.71 -17.93
N THR A 161 -4.78 1.16 -18.16
CA THR A 161 -5.95 1.50 -17.37
C THR A 161 -5.97 0.73 -16.05
N ILE A 162 -5.53 -0.52 -16.08
CA ILE A 162 -5.41 -1.33 -14.87
C ILE A 162 -4.39 -0.69 -13.91
N GLU A 163 -3.27 -0.24 -14.46
CA GLU A 163 -2.26 0.43 -13.66
C GLU A 163 -2.79 1.76 -13.16
N ASN A 164 -3.61 2.39 -13.99
CA ASN A 164 -4.31 3.61 -13.60
C ASN A 164 -5.19 3.32 -12.39
N ALA A 165 -6.04 2.33 -12.55
CA ALA A 165 -7.02 1.96 -11.53
C ALA A 165 -6.35 1.43 -10.27
N LEU A 166 -5.45 0.47 -10.43
CA LEU A 166 -4.78 -0.13 -9.29
C LEU A 166 -3.94 0.90 -8.58
N GLY A 167 -3.19 1.69 -9.34
CA GLY A 167 -2.40 2.76 -8.75
C GLY A 167 -3.25 3.75 -7.98
N ASN A 168 -4.54 3.78 -8.30
CA ASN A 168 -5.48 4.64 -7.58
C ASN A 168 -6.02 3.93 -6.34
N PHE A 169 -6.30 2.65 -6.49
CA PHE A 169 -6.97 1.87 -5.46
C PHE A 169 -6.10 1.64 -4.24
N ILE A 170 -4.82 1.41 -4.46
CA ILE A 170 -3.89 1.27 -3.34
C ILE A 170 -3.92 2.51 -2.47
N THR A 171 -3.81 3.65 -3.11
CA THR A 171 -3.59 4.90 -2.41
C THR A 171 -4.89 5.39 -1.79
N GLU A 172 -5.89 5.49 -2.62
CA GLU A 172 -7.19 6.00 -2.21
C GLU A 172 -8.00 5.00 -1.40
N ASP A 173 -8.18 3.81 -1.95
CA ASP A 173 -9.10 2.84 -1.37
C ASP A 173 -8.43 2.09 -0.23
N LEU A 174 -7.24 1.56 -0.48
CA LEU A 174 -6.52 0.81 0.52
C LEU A 174 -6.05 1.73 1.64
N GLY A 175 -5.50 2.89 1.29
CA GLY A 175 -5.13 3.86 2.31
C GLY A 175 -6.30 4.39 3.10
N ALA A 176 -7.49 3.92 2.77
CA ALA A 176 -8.68 4.25 3.52
C ALA A 176 -9.06 3.11 4.45
N GLY A 177 -9.00 1.90 3.91
CA GLY A 177 -9.41 0.73 4.66
C GLY A 177 -8.32 0.25 5.61
N LEU A 178 -7.09 0.57 5.28
CA LEU A 178 -5.95 0.02 6.01
C LEU A 178 -5.27 1.06 6.90
N CYS A 179 -5.56 2.33 6.66
CA CYS A 179 -4.92 3.43 7.40
C CYS A 179 -5.16 3.32 8.91
N PRO A 180 -6.43 3.21 9.37
CA PRO A 180 -6.72 3.09 10.81
C PRO A 180 -6.00 1.91 11.46
N THR A 181 -5.94 0.80 10.73
CA THR A 181 -5.25 -0.40 11.19
C THR A 181 -3.78 -0.11 11.46
N LEU A 182 -3.11 0.52 10.50
CA LEU A 182 -1.71 0.86 10.65
C LEU A 182 -1.51 1.78 11.83
N ASN A 183 -2.38 2.76 11.93
CA ASN A 183 -2.36 3.71 13.04
C ASN A 183 -2.69 3.02 14.36
N SER A 184 -3.10 1.77 14.29
CA SER A 184 -3.40 1.01 15.49
C SER A 184 -2.19 0.17 15.87
N LEU A 185 -1.61 -0.51 14.88
CA LEU A 185 -0.47 -1.37 15.10
C LEU A 185 0.73 -0.58 15.58
N VAL A 186 1.11 0.45 14.83
CA VAL A 186 2.24 1.32 15.19
C VAL A 186 2.05 1.92 16.58
N SER A 187 0.82 2.23 16.91
CA SER A 187 0.51 2.89 18.17
C SER A 187 0.40 1.90 19.31
N ASN A 188 0.43 0.62 18.99
CA ASN A 188 0.26 -0.41 19.98
C ASN A 188 1.47 -1.34 20.09
N LEU A 189 2.54 -1.04 19.37
CA LEU A 189 3.72 -1.86 19.47
C LEU A 189 4.53 -1.57 20.74
N ASP A 190 5.77 -2.04 20.72
CA ASP A 190 6.69 -1.90 21.84
C ASP A 190 6.97 -0.44 22.17
N LEU A 191 6.92 -0.11 23.45
CA LEU A 191 7.25 1.22 23.91
C LEU A 191 8.74 1.49 23.71
N GLN A 192 9.53 0.43 23.71
CA GLN A 192 10.96 0.55 23.45
C GLN A 192 11.17 0.88 21.98
N LEU A 193 10.42 0.22 21.13
CA LEU A 193 10.44 0.46 19.68
C LEU A 193 10.04 1.91 19.39
N VAL A 194 8.94 2.35 20.00
CA VAL A 194 8.53 3.74 19.98
C VAL A 194 9.72 4.66 20.21
N ASN A 195 10.36 4.49 21.34
CA ASN A 195 11.48 5.33 21.74
C ASN A 195 12.70 5.13 20.85
N ASN A 196 12.90 3.91 20.36
CA ASN A 196 14.00 3.63 19.43
C ASN A 196 13.89 4.48 18.18
N LEU A 197 12.67 4.64 17.66
CA LEU A 197 12.45 5.51 16.54
C LEU A 197 12.67 6.96 16.95
N ILE A 198 12.05 7.33 18.06
CA ILE A 198 12.12 8.68 18.58
C ILE A 198 13.55 9.14 18.81
N ASN A 199 14.26 8.43 19.68
CA ASN A 199 15.62 8.81 20.06
C ASN A 199 16.55 8.79 18.86
N LEU A 200 16.16 8.07 17.83
CA LEU A 200 16.95 7.94 16.65
C LEU A 200 16.65 9.10 15.71
N ILE A 201 15.40 9.52 15.66
CA ILE A 201 15.03 10.74 14.98
C ILE A 201 15.69 11.95 15.63
N LEU A 202 15.61 12.01 16.97
CA LEU A 202 16.24 13.06 17.75
C LEU A 202 17.74 13.06 17.52
N ASP A 203 18.26 11.87 17.26
CA ASP A 203 19.67 11.66 16.94
C ASP A 203 20.03 12.35 15.64
N ARG A 204 19.23 12.09 14.62
CA ARG A 204 19.46 12.64 13.29
C ARG A 204 19.04 14.10 13.22
N ALA A 205 18.08 14.46 14.05
CA ALA A 205 17.60 15.82 14.16
C ALA A 205 18.66 16.72 14.76
N ASN A 206 19.41 16.18 15.71
CA ASN A 206 20.46 16.93 16.37
C ASN A 206 21.49 15.99 16.99
N VAL A 207 21.07 15.24 18.02
CA VAL A 207 21.95 14.27 18.66
C VAL A 207 21.21 13.40 19.68
N ASP A 208 20.55 14.02 20.65
CA ASP A 208 19.78 13.27 21.65
C ASP A 208 18.55 14.08 22.08
N LEU A 209 18.30 15.16 21.36
CA LEU A 209 17.17 16.03 21.64
C LEU A 209 16.69 16.65 20.35
N SER A 210 15.41 16.99 20.29
CA SER A 210 14.81 17.55 19.10
C SER A 210 15.10 19.04 19.01
N VAL A 211 15.37 19.51 17.80
CA VAL A 211 15.66 20.92 17.58
C VAL A 211 14.45 21.62 16.99
N ALA A 1 21.40 2.50 -2.25
CA ALA A 1 21.87 3.80 -1.73
C ALA A 1 22.09 3.72 -0.22
N MET A 2 23.32 3.46 0.18
CA MET A 2 23.65 3.32 1.60
C MET A 2 23.98 4.68 2.20
N ALA A 3 23.06 5.62 2.04
CA ALA A 3 23.22 6.95 2.61
C ALA A 3 22.60 7.01 3.99
N GLN A 4 23.44 6.82 5.01
CA GLN A 4 23.00 6.79 6.41
C GLN A 4 22.12 5.57 6.70
N GLN A 5 20.84 5.68 6.36
CA GLN A 5 19.86 4.61 6.59
C GLN A 5 19.61 4.37 8.08
N ILE A 6 18.56 3.63 8.36
CA ILE A 6 18.19 3.26 9.71
C ILE A 6 18.94 2.01 10.15
N PRO A 7 19.38 1.94 11.43
CA PRO A 7 20.08 0.78 11.95
C PRO A 7 19.20 -0.45 11.90
N PRO A 8 19.70 -1.51 11.24
CA PRO A 8 19.01 -2.79 11.14
C PRO A 8 18.57 -3.32 12.51
N GLU A 9 19.35 -3.01 13.54
CA GLU A 9 19.05 -3.49 14.88
C GLU A 9 17.77 -2.88 15.44
N VAL A 10 17.34 -1.75 14.89
CA VAL A 10 16.16 -1.13 15.42
C VAL A 10 15.01 -1.38 14.46
N SER A 11 15.27 -1.23 13.17
CA SER A 11 14.26 -1.44 12.16
C SER A 11 13.77 -2.90 12.15
N SER A 12 14.60 -3.80 12.67
CA SER A 12 14.26 -5.22 12.68
C SER A 12 13.14 -5.53 13.66
N GLN A 13 13.08 -4.81 14.76
CA GLN A 13 12.08 -5.08 15.79
C GLN A 13 10.80 -4.28 15.57
N ILE A 14 10.91 -3.10 14.96
CA ILE A 14 9.74 -2.31 14.64
C ILE A 14 8.94 -2.97 13.54
N THR A 15 9.64 -3.47 12.53
CA THR A 15 9.00 -4.12 11.42
C THR A 15 8.44 -5.47 11.84
N ASP A 16 9.09 -6.06 12.83
CA ASP A 16 8.65 -7.29 13.44
C ASP A 16 7.27 -7.09 14.00
N ALA A 17 7.18 -6.06 14.81
CA ALA A 17 5.97 -5.69 15.50
C ALA A 17 4.93 -5.12 14.57
N LEU A 18 5.39 -4.32 13.61
CA LEU A 18 4.49 -3.72 12.65
C LEU A 18 3.86 -4.80 11.80
N THR A 19 4.65 -5.81 11.46
CA THR A 19 4.13 -6.91 10.68
C THR A 19 3.30 -7.77 11.59
N GLN A 20 3.71 -7.86 12.85
CA GLN A 20 3.02 -8.60 13.84
C GLN A 20 1.59 -8.09 13.99
N GLY A 21 1.45 -6.78 14.03
CA GLY A 21 0.15 -6.17 14.05
C GLY A 21 -0.62 -6.43 12.77
N LEU A 22 0.08 -6.58 11.67
CA LEU A 22 -0.56 -6.98 10.42
C LEU A 22 -1.08 -8.40 10.55
N LEU A 23 -0.25 -9.25 11.17
CA LEU A 23 -0.60 -10.63 11.44
C LEU A 23 -1.73 -10.69 12.45
N ASP A 24 -1.62 -9.85 13.47
CA ASP A 24 -2.58 -9.81 14.57
C ASP A 24 -3.88 -9.15 14.16
N GLY A 25 -3.77 -8.04 13.45
CA GLY A 25 -4.93 -7.26 13.10
C GLY A 25 -5.42 -7.54 11.69
N ASN A 26 -5.28 -8.80 11.26
CA ASN A 26 -5.74 -9.30 9.96
C ASN A 26 -5.69 -8.26 8.83
N PHE A 27 -4.50 -7.70 8.61
CA PHE A 27 -4.31 -6.64 7.62
C PHE A 27 -4.72 -7.11 6.22
N LEU A 28 -4.28 -8.31 5.82
CA LEU A 28 -4.62 -8.86 4.51
C LEU A 28 -6.11 -9.13 4.37
N SER A 29 -6.76 -9.38 5.49
CA SER A 29 -8.19 -9.63 5.50
C SER A 29 -8.94 -8.36 5.14
N LEU A 30 -8.40 -7.23 5.59
CA LEU A 30 -8.92 -5.93 5.22
C LEU A 30 -8.94 -5.78 3.71
N LEU A 31 -7.77 -5.98 3.10
CA LEU A 31 -7.62 -6.01 1.64
C LEU A 31 -8.70 -6.85 0.99
N ASN A 32 -8.76 -8.11 1.40
CA ASN A 32 -9.75 -9.06 0.88
C ASN A 32 -11.17 -8.49 0.98
N ALA A 33 -11.39 -7.68 2.01
CA ALA A 33 -12.72 -7.15 2.32
C ALA A 33 -12.88 -5.73 1.80
N ILE A 34 -11.79 -5.18 1.29
CA ILE A 34 -11.76 -3.83 0.77
C ILE A 34 -12.78 -3.66 -0.36
N ASN A 35 -13.44 -2.51 -0.36
CA ASN A 35 -14.41 -2.15 -1.40
C ASN A 35 -13.78 -2.30 -2.77
N LEU A 36 -14.08 -3.40 -3.44
CA LEU A 36 -13.44 -3.73 -4.70
C LEU A 36 -14.31 -3.35 -5.87
N GLU A 37 -15.53 -2.91 -5.57
CA GLU A 37 -16.44 -2.55 -6.62
C GLU A 37 -15.96 -1.28 -7.30
N GLY A 38 -15.25 -0.44 -6.54
CA GLY A 38 -14.69 0.77 -7.12
C GLY A 38 -13.74 0.45 -8.24
N LEU A 39 -12.88 -0.53 -8.00
CA LEU A 39 -11.97 -1.00 -9.03
C LEU A 39 -12.74 -1.58 -10.19
N LEU A 40 -13.52 -2.61 -9.88
CA LEU A 40 -14.38 -3.26 -10.85
C LEU A 40 -15.09 -2.22 -11.73
N ASN A 41 -15.84 -1.34 -11.11
CA ASN A 41 -16.61 -0.35 -11.86
C ASN A 41 -15.70 0.63 -12.61
N THR A 42 -14.55 0.99 -12.03
CA THR A 42 -13.58 1.85 -12.71
C THR A 42 -12.99 1.18 -13.95
N ILE A 43 -12.46 -0.02 -13.77
CA ILE A 43 -11.85 -0.76 -14.86
C ILE A 43 -12.84 -0.96 -16.00
N LEU A 44 -14.04 -1.43 -15.67
CA LEU A 44 -15.08 -1.62 -16.67
C LEU A 44 -15.44 -0.31 -17.35
N ASP A 45 -15.40 0.78 -16.59
CA ASP A 45 -15.76 2.10 -17.10
C ASP A 45 -14.77 2.58 -18.17
N GLN A 46 -13.49 2.43 -17.88
CA GLN A 46 -12.45 2.91 -18.77
C GLN A 46 -12.16 1.95 -19.93
N VAL A 47 -12.10 0.66 -19.65
CA VAL A 47 -11.73 -0.30 -20.69
C VAL A 47 -12.76 -0.35 -21.81
N THR A 48 -13.99 0.07 -21.51
CA THR A 48 -15.05 0.09 -22.51
C THR A 48 -14.87 1.27 -23.46
N GLY A 49 -14.05 2.24 -23.04
CA GLY A 49 -13.72 3.34 -23.91
C GLY A 49 -12.54 3.01 -24.80
N LEU A 50 -11.50 2.46 -24.18
CA LEU A 50 -10.30 2.03 -24.89
C LEU A 50 -10.62 1.01 -25.99
N LEU A 51 -11.50 0.07 -25.68
CA LEU A 51 -11.80 -1.00 -26.63
C LEU A 51 -13.04 -0.66 -27.47
N ASN A 52 -13.54 0.56 -27.25
CA ASN A 52 -14.68 1.12 -27.98
C ASN A 52 -15.89 0.18 -27.93
N ILE A 53 -16.31 -0.19 -26.73
CA ILE A 53 -17.53 -0.95 -26.57
C ILE A 53 -18.74 -0.06 -26.87
N LEU A 54 -18.61 1.22 -26.51
CA LEU A 54 -19.65 2.19 -26.80
C LEU A 54 -19.59 2.60 -28.26
N VAL A 55 -20.21 1.80 -29.09
CA VAL A 55 -20.28 2.06 -30.52
C VAL A 55 -21.18 3.26 -30.79
N GLY A 56 -22.17 3.42 -29.93
CA GLY A 56 -23.10 4.53 -30.07
C GLY A 56 -24.23 4.43 -29.08
N PRO A 57 -25.47 4.33 -29.55
CA PRO A 57 -26.63 4.15 -28.68
C PRO A 57 -26.63 2.78 -28.01
N LEU A 58 -26.04 1.82 -28.70
CA LEU A 58 -25.96 0.44 -28.22
C LEU A 58 -24.54 0.13 -27.76
N LEU A 59 -24.40 -0.98 -27.05
CA LEU A 59 -23.10 -1.46 -26.62
C LEU A 59 -23.15 -2.96 -26.38
N GLY A 60 -21.98 -3.58 -26.30
CA GLY A 60 -21.91 -5.00 -26.05
C GLY A 60 -22.15 -5.37 -24.60
N PRO A 61 -22.28 -6.67 -24.29
CA PRO A 61 -22.48 -7.14 -22.91
C PRO A 61 -21.20 -7.09 -22.08
N SER A 62 -20.77 -5.88 -21.78
CA SER A 62 -19.57 -5.67 -20.99
C SER A 62 -19.85 -5.83 -19.51
N ASP A 63 -19.96 -7.07 -19.08
CA ASP A 63 -20.14 -7.37 -17.66
C ASP A 63 -18.93 -8.09 -17.13
N ALA A 64 -18.75 -8.04 -15.82
CA ALA A 64 -17.59 -8.61 -15.19
C ALA A 64 -17.71 -8.54 -13.68
N GLU A 65 -16.77 -9.14 -13.01
CA GLU A 65 -16.74 -9.19 -11.56
C GLU A 65 -15.30 -9.16 -11.10
N ILE A 66 -15.05 -8.63 -9.92
CA ILE A 66 -13.68 -8.47 -9.46
C ILE A 66 -13.43 -9.25 -8.18
N LYS A 67 -12.23 -9.79 -8.06
CA LYS A 67 -11.84 -10.59 -6.91
C LYS A 67 -10.42 -10.26 -6.52
N LEU A 68 -10.10 -10.41 -5.25
CA LEU A 68 -8.72 -10.44 -4.83
C LEU A 68 -8.25 -11.87 -4.80
N GLN A 69 -7.07 -12.09 -5.33
CA GLN A 69 -6.59 -13.44 -5.61
C GLN A 69 -5.62 -13.91 -4.53
N ASP A 70 -4.50 -13.22 -4.43
CA ASP A 70 -3.45 -13.60 -3.49
C ASP A 70 -2.94 -12.36 -2.81
N THR A 71 -3.37 -12.18 -1.59
CA THR A 71 -2.92 -11.08 -0.77
C THR A 71 -1.92 -11.55 0.25
N ARG A 72 -0.78 -10.93 0.25
CA ARG A 72 0.28 -11.29 1.15
C ARG A 72 1.10 -10.08 1.54
N LEU A 73 1.94 -10.32 2.51
CA LEU A 73 2.81 -9.31 3.08
C LEU A 73 4.24 -9.78 3.05
N LEU A 74 5.15 -8.90 2.64
CA LEU A 74 6.56 -9.27 2.55
C LEU A 74 7.30 -8.82 3.80
N GLN A 75 8.43 -8.12 3.61
CA GLN A 75 9.26 -7.72 4.72
C GLN A 75 9.30 -6.22 4.84
N LEU A 76 8.80 -5.76 5.95
CA LEU A 76 8.65 -4.35 6.24
C LEU A 76 10.00 -3.66 6.40
N SER A 77 9.98 -2.34 6.34
CA SER A 77 11.20 -1.56 6.46
C SER A 77 10.87 -0.17 6.94
N LEU A 78 11.90 0.57 7.27
CA LEU A 78 11.76 1.93 7.77
C LEU A 78 12.77 2.83 7.07
N GLU A 79 12.44 4.09 6.94
CA GLU A 79 13.32 5.07 6.35
C GLU A 79 13.16 6.42 7.07
N PHE A 80 14.24 7.19 7.17
CA PHE A 80 14.15 8.52 7.76
C PHE A 80 13.38 9.42 6.82
N SER A 81 12.43 10.15 7.36
CA SER A 81 11.61 11.03 6.55
C SER A 81 12.42 12.26 6.14
N PRO A 82 12.63 12.46 4.83
CA PRO A 82 13.50 13.52 4.31
C PRO A 82 13.10 14.91 4.81
N ASP A 83 14.00 15.52 5.58
CA ASP A 83 13.83 16.89 6.11
C ASP A 83 12.81 16.94 7.26
N SER A 84 11.88 16.00 7.25
CA SER A 84 10.83 15.96 8.26
C SER A 84 11.33 15.33 9.56
N LYS A 85 10.72 15.73 10.66
CA LYS A 85 11.10 15.23 11.98
C LYS A 85 10.34 13.93 12.28
N GLY A 86 10.65 12.88 11.53
CA GLY A 86 10.06 11.58 11.80
C GLY A 86 10.60 10.51 10.88
N ILE A 87 9.94 9.38 10.86
CA ILE A 87 10.36 8.24 10.06
C ILE A 87 9.22 7.73 9.19
N ASP A 88 9.56 7.33 7.97
CA ASP A 88 8.62 6.76 7.03
C ASP A 88 8.64 5.24 7.13
N ILE A 89 7.51 4.65 7.45
CA ILE A 89 7.44 3.19 7.57
C ILE A 89 6.89 2.62 6.28
N TRP A 90 7.64 1.72 5.68
CA TRP A 90 7.28 1.14 4.41
C TRP A 90 6.80 -0.29 4.59
N ILE A 91 5.49 -0.46 4.53
CA ILE A 91 4.88 -1.76 4.59
C ILE A 91 4.63 -2.31 3.18
N PRO A 92 5.47 -3.23 2.74
CA PRO A 92 5.38 -3.83 1.41
C PRO A 92 4.25 -4.86 1.31
N LEU A 93 3.41 -4.67 0.31
CA LEU A 93 2.32 -5.59 0.05
C LEU A 93 2.46 -6.24 -1.31
N GLU A 94 1.96 -7.44 -1.40
CA GLU A 94 1.82 -8.14 -2.68
C GLU A 94 0.41 -8.70 -2.75
N LEU A 95 -0.40 -8.13 -3.61
CA LEU A 95 -1.74 -8.63 -3.79
C LEU A 95 -2.05 -8.79 -5.25
N SER A 96 -2.83 -9.79 -5.56
CA SER A 96 -3.19 -10.08 -6.92
C SER A 96 -4.67 -9.85 -7.10
N VAL A 97 -5.06 -9.26 -8.21
CA VAL A 97 -6.46 -8.96 -8.47
C VAL A 97 -6.94 -9.72 -9.69
N TYR A 98 -8.05 -10.41 -9.54
CA TYR A 98 -8.56 -11.27 -10.58
C TYR A 98 -9.88 -10.70 -11.15
N LEU A 99 -9.90 -10.45 -12.46
CA LEU A 99 -11.10 -9.99 -13.14
C LEU A 99 -11.86 -11.17 -13.75
N LYS A 100 -13.16 -11.20 -13.53
CA LYS A 100 -14.01 -12.28 -14.04
C LYS A 100 -15.02 -11.72 -15.06
N LEU A 101 -14.70 -11.83 -16.34
CA LEU A 101 -15.63 -11.44 -17.39
C LEU A 101 -16.66 -12.56 -17.58
N LEU A 102 -17.53 -12.44 -18.56
CA LEU A 102 -18.51 -13.48 -18.82
C LEU A 102 -17.85 -14.66 -19.52
N ILE A 103 -17.39 -14.44 -20.76
CA ILE A 103 -16.71 -15.48 -21.51
C ILE A 103 -15.27 -15.07 -21.82
N LEU A 104 -15.05 -13.77 -21.98
CA LEU A 104 -13.70 -13.23 -22.17
C LEU A 104 -12.73 -13.78 -21.13
N GLU A 105 -11.51 -14.06 -21.60
CA GLU A 105 -10.43 -14.60 -20.76
C GLU A 105 -10.27 -13.77 -19.50
N PRO A 106 -10.41 -14.39 -18.32
CA PRO A 106 -10.20 -13.72 -17.04
C PRO A 106 -8.74 -13.33 -16.86
N LEU A 107 -8.52 -12.07 -16.49
CA LEU A 107 -7.16 -11.58 -16.33
C LEU A 107 -6.83 -11.46 -14.86
N THR A 108 -5.56 -11.60 -14.53
CA THR A 108 -5.13 -11.38 -13.17
C THR A 108 -4.01 -10.37 -13.14
N LEU A 109 -4.15 -9.39 -12.27
CA LEU A 109 -3.19 -8.34 -12.13
C LEU A 109 -2.42 -8.55 -10.85
N TYR A 110 -1.18 -8.13 -10.85
CA TYR A 110 -0.33 -8.22 -9.68
C TYR A 110 0.08 -6.83 -9.27
N VAL A 111 -0.11 -6.49 -8.02
CA VAL A 111 0.31 -5.20 -7.55
C VAL A 111 1.15 -5.33 -6.30
N ARG A 112 2.31 -4.73 -6.36
CA ARG A 112 3.21 -4.68 -5.25
C ARG A 112 3.34 -3.23 -4.80
N THR A 113 2.64 -2.91 -3.73
CA THR A 113 2.61 -1.56 -3.20
C THR A 113 3.37 -1.51 -1.89
N ASP A 114 4.06 -0.42 -1.65
CA ASP A 114 4.77 -0.24 -0.40
C ASP A 114 4.15 0.93 0.36
N ILE A 115 3.38 0.61 1.39
CA ILE A 115 2.73 1.61 2.22
C ILE A 115 3.78 2.54 2.84
N ARG A 116 3.39 3.80 3.04
CA ARG A 116 4.28 4.78 3.62
C ARG A 116 3.54 5.65 4.63
N VAL A 117 3.62 5.29 5.90
CA VAL A 117 3.04 6.11 6.93
C VAL A 117 4.16 6.79 7.71
N GLN A 118 3.90 8.02 8.14
CA GLN A 118 4.90 8.80 8.83
C GLN A 118 4.62 8.87 10.32
N LEU A 119 5.60 8.45 11.09
CA LEU A 119 5.56 8.62 12.53
C LEU A 119 6.48 9.77 12.92
N ARG A 120 5.88 10.92 13.11
CA ARG A 120 6.58 12.15 13.43
C ARG A 120 7.05 12.13 14.88
N LEU A 121 7.90 13.07 15.25
CA LEU A 121 8.32 13.21 16.62
C LEU A 121 7.55 14.34 17.28
N GLU A 122 6.96 14.04 18.43
CA GLU A 122 6.26 15.03 19.21
C GLU A 122 6.62 14.87 20.68
N SER A 123 6.34 15.90 21.46
CA SER A 123 6.59 15.87 22.87
C SER A 123 5.28 16.06 23.62
N ASP A 124 5.14 15.35 24.73
CA ASP A 124 3.92 15.37 25.52
C ASP A 124 4.04 16.37 26.67
N GLU A 125 3.12 16.33 27.62
CA GLU A 125 3.07 17.30 28.71
C GLU A 125 4.37 17.30 29.52
N ASP A 126 4.86 16.12 29.84
CA ASP A 126 6.10 15.97 30.62
C ASP A 126 7.31 16.41 29.80
N GLY A 127 7.08 16.72 28.52
CA GLY A 127 8.17 17.01 27.63
C GLY A 127 8.73 15.74 27.02
N LYS A 128 8.05 14.64 27.31
CA LYS A 128 8.45 13.34 26.82
C LYS A 128 8.19 13.21 25.34
N TYR A 129 9.02 12.44 24.71
CA TYR A 129 8.95 12.26 23.29
C TYR A 129 8.15 11.03 22.94
N ARG A 130 7.35 11.18 21.91
CA ARG A 130 6.45 10.12 21.48
C ARG A 130 6.44 10.05 19.95
N LEU A 131 5.76 9.05 19.43
CA LEU A 131 5.61 8.90 18.01
C LEU A 131 4.27 9.44 17.55
N ALA A 132 4.34 10.42 16.67
CA ALA A 132 3.18 11.14 16.20
C ALA A 132 2.72 10.65 14.83
N PHE A 133 1.64 9.92 14.79
CA PHE A 133 1.09 9.43 13.52
C PHE A 133 0.47 10.58 12.75
N GLY A 134 1.20 11.08 11.76
CA GLY A 134 0.77 12.26 11.05
C GLY A 134 0.37 12.01 9.62
N HIS A 135 0.88 10.94 9.02
CA HIS A 135 0.63 10.70 7.61
C HIS A 135 0.49 9.22 7.34
N CYS A 136 -0.49 8.83 6.55
CA CYS A 136 -0.67 7.45 6.17
C CYS A 136 -1.09 7.31 4.72
N SER A 137 -0.11 7.07 3.86
CA SER A 137 -0.37 6.89 2.45
C SER A 137 0.16 5.56 1.98
N LEU A 138 -0.41 5.05 0.91
CA LEU A 138 0.07 3.82 0.31
C LEU A 138 0.64 4.11 -1.06
N LEU A 139 1.76 3.49 -1.37
CA LEU A 139 2.46 3.80 -2.61
C LEU A 139 2.61 2.58 -3.49
N PRO A 140 1.82 2.55 -4.57
CA PRO A 140 1.81 1.45 -5.51
C PRO A 140 3.06 1.44 -6.38
N ARG A 141 4.00 0.60 -6.02
CA ARG A 141 5.30 0.56 -6.68
C ARG A 141 5.25 -0.30 -7.93
N ALA A 142 4.52 -1.41 -7.84
CA ALA A 142 4.49 -2.38 -8.92
C ALA A 142 3.06 -2.77 -9.27
N ILE A 143 2.75 -2.72 -10.54
CA ILE A 143 1.49 -3.20 -11.07
C ILE A 143 1.74 -3.93 -12.40
N GLU A 144 1.81 -5.26 -12.35
CA GLU A 144 2.10 -6.06 -13.53
C GLU A 144 0.94 -7.01 -13.84
N LEU A 145 0.91 -7.51 -15.06
CA LEU A 145 -0.08 -8.47 -15.49
C LEU A 145 0.43 -9.90 -15.30
N GLN A 146 -0.37 -10.74 -14.65
CA GLN A 146 0.00 -12.14 -14.44
C GLN A 146 -0.48 -13.00 -15.59
N SER A 147 -1.79 -13.23 -15.63
CA SER A 147 -2.40 -14.10 -16.62
C SER A 147 -3.06 -13.29 -17.72
N GLY A 148 -3.14 -13.86 -18.90
CA GLY A 148 -3.66 -13.15 -20.04
C GLY A 148 -2.56 -12.66 -20.93
N ASN A 149 -2.90 -12.31 -22.17
CA ASN A 149 -1.91 -11.83 -23.12
C ASN A 149 -2.57 -10.96 -24.17
N PRO A 150 -1.81 -9.99 -24.69
CA PRO A 150 -2.27 -9.08 -25.74
C PRO A 150 -2.52 -9.78 -27.07
N LEU A 151 -2.40 -11.09 -27.07
CA LEU A 151 -2.60 -11.90 -28.25
C LEU A 151 -4.08 -12.26 -28.39
N SER A 152 -4.69 -12.62 -27.28
CA SER A 152 -6.10 -12.99 -27.27
C SER A 152 -6.98 -11.75 -27.13
N LEU A 153 -6.69 -10.93 -26.14
CA LEU A 153 -7.47 -9.72 -25.89
C LEU A 153 -6.61 -8.48 -26.13
N PRO A 154 -7.25 -7.33 -26.37
CA PRO A 154 -6.56 -6.04 -26.57
C PRO A 154 -6.01 -5.48 -25.25
N VAL A 155 -5.06 -6.21 -24.68
CA VAL A 155 -4.51 -5.88 -23.37
C VAL A 155 -3.71 -4.57 -23.40
N ASN A 156 -3.17 -4.23 -24.56
CA ASN A 156 -2.36 -3.01 -24.70
C ASN A 156 -3.16 -1.76 -24.41
N ALA A 157 -4.48 -1.89 -24.45
CA ALA A 157 -5.36 -0.76 -24.19
C ALA A 157 -5.83 -0.73 -22.75
N VAL A 158 -5.81 -1.88 -22.12
CA VAL A 158 -6.41 -2.03 -20.81
C VAL A 158 -5.36 -1.95 -19.73
N LEU A 159 -4.10 -2.20 -20.09
CA LEU A 159 -3.04 -2.31 -19.09
C LEU A 159 -2.86 -0.98 -18.37
N GLY A 160 -2.66 0.09 -19.12
CA GLY A 160 -2.55 1.42 -18.54
C GLY A 160 -3.76 1.78 -17.70
N THR A 161 -4.90 1.20 -18.04
CA THR A 161 -6.12 1.43 -17.28
C THR A 161 -6.10 0.62 -15.98
N ILE A 162 -5.60 -0.61 -16.06
CA ILE A 162 -5.38 -1.43 -14.88
C ILE A 162 -4.43 -0.72 -13.90
N GLU A 163 -3.37 -0.13 -14.46
CA GLU A 163 -2.42 0.64 -13.67
C GLU A 163 -3.09 1.88 -13.12
N ASN A 164 -3.92 2.51 -13.96
CA ASN A 164 -4.73 3.65 -13.55
C ASN A 164 -5.54 3.29 -12.31
N ALA A 165 -6.25 2.18 -12.42
CA ALA A 165 -7.16 1.73 -11.39
C ALA A 165 -6.42 1.25 -10.15
N LEU A 166 -5.45 0.37 -10.33
CA LEU A 166 -4.72 -0.18 -9.22
C LEU A 166 -3.92 0.90 -8.52
N GLY A 167 -3.22 1.73 -9.29
CA GLY A 167 -2.49 2.84 -8.72
C GLY A 167 -3.41 3.81 -7.97
N ASN A 168 -4.70 3.71 -8.27
CA ASN A 168 -5.70 4.49 -7.56
C ASN A 168 -6.18 3.76 -6.32
N PHE A 169 -6.37 2.45 -6.46
CA PHE A 169 -7.00 1.64 -5.44
C PHE A 169 -6.10 1.44 -4.23
N ILE A 170 -4.81 1.35 -4.45
CA ILE A 170 -3.87 1.26 -3.35
C ILE A 170 -3.95 2.52 -2.49
N THR A 171 -3.89 3.65 -3.16
CA THR A 171 -3.73 4.91 -2.47
C THR A 171 -5.05 5.35 -1.87
N GLU A 172 -6.06 5.41 -2.72
CA GLU A 172 -7.36 5.90 -2.35
C GLU A 172 -8.19 4.89 -1.58
N ASP A 173 -8.29 3.67 -2.10
CA ASP A 173 -9.14 2.66 -1.48
C ASP A 173 -8.44 1.99 -0.30
N LEU A 174 -7.22 1.50 -0.54
CA LEU A 174 -6.48 0.81 0.48
C LEU A 174 -6.06 1.77 1.58
N GLY A 175 -5.55 2.94 1.21
CA GLY A 175 -5.25 3.98 2.19
C GLY A 175 -6.45 4.45 2.97
N ALA A 176 -7.61 3.91 2.65
CA ALA A 176 -8.83 4.22 3.37
C ALA A 176 -9.19 3.08 4.32
N GLY A 177 -9.12 1.87 3.81
CA GLY A 177 -9.50 0.71 4.59
C GLY A 177 -8.39 0.21 5.50
N LEU A 178 -7.16 0.50 5.12
CA LEU A 178 -6.00 -0.04 5.82
C LEU A 178 -5.37 0.98 6.76
N CYS A 179 -5.66 2.26 6.53
CA CYS A 179 -5.08 3.34 7.31
C CYS A 179 -5.39 3.20 8.81
N PRO A 180 -6.66 2.99 9.22
CA PRO A 180 -7.02 2.86 10.64
C PRO A 180 -6.22 1.76 11.33
N THR A 181 -6.07 0.63 10.65
CA THR A 181 -5.34 -0.51 11.17
C THR A 181 -3.89 -0.16 11.45
N LEU A 182 -3.23 0.49 10.50
CA LEU A 182 -1.83 0.86 10.66
C LEU A 182 -1.67 1.81 11.82
N ASN A 183 -2.55 2.78 11.91
CA ASN A 183 -2.53 3.75 13.00
C ASN A 183 -2.88 3.06 14.32
N SER A 184 -3.29 1.80 14.26
CA SER A 184 -3.59 1.06 15.45
C SER A 184 -2.35 0.29 15.89
N LEU A 185 -1.70 -0.38 14.94
CA LEU A 185 -0.52 -1.17 15.22
C LEU A 185 0.63 -0.29 15.70
N VAL A 186 1.00 0.69 14.87
CA VAL A 186 2.11 1.60 15.18
C VAL A 186 1.93 2.30 16.53
N SER A 187 0.69 2.63 16.84
CA SER A 187 0.39 3.38 18.06
C SER A 187 0.28 2.45 19.26
N ASN A 188 0.30 1.16 19.01
CA ASN A 188 0.08 0.20 20.07
C ASN A 188 1.24 -0.78 20.23
N LEU A 189 2.29 -0.62 19.44
CA LEU A 189 3.41 -1.54 19.56
C LEU A 189 4.27 -1.25 20.78
N ASP A 190 5.48 -1.80 20.75
CA ASP A 190 6.43 -1.70 21.83
C ASP A 190 6.82 -0.25 22.11
N LEU A 191 6.83 0.11 23.39
CA LEU A 191 7.32 1.41 23.82
C LEU A 191 8.81 1.55 23.52
N GLN A 192 9.51 0.42 23.57
CA GLN A 192 10.93 0.42 23.28
C GLN A 192 11.13 0.74 21.81
N LEU A 193 10.29 0.14 20.99
CA LEU A 193 10.29 0.40 19.55
C LEU A 193 10.01 1.87 19.28
N VAL A 194 8.94 2.38 19.90
CA VAL A 194 8.64 3.81 19.89
C VAL A 194 9.90 4.64 20.14
N ASN A 195 10.53 4.38 21.26
CA ASN A 195 11.72 5.14 21.67
C ASN A 195 12.90 4.89 20.73
N ASN A 196 13.05 3.67 20.24
CA ASN A 196 14.13 3.34 19.30
C ASN A 196 14.06 4.21 18.06
N LEU A 197 12.85 4.50 17.59
CA LEU A 197 12.69 5.42 16.46
C LEU A 197 13.00 6.83 16.91
N ILE A 198 12.39 7.22 18.02
CA ILE A 198 12.51 8.56 18.55
C ILE A 198 13.96 8.97 18.77
N ASN A 199 14.66 8.23 19.62
CA ASN A 199 16.04 8.53 19.96
C ASN A 199 16.93 8.53 18.74
N LEU A 200 16.49 7.81 17.72
CA LEU A 200 17.23 7.67 16.50
C LEU A 200 16.99 8.89 15.61
N ILE A 201 15.75 9.36 15.58
CA ILE A 201 15.42 10.61 14.90
C ILE A 201 16.11 11.79 15.57
N LEU A 202 16.04 11.81 16.90
CA LEU A 202 16.67 12.88 17.69
C LEU A 202 18.16 12.92 17.42
N ASP A 203 18.72 11.75 17.20
CA ASP A 203 20.12 11.61 16.85
C ASP A 203 20.43 12.35 15.56
N ARG A 204 19.70 12.00 14.51
CA ARG A 204 19.91 12.59 13.19
C ARG A 204 19.57 14.07 13.22
N ALA A 205 18.60 14.39 14.06
CA ALA A 205 18.17 15.77 14.25
C ALA A 205 19.26 16.60 14.91
N ASN A 206 19.92 16.02 15.91
CA ASN A 206 20.99 16.69 16.62
C ASN A 206 22.22 16.87 15.74
N VAL A 207 22.54 15.84 14.97
CA VAL A 207 23.71 15.87 14.09
C VAL A 207 23.53 16.87 12.96
N ASP A 208 22.33 16.91 12.38
CA ASP A 208 22.06 17.78 11.26
C ASP A 208 21.52 19.12 11.76
N LEU A 209 21.16 20.01 10.83
CA LEU A 209 20.67 21.33 11.19
C LEU A 209 19.51 21.74 10.29
N SER A 210 18.99 20.78 9.54
CA SER A 210 17.88 21.01 8.63
C SER A 210 16.55 21.12 9.39
N VAL A 211 16.43 22.15 10.21
CA VAL A 211 15.22 22.38 10.99
C VAL A 211 15.18 23.85 11.45
N ALA A 1 25.24 12.92 5.91
CA ALA A 1 24.09 12.83 6.85
C ALA A 1 23.53 11.42 6.86
N MET A 2 23.14 10.95 8.04
CA MET A 2 22.60 9.60 8.23
C MET A 2 23.62 8.55 7.79
N ALA A 3 24.58 8.29 8.68
CA ALA A 3 25.70 7.38 8.43
C ALA A 3 25.25 6.07 7.79
N GLN A 4 24.33 5.40 8.44
CA GLN A 4 23.84 4.12 7.94
C GLN A 4 22.33 4.12 7.89
N GLN A 5 21.76 5.29 7.61
CA GLN A 5 20.32 5.49 7.62
C GLN A 5 19.76 5.07 8.98
N ILE A 6 18.93 4.03 8.98
CA ILE A 6 18.44 3.46 10.21
C ILE A 6 19.20 2.18 10.53
N PRO A 7 19.63 2.00 11.80
CA PRO A 7 20.37 0.81 12.23
C PRO A 7 19.59 -0.47 11.93
N PRO A 8 20.27 -1.47 11.30
CA PRO A 8 19.68 -2.80 11.08
C PRO A 8 19.57 -3.59 12.39
N GLU A 9 19.19 -2.86 13.42
CA GLU A 9 19.01 -3.37 14.75
C GLU A 9 17.67 -2.90 15.27
N VAL A 10 17.44 -1.59 15.18
CA VAL A 10 16.19 -1.01 15.62
C VAL A 10 15.10 -1.27 14.58
N SER A 11 15.43 -1.10 13.31
CA SER A 11 14.46 -1.31 12.24
C SER A 11 14.05 -2.77 12.18
N SER A 12 14.84 -3.60 12.82
CA SER A 12 14.62 -5.03 12.80
C SER A 12 13.49 -5.42 13.75
N GLN A 13 13.26 -4.58 14.75
CA GLN A 13 12.25 -4.87 15.76
C GLN A 13 10.97 -4.08 15.53
N ILE A 14 11.07 -2.88 14.95
CA ILE A 14 9.89 -2.08 14.66
C ILE A 14 9.10 -2.74 13.55
N THR A 15 9.80 -3.25 12.54
CA THR A 15 9.16 -3.91 11.42
C THR A 15 8.60 -5.25 11.85
N ASP A 16 9.30 -5.87 12.80
CA ASP A 16 8.87 -7.13 13.39
C ASP A 16 7.50 -6.94 13.99
N ALA A 17 7.41 -5.91 14.80
CA ALA A 17 6.18 -5.54 15.47
C ALA A 17 5.14 -5.02 14.51
N LEU A 18 5.58 -4.18 13.58
CA LEU A 18 4.68 -3.58 12.62
C LEU A 18 4.02 -4.67 11.78
N THR A 19 4.79 -5.69 11.46
CA THR A 19 4.27 -6.78 10.68
C THR A 19 3.51 -7.70 11.60
N GLN A 20 3.98 -7.78 12.83
CA GLN A 20 3.35 -8.61 13.82
C GLN A 20 1.92 -8.18 14.05
N GLY A 21 1.69 -6.88 14.10
CA GLY A 21 0.35 -6.36 14.16
C GLY A 21 -0.45 -6.70 12.92
N LEU A 22 0.21 -6.74 11.76
CA LEU A 22 -0.45 -7.16 10.53
C LEU A 22 -0.87 -8.62 10.69
N LEU A 23 0.02 -9.40 11.31
CA LEU A 23 -0.22 -10.82 11.58
C LEU A 23 -1.27 -10.98 12.67
N ASP A 24 -1.12 -10.19 13.73
CA ASP A 24 -1.97 -10.28 14.92
C ASP A 24 -3.36 -9.76 14.61
N GLY A 25 -3.41 -8.67 13.86
CA GLY A 25 -4.68 -8.11 13.48
C GLY A 25 -5.30 -8.88 12.34
N ASN A 26 -5.37 -8.25 11.18
CA ASN A 26 -5.98 -8.86 10.01
C ASN A 26 -5.80 -7.97 8.79
N PHE A 27 -4.57 -7.50 8.60
CA PHE A 27 -4.29 -6.52 7.56
C PHE A 27 -4.72 -7.01 6.19
N LEU A 28 -4.27 -8.20 5.78
CA LEU A 28 -4.61 -8.76 4.47
C LEU A 28 -6.12 -9.03 4.36
N SER A 29 -6.75 -9.30 5.49
CA SER A 29 -8.17 -9.60 5.52
C SER A 29 -8.99 -8.34 5.20
N LEU A 30 -8.46 -7.20 5.61
CA LEU A 30 -9.05 -5.90 5.28
C LEU A 30 -9.14 -5.75 3.78
N LEU A 31 -8.01 -5.95 3.11
CA LEU A 31 -7.93 -5.94 1.65
C LEU A 31 -9.00 -6.81 1.04
N ASN A 32 -9.03 -8.06 1.46
CA ASN A 32 -10.03 -9.02 1.02
C ASN A 32 -11.44 -8.49 1.18
N ALA A 33 -11.63 -7.60 2.15
CA ALA A 33 -12.94 -7.04 2.47
C ALA A 33 -13.11 -5.64 1.90
N ILE A 34 -12.02 -5.10 1.36
CA ILE A 34 -12.00 -3.77 0.77
C ILE A 34 -13.05 -3.67 -0.34
N ASN A 35 -13.76 -2.55 -0.37
CA ASN A 35 -14.79 -2.33 -1.38
C ASN A 35 -14.16 -2.29 -2.78
N LEU A 36 -14.22 -3.41 -3.46
CA LEU A 36 -13.51 -3.60 -4.72
C LEU A 36 -14.33 -3.10 -5.89
N GLU A 37 -15.57 -2.70 -5.62
CA GLU A 37 -16.42 -2.12 -6.65
C GLU A 37 -15.80 -0.89 -7.26
N GLY A 38 -15.02 -0.14 -6.48
CA GLY A 38 -14.39 1.04 -7.03
C GLY A 38 -13.49 0.69 -8.19
N LEU A 39 -12.69 -0.34 -8.01
CA LEU A 39 -11.83 -0.83 -9.08
C LEU A 39 -12.65 -1.33 -10.24
N LEU A 40 -13.45 -2.35 -9.94
CA LEU A 40 -14.34 -2.95 -10.92
C LEU A 40 -15.03 -1.87 -11.76
N ASN A 41 -15.71 -0.99 -11.08
CA ASN A 41 -16.45 0.07 -11.75
C ASN A 41 -15.52 1.03 -12.49
N THR A 42 -14.38 1.41 -11.88
CA THR A 42 -13.39 2.26 -12.56
C THR A 42 -12.88 1.61 -13.85
N ILE A 43 -12.42 0.37 -13.73
CA ILE A 43 -11.89 -0.36 -14.87
C ILE A 43 -12.92 -0.46 -15.98
N LEU A 44 -14.13 -0.92 -15.65
CA LEU A 44 -15.18 -1.08 -16.65
C LEU A 44 -15.53 0.26 -17.30
N ASP A 45 -15.49 1.32 -16.51
CA ASP A 45 -15.75 2.66 -17.02
C ASP A 45 -14.76 3.03 -18.11
N GLN A 46 -13.48 2.82 -17.84
CA GLN A 46 -12.44 3.21 -18.77
C GLN A 46 -12.29 2.21 -19.93
N VAL A 47 -12.63 0.94 -19.68
CA VAL A 47 -12.62 -0.09 -20.72
C VAL A 47 -13.43 0.36 -21.92
N THR A 48 -14.45 1.15 -21.65
CA THR A 48 -15.24 1.75 -22.70
C THR A 48 -14.72 3.17 -22.94
N GLY A 49 -14.24 3.43 -24.14
CA GLY A 49 -13.49 4.64 -24.37
C GLY A 49 -12.00 4.35 -24.50
N LEU A 50 -11.68 3.09 -24.79
CA LEU A 50 -10.32 2.68 -25.02
C LEU A 50 -10.20 1.94 -26.35
N LEU A 51 -10.87 0.80 -26.47
CA LEU A 51 -10.80 0.00 -27.69
C LEU A 51 -11.80 0.48 -28.74
N ASN A 52 -13.07 0.07 -28.60
CA ASN A 52 -14.08 0.39 -29.61
C ASN A 52 -15.48 0.09 -29.09
N ILE A 53 -15.90 0.79 -28.04
CA ILE A 53 -17.27 0.69 -27.56
C ILE A 53 -17.95 2.05 -27.67
N LEU A 54 -17.18 3.07 -27.31
CA LEU A 54 -17.71 4.43 -27.16
C LEU A 54 -17.67 5.18 -28.48
N VAL A 55 -18.02 4.50 -29.54
CA VAL A 55 -18.12 5.10 -30.85
C VAL A 55 -19.44 5.86 -30.98
N GLY A 56 -20.51 5.13 -30.71
CA GLY A 56 -21.84 5.70 -30.76
C GLY A 56 -22.79 4.85 -29.97
N PRO A 57 -23.63 4.07 -30.65
CA PRO A 57 -24.46 3.05 -30.02
C PRO A 57 -23.59 1.98 -29.37
N LEU A 58 -23.96 1.56 -28.18
CA LEU A 58 -23.17 0.58 -27.44
C LEU A 58 -23.30 -0.79 -28.10
N LEU A 59 -22.17 -1.47 -28.25
CA LEU A 59 -22.14 -2.76 -28.94
C LEU A 59 -22.76 -3.87 -28.09
N GLY A 60 -23.02 -3.57 -26.83
CA GLY A 60 -23.61 -4.53 -25.95
C GLY A 60 -23.26 -4.27 -24.50
N PRO A 61 -23.37 -5.28 -23.63
CA PRO A 61 -23.09 -5.15 -22.22
C PRO A 61 -21.59 -5.17 -21.92
N SER A 62 -21.16 -4.33 -20.99
CA SER A 62 -19.77 -4.26 -20.59
C SER A 62 -19.65 -4.42 -19.08
N ASP A 63 -20.38 -5.39 -18.54
CA ASP A 63 -20.34 -5.66 -17.11
C ASP A 63 -19.29 -6.71 -16.78
N ALA A 64 -19.10 -6.94 -15.49
CA ALA A 64 -18.09 -7.85 -14.99
C ALA A 64 -18.13 -7.91 -13.48
N GLU A 65 -17.23 -8.69 -12.92
CA GLU A 65 -17.07 -8.78 -11.48
C GLU A 65 -15.60 -8.65 -11.14
N ILE A 66 -15.30 -8.25 -9.91
CA ILE A 66 -13.94 -8.15 -9.47
C ILE A 66 -13.75 -8.90 -8.16
N LYS A 67 -12.59 -9.52 -8.01
CA LYS A 67 -12.30 -10.33 -6.83
C LYS A 67 -10.82 -10.22 -6.51
N LEU A 68 -10.46 -10.34 -5.24
CA LEU A 68 -9.06 -10.42 -4.88
C LEU A 68 -8.58 -11.85 -5.01
N GLN A 69 -7.33 -11.99 -5.42
CA GLN A 69 -6.78 -13.27 -5.81
C GLN A 69 -5.81 -13.79 -4.77
N ASP A 70 -4.76 -13.01 -4.52
CA ASP A 70 -3.72 -13.43 -3.59
C ASP A 70 -3.10 -12.24 -2.89
N THR A 71 -3.40 -12.12 -1.63
CA THR A 71 -2.87 -11.05 -0.83
C THR A 71 -1.88 -11.58 0.19
N ARG A 72 -0.71 -10.97 0.19
CA ARG A 72 0.36 -11.35 1.09
C ARG A 72 1.21 -10.14 1.46
N LEU A 73 2.05 -10.37 2.44
CA LEU A 73 2.93 -9.34 2.98
C LEU A 73 4.39 -9.73 2.84
N LEU A 74 5.23 -8.75 2.56
CA LEU A 74 6.66 -8.97 2.45
C LEU A 74 7.37 -8.49 3.72
N GLN A 75 8.64 -8.15 3.61
CA GLN A 75 9.42 -7.72 4.74
C GLN A 75 9.40 -6.20 4.84
N LEU A 76 8.93 -5.75 5.95
CA LEU A 76 8.78 -4.34 6.25
C LEU A 76 10.13 -3.67 6.43
N SER A 77 10.12 -2.35 6.38
CA SER A 77 11.34 -1.58 6.54
C SER A 77 11.01 -0.17 6.99
N LEU A 78 12.05 0.58 7.30
CA LEU A 78 11.93 1.95 7.78
C LEU A 78 12.96 2.84 7.10
N GLU A 79 12.58 4.08 6.87
CA GLU A 79 13.47 5.08 6.31
C GLU A 79 13.33 6.37 7.09
N PHE A 80 14.37 7.16 7.18
CA PHE A 80 14.23 8.48 7.78
C PHE A 80 13.50 9.40 6.82
N SER A 81 12.52 10.10 7.34
CA SER A 81 11.68 10.96 6.53
C SER A 81 12.44 12.23 6.18
N PRO A 82 12.34 12.67 4.92
CA PRO A 82 13.08 13.83 4.41
C PRO A 82 12.70 15.12 5.13
N ASP A 83 11.68 15.05 5.97
CA ASP A 83 11.29 16.18 6.80
C ASP A 83 12.25 16.33 7.98
N SER A 84 12.99 15.26 8.25
CA SER A 84 14.03 15.25 9.28
C SER A 84 13.45 15.26 10.69
N LYS A 85 12.14 15.04 10.80
CA LYS A 85 11.50 14.96 12.11
C LYS A 85 10.46 13.84 12.12
N GLY A 86 10.84 12.72 11.53
CA GLY A 86 9.95 11.58 11.46
C GLY A 86 10.56 10.46 10.68
N ILE A 87 9.91 9.31 10.69
CA ILE A 87 10.41 8.14 10.00
C ILE A 87 9.31 7.54 9.12
N ASP A 88 9.69 7.11 7.93
CA ASP A 88 8.75 6.52 6.98
C ASP A 88 8.77 5.01 7.14
N ILE A 89 7.62 4.43 7.46
CA ILE A 89 7.52 2.99 7.58
C ILE A 89 6.96 2.43 6.29
N TRP A 90 7.74 1.56 5.68
CA TRP A 90 7.37 1.00 4.40
C TRP A 90 6.88 -0.43 4.56
N ILE A 91 5.57 -0.58 4.46
CA ILE A 91 4.94 -1.88 4.52
C ILE A 91 4.64 -2.39 3.13
N PRO A 92 5.47 -3.31 2.63
CA PRO A 92 5.33 -3.85 1.30
C PRO A 92 4.28 -4.96 1.22
N LEU A 93 3.41 -4.83 0.24
CA LEU A 93 2.35 -5.80 -0.01
C LEU A 93 2.48 -6.42 -1.39
N GLU A 94 2.05 -7.65 -1.50
CA GLU A 94 1.93 -8.33 -2.78
C GLU A 94 0.53 -8.87 -2.93
N LEU A 95 -0.27 -8.20 -3.72
CA LEU A 95 -1.66 -8.57 -3.86
C LEU A 95 -1.89 -8.96 -5.31
N SER A 96 -2.88 -9.79 -5.55
CA SER A 96 -3.25 -10.14 -6.89
C SER A 96 -4.76 -9.93 -7.02
N VAL A 97 -5.18 -9.39 -8.15
CA VAL A 97 -6.58 -9.08 -8.35
C VAL A 97 -7.11 -9.83 -9.56
N TYR A 98 -8.28 -10.40 -9.42
CA TYR A 98 -8.88 -11.18 -10.48
C TYR A 98 -10.18 -10.52 -10.94
N LEU A 99 -10.25 -10.09 -12.19
CA LEU A 99 -11.47 -9.52 -12.73
C LEU A 99 -12.14 -10.52 -13.66
N LYS A 100 -13.46 -10.64 -13.52
CA LYS A 100 -14.21 -11.65 -14.24
C LYS A 100 -15.28 -10.98 -15.11
N LEU A 101 -15.11 -11.03 -16.42
CA LEU A 101 -16.03 -10.38 -17.34
C LEU A 101 -17.21 -11.29 -17.62
N LEU A 102 -18.21 -10.76 -18.31
CA LEU A 102 -19.37 -11.57 -18.69
C LEU A 102 -19.00 -12.42 -19.91
N ILE A 103 -17.88 -12.08 -20.52
CA ILE A 103 -17.33 -12.85 -21.62
C ILE A 103 -16.42 -13.95 -21.07
N LEU A 104 -15.48 -14.41 -21.88
CA LEU A 104 -14.62 -15.51 -21.51
C LEU A 104 -13.21 -15.01 -21.20
N GLU A 105 -12.40 -15.89 -20.62
CA GLU A 105 -11.00 -15.61 -20.28
C GLU A 105 -10.88 -14.40 -19.35
N PRO A 106 -10.97 -14.65 -18.05
CA PRO A 106 -10.74 -13.64 -17.01
C PRO A 106 -9.25 -13.36 -16.84
N LEU A 107 -8.92 -12.13 -16.48
CA LEU A 107 -7.54 -11.72 -16.39
C LEU A 107 -7.18 -11.46 -14.93
N THR A 108 -5.91 -11.61 -14.61
CA THR A 108 -5.45 -11.41 -13.27
C THR A 108 -4.40 -10.30 -13.24
N LEU A 109 -4.39 -9.54 -12.18
CA LEU A 109 -3.41 -8.50 -11.99
C LEU A 109 -2.57 -8.81 -10.77
N TYR A 110 -1.34 -8.37 -10.79
CA TYR A 110 -0.44 -8.50 -9.65
C TYR A 110 -0.03 -7.11 -9.23
N VAL A 111 -0.25 -6.76 -7.99
CA VAL A 111 0.11 -5.44 -7.54
C VAL A 111 0.95 -5.52 -6.29
N ARG A 112 2.08 -4.89 -6.35
CA ARG A 112 3.00 -4.84 -5.24
C ARG A 112 3.16 -3.39 -4.80
N THR A 113 2.55 -3.07 -3.68
CA THR A 113 2.55 -1.73 -3.17
C THR A 113 3.33 -1.66 -1.87
N ASP A 114 4.07 -0.60 -1.67
CA ASP A 114 4.82 -0.42 -0.44
C ASP A 114 4.24 0.76 0.32
N ILE A 115 3.45 0.45 1.34
CA ILE A 115 2.85 1.47 2.17
C ILE A 115 3.90 2.35 2.81
N ARG A 116 3.59 3.63 2.97
CA ARG A 116 4.51 4.56 3.57
C ARG A 116 3.78 5.42 4.59
N VAL A 117 3.81 5.01 5.84
CA VAL A 117 3.23 5.81 6.89
C VAL A 117 4.33 6.49 7.66
N GLN A 118 4.09 7.74 8.02
CA GLN A 118 5.10 8.53 8.68
C GLN A 118 4.83 8.61 10.15
N LEU A 119 5.74 8.05 10.92
CA LEU A 119 5.69 8.17 12.35
C LEU A 119 6.55 9.34 12.76
N ARG A 120 5.89 10.46 12.90
CA ARG A 120 6.53 11.70 13.26
C ARG A 120 6.93 11.65 14.72
N LEU A 121 7.71 12.61 15.15
CA LEU A 121 8.14 12.67 16.51
C LEU A 121 7.70 14.01 17.10
N GLU A 122 6.87 13.90 18.13
CA GLU A 122 6.25 15.04 18.76
C GLU A 122 6.46 14.94 20.25
N SER A 123 6.20 16.00 20.97
CA SER A 123 6.48 16.02 22.37
C SER A 123 5.21 15.94 23.23
N ASP A 124 5.34 15.17 24.32
CA ASP A 124 4.24 14.78 25.19
C ASP A 124 3.72 15.92 26.04
N GLU A 125 4.23 15.99 27.28
CA GLU A 125 3.78 16.99 28.23
C GLU A 125 4.21 18.35 27.72
N ASP A 126 5.49 18.63 27.82
CA ASP A 126 6.07 19.74 27.07
C ASP A 126 7.01 19.21 26.00
N GLY A 127 8.09 18.58 26.45
CA GLY A 127 9.14 18.18 25.52
C GLY A 127 9.48 16.70 25.59
N LYS A 128 8.70 15.92 26.33
CA LYS A 128 8.85 14.49 26.34
C LYS A 128 8.49 13.93 24.99
N TYR A 129 8.93 12.77 24.70
CA TYR A 129 8.81 12.27 23.35
C TYR A 129 7.91 11.06 23.22
N ARG A 130 7.18 11.07 22.11
CA ARG A 130 6.21 10.04 21.79
C ARG A 130 6.19 9.83 20.29
N LEU A 131 5.48 8.82 19.85
CA LEU A 131 5.35 8.54 18.44
C LEU A 131 4.11 9.23 17.89
N ALA A 132 4.30 9.99 16.84
CA ALA A 132 3.22 10.75 16.24
C ALA A 132 2.83 10.20 14.86
N PHE A 133 1.79 9.39 14.81
CA PHE A 133 1.29 8.88 13.54
C PHE A 133 0.62 10.00 12.78
N GLY A 134 1.35 10.57 11.83
CA GLY A 134 0.89 11.78 11.17
C GLY A 134 0.45 11.59 9.74
N HIS A 135 0.93 10.54 9.09
CA HIS A 135 0.67 10.37 7.67
C HIS A 135 0.66 8.88 7.32
N CYS A 136 -0.25 8.47 6.47
CA CYS A 136 -0.30 7.08 6.02
C CYS A 136 -0.69 6.98 4.56
N SER A 137 0.32 7.00 3.69
CA SER A 137 0.11 6.93 2.26
C SER A 137 0.62 5.62 1.71
N LEU A 138 -0.23 4.91 0.98
CA LEU A 138 0.18 3.67 0.37
C LEU A 138 0.71 3.94 -1.02
N LEU A 139 1.84 3.32 -1.35
CA LEU A 139 2.54 3.63 -2.59
C LEU A 139 2.65 2.41 -3.49
N PRO A 140 1.88 2.42 -4.58
CA PRO A 140 1.83 1.29 -5.50
C PRO A 140 3.09 1.20 -6.36
N ARG A 141 3.97 0.30 -5.97
CA ARG A 141 5.29 0.16 -6.57
C ARG A 141 5.23 -0.67 -7.85
N ALA A 142 4.39 -1.69 -7.86
CA ALA A 142 4.37 -2.65 -8.95
C ALA A 142 2.96 -3.07 -9.30
N ILE A 143 2.71 -3.16 -10.60
CA ILE A 143 1.46 -3.70 -11.14
C ILE A 143 1.76 -4.51 -12.41
N GLU A 144 1.79 -5.83 -12.26
CA GLU A 144 2.02 -6.73 -13.39
C GLU A 144 0.73 -7.43 -13.79
N LEU A 145 0.72 -7.97 -15.01
CA LEU A 145 -0.42 -8.70 -15.53
C LEU A 145 -0.23 -10.20 -15.35
N GLN A 146 -1.26 -10.85 -14.81
CA GLN A 146 -1.25 -12.30 -14.60
C GLN A 146 -2.33 -12.96 -15.44
N SER A 147 -2.08 -14.22 -15.81
CA SER A 147 -3.08 -15.04 -16.50
C SER A 147 -3.60 -14.35 -17.77
N GLY A 148 -2.68 -13.82 -18.56
CA GLY A 148 -3.08 -13.16 -19.79
C GLY A 148 -1.95 -12.35 -20.38
N ASN A 149 -2.11 -11.93 -21.62
CA ASN A 149 -1.11 -11.13 -22.30
C ASN A 149 -1.77 -10.18 -23.29
N PRO A 150 -1.24 -8.97 -23.42
CA PRO A 150 -1.77 -7.96 -24.34
C PRO A 150 -1.28 -8.14 -25.76
N LEU A 151 -0.71 -9.31 -26.05
CA LEU A 151 -0.17 -9.59 -27.37
C LEU A 151 -1.17 -10.40 -28.20
N SER A 152 -1.93 -11.25 -27.53
CA SER A 152 -2.96 -12.05 -28.18
C SER A 152 -4.16 -11.19 -28.54
N LEU A 153 -4.89 -10.75 -27.52
CA LEU A 153 -6.04 -9.89 -27.71
C LEU A 153 -5.65 -8.44 -27.47
N PRO A 154 -6.49 -7.48 -27.89
CA PRO A 154 -6.25 -6.06 -27.64
C PRO A 154 -6.28 -5.72 -26.15
N VAL A 155 -7.02 -6.54 -25.39
CA VAL A 155 -7.25 -6.29 -23.96
C VAL A 155 -7.84 -4.91 -23.78
N ASN A 156 -8.65 -4.52 -24.76
CA ASN A 156 -9.37 -3.24 -24.75
C ASN A 156 -8.46 -2.05 -24.42
N ALA A 157 -7.15 -2.21 -24.62
CA ALA A 157 -6.18 -1.14 -24.34
C ALA A 157 -6.15 -0.78 -22.87
N VAL A 158 -6.49 -1.72 -22.02
CA VAL A 158 -6.76 -1.41 -20.62
C VAL A 158 -5.61 -1.78 -19.70
N LEU A 159 -4.44 -2.05 -20.24
CA LEU A 159 -3.32 -2.48 -19.41
C LEU A 159 -2.86 -1.33 -18.52
N GLY A 160 -2.49 -0.22 -19.16
CA GLY A 160 -2.13 0.97 -18.40
C GLY A 160 -3.30 1.49 -17.59
N THR A 161 -4.51 1.09 -17.99
CA THR A 161 -5.72 1.47 -17.28
C THR A 161 -5.87 0.66 -16.00
N ILE A 162 -5.50 -0.62 -16.06
CA ILE A 162 -5.43 -1.45 -14.87
C ILE A 162 -4.42 -0.86 -13.90
N GLU A 163 -3.28 -0.43 -14.44
CA GLU A 163 -2.25 0.21 -13.63
C GLU A 163 -2.79 1.53 -13.07
N ASN A 164 -3.52 2.25 -13.92
CA ASN A 164 -4.21 3.47 -13.51
C ASN A 164 -5.15 3.20 -12.35
N ALA A 165 -5.94 2.14 -12.48
CA ALA A 165 -6.92 1.76 -11.49
C ALA A 165 -6.26 1.25 -10.22
N LEU A 166 -5.33 0.33 -10.34
CA LEU A 166 -4.64 -0.23 -9.20
C LEU A 166 -3.84 0.84 -8.49
N GLY A 167 -3.08 1.63 -9.25
CA GLY A 167 -2.33 2.73 -8.68
C GLY A 167 -3.23 3.74 -7.99
N ASN A 168 -4.52 3.65 -8.28
CA ASN A 168 -5.51 4.47 -7.62
C ASN A 168 -6.04 3.77 -6.37
N PHE A 169 -6.29 2.48 -6.50
CA PHE A 169 -6.95 1.71 -5.46
C PHE A 169 -6.06 1.52 -4.24
N ILE A 170 -4.77 1.37 -4.45
CA ILE A 170 -3.83 1.32 -3.34
C ILE A 170 -3.91 2.61 -2.52
N THR A 171 -3.81 3.72 -3.20
CA THR A 171 -3.65 5.00 -2.55
C THR A 171 -4.98 5.48 -1.98
N GLU A 172 -5.97 5.48 -2.84
CA GLU A 172 -7.30 5.95 -2.48
C GLU A 172 -8.05 4.96 -1.59
N ASP A 173 -8.19 3.73 -2.05
CA ASP A 173 -9.06 2.78 -1.39
C ASP A 173 -8.35 2.06 -0.25
N LEU A 174 -7.16 1.55 -0.52
CA LEU A 174 -6.42 0.83 0.50
C LEU A 174 -5.97 1.78 1.61
N GLY A 175 -5.45 2.95 1.23
CA GLY A 175 -5.13 3.97 2.22
C GLY A 175 -6.31 4.44 3.03
N ALA A 176 -7.49 3.98 2.67
CA ALA A 176 -8.69 4.30 3.42
C ALA A 176 -9.08 3.12 4.31
N GLY A 177 -9.11 1.94 3.72
CA GLY A 177 -9.58 0.77 4.43
C GLY A 177 -8.53 0.17 5.34
N LEU A 178 -7.27 0.49 5.10
CA LEU A 178 -6.17 -0.13 5.85
C LEU A 178 -5.52 0.87 6.81
N CYS A 179 -5.72 2.16 6.56
CA CYS A 179 -5.05 3.20 7.34
C CYS A 179 -5.34 3.08 8.85
N PRO A 180 -6.63 3.00 9.27
CA PRO A 180 -6.98 2.81 10.69
C PRO A 180 -6.19 1.67 11.35
N THR A 181 -6.05 0.56 10.62
CA THR A 181 -5.33 -0.60 11.12
C THR A 181 -3.87 -0.29 11.42
N LEU A 182 -3.24 0.44 10.52
CA LEU A 182 -1.84 0.79 10.70
C LEU A 182 -1.67 1.69 11.90
N ASN A 183 -2.56 2.64 12.05
CA ASN A 183 -2.56 3.54 13.21
C ASN A 183 -2.97 2.78 14.47
N SER A 184 -3.31 1.52 14.32
CA SER A 184 -3.60 0.66 15.46
C SER A 184 -2.32 -0.08 15.85
N LEU A 185 -1.67 -0.70 14.87
CA LEU A 185 -0.47 -1.48 15.11
C LEU A 185 0.67 -0.63 15.63
N VAL A 186 1.03 0.39 14.86
CA VAL A 186 2.13 1.30 15.23
C VAL A 186 1.91 1.92 16.61
N SER A 187 0.66 2.20 16.92
CA SER A 187 0.32 2.89 18.15
C SER A 187 0.12 1.91 19.30
N ASN A 188 0.34 0.64 19.02
CA ASN A 188 0.17 -0.39 20.04
C ASN A 188 1.37 -1.31 20.13
N LEU A 189 2.45 -0.99 19.41
CA LEU A 189 3.63 -1.82 19.50
C LEU A 189 4.46 -1.52 20.74
N ASP A 190 5.70 -1.96 20.70
CA ASP A 190 6.63 -1.85 21.81
C ASP A 190 6.94 -0.39 22.16
N LEU A 191 6.94 -0.10 23.45
CA LEU A 191 7.33 1.22 23.93
C LEU A 191 8.80 1.49 23.63
N GLN A 192 9.59 0.43 23.61
CA GLN A 192 11.00 0.54 23.27
C GLN A 192 11.14 0.94 21.81
N LEU A 193 10.35 0.28 20.98
CA LEU A 193 10.28 0.56 19.56
C LEU A 193 9.86 2.00 19.33
N VAL A 194 8.78 2.41 20.03
CA VAL A 194 8.35 3.81 20.06
C VAL A 194 9.54 4.74 20.26
N ASN A 195 10.29 4.51 21.32
CA ASN A 195 11.44 5.35 21.63
C ASN A 195 12.55 5.20 20.59
N ASN A 196 12.70 4.02 20.04
CA ASN A 196 13.70 3.78 19.00
C ASN A 196 13.52 4.73 17.81
N LEU A 197 12.28 4.97 17.40
CA LEU A 197 12.03 5.93 16.33
C LEU A 197 12.34 7.34 16.82
N ILE A 198 11.80 7.67 17.99
CA ILE A 198 12.05 8.94 18.67
C ILE A 198 13.54 9.26 18.77
N ASN A 199 14.26 8.44 19.54
CA ASN A 199 15.70 8.64 19.76
C ASN A 199 16.47 8.74 18.45
N LEU A 200 16.04 8.00 17.44
CA LEU A 200 16.66 8.06 16.14
C LEU A 200 16.44 9.41 15.48
N ILE A 201 15.20 9.86 15.47
CA ILE A 201 14.88 11.16 14.93
C ILE A 201 15.62 12.26 15.68
N LEU A 202 15.64 12.17 17.00
CA LEU A 202 16.37 13.12 17.84
C LEU A 202 17.84 13.12 17.49
N ASP A 203 18.34 11.94 17.18
CA ASP A 203 19.75 11.77 16.83
C ASP A 203 20.07 12.53 15.55
N ARG A 204 19.25 12.30 14.53
CA ARG A 204 19.44 12.93 13.24
C ARG A 204 19.12 14.42 13.34
N ALA A 205 18.09 14.74 14.10
CA ALA A 205 17.68 16.12 14.34
C ALA A 205 18.79 16.91 15.01
N ASN A 206 19.42 16.27 16.01
CA ASN A 206 20.47 16.89 16.79
C ASN A 206 21.68 17.24 15.92
N VAL A 207 22.10 16.28 15.10
CA VAL A 207 23.30 16.45 14.29
C VAL A 207 23.02 17.29 13.03
N ASP A 208 21.79 17.23 12.53
CA ASP A 208 21.40 18.01 11.34
C ASP A 208 21.53 19.50 11.63
N LEU A 209 20.87 19.95 12.69
CA LEU A 209 20.92 21.35 13.08
C LEU A 209 22.04 21.55 14.10
N SER A 210 23.24 21.19 13.71
CA SER A 210 24.40 21.31 14.59
C SER A 210 25.46 22.19 13.94
N VAL A 211 25.00 23.12 13.11
CA VAL A 211 25.89 24.03 12.41
C VAL A 211 26.13 25.27 13.25
N ALA A 1 23.03 7.16 -1.28
CA ALA A 1 21.96 6.21 -0.91
C ALA A 1 21.35 6.57 0.44
N MET A 2 20.25 7.31 0.42
CA MET A 2 19.55 7.65 1.64
C MET A 2 18.26 6.85 1.76
N ALA A 3 18.39 5.63 2.25
CA ALA A 3 17.25 4.77 2.46
C ALA A 3 17.21 4.30 3.91
N GLN A 4 17.92 3.23 4.20
CA GLN A 4 17.87 2.64 5.51
C GLN A 4 19.15 2.90 6.28
N GLN A 5 19.34 4.15 6.68
CA GLN A 5 20.45 4.53 7.55
C GLN A 5 20.14 4.12 8.99
N ILE A 6 18.92 3.63 9.18
CA ILE A 6 18.47 3.11 10.45
C ILE A 6 19.17 1.79 10.75
N PRO A 7 19.62 1.57 12.01
CA PRO A 7 20.30 0.35 12.39
C PRO A 7 19.45 -0.88 12.09
N PRO A 8 20.02 -1.83 11.32
CA PRO A 8 19.34 -3.08 10.97
C PRO A 8 18.82 -3.81 12.20
N GLU A 9 19.43 -3.55 13.34
CA GLU A 9 18.98 -4.09 14.61
C GLU A 9 17.59 -3.55 14.98
N VAL A 10 17.45 -2.23 15.02
CA VAL A 10 16.22 -1.65 15.51
C VAL A 10 15.12 -1.78 14.45
N SER A 11 15.47 -1.58 13.19
CA SER A 11 14.50 -1.69 12.11
C SER A 11 14.14 -3.16 11.86
N SER A 12 14.64 -4.05 12.71
CA SER A 12 14.29 -5.45 12.63
C SER A 12 13.15 -5.76 13.62
N GLN A 13 13.10 -4.99 14.70
CA GLN A 13 12.10 -5.23 15.74
C GLN A 13 10.87 -4.34 15.56
N ILE A 14 11.05 -3.14 14.98
CA ILE A 14 9.92 -2.28 14.70
C ILE A 14 9.10 -2.88 13.58
N THR A 15 9.78 -3.39 12.57
CA THR A 15 9.13 -4.00 11.43
C THR A 15 8.52 -5.33 11.84
N ASP A 16 9.15 -5.97 12.80
CA ASP A 16 8.65 -7.21 13.40
C ASP A 16 7.26 -6.96 13.92
N ALA A 17 7.19 -5.95 14.76
CA ALA A 17 5.99 -5.59 15.44
C ALA A 17 4.97 -4.97 14.50
N LEU A 18 5.47 -4.16 13.58
CA LEU A 18 4.61 -3.50 12.60
C LEU A 18 3.99 -4.54 11.70
N THR A 19 4.76 -5.57 11.37
CA THR A 19 4.25 -6.63 10.54
C THR A 19 3.40 -7.55 11.39
N GLN A 20 3.78 -7.70 12.66
CA GLN A 20 3.06 -8.49 13.60
C GLN A 20 1.64 -7.97 13.75
N GLY A 21 1.52 -6.66 13.81
CA GLY A 21 0.21 -6.03 13.82
C GLY A 21 -0.54 -6.33 12.55
N LEU A 22 0.17 -6.44 11.44
CA LEU A 22 -0.43 -6.84 10.17
C LEU A 22 -0.90 -8.29 10.26
N LEU A 23 -0.04 -9.13 10.80
CA LEU A 23 -0.31 -10.55 10.95
C LEU A 23 -1.51 -10.76 11.87
N ASP A 24 -1.34 -10.33 13.11
CA ASP A 24 -2.35 -10.57 14.15
C ASP A 24 -3.58 -9.71 13.95
N GLY A 25 -3.37 -8.55 13.35
CA GLY A 25 -4.46 -7.62 13.10
C GLY A 25 -5.21 -7.96 11.83
N ASN A 26 -4.75 -8.98 11.11
CA ASN A 26 -5.39 -9.45 9.88
C ASN A 26 -5.48 -8.33 8.84
N PHE A 27 -4.34 -7.71 8.56
CA PHE A 27 -4.27 -6.62 7.59
C PHE A 27 -4.68 -7.09 6.21
N LEU A 28 -4.20 -8.26 5.80
CA LEU A 28 -4.51 -8.82 4.47
C LEU A 28 -5.99 -9.14 4.35
N SER A 29 -6.61 -9.46 5.47
CA SER A 29 -8.03 -9.82 5.49
C SER A 29 -8.88 -8.58 5.19
N LEU A 30 -8.39 -7.43 5.61
CA LEU A 30 -9.03 -6.15 5.30
C LEU A 30 -9.07 -5.94 3.79
N LEU A 31 -7.91 -6.11 3.14
CA LEU A 31 -7.81 -6.11 1.68
C LEU A 31 -8.89 -6.97 1.07
N ASN A 32 -8.93 -8.22 1.50
CA ASN A 32 -9.95 -9.17 1.06
C ASN A 32 -11.35 -8.59 1.19
N ALA A 33 -11.55 -7.75 2.19
CA ALA A 33 -12.87 -7.21 2.50
C ALA A 33 -13.06 -5.81 1.91
N ILE A 34 -11.96 -5.28 1.37
CA ILE A 34 -11.94 -3.94 0.78
C ILE A 34 -12.99 -3.82 -0.33
N ASN A 35 -13.66 -2.68 -0.38
CA ASN A 35 -14.67 -2.41 -1.41
C ASN A 35 -14.04 -2.43 -2.79
N LEU A 36 -14.08 -3.58 -3.43
CA LEU A 36 -13.42 -3.78 -4.71
C LEU A 36 -14.29 -3.31 -5.85
N GLU A 37 -15.51 -2.87 -5.53
CA GLU A 37 -16.42 -2.39 -6.54
C GLU A 37 -15.85 -1.15 -7.21
N GLY A 38 -15.15 -0.30 -6.46
CA GLY A 38 -14.58 0.90 -7.02
C GLY A 38 -13.66 0.59 -8.19
N LEU A 39 -12.83 -0.42 -8.01
CA LEU A 39 -11.96 -0.90 -9.07
C LEU A 39 -12.78 -1.43 -10.22
N LEU A 40 -13.56 -2.46 -9.93
CA LEU A 40 -14.45 -3.08 -10.91
C LEU A 40 -15.17 -2.01 -11.73
N ASN A 41 -15.88 -1.14 -11.03
CA ASN A 41 -16.62 -0.05 -11.65
C ASN A 41 -15.70 0.82 -12.50
N THR A 42 -14.58 1.25 -11.92
CA THR A 42 -13.62 2.10 -12.62
C THR A 42 -13.10 1.44 -13.88
N ILE A 43 -12.56 0.24 -13.73
CA ILE A 43 -12.01 -0.51 -14.85
C ILE A 43 -13.04 -0.66 -15.96
N LEU A 44 -14.23 -1.16 -15.63
CA LEU A 44 -15.28 -1.34 -16.62
C LEU A 44 -15.65 -0.02 -17.27
N ASP A 45 -15.68 1.05 -16.48
CA ASP A 45 -16.09 2.36 -16.98
C ASP A 45 -15.10 2.87 -18.02
N GLN A 46 -13.81 2.69 -17.77
CA GLN A 46 -12.80 3.18 -18.68
C GLN A 46 -12.50 2.21 -19.83
N VAL A 47 -12.43 0.91 -19.54
CA VAL A 47 -12.02 -0.06 -20.57
C VAL A 47 -13.12 -0.28 -21.61
N THR A 48 -14.35 0.11 -21.30
CA THR A 48 -15.43 0.00 -22.27
C THR A 48 -15.12 0.84 -23.51
N GLY A 49 -14.63 2.05 -23.29
CA GLY A 49 -14.31 2.93 -24.40
C GLY A 49 -13.15 2.39 -25.22
N LEU A 50 -12.29 1.62 -24.57
CA LEU A 50 -11.17 0.99 -25.23
C LEU A 50 -11.60 -0.22 -26.07
N LEU A 51 -12.38 -1.12 -25.47
CA LEU A 51 -12.71 -2.38 -26.14
C LEU A 51 -14.20 -2.52 -26.44
N ASN A 52 -14.99 -2.75 -25.40
CA ASN A 52 -16.40 -3.17 -25.54
C ASN A 52 -17.23 -2.13 -26.29
N ILE A 53 -17.37 -0.96 -25.69
CA ILE A 53 -18.14 0.12 -26.26
C ILE A 53 -17.48 0.67 -27.53
N LEU A 54 -16.18 0.42 -27.66
CA LEU A 54 -15.43 0.88 -28.83
C LEU A 54 -15.85 0.10 -30.07
N VAL A 55 -15.92 -1.22 -29.96
CA VAL A 55 -16.30 -2.06 -31.09
C VAL A 55 -17.76 -1.83 -31.47
N GLY A 56 -18.58 -1.48 -30.49
CA GLY A 56 -19.95 -1.17 -30.77
C GLY A 56 -20.85 -1.36 -29.57
N PRO A 57 -21.92 -2.16 -29.72
CA PRO A 57 -22.92 -2.35 -28.68
C PRO A 57 -22.50 -3.40 -27.64
N LEU A 58 -21.29 -3.90 -27.79
CA LEU A 58 -20.79 -4.97 -26.93
C LEU A 58 -20.71 -4.54 -25.48
N LEU A 59 -21.51 -5.18 -24.65
CA LEU A 59 -21.52 -4.93 -23.22
C LEU A 59 -22.16 -6.13 -22.54
N GLY A 60 -23.36 -6.47 -23.00
CA GLY A 60 -24.05 -7.65 -22.51
C GLY A 60 -25.03 -7.34 -21.40
N PRO A 61 -25.96 -8.27 -21.14
CA PRO A 61 -26.95 -8.15 -20.06
C PRO A 61 -26.35 -8.48 -18.70
N SER A 62 -25.05 -8.64 -18.68
CA SER A 62 -24.31 -8.93 -17.47
C SER A 62 -23.03 -8.10 -17.49
N ASP A 63 -22.29 -8.09 -16.39
CA ASP A 63 -21.07 -7.31 -16.31
C ASP A 63 -19.94 -8.17 -15.79
N ALA A 64 -18.77 -7.58 -15.66
CA ALA A 64 -17.63 -8.27 -15.14
C ALA A 64 -17.71 -8.35 -13.62
N GLU A 65 -16.75 -9.02 -13.04
CA GLU A 65 -16.68 -9.17 -11.60
C GLU A 65 -15.24 -9.08 -11.16
N ILE A 66 -15.03 -8.54 -9.98
CA ILE A 66 -13.69 -8.34 -9.49
C ILE A 66 -13.50 -9.06 -8.16
N LYS A 67 -12.33 -9.65 -7.99
CA LYS A 67 -12.02 -10.45 -6.82
C LYS A 67 -10.55 -10.31 -6.49
N LEU A 68 -10.20 -10.46 -5.23
CA LEU A 68 -8.80 -10.56 -4.85
C LEU A 68 -8.33 -12.00 -4.99
N GLN A 69 -7.13 -12.15 -5.49
CA GLN A 69 -6.61 -13.46 -5.85
C GLN A 69 -5.62 -13.95 -4.81
N ASP A 70 -4.57 -13.19 -4.60
CA ASP A 70 -3.53 -13.57 -3.65
C ASP A 70 -3.02 -12.36 -2.90
N THR A 71 -3.34 -12.29 -1.64
CA THR A 71 -2.89 -11.23 -0.79
C THR A 71 -1.86 -11.73 0.21
N ARG A 72 -0.73 -11.08 0.21
CA ARG A 72 0.36 -11.41 1.11
C ARG A 72 1.18 -10.18 1.42
N LEU A 73 2.09 -10.36 2.35
CA LEU A 73 2.96 -9.29 2.82
C LEU A 73 4.42 -9.69 2.69
N LEU A 74 5.28 -8.70 2.43
CA LEU A 74 6.71 -8.94 2.35
C LEU A 74 7.39 -8.53 3.66
N GLN A 75 8.63 -8.08 3.57
CA GLN A 75 9.38 -7.64 4.72
C GLN A 75 9.35 -6.12 4.78
N LEU A 76 8.91 -5.64 5.91
CA LEU A 76 8.76 -4.23 6.18
C LEU A 76 10.10 -3.53 6.31
N SER A 77 10.07 -2.21 6.25
CA SER A 77 11.28 -1.43 6.38
C SER A 77 10.93 -0.04 6.89
N LEU A 78 11.97 0.67 7.26
CA LEU A 78 11.86 2.01 7.80
C LEU A 78 12.94 2.89 7.18
N GLU A 79 12.67 4.17 7.09
CA GLU A 79 13.69 5.12 6.66
C GLU A 79 13.56 6.42 7.40
N PHE A 80 14.68 7.11 7.55
CA PHE A 80 14.66 8.43 8.16
C PHE A 80 14.09 9.43 7.20
N SER A 81 13.32 10.35 7.73
CA SER A 81 12.73 11.40 6.91
C SER A 81 13.67 12.60 6.84
N PRO A 82 14.33 12.80 5.69
CA PRO A 82 15.31 13.88 5.51
C PRO A 82 14.66 15.24 5.27
N ASP A 83 13.36 15.30 5.47
CA ASP A 83 12.61 16.54 5.33
C ASP A 83 11.29 16.43 6.09
N SER A 84 11.40 15.92 7.30
CA SER A 84 10.24 15.66 8.15
C SER A 84 10.73 15.13 9.50
N LYS A 85 10.23 15.71 10.58
CA LYS A 85 10.61 15.28 11.92
C LYS A 85 9.96 13.95 12.27
N GLY A 86 10.33 12.90 11.53
CA GLY A 86 9.83 11.58 11.79
C GLY A 86 10.50 10.52 10.95
N ILE A 87 9.86 9.38 10.86
CA ILE A 87 10.39 8.25 10.08
C ILE A 87 9.30 7.72 9.15
N ASP A 88 9.69 7.33 7.94
CA ASP A 88 8.76 6.78 6.98
C ASP A 88 8.78 5.26 7.06
N ILE A 89 7.65 4.68 7.43
CA ILE A 89 7.53 3.23 7.54
C ILE A 89 6.96 2.68 6.24
N TRP A 90 7.61 1.67 5.72
CA TRP A 90 7.20 1.05 4.47
C TRP A 90 6.62 -0.32 4.72
N ILE A 91 5.30 -0.44 4.57
CA ILE A 91 4.66 -1.74 4.59
C ILE A 91 4.47 -2.25 3.18
N PRO A 92 5.38 -3.11 2.75
CA PRO A 92 5.37 -3.68 1.41
C PRO A 92 4.33 -4.78 1.27
N LEU A 93 3.45 -4.62 0.30
CA LEU A 93 2.37 -5.56 0.06
C LEU A 93 2.50 -6.24 -1.28
N GLU A 94 1.92 -7.42 -1.36
CA GLU A 94 1.77 -8.15 -2.61
C GLU A 94 0.37 -8.70 -2.68
N LEU A 95 -0.43 -8.14 -3.54
CA LEU A 95 -1.78 -8.62 -3.72
C LEU A 95 -2.09 -8.75 -5.18
N SER A 96 -2.84 -9.77 -5.51
CA SER A 96 -3.21 -10.03 -6.88
C SER A 96 -4.70 -9.82 -7.03
N VAL A 97 -5.09 -9.19 -8.11
CA VAL A 97 -6.48 -8.90 -8.36
C VAL A 97 -6.97 -9.65 -9.58
N TYR A 98 -8.09 -10.31 -9.44
CA TYR A 98 -8.62 -11.18 -10.47
C TYR A 98 -9.91 -10.60 -11.04
N LEU A 99 -9.91 -10.35 -12.34
CA LEU A 99 -11.09 -9.88 -13.04
C LEU A 99 -11.77 -11.04 -13.76
N LYS A 100 -13.06 -11.16 -13.58
CA LYS A 100 -13.84 -12.21 -14.21
C LYS A 100 -14.84 -11.59 -15.15
N LEU A 101 -14.74 -11.86 -16.44
CA LEU A 101 -15.62 -11.24 -17.41
C LEU A 101 -16.89 -12.07 -17.56
N LEU A 102 -17.92 -11.44 -18.12
CA LEU A 102 -19.25 -12.04 -18.21
C LEU A 102 -19.24 -13.19 -19.20
N ILE A 103 -18.19 -13.22 -20.02
CA ILE A 103 -18.00 -14.27 -20.97
C ILE A 103 -16.79 -15.12 -20.60
N LEU A 104 -15.75 -15.10 -21.41
CA LEU A 104 -14.60 -15.95 -21.20
C LEU A 104 -13.36 -15.15 -20.85
N GLU A 105 -12.29 -15.88 -20.54
CA GLU A 105 -10.96 -15.34 -20.29
C GLU A 105 -10.93 -14.31 -19.15
N PRO A 106 -10.77 -14.81 -17.93
CA PRO A 106 -10.50 -13.97 -16.76
C PRO A 106 -9.02 -13.65 -16.63
N LEU A 107 -8.70 -12.42 -16.25
CA LEU A 107 -7.32 -11.99 -16.16
C LEU A 107 -6.93 -11.83 -14.69
N THR A 108 -5.64 -11.80 -14.43
CA THR A 108 -5.15 -11.61 -13.09
C THR A 108 -4.02 -10.59 -13.06
N LEU A 109 -4.15 -9.63 -12.17
CA LEU A 109 -3.18 -8.58 -12.03
C LEU A 109 -2.41 -8.77 -10.74
N TYR A 110 -1.19 -8.30 -10.71
CA TYR A 110 -0.36 -8.37 -9.53
C TYR A 110 0.05 -6.96 -9.16
N VAL A 111 -0.22 -6.56 -7.94
CA VAL A 111 0.18 -5.25 -7.51
C VAL A 111 1.06 -5.35 -6.28
N ARG A 112 2.18 -4.70 -6.35
CA ARG A 112 3.16 -4.71 -5.32
C ARG A 112 3.37 -3.27 -4.84
N THR A 113 2.67 -2.94 -3.77
CA THR A 113 2.62 -1.58 -3.27
C THR A 113 3.36 -1.48 -1.94
N ASP A 114 3.93 -0.32 -1.66
CA ASP A 114 4.55 -0.07 -0.37
C ASP A 114 3.83 1.05 0.35
N ILE A 115 3.12 0.71 1.41
CA ILE A 115 2.55 1.73 2.27
C ILE A 115 3.66 2.54 2.93
N ARG A 116 3.48 3.85 2.99
CA ARG A 116 4.44 4.72 3.64
C ARG A 116 3.74 5.62 4.65
N VAL A 117 3.85 5.28 5.91
CA VAL A 117 3.29 6.11 6.95
C VAL A 117 4.39 6.79 7.74
N GLN A 118 4.16 8.03 8.12
CA GLN A 118 5.16 8.80 8.84
C GLN A 118 4.81 8.90 10.31
N LEU A 119 5.71 8.42 11.14
CA LEU A 119 5.60 8.58 12.57
C LEU A 119 6.44 9.77 13.00
N ARG A 120 5.76 10.89 13.21
CA ARG A 120 6.38 12.14 13.54
C ARG A 120 6.83 12.16 14.99
N LEU A 121 7.60 13.16 15.35
CA LEU A 121 8.04 13.32 16.72
C LEU A 121 7.27 14.43 17.41
N GLU A 122 6.68 14.11 18.54
CA GLU A 122 5.96 15.09 19.34
C GLU A 122 6.47 15.05 20.76
N SER A 123 6.37 16.17 21.45
CA SER A 123 6.82 16.25 22.82
C SER A 123 5.65 16.39 23.78
N ASP A 124 5.79 15.73 24.93
CA ASP A 124 4.73 15.60 25.91
C ASP A 124 4.95 16.48 27.13
N GLU A 125 5.62 15.91 28.14
CA GLU A 125 5.95 16.63 29.37
C GLU A 125 7.05 17.63 29.08
N ASP A 126 6.65 18.65 28.35
CA ASP A 126 7.49 19.73 27.87
C ASP A 126 8.31 19.20 26.73
N GLY A 127 9.20 18.32 27.08
CA GLY A 127 10.06 17.70 26.11
C GLY A 127 10.21 16.21 26.28
N LYS A 128 9.14 15.52 26.65
CA LYS A 128 9.13 14.08 26.52
C LYS A 128 8.69 13.70 25.15
N TYR A 129 9.33 12.72 24.65
CA TYR A 129 9.17 12.38 23.25
C TYR A 129 8.28 11.18 23.03
N ARG A 130 7.43 11.32 22.04
CA ARG A 130 6.48 10.27 21.66
C ARG A 130 6.39 10.20 20.14
N LEU A 131 5.69 9.19 19.64
CA LEU A 131 5.52 9.01 18.22
C LEU A 131 4.16 9.49 17.76
N ALA A 132 4.19 10.42 16.83
CA ALA A 132 3.00 11.08 16.35
C ALA A 132 2.65 10.63 14.93
N PHE A 133 1.66 9.77 14.82
CA PHE A 133 1.20 9.30 13.51
C PHE A 133 0.64 10.47 12.70
N GLY A 134 1.42 10.95 11.74
CA GLY A 134 1.05 12.17 11.05
C GLY A 134 0.69 11.96 9.59
N HIS A 135 1.07 10.84 9.00
CA HIS A 135 0.84 10.63 7.58
C HIS A 135 0.79 9.15 7.27
N CYS A 136 -0.08 8.76 6.34
CA CYS A 136 -0.14 7.37 5.90
C CYS A 136 -0.54 7.28 4.44
N SER A 137 0.46 7.28 3.58
CA SER A 137 0.24 7.25 2.14
C SER A 137 0.63 5.89 1.58
N LEU A 138 -0.28 5.25 0.87
CA LEU A 138 0.03 3.99 0.24
C LEU A 138 0.59 4.22 -1.15
N LEU A 139 1.70 3.58 -1.45
CA LEU A 139 2.42 3.84 -2.70
C LEU A 139 2.52 2.61 -3.56
N PRO A 140 1.74 2.58 -4.64
CA PRO A 140 1.71 1.46 -5.58
C PRO A 140 2.96 1.43 -6.45
N ARG A 141 3.89 0.56 -6.08
CA ARG A 141 5.20 0.52 -6.69
C ARG A 141 5.23 -0.40 -7.92
N ALA A 142 4.41 -1.44 -7.91
CA ALA A 142 4.40 -2.41 -8.99
C ALA A 142 2.99 -2.85 -9.32
N ILE A 143 2.71 -2.93 -10.60
CA ILE A 143 1.47 -3.49 -11.12
C ILE A 143 1.76 -4.25 -12.41
N GLU A 144 1.83 -5.57 -12.30
CA GLU A 144 2.14 -6.43 -13.45
C GLU A 144 0.96 -7.36 -13.75
N LEU A 145 0.85 -7.74 -15.02
CA LEU A 145 -0.15 -8.69 -15.45
C LEU A 145 0.35 -10.12 -15.30
N GLN A 146 -0.45 -10.96 -14.66
CA GLN A 146 -0.12 -12.37 -14.53
C GLN A 146 -1.25 -13.24 -15.05
N SER A 147 -1.19 -13.58 -16.32
CA SER A 147 -2.19 -14.41 -16.95
C SER A 147 -1.57 -15.21 -18.09
N GLY A 148 -0.44 -15.83 -17.81
CA GLY A 148 0.26 -16.59 -18.81
C GLY A 148 1.01 -15.71 -19.78
N ASN A 149 0.30 -15.24 -20.79
CA ASN A 149 0.90 -14.38 -21.80
C ASN A 149 -0.05 -13.23 -22.13
N PRO A 150 0.50 -12.05 -22.42
CA PRO A 150 -0.28 -10.87 -22.74
C PRO A 150 -0.69 -10.82 -24.22
N LEU A 151 -0.75 -11.99 -24.85
CA LEU A 151 -1.15 -12.09 -26.24
C LEU A 151 -2.56 -12.64 -26.37
N SER A 152 -3.29 -12.66 -25.27
CA SER A 152 -4.66 -13.13 -25.27
C SER A 152 -5.62 -12.00 -25.64
N LEU A 153 -5.82 -11.08 -24.70
CA LEU A 153 -6.68 -9.93 -24.93
C LEU A 153 -5.86 -8.71 -25.32
N PRO A 154 -6.54 -7.68 -25.85
CA PRO A 154 -5.96 -6.35 -26.12
C PRO A 154 -5.45 -5.65 -24.85
N VAL A 155 -4.57 -6.34 -24.11
CA VAL A 155 -4.09 -5.84 -22.84
C VAL A 155 -3.22 -4.61 -22.99
N ASN A 156 -2.71 -4.39 -24.20
CA ASN A 156 -1.93 -3.19 -24.50
C ASN A 156 -2.74 -1.94 -24.15
N ALA A 157 -4.04 -2.03 -24.37
CA ALA A 157 -4.96 -0.96 -24.02
C ALA A 157 -5.46 -1.13 -22.60
N VAL A 158 -6.00 -2.31 -22.34
CA VAL A 158 -6.67 -2.63 -21.09
C VAL A 158 -5.76 -2.44 -19.88
N LEU A 159 -4.53 -2.95 -19.98
CA LEU A 159 -3.64 -3.00 -18.82
C LEU A 159 -3.30 -1.61 -18.30
N GLY A 160 -2.96 -0.71 -19.20
CA GLY A 160 -2.73 0.69 -18.82
C GLY A 160 -3.85 1.25 -17.96
N THR A 161 -5.09 0.90 -18.30
CA THR A 161 -6.24 1.36 -17.53
C THR A 161 -6.34 0.61 -16.20
N ILE A 162 -5.97 -0.66 -16.22
CA ILE A 162 -5.92 -1.47 -15.01
C ILE A 162 -4.89 -0.90 -14.05
N GLU A 163 -3.71 -0.57 -14.57
CA GLU A 163 -2.65 0.03 -13.78
C GLU A 163 -3.09 1.39 -13.26
N ASN A 164 -3.81 2.11 -14.11
CA ASN A 164 -4.44 3.37 -13.72
C ASN A 164 -5.31 3.15 -12.49
N ALA A 165 -6.20 2.17 -12.61
CA ALA A 165 -7.15 1.85 -11.57
C ALA A 165 -6.46 1.34 -10.32
N LEU A 166 -5.52 0.42 -10.46
CA LEU A 166 -4.83 -0.15 -9.33
C LEU A 166 -4.02 0.90 -8.61
N GLY A 167 -3.30 1.73 -9.37
CA GLY A 167 -2.55 2.81 -8.78
C GLY A 167 -3.45 3.80 -8.05
N ASN A 168 -4.74 3.71 -8.30
CA ASN A 168 -5.73 4.51 -7.58
C ASN A 168 -6.26 3.76 -6.37
N PHE A 169 -6.42 2.45 -6.53
CA PHE A 169 -7.05 1.61 -5.53
C PHE A 169 -6.16 1.43 -4.30
N ILE A 170 -4.87 1.31 -4.51
CA ILE A 170 -3.94 1.26 -3.38
C ILE A 170 -4.06 2.52 -2.55
N THR A 171 -4.00 3.64 -3.21
CA THR A 171 -3.85 4.92 -2.54
C THR A 171 -5.17 5.36 -1.93
N GLU A 172 -6.20 5.37 -2.76
CA GLU A 172 -7.53 5.78 -2.35
C GLU A 172 -8.22 4.74 -1.50
N ASP A 173 -8.41 3.56 -2.06
CA ASP A 173 -9.26 2.55 -1.45
C ASP A 173 -8.55 1.85 -0.30
N LEU A 174 -7.33 1.39 -0.55
CA LEU A 174 -6.58 0.70 0.46
C LEU A 174 -6.18 1.65 1.58
N GLY A 175 -5.71 2.84 1.21
CA GLY A 175 -5.44 3.87 2.20
C GLY A 175 -6.67 4.33 2.95
N ALA A 176 -7.81 3.74 2.63
CA ALA A 176 -9.04 4.03 3.32
C ALA A 176 -9.39 2.88 4.27
N GLY A 177 -9.29 1.67 3.75
CA GLY A 177 -9.69 0.50 4.51
C GLY A 177 -8.56 -0.07 5.34
N LEU A 178 -7.34 0.38 5.09
CA LEU A 178 -6.18 -0.19 5.78
C LEU A 178 -5.48 0.83 6.67
N CYS A 179 -5.68 2.11 6.38
CA CYS A 179 -4.98 3.16 7.12
C CYS A 179 -5.29 3.14 8.63
N PRO A 180 -6.58 3.04 9.05
CA PRO A 180 -6.93 2.98 10.48
C PRO A 180 -6.19 1.87 11.22
N THR A 181 -6.04 0.73 10.56
CA THR A 181 -5.34 -0.41 11.12
C THR A 181 -3.88 -0.07 11.42
N LEU A 182 -3.24 0.64 10.51
CA LEU A 182 -1.84 1.01 10.67
C LEU A 182 -1.67 1.97 11.82
N ASN A 183 -2.55 2.94 11.89
CA ASN A 183 -2.55 3.91 12.98
C ASN A 183 -2.92 3.21 14.30
N SER A 184 -3.25 1.94 14.21
CA SER A 184 -3.53 1.15 15.39
C SER A 184 -2.28 0.38 15.77
N LEU A 185 -1.70 -0.34 14.81
CA LEU A 185 -0.52 -1.16 15.05
C LEU A 185 0.64 -0.32 15.57
N VAL A 186 0.98 0.72 14.83
CA VAL A 186 2.07 1.63 15.21
C VAL A 186 1.84 2.25 16.59
N SER A 187 0.59 2.44 16.92
CA SER A 187 0.21 3.04 18.19
C SER A 187 0.07 2.01 19.29
N ASN A 188 0.21 0.75 18.94
CA ASN A 188 0.00 -0.33 19.89
C ASN A 188 1.22 -1.23 20.02
N LEU A 189 2.30 -0.93 19.31
CA LEU A 189 3.48 -1.75 19.43
C LEU A 189 4.29 -1.42 20.68
N ASP A 190 5.53 -1.83 20.66
CA ASP A 190 6.44 -1.70 21.78
C ASP A 190 6.79 -0.25 22.06
N LEU A 191 6.78 0.10 23.35
CA LEU A 191 7.23 1.41 23.81
C LEU A 191 8.73 1.56 23.57
N GLN A 192 9.44 0.44 23.64
CA GLN A 192 10.87 0.43 23.40
C GLN A 192 11.11 0.75 21.93
N LEU A 193 10.28 0.18 21.08
CA LEU A 193 10.30 0.44 19.66
C LEU A 193 9.99 1.90 19.39
N VAL A 194 8.87 2.38 19.96
CA VAL A 194 8.52 3.80 19.94
C VAL A 194 9.75 4.67 20.20
N ASN A 195 10.39 4.46 21.34
CA ASN A 195 11.54 5.25 21.74
C ASN A 195 12.72 5.06 20.78
N ASN A 196 12.91 3.85 20.28
CA ASN A 196 13.98 3.58 19.31
C ASN A 196 13.85 4.46 18.08
N LEU A 197 12.64 4.59 17.55
CA LEU A 197 12.40 5.48 16.42
C LEU A 197 12.69 6.91 16.82
N ILE A 198 12.15 7.28 17.98
CA ILE A 198 12.29 8.63 18.51
C ILE A 198 13.76 9.01 18.67
N ASN A 199 14.47 8.27 19.51
CA ASN A 199 15.88 8.54 19.79
C ASN A 199 16.71 8.63 18.52
N LEU A 200 16.34 7.85 17.52
CA LEU A 200 17.02 7.89 16.24
C LEU A 200 16.76 9.20 15.52
N ILE A 201 15.49 9.61 15.45
CA ILE A 201 15.14 10.89 14.86
C ILE A 201 15.84 12.02 15.60
N LEU A 202 15.82 11.96 16.92
CA LEU A 202 16.47 12.96 17.76
C LEU A 202 17.98 12.94 17.55
N ASP A 203 18.50 11.76 17.26
CA ASP A 203 19.93 11.58 17.02
C ASP A 203 20.31 12.20 15.68
N ARG A 204 19.50 11.93 14.68
CA ARG A 204 19.72 12.50 13.36
C ARG A 204 19.46 14.00 13.38
N ALA A 205 18.61 14.41 14.32
CA ALA A 205 18.32 15.81 14.54
C ALA A 205 19.49 16.48 15.26
N ASN A 206 20.10 15.75 16.18
CA ASN A 206 21.24 16.25 16.95
C ASN A 206 22.40 16.60 16.03
N VAL A 207 22.75 15.66 15.16
CA VAL A 207 23.81 15.87 14.18
C VAL A 207 23.33 16.85 13.10
N ASP A 208 22.03 16.80 12.79
CA ASP A 208 21.40 17.68 11.81
C ASP A 208 21.92 17.40 10.40
N LEU A 209 21.06 16.86 9.57
CA LEU A 209 21.45 16.44 8.23
C LEU A 209 21.47 17.61 7.25
N SER A 210 20.29 18.13 6.90
CA SER A 210 20.20 19.21 5.93
C SER A 210 18.76 19.74 5.84
N VAL A 211 18.01 19.60 6.92
CA VAL A 211 16.61 20.02 6.93
C VAL A 211 16.50 21.47 7.37
N ALA A 1 24.38 1.23 5.32
CA ALA A 1 24.95 2.61 5.39
C ALA A 1 24.21 3.55 4.44
N MET A 2 24.62 3.57 3.18
CA MET A 2 23.98 4.43 2.18
C MET A 2 22.61 3.87 1.82
N ALA A 3 22.49 2.57 1.95
CA ALA A 3 21.19 1.91 1.87
C ALA A 3 20.68 1.68 3.27
N GLN A 4 19.49 2.20 3.56
CA GLN A 4 18.88 2.10 4.88
C GLN A 4 19.71 2.86 5.91
N GLN A 5 19.37 4.12 6.10
CA GLN A 5 20.10 5.01 6.99
C GLN A 5 19.77 4.70 8.44
N ILE A 6 18.70 3.96 8.63
CA ILE A 6 18.29 3.50 9.95
C ILE A 6 19.06 2.24 10.32
N PRO A 7 19.47 2.11 11.60
CA PRO A 7 20.20 0.92 12.06
C PRO A 7 19.37 -0.35 11.86
N PRO A 8 19.96 -1.32 11.15
CA PRO A 8 19.35 -2.64 10.91
C PRO A 8 18.81 -3.26 12.18
N GLU A 9 19.48 -3.02 13.29
CA GLU A 9 19.05 -3.53 14.58
C GLU A 9 17.65 -3.03 14.93
N VAL A 10 17.45 -1.73 14.86
CA VAL A 10 16.18 -1.17 15.29
C VAL A 10 15.11 -1.44 14.24
N SER A 11 15.46 -1.29 12.97
CA SER A 11 14.50 -1.48 11.90
C SER A 11 14.26 -2.97 11.63
N SER A 12 14.69 -3.82 12.55
CA SER A 12 14.40 -5.25 12.47
C SER A 12 13.38 -5.64 13.53
N GLN A 13 13.24 -4.83 14.57
CA GLN A 13 12.30 -5.14 15.64
C GLN A 13 11.02 -4.33 15.50
N ILE A 14 11.11 -3.11 14.96
CA ILE A 14 9.91 -2.31 14.71
C ILE A 14 9.09 -2.96 13.61
N THR A 15 9.80 -3.45 12.59
CA THR A 15 9.17 -4.10 11.46
C THR A 15 8.59 -5.44 11.86
N ASP A 16 9.28 -6.08 12.80
CA ASP A 16 8.82 -7.34 13.38
C ASP A 16 7.44 -7.15 13.95
N ALA A 17 7.37 -6.14 14.80
CA ALA A 17 6.17 -5.79 15.49
C ALA A 17 5.13 -5.20 14.56
N LEU A 18 5.58 -4.37 13.63
CA LEU A 18 4.68 -3.76 12.68
C LEU A 18 4.05 -4.82 11.82
N THR A 19 4.85 -5.82 11.44
CA THR A 19 4.34 -6.89 10.63
C THR A 19 3.52 -7.80 11.50
N GLN A 20 3.93 -7.94 12.75
CA GLN A 20 3.21 -8.71 13.72
C GLN A 20 1.81 -8.16 13.89
N GLY A 21 1.71 -6.85 13.95
CA GLY A 21 0.42 -6.21 13.98
C GLY A 21 -0.38 -6.53 12.73
N LEU A 22 0.31 -6.63 11.60
CA LEU A 22 -0.34 -7.03 10.36
C LEU A 22 -0.84 -8.46 10.47
N LEU A 23 0.01 -9.31 11.02
CA LEU A 23 -0.30 -10.74 11.19
C LEU A 23 -1.45 -10.90 12.18
N ASP A 24 -1.29 -10.30 13.36
CA ASP A 24 -2.24 -10.46 14.45
C ASP A 24 -3.50 -9.63 14.22
N GLY A 25 -3.32 -8.48 13.60
CA GLY A 25 -4.43 -7.58 13.36
C GLY A 25 -5.18 -7.90 12.08
N ASN A 26 -4.73 -8.95 11.38
CA ASN A 26 -5.38 -9.42 10.16
C ASN A 26 -5.46 -8.32 9.10
N PHE A 27 -4.30 -7.77 8.75
CA PHE A 27 -4.21 -6.69 7.77
C PHE A 27 -4.73 -7.14 6.41
N LEU A 28 -4.34 -8.33 5.99
CA LEU A 28 -4.76 -8.89 4.69
C LEU A 28 -6.27 -9.12 4.62
N SER A 29 -6.89 -9.33 5.79
CA SER A 29 -8.33 -9.53 5.86
C SER A 29 -9.06 -8.26 5.43
N LEU A 30 -8.50 -7.12 5.81
CA LEU A 30 -9.02 -5.82 5.43
C LEU A 30 -9.04 -5.69 3.92
N LEU A 31 -7.91 -6.01 3.28
CA LEU A 31 -7.81 -6.06 1.83
C LEU A 31 -8.97 -6.84 1.23
N ASN A 32 -9.14 -8.06 1.70
CA ASN A 32 -10.24 -8.91 1.30
C ASN A 32 -11.59 -8.20 1.41
N ALA A 33 -11.69 -7.28 2.36
CA ALA A 33 -12.94 -6.58 2.64
C ALA A 33 -12.96 -5.20 1.99
N ILE A 34 -11.82 -4.82 1.43
CA ILE A 34 -11.65 -3.52 0.79
C ILE A 34 -12.66 -3.32 -0.34
N ASN A 35 -13.03 -2.07 -0.56
CA ASN A 35 -14.05 -1.69 -1.55
C ASN A 35 -13.52 -1.89 -2.97
N LEU A 36 -13.53 -3.13 -3.41
CA LEU A 36 -13.01 -3.49 -4.72
C LEU A 36 -13.92 -3.01 -5.82
N GLU A 37 -15.11 -2.54 -5.45
CA GLU A 37 -16.02 -2.00 -6.43
C GLU A 37 -15.40 -0.77 -7.08
N GLY A 38 -14.58 -0.03 -6.32
CA GLY A 38 -13.94 1.15 -6.85
C GLY A 38 -13.04 0.82 -8.01
N LEU A 39 -12.29 -0.25 -7.87
CA LEU A 39 -11.47 -0.76 -8.96
C LEU A 39 -12.35 -1.20 -10.10
N LEU A 40 -13.20 -2.16 -9.81
CA LEU A 40 -14.16 -2.68 -10.79
C LEU A 40 -14.81 -1.54 -11.57
N ASN A 41 -15.47 -0.64 -10.86
CA ASN A 41 -16.20 0.44 -11.49
C ASN A 41 -15.26 1.39 -12.25
N THR A 42 -14.06 1.63 -11.73
CA THR A 42 -13.07 2.44 -12.43
C THR A 42 -12.55 1.78 -13.70
N ILE A 43 -12.09 0.55 -13.57
CA ILE A 43 -11.58 -0.21 -14.70
C ILE A 43 -12.62 -0.29 -15.81
N LEU A 44 -13.81 -0.72 -15.46
CA LEU A 44 -14.89 -0.84 -16.44
C LEU A 44 -15.17 0.49 -17.10
N ASP A 45 -15.24 1.55 -16.31
CA ASP A 45 -15.56 2.89 -16.82
C ASP A 45 -14.59 3.31 -17.93
N GLN A 46 -13.30 3.06 -17.70
CA GLN A 46 -12.28 3.49 -18.64
C GLN A 46 -12.07 2.50 -19.79
N VAL A 47 -11.97 1.21 -19.47
CA VAL A 47 -11.54 0.22 -20.46
C VAL A 47 -12.64 -0.07 -21.49
N THR A 48 -13.90 0.10 -21.10
CA THR A 48 -14.99 -0.16 -22.02
C THR A 48 -14.99 0.85 -23.15
N GLY A 49 -14.76 2.10 -22.81
CA GLY A 49 -14.76 3.16 -23.79
C GLY A 49 -13.52 3.09 -24.68
N LEU A 50 -12.39 2.77 -24.06
CA LEU A 50 -11.14 2.65 -24.75
C LEU A 50 -11.14 1.45 -25.71
N LEU A 51 -11.57 0.29 -25.23
CA LEU A 51 -11.54 -0.92 -26.02
C LEU A 51 -12.47 -0.85 -27.23
N ASN A 52 -13.77 -0.77 -26.99
CA ASN A 52 -14.73 -0.88 -28.09
C ASN A 52 -16.06 -0.18 -27.80
N ILE A 53 -16.58 -0.37 -26.59
CA ILE A 53 -17.96 0.03 -26.24
C ILE A 53 -18.32 1.45 -26.69
N LEU A 54 -17.40 2.40 -26.48
CA LEU A 54 -17.67 3.80 -26.82
C LEU A 54 -18.05 3.95 -28.30
N VAL A 55 -17.25 3.38 -29.18
CA VAL A 55 -17.56 3.37 -30.60
C VAL A 55 -17.42 1.95 -31.13
N GLY A 56 -18.40 1.12 -30.83
CA GLY A 56 -18.31 -0.26 -31.22
C GLY A 56 -19.67 -0.86 -31.51
N PRO A 57 -19.81 -1.51 -32.66
CA PRO A 57 -21.04 -2.22 -33.04
C PRO A 57 -21.29 -3.45 -32.17
N LEU A 58 -20.36 -3.73 -31.27
CA LEU A 58 -20.46 -4.86 -30.37
C LEU A 58 -21.46 -4.56 -29.26
N LEU A 59 -22.73 -4.63 -29.59
CA LEU A 59 -23.80 -4.34 -28.64
C LEU A 59 -24.15 -5.59 -27.84
N GLY A 60 -23.30 -5.91 -26.87
CA GLY A 60 -23.54 -7.06 -26.03
C GLY A 60 -23.46 -6.70 -24.56
N PRO A 61 -24.12 -7.47 -23.70
CA PRO A 61 -24.09 -7.28 -22.25
C PRO A 61 -22.66 -7.34 -21.71
N SER A 62 -22.18 -6.22 -21.20
CA SER A 62 -20.81 -6.11 -20.72
C SER A 62 -20.65 -6.76 -19.35
N ASP A 63 -20.48 -8.08 -19.34
CA ASP A 63 -20.24 -8.80 -18.11
C ASP A 63 -18.87 -8.48 -17.56
N ALA A 64 -18.80 -8.41 -16.25
CA ALA A 64 -17.56 -8.14 -15.56
C ALA A 64 -17.75 -8.16 -14.06
N GLU A 65 -16.69 -8.51 -13.35
CA GLU A 65 -16.69 -8.55 -11.90
C GLU A 65 -15.26 -8.49 -11.39
N ILE A 66 -15.07 -8.13 -10.14
CA ILE A 66 -13.74 -8.02 -9.58
C ILE A 66 -13.67 -8.76 -8.25
N LYS A 67 -12.53 -9.39 -8.01
CA LYS A 67 -12.32 -10.20 -6.82
C LYS A 67 -10.84 -10.16 -6.45
N LEU A 68 -10.54 -10.39 -5.19
CA LEU A 68 -9.15 -10.56 -4.78
C LEU A 68 -8.74 -12.02 -4.95
N GLN A 69 -7.49 -12.21 -5.32
CA GLN A 69 -6.99 -13.52 -5.66
C GLN A 69 -6.03 -14.01 -4.59
N ASP A 70 -4.96 -13.26 -4.43
CA ASP A 70 -3.94 -13.56 -3.44
C ASP A 70 -3.58 -12.29 -2.70
N THR A 71 -3.34 -12.40 -1.42
CA THR A 71 -2.95 -11.27 -0.61
C THR A 71 -1.94 -11.70 0.42
N ARG A 72 -0.82 -11.02 0.45
CA ARG A 72 0.24 -11.34 1.36
C ARG A 72 1.08 -10.13 1.64
N LEU A 73 1.96 -10.29 2.58
CA LEU A 73 2.87 -9.23 2.99
C LEU A 73 4.31 -9.72 2.92
N LEU A 74 5.19 -8.83 2.51
CA LEU A 74 6.60 -9.18 2.35
C LEU A 74 7.39 -8.87 3.63
N GLN A 75 8.40 -8.03 3.51
CA GLN A 75 9.28 -7.72 4.62
C GLN A 75 9.41 -6.23 4.82
N LEU A 76 8.93 -5.78 5.96
CA LEU A 76 8.81 -4.37 6.27
C LEU A 76 10.15 -3.70 6.44
N SER A 77 10.14 -2.38 6.39
CA SER A 77 11.34 -1.59 6.52
C SER A 77 11.00 -0.22 7.07
N LEU A 78 12.02 0.52 7.42
CA LEU A 78 11.87 1.88 7.90
C LEU A 78 12.85 2.79 7.18
N GLU A 79 12.46 4.03 7.02
CA GLU A 79 13.31 5.03 6.43
C GLU A 79 13.04 6.38 7.07
N PHE A 80 14.06 7.20 7.18
CA PHE A 80 13.91 8.52 7.79
C PHE A 80 13.15 9.45 6.88
N SER A 81 12.24 10.22 7.47
CA SER A 81 11.43 11.17 6.74
C SER A 81 12.31 12.25 6.12
N PRO A 82 11.89 12.80 4.97
CA PRO A 82 12.64 13.84 4.28
C PRO A 82 12.55 15.19 5.00
N ASP A 83 11.85 15.20 6.13
CA ASP A 83 11.68 16.41 6.92
C ASP A 83 12.62 16.41 8.12
N SER A 84 13.36 15.32 8.30
CA SER A 84 14.27 15.17 9.43
C SER A 84 13.53 15.24 10.77
N LYS A 85 12.23 14.93 10.77
CA LYS A 85 11.45 14.98 12.00
C LYS A 85 10.38 13.89 12.00
N GLY A 86 10.75 12.73 11.51
CA GLY A 86 9.85 11.61 11.50
C GLY A 86 10.45 10.43 10.76
N ILE A 87 9.73 9.34 10.70
CA ILE A 87 10.18 8.16 9.98
C ILE A 87 9.06 7.61 9.10
N ASP A 88 9.44 7.23 7.89
CA ASP A 88 8.53 6.62 6.94
C ASP A 88 8.58 5.11 7.10
N ILE A 89 7.46 4.51 7.47
CA ILE A 89 7.41 3.07 7.59
C ILE A 89 6.90 2.48 6.29
N TRP A 90 7.74 1.68 5.68
CA TRP A 90 7.42 1.09 4.40
C TRP A 90 6.96 -0.34 4.57
N ILE A 91 5.65 -0.51 4.52
CA ILE A 91 5.05 -1.83 4.58
C ILE A 91 4.83 -2.37 3.18
N PRO A 92 5.71 -3.27 2.74
CA PRO A 92 5.65 -3.87 1.42
C PRO A 92 4.55 -4.89 1.33
N LEU A 93 3.64 -4.70 0.40
CA LEU A 93 2.48 -5.53 0.28
C LEU A 93 2.37 -6.14 -1.12
N GLU A 94 1.70 -7.27 -1.17
CA GLU A 94 1.50 -8.02 -2.39
C GLU A 94 0.07 -8.56 -2.43
N LEU A 95 -0.66 -8.16 -3.45
CA LEU A 95 -1.98 -8.72 -3.67
C LEU A 95 -2.24 -8.89 -5.15
N SER A 96 -3.05 -9.87 -5.47
CA SER A 96 -3.37 -10.17 -6.83
C SER A 96 -4.87 -10.00 -7.01
N VAL A 97 -5.25 -9.25 -8.02
CA VAL A 97 -6.65 -8.96 -8.24
C VAL A 97 -7.16 -9.71 -9.46
N TYR A 98 -8.26 -10.42 -9.29
CA TYR A 98 -8.85 -11.21 -10.35
C TYR A 98 -10.13 -10.54 -10.84
N LEU A 99 -10.18 -10.19 -12.12
CA LEU A 99 -11.38 -9.60 -12.68
C LEU A 99 -11.95 -10.45 -13.81
N LYS A 100 -13.24 -10.65 -13.75
CA LYS A 100 -13.95 -11.37 -14.78
C LYS A 100 -14.47 -10.41 -15.83
N LEU A 101 -14.28 -10.77 -17.08
CA LEU A 101 -14.79 -9.99 -18.20
C LEU A 101 -15.59 -10.88 -19.13
N LEU A 102 -16.27 -10.27 -20.09
CA LEU A 102 -17.08 -11.01 -21.06
C LEU A 102 -16.24 -11.49 -22.24
N ILE A 103 -14.94 -11.62 -22.03
CA ILE A 103 -14.06 -12.14 -23.07
C ILE A 103 -13.65 -13.58 -22.73
N LEU A 104 -14.62 -14.34 -22.22
CA LEU A 104 -14.45 -15.74 -21.84
C LEU A 104 -13.48 -15.92 -20.68
N GLU A 105 -12.20 -15.68 -20.93
CA GLU A 105 -11.15 -15.93 -19.95
C GLU A 105 -10.93 -14.70 -19.05
N PRO A 106 -11.23 -14.84 -17.75
CA PRO A 106 -10.95 -13.80 -16.76
C PRO A 106 -9.47 -13.60 -16.54
N LEU A 107 -9.08 -12.39 -16.20
CA LEU A 107 -7.66 -12.06 -16.08
C LEU A 107 -7.31 -11.86 -14.62
N THR A 108 -6.03 -11.82 -14.34
CA THR A 108 -5.56 -11.60 -12.99
C THR A 108 -4.36 -10.66 -12.98
N LEU A 109 -4.42 -9.69 -12.10
CA LEU A 109 -3.37 -8.72 -11.96
C LEU A 109 -2.61 -8.98 -10.67
N TYR A 110 -1.41 -8.44 -10.58
CA TYR A 110 -0.61 -8.51 -9.38
C TYR A 110 -0.13 -7.12 -9.04
N VAL A 111 -0.36 -6.69 -7.83
CA VAL A 111 0.11 -5.39 -7.44
C VAL A 111 1.00 -5.50 -6.21
N ARG A 112 2.11 -4.82 -6.30
CA ARG A 112 3.12 -4.84 -5.28
C ARG A 112 3.38 -3.40 -4.84
N THR A 113 2.71 -3.02 -3.76
CA THR A 113 2.74 -1.66 -3.26
C THR A 113 3.52 -1.60 -1.96
N ASP A 114 4.16 -0.46 -1.69
CA ASP A 114 4.82 -0.26 -0.41
C ASP A 114 4.09 0.84 0.34
N ILE A 115 3.42 0.47 1.42
CA ILE A 115 2.76 1.46 2.26
C ILE A 115 3.77 2.42 2.86
N ARG A 116 3.39 3.67 3.04
CA ARG A 116 4.28 4.66 3.59
C ARG A 116 3.54 5.55 4.58
N VAL A 117 3.61 5.19 5.85
CA VAL A 117 3.04 6.03 6.88
C VAL A 117 4.18 6.73 7.61
N GLN A 118 3.96 7.99 7.97
CA GLN A 118 4.98 8.75 8.66
C GLN A 118 4.68 8.81 10.15
N LEU A 119 5.63 8.35 10.93
CA LEU A 119 5.56 8.51 12.36
C LEU A 119 6.42 9.71 12.75
N ARG A 120 5.74 10.81 12.98
CA ARG A 120 6.38 12.07 13.30
C ARG A 120 6.72 12.12 14.78
N LEU A 121 7.33 13.20 15.21
CA LEU A 121 7.68 13.35 16.59
C LEU A 121 6.84 14.44 17.25
N GLU A 122 6.28 14.11 18.41
CA GLU A 122 5.55 15.06 19.24
C GLU A 122 5.88 14.83 20.69
N SER A 123 5.55 15.79 21.53
CA SER A 123 5.78 15.68 22.95
C SER A 123 4.44 15.73 23.69
N ASP A 124 4.30 14.90 24.71
CA ASP A 124 3.06 14.79 25.45
C ASP A 124 3.02 15.76 26.62
N GLU A 125 2.08 15.56 27.52
CA GLU A 125 1.87 16.48 28.64
C GLU A 125 3.08 16.54 29.56
N ASP A 126 3.73 15.40 29.79
CA ASP A 126 4.92 15.34 30.64
C ASP A 126 6.16 15.88 29.93
N GLY A 127 5.97 16.40 28.72
CA GLY A 127 7.10 16.87 27.93
C GLY A 127 7.89 15.73 27.33
N LYS A 128 7.35 14.53 27.39
CA LYS A 128 8.00 13.37 26.83
C LYS A 128 7.65 13.19 25.39
N TYR A 129 8.44 12.41 24.71
CA TYR A 129 8.33 12.25 23.28
C TYR A 129 7.57 11.00 22.92
N ARG A 130 6.82 11.10 21.84
CA ARG A 130 5.92 10.05 21.41
C ARG A 130 5.97 9.86 19.91
N LEU A 131 5.20 8.91 19.46
CA LEU A 131 4.98 8.69 18.05
C LEU A 131 3.81 9.54 17.57
N ALA A 132 4.07 10.40 16.61
CA ALA A 132 3.04 11.26 16.07
C ALA A 132 2.62 10.77 14.69
N PHE A 133 1.65 9.87 14.66
CA PHE A 133 1.13 9.32 13.41
C PHE A 133 0.47 10.43 12.61
N GLY A 134 1.17 10.92 11.62
CA GLY A 134 0.70 12.09 10.89
C GLY A 134 0.37 11.81 9.44
N HIS A 135 0.95 10.76 8.87
CA HIS A 135 0.75 10.47 7.47
C HIS A 135 0.56 8.97 7.29
N CYS A 136 -0.36 8.59 6.42
CA CYS A 136 -0.58 7.18 6.16
C CYS A 136 -1.13 6.98 4.75
N SER A 137 -0.23 6.85 3.80
CA SER A 137 -0.59 6.61 2.42
C SER A 137 0.07 5.35 1.92
N LEU A 138 -0.57 4.65 1.01
CA LEU A 138 0.05 3.51 0.38
C LEU A 138 0.64 3.92 -0.95
N LEU A 139 1.79 3.34 -1.28
CA LEU A 139 2.51 3.72 -2.48
C LEU A 139 2.72 2.55 -3.40
N PRO A 140 1.98 2.52 -4.51
CA PRO A 140 2.02 1.43 -5.46
C PRO A 140 3.35 1.39 -6.21
N ARG A 141 3.99 0.23 -6.19
CA ARG A 141 5.32 0.10 -6.75
C ARG A 141 5.31 -0.82 -7.97
N ALA A 142 4.37 -1.76 -8.00
CA ALA A 142 4.30 -2.72 -9.07
C ALA A 142 2.87 -3.13 -9.37
N ILE A 143 2.55 -3.23 -10.65
CA ILE A 143 1.27 -3.73 -11.11
C ILE A 143 1.48 -4.57 -12.39
N GLU A 144 1.57 -5.87 -12.22
CA GLU A 144 1.86 -6.78 -13.34
C GLU A 144 0.64 -7.65 -13.68
N LEU A 145 0.66 -8.20 -14.88
CA LEU A 145 -0.40 -9.07 -15.37
C LEU A 145 -0.05 -10.53 -15.13
N GLN A 146 -0.88 -11.20 -14.34
CA GLN A 146 -0.66 -12.60 -13.97
C GLN A 146 -1.22 -13.55 -15.02
N SER A 147 -2.53 -13.66 -15.05
CA SER A 147 -3.20 -14.58 -15.96
C SER A 147 -3.70 -13.85 -17.21
N GLY A 148 -3.46 -14.44 -18.36
CA GLY A 148 -3.82 -13.81 -19.61
C GLY A 148 -2.65 -13.08 -20.22
N ASN A 149 -2.63 -12.99 -21.53
CA ASN A 149 -1.54 -12.30 -22.23
C ASN A 149 -2.09 -11.26 -23.19
N PRO A 150 -1.37 -10.15 -23.33
CA PRO A 150 -1.81 -8.99 -24.12
C PRO A 150 -1.70 -9.21 -25.62
N LEU A 151 -1.19 -10.37 -26.03
CA LEU A 151 -1.05 -10.66 -27.44
C LEU A 151 -2.31 -11.35 -27.97
N SER A 152 -2.78 -12.33 -27.23
CA SER A 152 -3.99 -13.05 -27.61
C SER A 152 -5.24 -12.26 -27.20
N LEU A 153 -5.22 -11.72 -25.99
CA LEU A 153 -6.36 -10.94 -25.50
C LEU A 153 -6.15 -9.46 -25.82
N PRO A 154 -7.25 -8.71 -25.98
CA PRO A 154 -7.21 -7.28 -26.29
C PRO A 154 -6.85 -6.44 -25.08
N VAL A 155 -6.29 -7.08 -24.06
CA VAL A 155 -5.97 -6.41 -22.81
C VAL A 155 -4.72 -5.54 -22.95
N ASN A 156 -4.04 -5.66 -24.09
CA ASN A 156 -2.85 -4.86 -24.36
C ASN A 156 -3.15 -3.38 -24.29
N ALA A 157 -4.40 -3.03 -24.54
CA ALA A 157 -4.83 -1.64 -24.54
C ALA A 157 -5.26 -1.19 -23.15
N VAL A 158 -5.76 -2.12 -22.36
CA VAL A 158 -6.42 -1.78 -21.12
C VAL A 158 -5.46 -1.89 -19.94
N LEU A 159 -4.28 -2.45 -20.17
CA LEU A 159 -3.36 -2.74 -19.08
C LEU A 159 -2.89 -1.47 -18.40
N GLY A 160 -2.48 -0.48 -19.19
CA GLY A 160 -2.13 0.81 -18.62
C GLY A 160 -3.26 1.40 -17.79
N THR A 161 -4.48 1.15 -18.21
CA THR A 161 -5.65 1.61 -17.48
C THR A 161 -5.82 0.82 -16.19
N ILE A 162 -5.56 -0.47 -16.26
CA ILE A 162 -5.57 -1.33 -15.09
C ILE A 162 -4.51 -0.86 -14.09
N GLU A 163 -3.32 -0.56 -14.61
CA GLU A 163 -2.26 0.01 -13.80
C GLU A 163 -2.73 1.31 -13.16
N ASN A 164 -3.35 2.14 -13.97
CA ASN A 164 -3.90 3.41 -13.51
C ASN A 164 -4.91 3.18 -12.40
N ALA A 165 -5.73 2.15 -12.57
CA ALA A 165 -6.76 1.81 -11.60
C ALA A 165 -6.17 1.24 -10.33
N LEU A 166 -5.29 0.25 -10.46
CA LEU A 166 -4.64 -0.35 -9.31
C LEU A 166 -3.87 0.70 -8.55
N GLY A 167 -3.06 1.47 -9.26
CA GLY A 167 -2.28 2.52 -8.65
C GLY A 167 -3.15 3.53 -7.93
N ASN A 168 -4.40 3.60 -8.33
CA ASN A 168 -5.37 4.48 -7.70
C ASN A 168 -5.94 3.82 -6.45
N PHE A 169 -6.22 2.53 -6.55
CA PHE A 169 -6.90 1.80 -5.51
C PHE A 169 -6.01 1.59 -4.28
N ILE A 170 -4.72 1.41 -4.51
CA ILE A 170 -3.76 1.34 -3.42
C ILE A 170 -3.82 2.60 -2.58
N THR A 171 -3.78 3.74 -3.25
CA THR A 171 -3.62 5.00 -2.57
C THR A 171 -4.95 5.45 -1.99
N GLU A 172 -5.95 5.48 -2.87
CA GLU A 172 -7.27 5.94 -2.49
C GLU A 172 -8.02 4.98 -1.58
N ASP A 173 -8.15 3.72 -1.99
CA ASP A 173 -9.00 2.80 -1.24
C ASP A 173 -8.22 2.08 -0.14
N LEU A 174 -7.02 1.61 -0.44
CA LEU A 174 -6.24 0.89 0.53
C LEU A 174 -5.77 1.83 1.64
N GLY A 175 -5.24 2.99 1.26
CA GLY A 175 -4.89 4.01 2.25
C GLY A 175 -6.08 4.51 3.04
N ALA A 176 -7.26 4.00 2.73
CA ALA A 176 -8.45 4.33 3.47
C ALA A 176 -8.88 3.17 4.35
N GLY A 177 -8.90 1.98 3.77
CA GLY A 177 -9.35 0.80 4.49
C GLY A 177 -8.32 0.25 5.43
N LEU A 178 -7.05 0.52 5.13
CA LEU A 178 -5.95 -0.08 5.88
C LEU A 178 -5.28 0.91 6.82
N CYS A 179 -5.53 2.20 6.58
CA CYS A 179 -4.90 3.26 7.37
C CYS A 179 -5.18 3.14 8.88
N PRO A 180 -6.45 2.96 9.31
CA PRO A 180 -6.79 2.87 10.74
C PRO A 180 -6.02 1.75 11.44
N THR A 181 -5.89 0.62 10.75
CA THR A 181 -5.19 -0.54 11.28
C THR A 181 -3.72 -0.23 11.54
N LEU A 182 -3.09 0.47 10.61
CA LEU A 182 -1.70 0.82 10.75
C LEU A 182 -1.47 1.75 11.92
N ASN A 183 -2.38 2.69 12.09
CA ASN A 183 -2.34 3.61 13.22
C ASN A 183 -2.67 2.87 14.51
N SER A 184 -3.06 1.61 14.38
CA SER A 184 -3.34 0.79 15.54
C SER A 184 -2.10 -0.01 15.90
N LEU A 185 -1.44 -0.58 14.89
CA LEU A 185 -0.27 -1.39 15.09
C LEU A 185 0.90 -0.55 15.63
N VAL A 186 1.24 0.51 14.90
CA VAL A 186 2.33 1.41 15.30
C VAL A 186 2.10 1.98 16.70
N SER A 187 0.84 2.24 17.01
CA SER A 187 0.46 2.85 18.27
C SER A 187 0.50 1.82 19.39
N ASN A 188 0.48 0.56 19.00
CA ASN A 188 0.46 -0.54 19.96
C ASN A 188 1.80 -1.25 20.02
N LEU A 189 2.82 -0.62 19.44
CA LEU A 189 4.16 -1.18 19.46
C LEU A 189 4.77 -1.27 20.84
N ASP A 190 6.02 -1.70 20.83
CA ASP A 190 6.84 -1.81 22.02
C ASP A 190 7.36 -0.44 22.41
N LEU A 191 7.46 -0.16 23.69
CA LEU A 191 8.01 1.12 24.13
C LEU A 191 9.36 1.37 23.50
N GLN A 192 10.33 0.50 23.79
CA GLN A 192 11.63 0.56 23.16
C GLN A 192 11.54 0.84 21.68
N LEU A 193 10.74 0.05 20.98
CA LEU A 193 10.49 0.26 19.57
C LEU A 193 10.05 1.68 19.30
N VAL A 194 9.03 2.12 20.02
CA VAL A 194 8.53 3.48 19.94
C VAL A 194 9.66 4.49 20.13
N ASN A 195 10.35 4.36 21.27
CA ASN A 195 11.48 5.24 21.57
C ASN A 195 12.57 5.13 20.52
N ASN A 196 12.72 3.95 19.93
CA ASN A 196 13.73 3.73 18.89
C ASN A 196 13.48 4.62 17.69
N LEU A 197 12.22 4.71 17.25
CA LEU A 197 11.88 5.63 16.17
C LEU A 197 12.15 7.04 16.62
N ILE A 198 11.67 7.36 17.81
CA ILE A 198 11.79 8.68 18.38
C ILE A 198 13.24 9.14 18.50
N ASN A 199 14.02 8.40 19.28
CA ASN A 199 15.42 8.73 19.52
C ASN A 199 16.18 8.92 18.21
N LEU A 200 15.87 8.09 17.21
CA LEU A 200 16.51 8.20 15.92
C LEU A 200 16.13 9.50 15.23
N ILE A 201 14.85 9.84 15.27
CA ILE A 201 14.38 11.10 14.73
C ILE A 201 15.01 12.27 15.47
N LEU A 202 15.09 12.18 16.79
CA LEU A 202 15.71 13.23 17.60
C LEU A 202 17.15 13.43 17.18
N ASP A 203 17.81 12.31 16.89
CA ASP A 203 19.19 12.32 16.46
C ASP A 203 19.32 12.98 15.09
N ARG A 204 18.45 12.57 14.17
CA ARG A 204 18.42 13.12 12.83
C ARG A 204 17.88 14.55 12.83
N ALA A 205 17.26 14.92 13.94
CA ALA A 205 16.71 16.25 14.12
C ALA A 205 17.82 17.23 14.52
N ASN A 206 18.73 16.75 15.36
CA ASN A 206 19.90 17.54 15.75
C ASN A 206 20.74 17.87 14.53
N VAL A 207 20.97 16.85 13.71
CA VAL A 207 21.71 17.01 12.47
C VAL A 207 20.76 16.88 11.27
N ASP A 208 19.80 17.80 11.21
CA ASP A 208 18.76 17.75 10.20
C ASP A 208 19.27 18.17 8.84
N LEU A 209 18.75 17.50 7.81
CA LEU A 209 19.16 17.71 6.41
C LEU A 209 20.67 17.54 6.26
N SER A 210 21.11 16.30 6.33
CA SER A 210 22.52 15.98 6.19
C SER A 210 22.69 14.71 5.37
N VAL A 211 21.72 14.45 4.50
CA VAL A 211 21.74 13.26 3.66
C VAL A 211 21.50 13.62 2.20
#